data_4E2Q
#
_entry.id   4E2Q
#
_cell.length_a   93.856
_cell.length_b   175.773
_cell.length_c   155.176
_cell.angle_alpha   90.00
_cell.angle_beta   99.39
_cell.angle_gamma   90.00
#
_symmetry.space_group_name_H-M   'P 1 21 1'
#
loop_
_entity.id
_entity.type
_entity.pdbx_description
1 polymer 'Ureidoglycine aminohydrolase'
2 non-polymer 'MANGANESE (II) ION'
3 water water
#
_entity_poly.entity_id   1
_entity_poly.type   'polypeptide(L)'
_entity_poly.pdbx_seq_one_letter_code
;GHMKTNPIYWKATNPTLSPSHLQDLPGFTRSVYKRDHALITPESHVYSPLPDWTNTLGAYLITPATGSHFVMYLAKMKEM
SSSGLPPQDIERLIFVVEGAVTLTNTSSSSKKLTVDSYAYLPPNFHHSLDCVESATLVVFERRYEYLGSHTTELIVGSTD
KQPLLETPGEVFELRKLLPMSVAYDFNIHTMDFQPGEFLNVKEVHYNQHGLLLLEGQGIYRLGDNWYPVQAGDVIWMAPF
VPQWYAALGKTRSRYLLYKDVNRNPL
;
_entity_poly.pdbx_strand_id   A,B,C,D,E,F,G,H,I,J,K,L,M,N,O,P
#
loop_
_chem_comp.id
_chem_comp.type
_chem_comp.name
_chem_comp.formula
MN non-polymer 'MANGANESE (II) ION' 'Mn 2'
#
# COMPACT_ATOMS: atom_id res chain seq x y z
N PRO A 7 -47.98 3.07 31.07
CA PRO A 7 -47.58 3.87 32.26
C PRO A 7 -47.44 5.33 31.88
N ILE A 8 -47.66 6.21 32.84
CA ILE A 8 -47.57 7.65 32.62
C ILE A 8 -46.11 8.04 32.39
N TYR A 9 -45.88 8.93 31.43
CA TYR A 9 -44.53 9.39 31.10
C TYR A 9 -43.66 8.28 30.50
N TRP A 10 -44.30 7.24 29.96
CA TRP A 10 -43.58 6.11 29.36
C TRP A 10 -42.62 6.44 28.23
N LYS A 11 -43.03 7.36 27.36
CA LYS A 11 -42.23 7.76 26.21
C LYS A 11 -41.05 8.60 26.61
N ALA A 12 -41.12 9.18 27.81
CA ALA A 12 -40.03 10.01 28.31
C ALA A 12 -38.84 9.12 28.70
N THR A 13 -39.12 7.82 28.84
CA THR A 13 -38.12 6.80 29.21
C THR A 13 -37.91 5.83 28.06
N ASN A 14 -38.88 5.82 27.14
CA ASN A 14 -38.84 4.95 25.97
C ASN A 14 -39.27 5.79 24.77
N PRO A 15 -38.37 6.68 24.31
CA PRO A 15 -38.57 7.59 23.17
C PRO A 15 -38.89 6.89 21.86
N THR A 16 -39.92 7.39 21.18
CA THR A 16 -40.39 6.86 19.89
C THR A 16 -39.22 6.66 18.94
N LEU A 17 -38.30 7.63 18.92
CA LEU A 17 -37.07 7.52 18.14
C LEU A 17 -36.03 7.34 19.24
N SER A 18 -35.61 6.10 19.46
CA SER A 18 -34.62 5.83 20.49
C SER A 18 -33.20 5.77 19.95
N PRO A 19 -32.22 5.69 20.83
CA PRO A 19 -30.80 5.63 20.47
C PRO A 19 -30.44 4.44 19.60
N SER A 20 -31.11 3.31 19.79
CA SER A 20 -30.79 2.12 19.01
C SER A 20 -31.28 2.17 17.56
N HIS A 21 -32.24 3.04 17.28
CA HIS A 21 -32.74 3.17 15.92
C HIS A 21 -31.74 3.94 15.06
N LEU A 22 -30.67 4.39 15.67
CA LEU A 22 -29.67 5.15 14.96
C LEU A 22 -28.35 4.43 14.81
N GLN A 23 -28.24 3.21 15.34
CA GLN A 23 -26.98 2.47 15.28
C GLN A 23 -26.30 2.35 13.92
N ASP A 24 -27.02 2.62 12.85
CA ASP A 24 -26.44 2.56 11.51
C ASP A 24 -26.29 3.92 10.87
N LEU A 25 -26.26 4.96 11.70
CA LEU A 25 -26.08 6.33 11.23
C LEU A 25 -24.94 6.93 12.04
N PRO A 26 -23.69 6.67 11.62
CA PRO A 26 -22.48 7.14 12.27
C PRO A 26 -22.41 8.65 12.46
N GLY A 27 -22.37 9.08 13.71
CA GLY A 27 -22.28 10.50 14.02
C GLY A 27 -23.59 11.27 14.07
N PHE A 28 -24.69 10.66 13.66
CA PHE A 28 -25.97 11.35 13.68
C PHE A 28 -26.49 11.65 15.07
N THR A 29 -27.12 12.82 15.21
CA THR A 29 -27.71 13.22 16.47
C THR A 29 -28.58 14.45 16.29
N ARG A 30 -29.61 14.56 17.12
CA ARG A 30 -30.51 15.70 17.08
C ARG A 30 -30.08 16.77 18.09
N SER A 31 -29.10 16.44 18.93
CA SER A 31 -28.61 17.39 19.93
C SER A 31 -27.85 18.57 19.37
N VAL A 32 -28.05 19.71 20.00
CA VAL A 32 -27.41 20.96 19.61
C VAL A 32 -27.07 21.76 20.85
N TYR A 33 -25.89 22.38 20.84
CA TYR A 33 -25.48 23.22 21.95
C TYR A 33 -25.10 24.52 21.31
N LYS A 34 -25.90 25.56 21.51
CA LYS A 34 -25.55 26.83 20.92
C LYS A 34 -25.31 27.85 22.02
N ARG A 35 -25.05 29.08 21.61
CA ARG A 35 -24.78 30.19 22.52
C ARG A 35 -25.84 30.47 23.59
N ASP A 36 -27.12 30.47 23.22
CA ASP A 36 -28.19 30.76 24.18
C ASP A 36 -29.18 29.67 24.50
N HIS A 37 -28.93 28.45 24.04
CA HIS A 37 -29.84 27.35 24.31
C HIS A 37 -29.22 26.04 23.91
N ALA A 38 -29.94 24.96 24.18
CA ALA A 38 -29.46 23.64 23.84
C ALA A 38 -30.58 22.62 23.73
N LEU A 39 -30.50 21.78 22.72
CA LEU A 39 -31.48 20.72 22.54
C LEU A 39 -30.68 19.43 22.74
N ILE A 40 -30.88 18.82 23.90
CA ILE A 40 -30.20 17.60 24.30
C ILE A 40 -31.12 16.40 24.17
N THR A 41 -30.81 15.51 23.25
CA THR A 41 -31.62 14.34 23.01
C THR A 41 -31.02 13.03 23.55
N PRO A 42 -31.87 12.05 23.85
CA PRO A 42 -31.56 10.72 24.39
C PRO A 42 -30.30 10.00 23.96
N GLU A 43 -29.94 10.07 22.69
CA GLU A 43 -28.74 9.36 22.27
C GLU A 43 -27.44 10.11 22.52
N SER A 44 -27.50 11.19 23.30
CA SER A 44 -26.31 11.98 23.63
C SER A 44 -26.03 11.94 25.12
N HIS A 45 -27.01 11.44 25.87
CA HIS A 45 -26.90 11.33 27.32
C HIS A 45 -25.61 10.63 27.67
N VAL A 46 -24.91 11.12 28.68
CA VAL A 46 -23.66 10.51 29.10
C VAL A 46 -23.79 10.03 30.55
N TYR A 47 -24.13 8.76 30.74
CA TYR A 47 -24.30 8.19 32.08
C TYR A 47 -22.98 7.71 32.65
N SER A 48 -22.75 8.05 33.92
CA SER A 48 -21.53 7.68 34.62
C SER A 48 -21.83 7.73 36.10
N PRO A 49 -21.16 6.88 36.90
CA PRO A 49 -21.37 6.86 38.34
C PRO A 49 -21.55 8.25 38.93
N LEU A 50 -22.59 8.43 39.74
CA LEU A 50 -22.82 9.71 40.35
C LEU A 50 -21.99 9.81 41.64
N PRO A 51 -21.08 10.79 41.71
CA PRO A 51 -20.22 10.99 42.89
C PRO A 51 -21.01 11.16 44.21
N ASP A 52 -20.61 10.38 45.21
CA ASP A 52 -21.21 10.39 46.53
C ASP A 52 -22.47 9.55 46.61
N TRP A 53 -23.07 9.27 45.45
CA TRP A 53 -24.27 8.45 45.44
C TRP A 53 -23.84 7.00 45.52
N THR A 54 -24.75 6.12 45.89
CA THR A 54 -24.43 4.70 45.97
C THR A 54 -25.11 3.94 44.84
N ASN A 55 -24.30 3.26 44.05
CA ASN A 55 -24.75 2.48 42.92
C ASN A 55 -25.74 3.22 42.02
N THR A 56 -25.36 4.39 41.55
CA THR A 56 -26.24 5.16 40.69
C THR A 56 -25.53 5.82 39.52
N LEU A 57 -26.12 5.68 38.35
CA LEU A 57 -25.57 6.29 37.16
C LEU A 57 -26.34 7.59 36.99
N GLY A 58 -25.70 8.56 36.38
CA GLY A 58 -26.37 9.82 36.17
C GLY A 58 -25.82 10.48 34.94
N ALA A 59 -26.60 11.38 34.36
CA ALA A 59 -26.18 12.07 33.16
C ALA A 59 -26.51 13.54 33.33
N TYR A 60 -25.48 14.36 33.39
CA TYR A 60 -25.69 15.79 33.52
C TYR A 60 -26.10 16.36 32.18
N LEU A 61 -27.24 17.03 32.15
CA LEU A 61 -27.75 17.62 30.91
C LEU A 61 -27.47 19.12 30.88
N ILE A 62 -27.48 19.74 32.05
CA ILE A 62 -27.22 21.17 32.16
C ILE A 62 -26.43 21.47 33.42
N THR A 63 -25.39 22.28 33.30
CA THR A 63 -24.58 22.70 34.44
C THR A 63 -24.19 24.12 34.13
N PRO A 64 -23.74 24.86 35.15
CA PRO A 64 -23.32 26.26 34.98
C PRO A 64 -22.24 26.45 33.91
N ALA A 65 -21.70 25.35 33.39
CA ALA A 65 -20.69 25.43 32.34
C ALA A 65 -21.35 26.14 31.18
N THR A 66 -22.66 25.94 31.07
CA THR A 66 -23.47 26.55 30.00
C THR A 66 -23.75 28.01 30.30
N GLY A 67 -23.58 28.40 31.54
CA GLY A 67 -23.84 29.77 31.91
C GLY A 67 -25.06 29.85 32.80
N SER A 68 -25.58 28.69 33.17
CA SER A 68 -26.75 28.63 34.04
C SER A 68 -26.32 28.79 35.50
N HIS A 69 -27.31 28.85 36.38
CA HIS A 69 -27.02 28.93 37.80
C HIS A 69 -27.63 27.68 38.43
N PHE A 70 -27.78 26.62 37.64
CA PHE A 70 -28.37 25.38 38.14
C PHE A 70 -27.92 24.17 37.32
N VAL A 71 -28.01 22.99 37.92
CA VAL A 71 -27.66 21.78 37.22
C VAL A 71 -28.94 21.02 37.00
N MET A 72 -28.97 20.15 36.00
CA MET A 72 -30.15 19.36 35.70
C MET A 72 -29.63 18.02 35.20
N TYR A 73 -29.91 16.94 35.93
CA TYR A 73 -29.45 15.63 35.53
C TYR A 73 -30.43 14.48 35.71
N LEU A 74 -30.23 13.43 34.93
CA LEU A 74 -31.07 12.24 35.00
C LEU A 74 -30.36 11.25 35.93
N ALA A 75 -31.13 10.58 36.78
CA ALA A 75 -30.55 9.65 37.72
C ALA A 75 -31.17 8.27 37.62
N LYS A 76 -30.37 7.29 37.20
CA LYS A 76 -30.85 5.93 37.10
C LYS A 76 -30.54 5.24 38.40
N MET A 77 -31.57 5.03 39.24
CA MET A 77 -31.37 4.35 40.52
C MET A 77 -31.82 2.90 40.34
N LYS A 78 -31.01 1.97 40.82
CA LYS A 78 -31.33 0.57 40.67
C LYS A 78 -31.46 -0.12 42.02
N GLU A 79 -31.43 -1.44 41.99
CA GLU A 79 -31.55 -2.25 43.19
C GLU A 79 -30.61 -1.81 44.29
N MET A 80 -31.17 -1.55 45.46
CA MET A 80 -30.38 -1.13 46.62
C MET A 80 -29.31 -0.12 46.19
N SER A 81 -29.74 1.13 46.03
CA SER A 81 -28.87 2.24 45.63
C SER A 81 -29.44 3.47 46.33
N SER A 82 -28.57 4.30 46.91
CA SER A 82 -29.06 5.46 47.63
C SER A 82 -28.41 6.77 47.21
N SER A 83 -29.12 7.87 47.45
CA SER A 83 -28.62 9.17 47.10
C SER A 83 -27.62 9.64 48.15
N GLY A 84 -26.87 10.67 47.80
CA GLY A 84 -25.89 11.23 48.72
C GLY A 84 -26.10 12.72 48.84
N LEU A 85 -25.86 13.27 50.03
CA LEU A 85 -26.04 14.70 50.24
C LEU A 85 -25.37 15.58 49.20
N PRO A 86 -26.05 16.63 48.77
CA PRO A 86 -25.48 17.54 47.78
C PRO A 86 -24.51 18.48 48.51
N PRO A 87 -23.68 19.21 47.76
CA PRO A 87 -22.76 20.12 48.45
C PRO A 87 -23.45 21.10 49.39
N GLN A 88 -22.65 21.68 50.27
CA GLN A 88 -23.11 22.65 51.26
C GLN A 88 -23.80 23.87 50.62
N ASP A 89 -24.95 24.25 51.17
CA ASP A 89 -25.72 25.41 50.70
C ASP A 89 -26.45 25.16 49.38
N ILE A 90 -26.43 23.92 48.89
CA ILE A 90 -27.06 23.59 47.62
C ILE A 90 -28.47 23.03 47.80
N GLU A 91 -29.47 23.71 47.24
CA GLU A 91 -30.85 23.23 47.32
C GLU A 91 -31.04 22.18 46.22
N ARG A 92 -31.91 21.22 46.45
CA ARG A 92 -32.15 20.14 45.50
C ARG A 92 -33.64 19.81 45.33
N LEU A 93 -34.02 19.47 44.10
CA LEU A 93 -35.41 19.12 43.78
C LEU A 93 -35.40 17.87 42.88
N ILE A 94 -36.11 16.83 43.28
CA ILE A 94 -36.18 15.61 42.47
C ILE A 94 -37.61 15.32 42.03
N PHE A 95 -37.74 14.76 40.83
CA PHE A 95 -39.05 14.43 40.26
C PHE A 95 -39.00 12.98 39.75
N VAL A 96 -39.85 12.12 40.29
CA VAL A 96 -39.88 10.72 39.86
C VAL A 96 -40.53 10.67 38.48
N VAL A 97 -39.78 10.18 37.51
CA VAL A 97 -40.26 10.11 36.15
C VAL A 97 -40.67 8.67 35.84
N GLU A 98 -40.08 7.73 36.58
CA GLU A 98 -40.36 6.32 36.39
C GLU A 98 -39.94 5.61 37.66
N GLY A 99 -40.68 4.55 38.02
CA GLY A 99 -40.35 3.77 39.20
C GLY A 99 -40.82 4.35 40.53
N ALA A 100 -40.05 4.09 41.57
CA ALA A 100 -40.37 4.59 42.90
C ALA A 100 -39.15 4.64 43.79
N VAL A 101 -39.07 5.66 44.63
CA VAL A 101 -37.96 5.80 45.54
C VAL A 101 -38.55 6.25 46.86
N THR A 102 -37.82 5.98 47.94
CA THR A 102 -38.28 6.34 49.27
C THR A 102 -37.49 7.52 49.83
N LEU A 103 -38.21 8.49 50.39
CA LEU A 103 -37.63 9.70 50.99
C LEU A 103 -37.67 9.67 52.52
N THR A 104 -36.53 10.00 53.14
CA THR A 104 -36.44 9.99 54.59
C THR A 104 -35.38 10.98 55.10
N ASN A 105 -35.60 11.51 56.30
CA ASN A 105 -34.63 12.43 56.89
C ASN A 105 -33.87 11.73 58.02
N SER A 108 -39.17 12.82 59.99
CA SER A 108 -40.59 12.68 60.26
C SER A 108 -41.31 11.73 59.30
N SER A 109 -41.16 10.42 59.53
CA SER A 109 -41.80 9.37 58.70
C SER A 109 -41.29 9.23 57.25
N SER A 110 -41.00 7.99 56.85
CA SER A 110 -40.50 7.73 55.51
C SER A 110 -41.62 7.79 54.46
N LYS A 111 -41.54 8.79 53.60
CA LYS A 111 -42.53 8.94 52.54
C LYS A 111 -42.02 8.26 51.28
N LYS A 112 -42.90 7.48 50.65
CA LYS A 112 -42.61 6.74 49.42
C LYS A 112 -43.11 7.53 48.21
N LEU A 113 -42.20 7.88 47.32
CA LEU A 113 -42.54 8.66 46.13
C LEU A 113 -42.54 7.83 44.86
N THR A 114 -43.70 7.65 44.24
CA THR A 114 -43.79 6.89 43.00
C THR A 114 -43.76 7.89 41.86
N VAL A 115 -44.19 7.48 40.67
CA VAL A 115 -44.17 8.38 39.51
C VAL A 115 -44.97 9.66 39.76
N ASP A 116 -44.50 10.75 39.16
CA ASP A 116 -45.13 12.05 39.28
C ASP A 116 -44.97 12.68 40.66
N SER A 117 -44.32 11.98 41.59
CA SER A 117 -44.09 12.56 42.92
C SER A 117 -42.83 13.42 42.84
N TYR A 118 -42.68 14.35 43.77
CA TYR A 118 -41.52 15.23 43.78
C TYR A 118 -41.21 15.68 45.19
N ALA A 119 -39.99 16.12 45.41
CA ALA A 119 -39.59 16.58 46.73
C ALA A 119 -38.56 17.68 46.66
N TYR A 120 -38.80 18.76 47.40
CA TYR A 120 -37.88 19.89 47.45
C TYR A 120 -37.14 19.86 48.78
N LEU A 121 -35.85 20.11 48.75
CA LEU A 121 -35.08 20.07 49.97
C LEU A 121 -34.30 21.36 50.13
N PRO A 122 -34.55 22.09 51.22
CA PRO A 122 -33.87 23.35 51.51
C PRO A 122 -32.37 23.13 51.57
N PRO A 123 -31.58 24.17 51.31
CA PRO A 123 -30.13 23.99 51.36
C PRO A 123 -29.65 23.42 52.72
N ASN A 124 -28.71 22.49 52.67
CA ASN A 124 -28.18 21.87 53.89
C ASN A 124 -29.20 21.02 54.66
N PHE A 125 -30.33 20.70 54.03
CA PHE A 125 -31.35 19.89 54.68
C PHE A 125 -31.03 18.42 54.56
N HIS A 126 -30.67 17.81 55.67
CA HIS A 126 -30.28 16.41 55.68
C HIS A 126 -31.39 15.43 55.32
N HIS A 127 -31.16 14.69 54.23
CA HIS A 127 -32.11 13.70 53.75
C HIS A 127 -31.40 12.57 53.02
N SER A 128 -32.18 11.60 52.57
CA SER A 128 -31.69 10.46 51.81
C SER A 128 -32.81 9.86 50.99
N LEU A 129 -32.52 9.61 49.73
CA LEU A 129 -33.47 8.99 48.83
C LEU A 129 -32.91 7.60 48.64
N ASP A 130 -33.73 6.60 48.93
CA ASP A 130 -33.27 5.22 48.79
C ASP A 130 -34.26 4.51 47.90
N CYS A 131 -33.73 3.59 47.11
CA CYS A 131 -34.52 2.84 46.17
C CYS A 131 -34.16 1.37 46.30
N VAL A 132 -35.09 0.49 45.97
CA VAL A 132 -34.86 -0.93 46.08
C VAL A 132 -35.11 -1.70 44.79
N GLU A 133 -35.73 -1.03 43.82
CA GLU A 133 -36.02 -1.62 42.52
C GLU A 133 -35.47 -0.70 41.42
N SER A 134 -36.37 -0.04 40.71
CA SER A 134 -35.92 0.89 39.68
C SER A 134 -36.37 2.27 40.10
N ALA A 135 -35.97 3.28 39.34
CA ALA A 135 -36.33 4.66 39.60
C ALA A 135 -35.49 5.57 38.71
N THR A 136 -36.15 6.39 37.90
CA THR A 136 -35.45 7.35 37.06
C THR A 136 -35.87 8.72 37.57
N LEU A 137 -34.92 9.42 38.17
CA LEU A 137 -35.17 10.72 38.74
C LEU A 137 -34.66 11.84 37.88
N VAL A 138 -35.39 12.94 37.85
CA VAL A 138 -34.96 14.13 37.13
C VAL A 138 -34.71 15.12 38.28
N VAL A 139 -33.44 15.49 38.47
CA VAL A 139 -33.09 16.38 39.57
C VAL A 139 -32.47 17.73 39.21
N PHE A 140 -32.83 18.73 40.01
CA PHE A 140 -32.39 20.10 39.89
C PHE A 140 -31.71 20.54 41.18
N GLU A 141 -30.55 21.18 41.03
CA GLU A 141 -29.81 21.66 42.19
C GLU A 141 -29.25 23.04 41.86
N ARG A 142 -29.12 23.87 42.88
CA ARG A 142 -28.64 25.22 42.71
C ARG A 142 -28.07 25.74 44.01
N ARG A 143 -27.08 26.61 43.93
CA ARG A 143 -26.51 27.21 45.14
C ARG A 143 -27.53 28.25 45.57
N TYR A 144 -28.38 27.88 46.54
CA TYR A 144 -29.43 28.75 47.04
C TYR A 144 -29.02 30.23 47.20
N GLU A 145 -29.96 31.12 46.96
CA GLU A 145 -29.64 32.52 47.11
C GLU A 145 -30.27 33.13 48.33
N TYR A 146 -29.62 32.92 49.46
CA TYR A 146 -30.08 33.47 50.72
C TYR A 146 -30.40 34.94 50.54
N LEU A 147 -31.56 35.32 51.05
CA LEU A 147 -32.03 36.69 50.98
C LEU A 147 -32.63 37.02 52.35
N GLY A 148 -32.01 37.99 53.03
CA GLY A 148 -32.50 38.37 54.34
C GLY A 148 -32.57 37.23 55.35
N SER A 149 -33.60 37.27 56.19
CA SER A 149 -33.80 36.24 57.19
C SER A 149 -34.73 35.19 56.58
N HIS A 150 -34.86 35.23 55.27
CA HIS A 150 -35.71 34.29 54.55
C HIS A 150 -35.15 32.88 54.43
N THR A 151 -36.03 31.89 54.59
CA THR A 151 -35.64 30.50 54.52
C THR A 151 -36.73 29.66 53.85
N THR A 152 -36.33 28.50 53.34
CA THR A 152 -37.24 27.57 52.68
C THR A 152 -37.40 26.37 53.58
N GLU A 153 -38.31 25.46 53.22
CA GLU A 153 -38.57 24.26 54.02
C GLU A 153 -38.91 23.07 53.14
N LEU A 154 -38.96 21.88 53.73
CA LEU A 154 -39.24 20.66 53.01
C LEU A 154 -40.59 20.65 52.28
N ILE A 155 -40.57 20.37 50.99
CA ILE A 155 -41.81 20.29 50.21
C ILE A 155 -41.90 18.93 49.54
N VAL A 156 -43.00 18.23 49.77
CA VAL A 156 -43.20 16.93 49.15
C VAL A 156 -44.58 17.02 48.49
N GLY A 157 -44.75 16.43 47.31
CA GLY A 157 -46.03 16.51 46.63
C GLY A 157 -46.23 15.64 45.41
N SER A 158 -47.34 15.88 44.70
CA SER A 158 -47.69 15.16 43.48
C SER A 158 -48.27 16.19 42.53
N THR A 159 -47.83 16.14 41.26
CA THR A 159 -48.30 17.09 40.26
C THR A 159 -49.82 17.28 40.37
N ASP A 160 -50.55 16.20 40.15
CA ASP A 160 -52.02 16.19 40.21
C ASP A 160 -52.62 16.90 41.42
N LYS A 161 -51.94 16.84 42.54
CA LYS A 161 -52.45 17.48 43.75
C LYS A 161 -52.24 19.00 43.71
N GLN A 162 -51.64 19.48 42.62
CA GLN A 162 -51.41 20.91 42.46
C GLN A 162 -52.54 21.47 41.59
N PRO A 163 -53.14 22.58 42.03
CA PRO A 163 -54.23 23.22 41.31
C PRO A 163 -53.85 23.91 40.01
N LEU A 164 -54.80 23.97 39.09
CA LEU A 164 -54.61 24.63 37.81
C LEU A 164 -54.58 26.12 38.06
N LEU A 165 -53.53 26.77 37.59
CA LEU A 165 -53.41 28.21 37.77
C LEU A 165 -53.93 29.00 36.59
N GLU A 166 -54.22 30.27 36.84
CA GLU A 166 -54.74 31.17 35.82
C GLU A 166 -53.62 31.57 34.88
N THR A 167 -53.93 31.60 33.60
CA THR A 167 -52.93 31.93 32.61
C THR A 167 -53.44 33.04 31.72
N PRO A 168 -53.46 34.27 32.25
CA PRO A 168 -53.94 35.41 31.46
C PRO A 168 -53.31 35.48 30.07
N GLY A 169 -54.16 35.35 29.05
CA GLY A 169 -53.69 35.42 27.68
C GLY A 169 -53.06 34.14 27.12
N GLU A 170 -53.31 32.99 27.75
CA GLU A 170 -52.74 31.71 27.32
C GLU A 170 -53.78 30.61 27.48
N VAL A 171 -53.57 29.47 26.81
CA VAL A 171 -54.51 28.37 26.90
C VAL A 171 -53.90 27.11 27.49
N PHE A 172 -52.61 27.14 27.77
CA PHE A 172 -51.99 25.95 28.33
C PHE A 172 -52.48 25.80 29.77
N GLU A 173 -52.31 24.62 30.35
CA GLU A 173 -52.72 24.40 31.73
C GLU A 173 -51.46 24.40 32.60
N LEU A 174 -51.40 25.37 33.50
CA LEU A 174 -50.26 25.55 34.38
C LEU A 174 -50.42 25.11 35.83
N ARG A 175 -49.42 24.37 36.32
CA ARG A 175 -49.38 23.86 37.69
C ARG A 175 -47.98 24.09 38.27
N LYS A 176 -47.86 24.76 39.42
CA LYS A 176 -46.55 24.98 40.00
C LYS A 176 -46.27 23.96 41.09
N LEU A 177 -45.04 23.47 41.16
CA LEU A 177 -44.70 22.45 42.15
C LEU A 177 -44.31 22.97 43.53
N LEU A 178 -43.56 24.07 43.57
CA LEU A 178 -43.13 24.63 44.84
C LEU A 178 -44.00 25.84 45.18
N PRO A 179 -43.86 26.36 46.42
CA PRO A 179 -44.66 27.53 46.77
C PRO A 179 -44.21 28.74 45.97
N MET A 180 -45.12 29.70 45.76
CA MET A 180 -44.78 30.90 45.03
C MET A 180 -44.20 31.94 45.98
N SER A 181 -44.10 31.59 47.26
CA SER A 181 -43.54 32.45 48.31
C SER A 181 -42.10 32.90 48.04
N VAL A 182 -41.84 34.17 48.33
CA VAL A 182 -40.56 34.81 48.13
C VAL A 182 -39.33 34.01 48.60
N ALA A 183 -39.51 33.09 49.52
CA ALA A 183 -38.38 32.30 50.00
C ALA A 183 -37.72 31.55 48.86
N TYR A 184 -38.52 30.74 48.18
CA TYR A 184 -38.05 29.94 47.05
C TYR A 184 -37.48 30.81 45.92
N ASP A 185 -36.31 30.44 45.43
CA ASP A 185 -35.68 31.21 44.36
C ASP A 185 -35.83 30.58 42.99
N PHE A 186 -36.77 29.64 42.88
CA PHE A 186 -37.08 28.97 41.62
C PHE A 186 -38.31 28.11 41.82
N ASN A 187 -39.05 27.87 40.76
CA ASN A 187 -40.22 27.02 40.86
C ASN A 187 -40.19 26.01 39.73
N ILE A 188 -40.97 24.95 39.86
CA ILE A 188 -41.03 23.95 38.80
C ILE A 188 -42.44 23.99 38.22
N HIS A 189 -42.54 24.45 36.99
CA HIS A 189 -43.84 24.51 36.33
C HIS A 189 -44.10 23.25 35.54
N THR A 190 -45.38 22.89 35.46
CA THR A 190 -45.85 21.76 34.68
C THR A 190 -46.80 22.47 33.74
N MET A 191 -46.54 22.36 32.45
CA MET A 191 -47.37 23.02 31.44
C MET A 191 -47.92 22.04 30.41
N ASP A 192 -49.19 22.21 30.08
CA ASP A 192 -49.85 21.32 29.14
C ASP A 192 -50.52 22.02 27.99
N PHE A 193 -50.20 21.58 26.78
CA PHE A 193 -50.82 22.14 25.60
C PHE A 193 -51.63 21.06 24.91
N GLN A 194 -52.86 21.37 24.52
CA GLN A 194 -53.67 20.41 23.77
C GLN A 194 -53.14 20.50 22.36
N PRO A 195 -53.36 19.46 21.54
CA PRO A 195 -52.88 19.49 20.16
C PRO A 195 -53.37 20.72 19.39
N GLY A 196 -52.44 21.50 18.85
CA GLY A 196 -52.80 22.69 18.11
C GLY A 196 -52.54 23.96 18.92
N GLU A 197 -52.64 23.84 20.24
CA GLU A 197 -52.44 24.98 21.13
C GLU A 197 -50.98 25.42 21.11
N PHE A 198 -50.75 26.71 21.32
CA PHE A 198 -49.39 27.26 21.35
C PHE A 198 -49.28 28.54 22.18
N LEU A 199 -48.05 28.94 22.45
CA LEU A 199 -47.78 30.14 23.22
C LEU A 199 -48.06 31.41 22.41
N ASN A 200 -48.87 32.30 22.99
CA ASN A 200 -49.23 33.57 22.34
C ASN A 200 -48.12 34.59 22.42
N VAL A 201 -47.46 34.66 23.58
CA VAL A 201 -46.35 35.58 23.76
C VAL A 201 -45.05 34.90 23.37
N LYS A 202 -44.21 35.60 22.61
CA LYS A 202 -42.93 35.03 22.23
C LYS A 202 -41.92 35.50 23.27
N GLU A 203 -42.06 34.94 24.47
CA GLU A 203 -41.22 35.29 25.61
C GLU A 203 -39.77 35.63 25.32
N VAL A 204 -39.33 36.70 25.95
CA VAL A 204 -37.95 37.14 25.90
C VAL A 204 -37.86 37.69 27.30
N HIS A 205 -37.16 36.98 28.17
CA HIS A 205 -37.01 37.40 29.55
C HIS A 205 -35.67 36.99 30.11
N TYR A 206 -35.22 37.70 31.15
CA TYR A 206 -33.96 37.39 31.79
C TYR A 206 -34.00 36.01 32.46
N ASN A 207 -35.20 35.50 32.78
CA ASN A 207 -35.28 34.19 33.43
C ASN A 207 -34.60 33.13 32.56
N GLN A 208 -34.28 31.99 33.15
CA GLN A 208 -33.62 30.94 32.41
C GLN A 208 -34.36 29.62 32.62
N HIS A 209 -34.29 28.75 31.62
CA HIS A 209 -35.00 27.49 31.72
C HIS A 209 -34.19 26.23 31.47
N GLY A 210 -34.77 25.12 31.91
CA GLY A 210 -34.23 23.80 31.73
C GLY A 210 -35.52 23.03 31.65
N LEU A 211 -35.76 22.24 30.61
CA LEU A 211 -37.03 21.53 30.54
C LEU A 211 -36.96 20.10 30.03
N LEU A 212 -37.92 19.31 30.47
CA LEU A 212 -38.01 17.91 30.08
C LEU A 212 -39.38 17.69 29.52
N LEU A 213 -39.45 17.22 28.29
CA LEU A 213 -40.73 16.97 27.65
C LEU A 213 -41.23 15.60 28.13
N LEU A 214 -42.24 15.62 29.00
CA LEU A 214 -42.79 14.38 29.56
C LEU A 214 -43.78 13.66 28.68
N GLU A 215 -44.66 14.41 28.02
CA GLU A 215 -45.66 13.82 27.12
C GLU A 215 -45.83 14.59 25.82
N GLY A 216 -46.07 13.85 24.74
CA GLY A 216 -46.32 14.47 23.45
C GLY A 216 -45.14 14.84 22.58
N GLN A 217 -45.44 15.68 21.59
CA GLN A 217 -44.44 16.14 20.64
C GLN A 217 -44.89 17.47 20.07
N GLY A 218 -43.99 18.16 19.40
CA GLY A 218 -44.35 19.44 18.82
C GLY A 218 -43.14 20.15 18.25
N ILE A 219 -43.28 21.46 18.03
CA ILE A 219 -42.19 22.27 17.51
C ILE A 219 -41.81 23.26 18.60
N TYR A 220 -40.52 23.39 18.88
CA TYR A 220 -40.06 24.34 19.87
C TYR A 220 -39.14 25.32 19.16
N ARG A 221 -39.37 26.61 19.37
CA ARG A 221 -38.54 27.61 18.72
C ARG A 221 -37.61 28.30 19.70
N LEU A 222 -36.38 28.53 19.26
CA LEU A 222 -35.37 29.19 20.06
C LEU A 222 -34.56 30.09 19.12
N GLY A 223 -34.66 31.40 19.32
CA GLY A 223 -33.95 32.30 18.45
C GLY A 223 -34.49 32.08 17.07
N ASP A 224 -33.62 31.86 16.10
CA ASP A 224 -34.06 31.61 14.72
C ASP A 224 -34.02 30.12 14.42
N ASN A 225 -34.04 29.30 15.45
CA ASN A 225 -33.98 27.85 15.28
C ASN A 225 -35.28 27.16 15.63
N TRP A 226 -35.75 26.32 14.72
CA TRP A 226 -36.98 25.58 14.89
C TRP A 226 -36.65 24.11 15.09
N TYR A 227 -37.15 23.51 16.16
CA TYR A 227 -36.82 22.12 16.43
C TYR A 227 -37.97 21.17 16.71
N PRO A 228 -38.09 20.10 15.93
CA PRO A 228 -39.16 19.14 16.17
C PRO A 228 -38.80 18.45 17.51
N VAL A 229 -39.77 18.14 18.35
CA VAL A 229 -39.44 17.48 19.62
C VAL A 229 -40.40 16.38 19.99
N GLN A 230 -39.89 15.40 20.74
CA GLN A 230 -40.66 14.26 21.19
C GLN A 230 -40.41 14.01 22.68
N ALA A 231 -41.30 13.25 23.32
CA ALA A 231 -41.16 12.96 24.73
C ALA A 231 -39.75 12.47 25.03
N GLY A 232 -39.14 13.04 26.07
CA GLY A 232 -37.80 12.63 26.44
C GLY A 232 -36.73 13.66 26.08
N ASP A 233 -37.08 14.57 25.17
CA ASP A 233 -36.16 15.61 24.77
C ASP A 233 -35.93 16.57 25.92
N VAL A 234 -34.72 17.09 26.00
CA VAL A 234 -34.34 18.03 27.05
C VAL A 234 -33.89 19.34 26.43
N ILE A 235 -34.28 20.45 27.04
CA ILE A 235 -33.90 21.75 26.51
C ILE A 235 -33.39 22.72 27.56
N TRP A 236 -32.34 23.46 27.20
CA TRP A 236 -31.78 24.46 28.08
C TRP A 236 -32.06 25.78 27.40
N MET A 237 -32.69 26.70 28.12
CA MET A 237 -32.98 28.03 27.59
C MET A 237 -32.24 29.03 28.46
N ALA A 238 -31.25 29.68 27.86
CA ALA A 238 -30.44 30.68 28.52
C ALA A 238 -31.16 32.03 28.53
N PRO A 239 -31.00 32.81 29.61
CA PRO A 239 -31.62 34.12 29.74
C PRO A 239 -31.73 34.91 28.45
N PHE A 240 -32.92 35.43 28.19
CA PHE A 240 -33.20 36.28 27.02
C PHE A 240 -33.31 35.67 25.64
N VAL A 241 -33.31 34.35 25.53
CA VAL A 241 -33.43 33.72 24.22
C VAL A 241 -34.91 33.65 23.82
N PRO A 242 -35.24 34.10 22.59
CA PRO A 242 -36.65 34.02 22.19
C PRO A 242 -37.10 32.57 22.20
N GLN A 243 -38.18 32.29 22.93
CA GLN A 243 -38.69 30.93 23.04
C GLN A 243 -40.17 30.86 22.65
N TRP A 244 -40.58 29.70 22.17
CA TRP A 244 -41.96 29.48 21.74
C TRP A 244 -42.20 27.99 21.57
N TYR A 245 -43.46 27.59 21.62
CA TYR A 245 -43.79 26.19 21.46
C TYR A 245 -45.20 25.98 20.91
N ALA A 246 -45.38 24.86 20.24
CA ALA A 246 -46.66 24.46 19.68
C ALA A 246 -46.80 22.96 19.89
N ALA A 247 -47.95 22.53 20.36
CA ALA A 247 -48.17 21.10 20.59
C ALA A 247 -48.83 20.46 19.36
N LEU A 248 -48.30 19.33 18.92
CA LEU A 248 -48.86 18.63 17.76
C LEU A 248 -49.22 17.18 18.04
N GLY A 249 -49.98 16.58 17.13
CA GLY A 249 -50.35 15.18 17.29
C GLY A 249 -51.72 14.85 17.81
N LYS A 250 -51.92 13.58 18.16
CA LYS A 250 -53.20 13.10 18.67
C LYS A 250 -53.32 13.28 20.18
N THR A 251 -52.19 13.14 20.89
CA THR A 251 -52.09 13.25 22.34
C THR A 251 -51.62 14.65 22.78
N ARG A 252 -51.80 14.99 24.04
CA ARG A 252 -51.39 16.29 24.57
C ARG A 252 -49.90 16.38 24.89
N SER A 253 -49.44 17.60 25.18
CA SER A 253 -48.03 17.85 25.51
C SER A 253 -47.88 18.36 26.93
N ARG A 254 -46.93 17.78 27.63
CA ARG A 254 -46.64 18.20 28.99
C ARG A 254 -45.15 18.25 29.20
N TYR A 255 -44.65 19.37 29.68
CA TYR A 255 -43.24 19.45 29.97
C TYR A 255 -42.98 20.04 31.35
N LEU A 256 -41.94 19.52 31.98
CA LEU A 256 -41.53 19.95 33.31
C LEU A 256 -40.59 21.11 33.04
N LEU A 257 -40.75 22.21 33.78
CA LEU A 257 -39.93 23.38 33.55
C LEU A 257 -39.37 24.01 34.81
N TYR A 258 -38.09 24.38 34.77
CA TYR A 258 -37.44 25.04 35.89
C TYR A 258 -37.44 26.50 35.51
N LYS A 259 -37.71 27.37 36.48
CA LYS A 259 -37.75 28.81 36.26
C LYS A 259 -37.27 29.50 37.53
N ASP A 260 -36.33 30.42 37.37
CA ASP A 260 -35.81 31.17 38.50
C ASP A 260 -36.75 32.33 38.75
N VAL A 261 -36.99 32.66 40.01
CA VAL A 261 -37.89 33.73 40.42
C VAL A 261 -37.45 34.43 41.69
N ASN A 262 -38.33 35.29 42.21
CA ASN A 262 -38.15 36.03 43.45
C ASN A 262 -36.77 36.56 43.81
N ARG A 263 -36.03 37.05 42.82
CA ARG A 263 -34.71 37.58 43.09
C ARG A 263 -34.42 38.71 42.12
N ASN A 264 -33.79 39.78 42.60
CA ASN A 264 -33.48 40.92 41.75
C ASN A 264 -32.53 40.52 40.62
N PRO A 265 -32.92 40.76 39.36
CA PRO A 265 -32.11 40.41 38.19
C PRO A 265 -30.78 41.15 38.02
N LEU A 266 -30.42 42.02 38.97
CA LEU A 266 -29.15 42.73 38.85
C LEU A 266 -28.00 41.73 38.94
N PRO B 7 -68.41 35.58 6.21
CA PRO B 7 -68.23 35.22 4.77
C PRO B 7 -67.17 34.11 4.62
N ILE B 8 -67.28 33.32 3.55
CA ILE B 8 -66.34 32.21 3.32
C ILE B 8 -64.98 32.70 2.82
N TYR B 9 -63.91 32.25 3.50
CA TYR B 9 -62.53 32.61 3.17
C TYR B 9 -62.24 34.09 3.43
N TRP B 10 -62.89 34.67 4.44
CA TRP B 10 -62.71 36.10 4.76
C TRP B 10 -61.26 36.48 5.07
N LYS B 11 -60.70 35.84 6.10
CA LYS B 11 -59.32 36.13 6.48
C LYS B 11 -58.40 36.07 5.26
N ALA B 12 -58.71 35.16 4.34
CA ALA B 12 -57.92 35.02 3.14
C ALA B 12 -57.90 36.33 2.36
N THR B 13 -59.03 37.05 2.42
CA THR B 13 -59.21 38.34 1.75
C THR B 13 -58.71 39.50 2.61
N ASN B 14 -58.81 39.34 3.92
CA ASN B 14 -58.36 40.37 4.85
C ASN B 14 -57.49 39.70 5.90
N PRO B 15 -56.20 39.45 5.55
CA PRO B 15 -55.24 38.80 6.47
C PRO B 15 -55.14 39.45 7.86
N THR B 16 -55.02 38.61 8.89
CA THR B 16 -54.92 39.09 10.26
C THR B 16 -53.81 40.14 10.38
N LEU B 17 -52.66 39.86 9.80
CA LEU B 17 -51.58 40.85 9.79
C LEU B 17 -51.66 41.45 8.40
N SER B 18 -52.40 42.55 8.29
CA SER B 18 -52.62 43.26 7.03
C SER B 18 -51.46 44.16 6.70
N PRO B 19 -51.27 44.50 5.42
CA PRO B 19 -50.16 45.36 5.02
C PRO B 19 -50.12 46.73 5.72
N SER B 20 -51.28 47.31 6.01
CA SER B 20 -51.31 48.61 6.66
C SER B 20 -50.67 48.54 8.05
N HIS B 21 -50.87 47.40 8.71
CA HIS B 21 -50.32 47.18 10.04
C HIS B 21 -48.81 47.34 10.11
N LEU B 22 -48.16 47.29 8.96
CA LEU B 22 -46.72 47.40 8.88
C LEU B 22 -46.27 48.77 8.36
N GLN B 23 -47.20 49.72 8.29
CA GLN B 23 -46.86 51.02 7.73
C GLN B 23 -45.76 51.81 8.42
N ASP B 24 -45.35 51.35 9.58
CA ASP B 24 -44.28 52.02 10.30
C ASP B 24 -43.03 51.16 10.43
N LEU B 25 -42.87 50.22 9.52
CA LEU B 25 -41.71 49.33 9.49
C LEU B 25 -41.17 49.35 8.07
N PRO B 26 -40.34 50.34 7.76
CA PRO B 26 -39.75 50.50 6.44
C PRO B 26 -38.92 49.32 5.93
N GLY B 27 -39.38 48.70 4.85
CA GLY B 27 -38.63 47.60 4.29
C GLY B 27 -38.97 46.23 4.79
N PHE B 28 -39.68 46.14 5.92
CA PHE B 28 -40.04 44.87 6.52
C PHE B 28 -41.02 44.03 5.69
N THR B 29 -40.77 42.73 5.64
CA THR B 29 -41.64 41.84 4.91
C THR B 29 -41.40 40.37 5.27
N ARG B 30 -42.48 39.59 5.22
CA ARG B 30 -42.42 38.17 5.52
C ARG B 30 -42.09 37.37 4.26
N SER B 31 -42.08 38.04 3.11
CA SER B 31 -41.82 37.36 1.85
C SER B 31 -40.39 36.89 1.65
N VAL B 32 -40.26 35.71 1.07
CA VAL B 32 -38.98 35.12 0.81
C VAL B 32 -38.97 34.49 -0.57
N TYR B 33 -37.86 34.66 -1.27
CA TYR B 33 -37.75 34.07 -2.58
C TYR B 33 -36.41 33.38 -2.65
N LYS B 34 -36.43 32.06 -2.46
CA LYS B 34 -35.19 31.31 -2.49
C LYS B 34 -35.06 30.46 -3.73
N ARG B 35 -33.98 29.71 -3.79
CA ARG B 35 -33.67 28.87 -4.93
C ARG B 35 -34.70 27.79 -5.28
N ASP B 36 -35.35 27.21 -4.27
CA ASP B 36 -36.32 26.15 -4.54
C ASP B 36 -37.70 26.31 -3.92
N HIS B 37 -38.05 27.54 -3.54
CA HIS B 37 -39.36 27.80 -2.96
C HIS B 37 -39.53 29.29 -2.66
N ALA B 38 -40.74 29.67 -2.30
CA ALA B 38 -41.02 31.06 -1.98
C ALA B 38 -42.26 31.20 -1.12
N LEU B 39 -42.27 32.25 -0.30
CA LEU B 39 -43.40 32.56 0.57
C LEU B 39 -43.80 33.98 0.17
N ILE B 40 -44.84 34.09 -0.66
CA ILE B 40 -45.32 35.39 -1.09
C ILE B 40 -46.42 35.89 -0.17
N THR B 41 -46.23 37.08 0.38
CA THR B 41 -47.21 37.63 1.31
C THR B 41 -47.85 38.93 0.82
N PRO B 42 -49.03 39.26 1.36
CA PRO B 42 -49.80 40.45 1.03
C PRO B 42 -49.07 41.77 0.87
N GLU B 43 -48.16 42.09 1.78
CA GLU B 43 -47.44 43.35 1.70
C GLU B 43 -46.55 43.41 0.47
N SER B 44 -46.45 42.28 -0.23
CA SER B 44 -45.63 42.17 -1.44
C SER B 44 -46.41 42.07 -2.74
N HIS B 45 -47.72 41.90 -2.64
CA HIS B 45 -48.54 41.80 -3.83
C HIS B 45 -48.42 43.03 -4.74
N VAL B 46 -48.02 42.80 -5.98
CA VAL B 46 -47.88 43.88 -6.93
C VAL B 46 -49.01 43.79 -7.96
N TYR B 47 -50.03 44.62 -7.80
CA TYR B 47 -51.19 44.62 -8.70
C TYR B 47 -51.06 45.57 -9.87
N SER B 48 -51.48 45.11 -11.03
CA SER B 48 -51.37 45.91 -12.24
C SER B 48 -52.51 45.57 -13.21
N PRO B 49 -52.82 46.49 -14.13
CA PRO B 49 -53.89 46.23 -15.09
C PRO B 49 -53.58 44.98 -15.88
N LEU B 50 -54.46 44.01 -15.77
CA LEU B 50 -54.32 42.74 -16.48
C LEU B 50 -54.68 42.94 -17.95
N PRO B 51 -53.71 42.72 -18.85
CA PRO B 51 -53.91 42.88 -20.30
C PRO B 51 -55.08 42.04 -20.84
N ASP B 52 -55.85 42.63 -21.75
CA ASP B 52 -56.98 41.95 -22.38
C ASP B 52 -58.22 41.82 -21.51
N TRP B 53 -58.08 42.10 -20.22
CA TRP B 53 -59.22 42.01 -19.33
C TRP B 53 -59.83 43.43 -19.23
N THR B 54 -61.02 43.53 -18.66
CA THR B 54 -61.64 44.84 -18.52
C THR B 54 -61.88 45.21 -17.06
N ASN B 55 -61.22 46.28 -16.63
CA ASN B 55 -61.37 46.79 -15.27
C ASN B 55 -60.98 45.73 -14.24
N THR B 56 -59.85 45.05 -14.50
CA THR B 56 -59.34 44.03 -13.58
C THR B 56 -57.85 44.18 -13.27
N LEU B 57 -57.52 44.31 -11.99
CA LEU B 57 -56.15 44.44 -11.57
C LEU B 57 -55.66 43.03 -11.32
N GLY B 58 -54.40 42.77 -11.69
CA GLY B 58 -53.83 41.46 -11.49
C GLY B 58 -52.44 41.48 -10.86
N ALA B 59 -52.18 40.49 -10.01
CA ALA B 59 -50.87 40.38 -9.38
C ALA B 59 -50.34 38.96 -9.60
N TYR B 60 -49.28 38.85 -10.39
CA TYR B 60 -48.69 37.56 -10.66
C TYR B 60 -47.84 37.16 -9.46
N LEU B 61 -48.09 35.97 -8.93
CA LEU B 61 -47.37 35.49 -7.76
C LEU B 61 -46.27 34.52 -8.14
N ILE B 62 -46.52 33.71 -9.17
CA ILE B 62 -45.55 32.73 -9.64
C ILE B 62 -45.61 32.73 -11.16
N THR B 63 -44.45 32.74 -11.82
CA THR B 63 -44.43 32.66 -13.27
C THR B 63 -43.23 31.78 -13.54
N PRO B 64 -43.20 31.14 -14.72
CA PRO B 64 -42.08 30.26 -15.07
C PRO B 64 -40.67 30.82 -14.82
N ALA B 65 -40.55 32.11 -14.51
CA ALA B 65 -39.24 32.71 -14.23
C ALA B 65 -38.62 32.04 -13.02
N THR B 66 -39.46 31.38 -12.22
CA THR B 66 -39.01 30.67 -11.04
C THR B 66 -38.52 29.28 -11.42
N GLY B 67 -38.84 28.88 -12.64
CA GLY B 67 -38.45 27.56 -13.09
C GLY B 67 -39.68 26.66 -13.12
N SER B 68 -40.84 27.27 -12.89
CA SER B 68 -42.10 26.53 -12.89
C SER B 68 -42.62 26.45 -14.31
N HIS B 69 -43.65 25.65 -14.53
CA HIS B 69 -44.22 25.53 -15.86
C HIS B 69 -45.63 26.13 -15.83
N PHE B 70 -45.87 27.01 -14.86
CA PHE B 70 -47.18 27.65 -14.71
C PHE B 70 -47.15 29.02 -14.07
N VAL B 71 -48.21 29.79 -14.28
CA VAL B 71 -48.34 31.09 -13.64
C VAL B 71 -49.41 30.96 -12.57
N MET B 72 -49.39 31.85 -11.59
CA MET B 72 -50.37 31.87 -10.51
C MET B 72 -50.57 33.33 -10.15
N TYR B 73 -51.78 33.84 -10.32
CA TYR B 73 -52.05 35.23 -10.02
C TYR B 73 -53.42 35.49 -9.43
N LEU B 74 -53.54 36.64 -8.78
CA LEU B 74 -54.79 37.06 -8.19
C LEU B 74 -55.34 38.11 -9.15
N ALA B 75 -56.63 38.02 -9.45
CA ALA B 75 -57.25 38.97 -10.36
C ALA B 75 -58.38 39.68 -9.63
N LYS B 76 -58.28 40.99 -9.54
CA LYS B 76 -59.27 41.80 -8.85
C LYS B 76 -60.27 42.40 -9.84
N MET B 77 -61.37 41.68 -10.08
CA MET B 77 -62.41 42.12 -11.00
C MET B 77 -63.34 43.12 -10.31
N LYS B 78 -63.48 44.31 -10.89
CA LYS B 78 -64.35 45.33 -10.33
C LYS B 78 -65.65 45.41 -11.10
N GLU B 79 -66.45 46.43 -10.84
CA GLU B 79 -67.72 46.55 -11.53
C GLU B 79 -67.60 46.40 -13.04
N MET B 80 -68.61 45.75 -13.63
CA MET B 80 -68.69 45.52 -15.07
C MET B 80 -67.33 45.16 -15.66
N SER B 81 -66.72 44.10 -15.15
CA SER B 81 -65.42 43.66 -15.63
C SER B 81 -65.57 42.37 -16.44
N SER B 82 -64.57 42.08 -17.27
CA SER B 82 -64.60 40.86 -18.07
C SER B 82 -63.18 40.33 -18.23
N SER B 83 -63.07 39.01 -18.38
CA SER B 83 -61.77 38.35 -18.52
C SER B 83 -61.19 38.59 -19.89
N GLY B 84 -60.00 38.04 -20.08
CA GLY B 84 -59.31 38.15 -21.34
C GLY B 84 -58.93 36.73 -21.68
N LEU B 85 -58.92 36.40 -22.96
CA LEU B 85 -58.55 35.06 -23.36
C LEU B 85 -57.09 34.73 -23.16
N PRO B 86 -56.80 33.51 -22.71
CA PRO B 86 -55.39 33.12 -22.50
C PRO B 86 -54.82 32.72 -23.87
N PRO B 87 -53.49 32.89 -24.07
CA PRO B 87 -52.82 32.55 -25.34
C PRO B 87 -53.07 31.11 -25.80
N GLN B 88 -52.72 30.85 -27.06
CA GLN B 88 -52.91 29.54 -27.69
C GLN B 88 -52.23 28.40 -26.93
N ASP B 89 -52.97 27.31 -26.70
CA ASP B 89 -52.50 26.14 -25.99
C ASP B 89 -52.31 26.35 -24.50
N ILE B 90 -52.75 27.49 -24.02
CA ILE B 90 -52.66 27.81 -22.61
C ILE B 90 -53.97 27.45 -21.91
N GLU B 91 -53.95 26.35 -21.15
CA GLU B 91 -55.11 25.91 -20.41
C GLU B 91 -55.24 26.83 -19.20
N ARG B 92 -56.43 26.97 -18.65
CA ARG B 92 -56.62 27.87 -17.52
C ARG B 92 -57.62 27.32 -16.50
N LEU B 93 -57.38 27.65 -15.24
CA LEU B 93 -58.23 27.21 -14.15
C LEU B 93 -58.46 28.39 -13.23
N ILE B 94 -59.72 28.73 -12.96
CA ILE B 94 -60.02 29.84 -12.07
C ILE B 94 -60.71 29.34 -10.80
N PHE B 95 -60.57 30.09 -9.72
CA PHE B 95 -61.17 29.73 -8.45
C PHE B 95 -61.59 31.02 -7.75
N VAL B 96 -62.85 31.07 -7.34
CA VAL B 96 -63.40 32.27 -6.68
C VAL B 96 -63.25 32.25 -5.17
N VAL B 97 -62.54 33.26 -4.64
CA VAL B 97 -62.29 33.40 -3.21
C VAL B 97 -63.05 34.60 -2.62
N GLU B 98 -63.71 35.35 -3.49
CA GLU B 98 -64.50 36.51 -3.09
C GLU B 98 -65.38 36.98 -4.25
N GLY B 99 -66.63 37.31 -3.95
CA GLY B 99 -67.52 37.81 -4.97
C GLY B 99 -68.22 36.82 -5.87
N ALA B 100 -68.46 37.25 -7.10
CA ALA B 100 -69.16 36.42 -8.07
C ALA B 100 -68.91 36.90 -9.48
N VAL B 101 -68.91 35.96 -10.41
CA VAL B 101 -68.69 36.29 -11.79
C VAL B 101 -69.40 35.24 -12.62
N THR B 102 -69.76 35.59 -13.84
CA THR B 102 -70.43 34.63 -14.69
C THR B 102 -69.48 34.17 -15.76
N LEU B 103 -69.67 32.93 -16.19
CA LEU B 103 -68.84 32.30 -17.22
C LEU B 103 -69.71 31.90 -18.44
N THR B 104 -69.54 32.59 -19.56
CA THR B 104 -70.26 32.27 -20.77
C THR B 104 -69.32 31.73 -21.86
N ASN B 105 -69.68 31.95 -23.12
CA ASN B 105 -68.87 31.46 -24.24
C ASN B 105 -68.70 32.51 -25.33
N SER B 108 -69.59 24.94 -22.83
CA SER B 108 -70.76 25.45 -23.52
C SER B 108 -71.96 25.46 -22.56
N SER B 109 -72.45 26.68 -22.32
CA SER B 109 -73.58 26.95 -21.42
C SER B 109 -73.28 28.27 -20.72
N SER B 110 -73.62 28.33 -19.44
CA SER B 110 -73.36 29.52 -18.64
C SER B 110 -73.62 29.17 -17.19
N LYS B 111 -72.60 29.34 -16.38
CA LYS B 111 -72.68 29.04 -14.96
C LYS B 111 -72.37 30.27 -14.11
N LYS B 112 -73.12 30.43 -13.04
CA LYS B 112 -72.95 31.53 -12.08
C LYS B 112 -71.97 31.04 -11.02
N LEU B 113 -70.84 31.72 -10.88
CA LEU B 113 -69.84 31.29 -9.90
C LEU B 113 -69.69 32.19 -8.69
N THR B 114 -69.81 31.59 -7.52
CA THR B 114 -69.65 32.32 -6.27
C THR B 114 -68.42 31.75 -5.57
N VAL B 115 -68.20 32.14 -4.32
CA VAL B 115 -67.06 31.63 -3.58
C VAL B 115 -67.10 30.11 -3.48
N ASP B 116 -65.97 29.48 -3.82
CA ASP B 116 -65.78 28.02 -3.82
C ASP B 116 -66.11 27.37 -5.15
N SER B 117 -66.47 28.21 -6.12
CA SER B 117 -66.80 27.78 -7.47
C SER B 117 -65.51 27.91 -8.31
N TYR B 118 -65.35 27.02 -9.29
CA TYR B 118 -64.17 27.05 -10.16
C TYR B 118 -64.48 26.53 -11.55
N ALA B 119 -63.63 26.88 -12.51
CA ALA B 119 -63.81 26.46 -13.89
C ALA B 119 -62.48 26.16 -14.54
N TYR B 120 -62.36 24.98 -15.12
CA TYR B 120 -61.14 24.65 -15.81
C TYR B 120 -61.48 24.76 -17.27
N LEU B 121 -60.69 25.54 -18.01
CA LEU B 121 -60.91 25.72 -19.43
C LEU B 121 -59.79 25.02 -20.17
N PRO B 122 -60.14 24.17 -21.13
CA PRO B 122 -59.13 23.45 -21.90
C PRO B 122 -58.36 24.37 -22.82
N PRO B 123 -57.18 23.94 -23.27
CA PRO B 123 -56.43 24.81 -24.17
C PRO B 123 -57.22 25.22 -25.42
N ASN B 124 -57.28 26.51 -25.66
CA ASN B 124 -57.97 27.07 -26.80
C ASN B 124 -59.48 27.06 -26.70
N PHE B 125 -60.00 26.80 -25.49
CA PHE B 125 -61.44 26.76 -25.25
C PHE B 125 -61.94 28.19 -25.07
N HIS B 126 -62.69 28.70 -26.05
CA HIS B 126 -63.21 30.05 -25.94
C HIS B 126 -64.16 30.16 -24.77
N HIS B 127 -64.09 31.26 -24.03
CA HIS B 127 -64.96 31.50 -22.88
C HIS B 127 -64.91 32.97 -22.50
N SER B 128 -65.49 33.30 -21.36
CA SER B 128 -65.50 34.66 -20.85
C SER B 128 -65.99 34.74 -19.40
N LEU B 129 -65.32 35.54 -18.60
CA LEU B 129 -65.71 35.72 -17.20
C LEU B 129 -66.21 37.13 -16.97
N ASP B 130 -67.52 37.28 -16.87
CA ASP B 130 -68.10 38.59 -16.67
C ASP B 130 -68.62 38.77 -15.27
N CYS B 131 -68.09 39.79 -14.61
CA CYS B 131 -68.45 40.11 -13.23
C CYS B 131 -69.22 41.42 -13.15
N VAL B 132 -70.31 41.43 -12.41
CA VAL B 132 -71.12 42.62 -12.28
C VAL B 132 -70.59 43.63 -11.26
N GLU B 133 -70.47 43.21 -10.01
CA GLU B 133 -70.00 44.11 -8.95
C GLU B 133 -68.53 43.97 -8.55
N SER B 134 -68.06 42.74 -8.35
CA SER B 134 -66.67 42.53 -7.95
C SER B 134 -66.44 41.07 -7.60
N ALA B 135 -65.19 40.64 -7.69
CA ALA B 135 -64.84 39.27 -7.35
C ALA B 135 -63.34 39.11 -7.31
N THR B 136 -62.88 38.17 -6.51
CA THR B 136 -61.46 37.91 -6.41
C THR B 136 -61.21 36.48 -6.90
N LEU B 137 -60.35 36.38 -7.91
CA LEU B 137 -60.00 35.09 -8.51
C LEU B 137 -58.51 34.76 -8.41
N VAL B 138 -58.21 33.53 -8.04
CA VAL B 138 -56.84 33.06 -8.03
C VAL B 138 -56.86 32.19 -9.27
N VAL B 139 -56.07 32.52 -10.29
CA VAL B 139 -56.07 31.71 -11.50
C VAL B 139 -54.72 31.10 -11.85
N PHE B 140 -54.76 29.89 -12.42
CA PHE B 140 -53.58 29.15 -12.84
C PHE B 140 -53.58 28.94 -14.36
N GLU B 141 -52.46 29.24 -15.00
CA GLU B 141 -52.37 29.04 -16.45
C GLU B 141 -51.12 28.25 -16.78
N ARG B 142 -51.21 27.42 -17.81
CA ARG B 142 -50.08 26.61 -18.23
C ARG B 142 -50.24 26.17 -19.68
N ARG B 143 -49.10 25.99 -20.36
CA ARG B 143 -49.14 25.52 -21.73
C ARG B 143 -49.49 24.03 -21.60
N TYR B 144 -50.65 23.64 -22.12
CA TYR B 144 -51.10 22.25 -22.04
C TYR B 144 -50.13 21.31 -22.71
N GLU B 145 -49.90 20.17 -22.07
CA GLU B 145 -49.00 19.18 -22.62
C GLU B 145 -49.76 18.06 -23.27
N TYR B 146 -49.89 18.18 -24.59
CA TYR B 146 -50.61 17.21 -25.39
C TYR B 146 -49.96 15.84 -25.31
N LEU B 147 -50.77 14.84 -25.02
CA LEU B 147 -50.28 13.47 -24.91
C LEU B 147 -51.12 12.59 -25.83
N GLY B 148 -50.48 12.06 -26.87
CA GLY B 148 -51.20 11.22 -27.82
C GLY B 148 -52.35 11.99 -28.41
N SER B 149 -53.56 11.46 -28.30
CA SER B 149 -54.71 12.15 -28.84
C SER B 149 -55.75 12.45 -27.77
N HIS B 150 -55.30 12.70 -26.55
CA HIS B 150 -56.26 13.02 -25.49
C HIS B 150 -56.55 14.50 -25.49
N THR B 151 -57.67 14.87 -24.89
CA THR B 151 -58.07 16.26 -24.81
C THR B 151 -58.88 16.44 -23.56
N THR B 152 -58.71 17.58 -22.93
CA THR B 152 -59.45 17.87 -21.71
C THR B 152 -60.72 18.59 -22.10
N GLU B 153 -61.60 18.77 -21.14
CA GLU B 153 -62.82 19.46 -21.45
C GLU B 153 -63.19 20.40 -20.30
N LEU B 154 -64.16 21.25 -20.53
CA LEU B 154 -64.61 22.16 -19.51
C LEU B 154 -65.00 21.40 -18.26
N ILE B 155 -64.65 21.95 -17.11
CA ILE B 155 -65.00 21.34 -15.84
C ILE B 155 -65.37 22.52 -14.96
N VAL B 156 -66.52 22.42 -14.34
CA VAL B 156 -67.02 23.47 -13.46
C VAL B 156 -67.58 22.77 -12.24
N GLY B 157 -67.30 23.31 -11.05
CA GLY B 157 -67.78 22.69 -9.84
C GLY B 157 -67.71 23.55 -8.59
N SER B 158 -67.84 22.91 -7.45
CA SER B 158 -67.80 23.61 -6.17
C SER B 158 -67.01 22.71 -5.22
N THR B 159 -66.06 23.30 -4.50
CA THR B 159 -65.22 22.53 -3.59
C THR B 159 -66.04 21.56 -2.73
N ASP B 160 -67.11 22.07 -2.15
CA ASP B 160 -67.99 21.26 -1.29
C ASP B 160 -68.71 20.11 -1.98
N LYS B 161 -69.10 20.27 -3.24
CA LYS B 161 -69.76 19.17 -3.92
C LYS B 161 -68.73 18.05 -4.16
N GLN B 162 -67.45 18.40 -4.16
CA GLN B 162 -66.38 17.42 -4.38
C GLN B 162 -66.27 16.42 -3.23
N PRO B 163 -66.01 15.14 -3.53
CA PRO B 163 -65.88 14.07 -2.53
C PRO B 163 -64.53 13.93 -1.81
N LEU B 164 -64.59 13.50 -0.55
CA LEU B 164 -63.40 13.29 0.27
C LEU B 164 -62.67 12.03 -0.20
N LEU B 165 -61.44 12.19 -0.65
CA LEU B 165 -60.67 11.03 -1.12
C LEU B 165 -59.84 10.37 -0.02
N GLU B 166 -59.49 9.10 -0.26
CA GLU B 166 -58.70 8.36 0.69
C GLU B 166 -57.27 8.85 0.69
N THR B 167 -56.79 9.11 1.88
CA THR B 167 -55.45 9.63 2.07
C THR B 167 -54.69 8.58 2.87
N PRO B 168 -54.12 7.60 2.16
CA PRO B 168 -53.37 6.53 2.84
C PRO B 168 -52.10 7.03 3.51
N GLY B 169 -51.99 6.77 4.82
CA GLY B 169 -50.82 7.19 5.57
C GLY B 169 -50.91 8.56 6.20
N GLU B 170 -51.92 9.33 5.78
CA GLU B 170 -52.16 10.68 6.27
C GLU B 170 -53.51 10.78 6.99
N VAL B 171 -53.77 11.91 7.64
CA VAL B 171 -55.02 12.09 8.38
C VAL B 171 -55.83 13.28 7.89
N PHE B 172 -55.25 14.08 7.02
CA PHE B 172 -55.97 15.25 6.54
C PHE B 172 -57.13 14.87 5.62
N GLU B 173 -57.99 15.84 5.31
CA GLU B 173 -59.12 15.61 4.43
C GLU B 173 -58.78 16.12 3.04
N LEU B 174 -58.94 15.26 2.05
CA LEU B 174 -58.59 15.61 0.68
C LEU B 174 -59.74 15.57 -0.32
N ARG B 175 -59.74 16.56 -1.20
CA ARG B 175 -60.74 16.70 -2.25
C ARG B 175 -59.94 17.09 -3.48
N LYS B 176 -60.39 16.66 -4.65
CA LYS B 176 -59.72 16.99 -5.90
C LYS B 176 -60.74 17.64 -6.83
N LEU B 177 -60.43 18.83 -7.33
CA LEU B 177 -61.36 19.58 -8.19
C LEU B 177 -61.50 19.17 -9.65
N LEU B 178 -60.52 18.46 -10.20
CA LEU B 178 -60.62 18.06 -11.59
C LEU B 178 -60.54 16.54 -11.70
N PRO B 179 -60.78 16.00 -12.91
CA PRO B 179 -60.74 14.55 -13.06
C PRO B 179 -59.28 14.10 -12.94
N MET B 180 -59.07 12.84 -12.56
CA MET B 180 -57.73 12.30 -12.43
C MET B 180 -57.27 11.60 -13.72
N SER B 181 -58.11 11.60 -14.74
CA SER B 181 -57.80 10.95 -16.00
C SER B 181 -56.58 11.55 -16.72
N VAL B 182 -55.95 10.68 -17.50
CA VAL B 182 -54.76 10.98 -18.28
C VAL B 182 -54.70 12.32 -19.02
N ALA B 183 -55.83 12.78 -19.54
CA ALA B 183 -55.81 14.02 -20.31
C ALA B 183 -55.35 15.23 -19.51
N TYR B 184 -55.67 15.25 -18.23
CA TYR B 184 -55.28 16.38 -17.39
C TYR B 184 -53.83 16.32 -16.94
N ASP B 185 -53.08 17.38 -17.22
CA ASP B 185 -51.68 17.41 -16.83
C ASP B 185 -51.43 18.14 -15.50
N PHE B 186 -52.49 18.28 -14.72
CA PHE B 186 -52.46 18.91 -13.40
C PHE B 186 -53.86 18.91 -12.80
N ASN B 187 -53.92 18.98 -11.48
CA ASN B 187 -55.19 18.99 -10.79
C ASN B 187 -54.98 19.97 -9.64
N ILE B 188 -56.05 20.54 -9.10
CA ILE B 188 -55.93 21.45 -7.96
C ILE B 188 -56.52 20.73 -6.77
N HIS B 189 -55.74 20.58 -5.70
CA HIS B 189 -56.24 19.87 -4.52
C HIS B 189 -56.68 20.81 -3.41
N THR B 190 -57.58 20.29 -2.59
CA THR B 190 -58.11 21.00 -1.43
C THR B 190 -57.73 20.10 -0.28
N MET B 191 -56.94 20.63 0.65
CA MET B 191 -56.51 19.84 1.78
C MET B 191 -56.84 20.49 3.11
N ASP B 192 -57.49 19.72 3.98
CA ASP B 192 -57.92 20.21 5.28
C ASP B 192 -57.23 19.53 6.45
N PHE B 193 -56.82 20.33 7.41
CA PHE B 193 -56.12 19.86 8.61
C PHE B 193 -56.84 20.42 9.82
N GLN B 194 -57.03 19.57 10.82
CA GLN B 194 -57.65 19.99 12.07
C GLN B 194 -56.43 20.34 12.94
N PRO B 195 -56.58 21.31 13.86
CA PRO B 195 -55.47 21.71 14.71
C PRO B 195 -54.70 20.53 15.29
N GLY B 196 -53.37 20.66 15.31
CA GLY B 196 -52.54 19.58 15.82
C GLY B 196 -52.19 18.53 14.78
N GLU B 197 -52.80 18.60 13.61
CA GLU B 197 -52.50 17.63 12.57
C GLU B 197 -51.45 18.16 11.61
N PHE B 198 -50.62 17.25 11.13
CA PHE B 198 -49.55 17.60 10.23
C PHE B 198 -49.34 16.46 9.25
N LEU B 199 -48.46 16.68 8.28
CA LEU B 199 -48.14 15.68 7.28
C LEU B 199 -47.15 14.68 7.86
N ASN B 200 -47.44 13.39 7.71
CA ASN B 200 -46.56 12.33 8.20
C ASN B 200 -45.39 12.13 7.25
N VAL B 201 -45.66 12.25 5.96
CA VAL B 201 -44.62 12.10 4.97
C VAL B 201 -44.03 13.47 4.72
N LYS B 202 -42.70 13.55 4.82
CA LYS B 202 -41.96 14.77 4.58
C LYS B 202 -41.58 14.74 3.11
N GLU B 203 -42.55 15.04 2.26
CA GLU B 203 -42.37 14.97 0.82
C GLU B 203 -41.15 15.59 0.15
N VAL B 204 -40.62 14.83 -0.79
CA VAL B 204 -39.51 15.19 -1.65
C VAL B 204 -39.92 14.53 -2.96
N HIS B 205 -40.55 15.28 -3.85
CA HIS B 205 -41.02 14.74 -5.12
C HIS B 205 -40.79 15.67 -6.31
N TYR B 206 -40.78 15.12 -7.52
CA TYR B 206 -40.58 15.93 -8.72
C TYR B 206 -41.75 16.91 -8.97
N ASN B 207 -42.94 16.60 -8.46
CA ASN B 207 -44.10 17.47 -8.64
C ASN B 207 -43.81 18.85 -8.08
N GLN B 208 -44.26 19.89 -8.77
CA GLN B 208 -44.05 21.24 -8.29
C GLN B 208 -45.38 21.75 -7.74
N HIS B 209 -45.35 22.77 -6.89
CA HIS B 209 -46.58 23.26 -6.29
C HIS B 209 -46.84 24.77 -6.31
N GLY B 210 -48.13 25.09 -6.29
CA GLY B 210 -48.64 26.45 -6.25
C GLY B 210 -49.64 26.36 -5.10
N LEU B 211 -49.50 27.18 -4.07
CA LEU B 211 -50.41 27.10 -2.93
C LEU B 211 -50.96 28.40 -2.35
N LEU B 212 -52.22 28.34 -1.94
CA LEU B 212 -52.91 29.46 -1.31
C LEU B 212 -53.61 28.96 -0.06
N LEU B 213 -53.25 29.55 1.08
CA LEU B 213 -53.85 29.16 2.35
C LEU B 213 -55.15 29.95 2.48
N LEU B 214 -56.26 29.26 2.32
CA LEU B 214 -57.58 29.87 2.38
C LEU B 214 -58.10 30.08 3.80
N GLU B 215 -57.84 29.11 4.67
CA GLU B 215 -58.30 29.16 6.04
C GLU B 215 -57.26 28.61 7.00
N GLY B 216 -57.24 29.17 8.21
CA GLY B 216 -56.33 28.71 9.23
C GLY B 216 -55.01 29.43 9.38
N GLN B 217 -54.06 28.73 9.99
CA GLN B 217 -52.72 29.23 10.25
C GLN B 217 -51.88 28.05 10.74
N GLY B 218 -50.57 28.15 10.61
CA GLY B 218 -49.71 27.06 11.05
C GLY B 218 -48.25 27.29 10.74
N ILE B 219 -47.49 26.21 10.66
CA ILE B 219 -46.06 26.27 10.36
C ILE B 219 -45.78 25.45 9.10
N TYR B 220 -45.07 26.05 8.15
CA TYR B 220 -44.72 25.34 6.93
C TYR B 220 -43.20 25.18 6.84
N ARG B 221 -42.73 23.96 6.55
CA ARG B 221 -41.29 23.73 6.42
C ARG B 221 -40.92 23.50 4.94
N LEU B 222 -39.99 24.33 4.45
CA LEU B 222 -39.52 24.26 3.08
C LEU B 222 -37.99 24.16 3.09
N GLY B 223 -37.49 22.93 2.95
CA GLY B 223 -36.07 22.68 2.97
C GLY B 223 -35.63 22.73 4.41
N ASP B 224 -34.72 23.63 4.75
CA ASP B 224 -34.30 23.73 6.14
C ASP B 224 -34.84 25.02 6.74
N ASN B 225 -35.90 25.55 6.14
CA ASN B 225 -36.51 26.78 6.59
C ASN B 225 -37.90 26.53 7.17
N TRP B 226 -38.24 27.29 8.21
CA TRP B 226 -39.55 27.17 8.85
C TRP B 226 -40.22 28.51 8.74
N TYR B 227 -41.52 28.50 8.40
CA TYR B 227 -42.27 29.74 8.24
C TYR B 227 -43.64 29.75 8.90
N PRO B 228 -43.88 30.75 9.76
CA PRO B 228 -45.21 30.78 10.38
C PRO B 228 -46.14 31.27 9.25
N VAL B 229 -47.26 30.61 9.02
CA VAL B 229 -48.17 31.04 7.95
C VAL B 229 -49.62 31.34 8.35
N GLN B 230 -50.22 32.27 7.62
CA GLN B 230 -51.58 32.69 7.88
C GLN B 230 -52.39 32.72 6.59
N ALA B 231 -53.72 32.74 6.73
CA ALA B 231 -54.63 32.78 5.60
C ALA B 231 -54.33 34.02 4.77
N GLY B 232 -54.20 33.81 3.47
CA GLY B 232 -53.89 34.90 2.56
C GLY B 232 -52.48 34.76 2.03
N ASP B 233 -51.68 33.90 2.65
CA ASP B 233 -50.30 33.65 2.26
C ASP B 233 -50.20 32.75 1.04
N VAL B 234 -49.14 32.93 0.29
CA VAL B 234 -48.92 32.12 -0.89
C VAL B 234 -47.53 31.51 -0.90
N ILE B 235 -47.48 30.24 -1.28
CA ILE B 235 -46.22 29.52 -1.33
C ILE B 235 -45.92 28.86 -2.67
N TRP B 236 -44.65 28.93 -3.07
CA TRP B 236 -44.17 28.31 -4.31
C TRP B 236 -43.19 27.20 -3.93
N MET B 237 -43.48 25.98 -4.38
CA MET B 237 -42.63 24.84 -4.09
C MET B 237 -42.07 24.28 -5.41
N ALA B 238 -40.79 24.50 -5.64
CA ALA B 238 -40.13 24.00 -6.85
C ALA B 238 -39.95 22.50 -6.67
N PRO B 239 -39.68 21.76 -7.76
CA PRO B 239 -39.51 20.32 -7.62
C PRO B 239 -38.42 19.91 -6.64
N PHE B 240 -38.72 18.86 -5.89
CA PHE B 240 -37.81 18.28 -4.92
C PHE B 240 -37.52 19.02 -3.62
N VAL B 241 -38.17 20.15 -3.40
CA VAL B 241 -37.94 20.86 -2.15
C VAL B 241 -38.63 20.10 -1.03
N PRO B 242 -37.92 19.84 0.06
CA PRO B 242 -38.59 19.12 1.15
C PRO B 242 -39.73 19.99 1.68
N GLN B 243 -40.91 19.38 1.85
CA GLN B 243 -42.07 20.12 2.31
C GLN B 243 -42.84 19.47 3.46
N TRP B 244 -43.44 20.32 4.29
CA TRP B 244 -44.17 19.87 5.46
C TRP B 244 -45.08 20.96 6.04
N TYR B 245 -46.20 20.52 6.62
CA TYR B 245 -47.14 21.44 7.23
C TYR B 245 -47.83 20.87 8.45
N ALA B 246 -48.05 21.74 9.43
CA ALA B 246 -48.74 21.40 10.66
C ALA B 246 -49.71 22.53 10.95
N ALA B 247 -50.98 22.18 11.15
CA ALA B 247 -52.00 23.19 11.43
C ALA B 247 -52.08 23.49 12.93
N LEU B 248 -52.19 24.76 13.26
CA LEU B 248 -52.28 25.18 14.65
C LEU B 248 -53.44 26.14 14.84
N GLY B 249 -53.78 26.41 16.09
CA GLY B 249 -54.86 27.33 16.39
C GLY B 249 -56.19 26.70 16.76
N LYS B 250 -57.22 27.53 16.80
CA LYS B 250 -58.54 27.05 17.16
C LYS B 250 -59.31 26.46 15.98
N THR B 251 -59.23 27.10 14.82
CA THR B 251 -59.93 26.64 13.64
C THR B 251 -59.03 25.77 12.77
N ARG B 252 -59.64 25.11 11.78
CA ARG B 252 -58.89 24.23 10.89
C ARG B 252 -58.12 25.01 9.83
N SER B 253 -57.27 24.31 9.10
CA SER B 253 -56.49 24.93 8.03
C SER B 253 -57.00 24.37 6.71
N ARG B 254 -57.05 25.22 5.69
CA ARG B 254 -57.46 24.78 4.38
C ARG B 254 -56.58 25.51 3.37
N TYR B 255 -56.10 24.77 2.38
CA TYR B 255 -55.29 25.41 1.35
C TYR B 255 -55.53 24.85 -0.04
N LEU B 256 -55.51 25.76 -1.03
CA LEU B 256 -55.70 25.39 -2.43
C LEU B 256 -54.33 24.99 -2.90
N LEU B 257 -54.23 23.91 -3.67
CA LEU B 257 -52.94 23.44 -4.14
C LEU B 257 -52.90 22.92 -5.56
N TYR B 258 -52.03 23.51 -6.37
CA TYR B 258 -51.82 23.10 -7.75
C TYR B 258 -50.80 21.97 -7.70
N LYS B 259 -50.93 21.01 -8.61
CA LYS B 259 -49.99 19.89 -8.67
C LYS B 259 -49.99 19.34 -10.09
N ASP B 260 -48.80 19.16 -10.66
CA ASP B 260 -48.70 18.65 -12.02
C ASP B 260 -48.78 17.13 -11.95
N VAL B 261 -49.48 16.53 -12.92
CA VAL B 261 -49.69 15.10 -12.96
C VAL B 261 -49.76 14.50 -14.35
N ASN B 262 -49.98 13.19 -14.38
CA ASN B 262 -50.13 12.43 -15.61
C ASN B 262 -49.20 12.61 -16.81
N ARG B 263 -47.94 12.96 -16.58
CA ARG B 263 -46.99 13.11 -17.66
C ARG B 263 -45.66 12.53 -17.22
N ASN B 264 -44.92 11.93 -18.16
CA ASN B 264 -43.63 11.33 -17.85
C ASN B 264 -42.67 12.47 -17.50
N PRO B 265 -41.99 12.37 -16.35
CA PRO B 265 -41.03 13.36 -15.85
C PRO B 265 -39.71 13.51 -16.56
N LEU B 266 -39.41 12.59 -17.49
CA LEU B 266 -38.16 12.68 -18.24
C LEU B 266 -38.27 13.81 -19.25
N PRO C 7 -31.76 -11.90 4.04
CA PRO C 7 -31.99 -11.80 2.57
C PRO C 7 -31.21 -10.62 1.98
N ILE C 8 -30.54 -10.85 0.85
CA ILE C 8 -29.75 -9.81 0.19
C ILE C 8 -30.46 -8.47 0.14
N TYR C 9 -29.79 -7.43 0.62
CA TYR C 9 -30.32 -6.07 0.61
C TYR C 9 -31.58 -5.90 1.46
N TRP C 10 -31.67 -6.67 2.54
CA TRP C 10 -32.83 -6.57 3.40
C TRP C 10 -32.93 -5.20 4.05
N LYS C 11 -31.80 -4.62 4.46
CA LYS C 11 -31.82 -3.30 5.08
C LYS C 11 -32.13 -2.19 4.07
N ALA C 12 -31.82 -2.44 2.81
CA ALA C 12 -32.10 -1.43 1.80
C ALA C 12 -33.60 -1.20 1.76
N THR C 13 -34.38 -2.23 2.04
CA THR C 13 -35.82 -2.06 2.01
C THR C 13 -36.44 -1.97 3.41
N ASN C 14 -35.67 -2.38 4.43
CA ASN C 14 -36.11 -2.33 5.83
C ASN C 14 -35.01 -1.58 6.61
N PRO C 15 -34.90 -0.26 6.38
CA PRO C 15 -33.89 0.59 7.04
C PRO C 15 -33.93 0.66 8.55
N THR C 16 -32.73 0.62 9.14
CA THR C 16 -32.58 0.67 10.58
C THR C 16 -33.32 1.83 11.19
N LEU C 17 -33.18 3.03 10.62
CA LEU C 17 -33.94 4.16 11.10
C LEU C 17 -35.04 4.34 10.06
N SER C 18 -36.18 3.70 10.34
CA SER C 18 -37.32 3.73 9.45
C SER C 18 -38.28 4.87 9.74
N PRO C 19 -39.16 5.19 8.77
CA PRO C 19 -40.14 6.26 8.89
C PRO C 19 -40.99 6.24 10.16
N SER C 20 -41.38 5.05 10.63
CA SER C 20 -42.22 4.93 11.83
C SER C 20 -41.58 5.45 13.11
N HIS C 21 -40.27 5.28 13.22
CA HIS C 21 -39.52 5.73 14.37
C HIS C 21 -39.60 7.25 14.48
N LEU C 22 -40.00 7.90 13.41
CA LEU C 22 -40.08 9.34 13.40
C LEU C 22 -41.50 9.88 13.54
N GLN C 23 -42.45 9.00 13.86
CA GLN C 23 -43.84 9.44 13.95
C GLN C 23 -44.14 10.44 15.04
N ASP C 24 -43.21 10.64 15.98
CA ASP C 24 -43.39 11.59 17.05
C ASP C 24 -42.46 12.79 16.96
N LEU C 25 -41.84 12.96 15.79
CA LEU C 25 -40.95 14.11 15.57
C LEU C 25 -41.47 14.86 14.34
N PRO C 26 -42.53 15.66 14.52
CA PRO C 26 -43.21 16.46 13.50
C PRO C 26 -42.33 17.31 12.59
N GLY C 27 -42.36 17.03 11.29
CA GLY C 27 -41.59 17.82 10.35
C GLY C 27 -40.13 17.43 10.18
N PHE C 28 -39.66 16.55 11.04
CA PHE C 28 -38.27 16.09 10.99
C PHE C 28 -37.97 15.23 9.77
N THR C 29 -36.79 15.47 9.18
CA THR C 29 -36.37 14.69 8.01
C THR C 29 -34.87 14.80 7.83
N ARG C 30 -34.27 13.71 7.39
CA ARG C 30 -32.84 13.67 7.12
C ARG C 30 -32.59 14.09 5.67
N SER C 31 -33.67 14.42 4.95
CA SER C 31 -33.54 14.80 3.55
C SER C 31 -33.06 16.21 3.26
N VAL C 32 -32.30 16.32 2.19
CA VAL C 32 -31.75 17.60 1.77
C VAL C 32 -31.66 17.71 0.24
N TYR C 33 -32.02 18.87 -0.27
CA TYR C 33 -31.94 19.13 -1.69
C TYR C 33 -31.22 20.45 -1.80
N LYS C 34 -30.02 20.43 -2.37
CA LYS C 34 -29.27 21.64 -2.56
C LYS C 34 -28.98 21.85 -4.04
N ARG C 35 -28.28 22.93 -4.36
CA ARG C 35 -27.96 23.27 -5.73
C ARG C 35 -27.20 22.20 -6.52
N ASP C 36 -26.23 21.54 -5.89
CA ASP C 36 -25.42 20.53 -6.56
C ASP C 36 -25.54 19.07 -6.12
N HIS C 37 -26.50 18.77 -5.25
CA HIS C 37 -26.68 17.40 -4.80
C HIS C 37 -27.95 17.24 -4.00
N ALA C 38 -28.23 16.01 -3.59
CA ALA C 38 -29.40 15.73 -2.77
C ALA C 38 -29.29 14.44 -1.97
N LEU C 39 -29.79 14.46 -0.75
CA LEU C 39 -29.80 13.29 0.08
C LEU C 39 -31.28 13.01 0.28
N ILE C 40 -31.79 12.02 -0.45
CA ILE C 40 -33.18 11.65 -0.38
C ILE C 40 -33.32 10.41 0.49
N THR C 41 -34.02 10.53 1.61
CA THR C 41 -34.21 9.41 2.52
C THR C 41 -35.67 8.91 2.54
N PRO C 42 -35.88 7.64 2.96
CA PRO C 42 -37.18 6.93 3.04
C PRO C 42 -38.41 7.69 3.51
N GLU C 43 -38.33 8.29 4.70
CA GLU C 43 -39.44 9.05 5.25
C GLU C 43 -39.87 10.18 4.31
N SER C 44 -39.24 10.24 3.14
CA SER C 44 -39.55 11.26 2.15
C SER C 44 -40.03 10.71 0.82
N HIS C 45 -39.90 9.40 0.61
CA HIS C 45 -40.32 8.82 -0.67
C HIS C 45 -41.80 9.10 -0.90
N VAL C 46 -42.14 9.50 -2.12
CA VAL C 46 -43.52 9.79 -2.50
C VAL C 46 -44.02 8.78 -3.55
N TYR C 47 -44.68 7.72 -3.07
CA TYR C 47 -45.19 6.67 -3.94
C TYR C 47 -46.55 7.01 -4.53
N SER C 48 -46.67 6.82 -5.84
CA SER C 48 -47.92 7.08 -6.54
C SER C 48 -48.04 6.01 -7.61
N PRO C 49 -49.27 5.69 -8.03
CA PRO C 49 -49.45 4.67 -9.06
C PRO C 49 -48.58 5.05 -10.24
N LEU C 50 -47.87 4.07 -10.78
CA LEU C 50 -47.00 4.32 -11.93
C LEU C 50 -47.83 4.24 -13.20
N PRO C 51 -47.82 5.32 -14.01
CA PRO C 51 -48.58 5.36 -15.27
C PRO C 51 -48.23 4.21 -16.21
N ASP C 52 -49.26 3.62 -16.81
CA ASP C 52 -49.15 2.50 -17.75
C ASP C 52 -48.74 1.15 -17.13
N TRP C 53 -48.46 1.18 -15.83
CA TRP C 53 -48.07 -0.05 -15.13
C TRP C 53 -49.33 -0.60 -14.50
N THR C 54 -49.29 -1.87 -14.14
CA THR C 54 -50.44 -2.49 -13.51
C THR C 54 -50.11 -2.89 -12.06
N ASN C 55 -50.87 -2.31 -11.13
CA ASN C 55 -50.72 -2.54 -9.69
C ASN C 55 -49.25 -2.39 -9.30
N THR C 56 -48.76 -1.17 -9.45
CA THR C 56 -47.37 -0.85 -9.12
C THR C 56 -47.22 0.59 -8.66
N LEU C 57 -46.80 0.76 -7.41
CA LEU C 57 -46.60 2.11 -6.88
C LEU C 57 -45.15 2.55 -7.19
N GLY C 58 -44.96 3.82 -7.50
CA GLY C 58 -43.63 4.30 -7.83
C GLY C 58 -43.23 5.62 -7.18
N ALA C 59 -41.95 5.72 -6.86
CA ALA C 59 -41.42 6.93 -6.24
C ALA C 59 -40.22 7.47 -7.00
N TYR C 60 -40.43 8.56 -7.71
CA TYR C 60 -39.34 9.19 -8.44
C TYR C 60 -38.43 9.86 -7.44
N LEU C 61 -37.15 9.53 -7.51
CA LEU C 61 -36.16 10.08 -6.60
C LEU C 61 -35.39 11.20 -7.27
N ILE C 62 -35.15 11.04 -8.57
CA ILE C 62 -34.41 12.03 -9.37
C ILE C 62 -35.03 12.14 -10.77
N THR C 63 -35.21 13.38 -11.24
CA THR C 63 -35.74 13.66 -12.57
C THR C 63 -34.99 14.88 -13.10
N PRO C 64 -35.03 15.12 -14.41
CA PRO C 64 -34.32 16.27 -14.98
C PRO C 64 -34.64 17.64 -14.40
N ALA C 65 -35.58 17.68 -13.47
CA ALA C 65 -35.92 18.95 -12.85
C ALA C 65 -34.74 19.40 -11.99
N THR C 66 -33.97 18.41 -11.51
CA THR C 66 -32.80 18.64 -10.66
C THR C 66 -31.66 19.26 -11.42
N GLY C 67 -31.56 18.91 -12.70
CA GLY C 67 -30.48 19.42 -13.53
C GLY C 67 -29.79 18.22 -14.14
N SER C 68 -30.35 17.04 -13.87
CA SER C 68 -29.83 15.79 -14.37
C SER C 68 -30.40 15.50 -15.76
N HIS C 69 -29.95 14.40 -16.36
CA HIS C 69 -30.43 14.00 -17.67
C HIS C 69 -31.04 12.60 -17.58
N PHE C 70 -31.39 12.19 -16.37
CA PHE C 70 -31.95 10.87 -16.16
C PHE C 70 -32.95 10.83 -15.02
N VAL C 71 -33.79 9.81 -15.02
CA VAL C 71 -34.75 9.63 -13.95
C VAL C 71 -34.29 8.41 -13.16
N MET C 72 -34.63 8.40 -11.89
CA MET C 72 -34.29 7.31 -11.00
C MET C 72 -35.51 7.09 -10.13
N TYR C 73 -36.21 5.99 -10.33
CA TYR C 73 -37.37 5.75 -9.51
C TYR C 73 -37.40 4.38 -8.89
N LEU C 74 -38.21 4.25 -7.84
CA LEU C 74 -38.38 2.99 -7.15
C LEU C 74 -39.73 2.43 -7.62
N ALA C 75 -39.82 1.11 -7.75
CA ALA C 75 -41.04 0.47 -8.21
C ALA C 75 -41.46 -0.66 -7.30
N LYS C 76 -42.58 -0.46 -6.61
CA LYS C 76 -43.14 -1.49 -5.73
C LYS C 76 -44.15 -2.25 -6.55
N MET C 77 -43.76 -3.41 -7.04
CA MET C 77 -44.64 -4.24 -7.83
C MET C 77 -45.32 -5.21 -6.89
N LYS C 78 -46.65 -5.14 -6.82
CA LYS C 78 -47.41 -6.04 -5.95
C LYS C 78 -47.89 -7.23 -6.79
N GLU C 79 -48.71 -8.09 -6.20
CA GLU C 79 -49.19 -9.30 -6.89
C GLU C 79 -49.85 -9.09 -8.26
N MET C 80 -49.52 -9.99 -9.20
CA MET C 80 -50.06 -9.96 -10.55
C MET C 80 -49.90 -8.60 -11.21
N SER C 81 -48.66 -8.12 -11.28
CA SER C 81 -48.39 -6.84 -11.90
C SER C 81 -47.57 -6.96 -13.18
N SER C 82 -47.46 -5.84 -13.89
CA SER C 82 -46.69 -5.77 -15.12
C SER C 82 -46.21 -4.33 -15.33
N SER C 83 -45.14 -4.19 -16.10
CA SER C 83 -44.55 -2.89 -16.39
C SER C 83 -45.11 -2.29 -17.66
N GLY C 84 -44.97 -0.98 -17.80
CA GLY C 84 -45.46 -0.30 -18.98
C GLY C 84 -44.30 0.15 -19.83
N LEU C 85 -44.54 0.29 -21.13
CA LEU C 85 -43.48 0.73 -22.03
C LEU C 85 -43.18 2.19 -21.73
N PRO C 86 -41.93 2.63 -21.94
CA PRO C 86 -41.51 4.01 -21.70
C PRO C 86 -41.63 4.82 -22.99
N PRO C 87 -41.58 6.15 -22.90
CA PRO C 87 -41.69 6.99 -24.10
C PRO C 87 -40.77 6.56 -25.23
N GLN C 88 -40.90 7.23 -26.37
CA GLN C 88 -40.09 6.97 -27.57
C GLN C 88 -38.63 7.41 -27.31
N ASP C 89 -37.68 6.61 -27.79
CA ASP C 89 -36.25 6.89 -27.65
C ASP C 89 -35.69 6.90 -26.20
N ILE C 90 -36.39 6.26 -25.27
CA ILE C 90 -35.95 6.22 -23.88
C ILE C 90 -35.38 4.84 -23.47
N GLU C 91 -34.09 4.81 -23.12
CA GLU C 91 -33.48 3.55 -22.70
C GLU C 91 -33.87 3.30 -21.24
N ARG C 92 -33.92 2.03 -20.83
CA ARG C 92 -34.33 1.69 -19.48
C ARG C 92 -33.45 0.60 -18.85
N LEU C 93 -33.23 0.72 -17.54
CA LEU C 93 -32.43 -0.25 -16.78
C LEU C 93 -33.17 -0.55 -15.49
N ILE C 94 -33.32 -1.84 -15.18
CA ILE C 94 -34.00 -2.22 -13.96
C ILE C 94 -33.09 -3.16 -13.19
N PHE C 95 -33.03 -2.97 -11.88
CA PHE C 95 -32.22 -3.79 -10.98
C PHE C 95 -33.18 -4.25 -9.89
N VAL C 96 -33.19 -5.55 -9.60
CA VAL C 96 -34.10 -6.09 -8.59
C VAL C 96 -33.48 -6.10 -7.19
N VAL C 97 -34.09 -5.34 -6.29
CA VAL C 97 -33.59 -5.22 -4.92
C VAL C 97 -34.29 -6.21 -3.97
N GLU C 98 -35.57 -6.47 -4.24
CA GLU C 98 -36.36 -7.39 -3.43
C GLU C 98 -37.31 -8.11 -4.35
N GLY C 99 -37.57 -9.39 -4.05
CA GLY C 99 -38.50 -10.16 -4.84
C GLY C 99 -38.09 -10.88 -6.11
N ALA C 100 -39.00 -10.89 -7.07
CA ALA C 100 -38.80 -11.55 -8.35
C ALA C 100 -39.78 -11.05 -9.40
N VAL C 101 -39.36 -11.09 -10.67
CA VAL C 101 -40.17 -10.62 -11.78
C VAL C 101 -39.63 -11.26 -13.06
N THR C 102 -40.53 -11.62 -13.97
CA THR C 102 -40.08 -12.23 -15.22
C THR C 102 -40.02 -11.19 -16.32
N LEU C 103 -38.96 -11.24 -17.10
CA LEU C 103 -38.76 -10.33 -18.23
C LEU C 103 -38.98 -11.13 -19.52
N THR C 104 -39.94 -10.70 -20.33
CA THR C 104 -40.22 -11.35 -21.59
C THR C 104 -40.15 -10.28 -22.66
N ASN C 105 -40.35 -10.64 -23.93
CA ASN C 105 -40.28 -9.67 -25.01
C ASN C 105 -41.18 -10.03 -26.19
N SER C 108 -36.84 -13.71 -27.93
CA SER C 108 -35.51 -14.10 -27.44
C SER C 108 -35.61 -14.72 -26.04
N SER C 109 -36.62 -15.58 -25.86
CA SER C 109 -36.86 -16.27 -24.58
C SER C 109 -37.26 -15.29 -23.46
N SER C 110 -37.69 -15.85 -22.33
CA SER C 110 -38.10 -15.06 -21.18
C SER C 110 -37.26 -15.53 -20.00
N LYS C 111 -36.74 -14.59 -19.20
CA LYS C 111 -35.91 -14.92 -18.05
C LYS C 111 -36.53 -14.48 -16.72
N LYS C 112 -36.41 -15.35 -15.71
CA LYS C 112 -36.93 -15.08 -14.37
C LYS C 112 -35.88 -14.27 -13.57
N LEU C 113 -36.18 -13.00 -13.31
CA LEU C 113 -35.25 -12.13 -12.59
C LEU C 113 -35.45 -12.19 -11.09
N THR C 114 -34.35 -12.02 -10.37
CA THR C 114 -34.38 -12.07 -8.91
C THR C 114 -33.47 -10.99 -8.30
N VAL C 115 -33.35 -10.97 -6.97
CA VAL C 115 -32.50 -9.98 -6.34
C VAL C 115 -31.09 -10.08 -6.94
N ASP C 116 -30.58 -8.93 -7.40
CA ASP C 116 -29.26 -8.79 -8.03
C ASP C 116 -29.28 -8.97 -9.53
N SER C 117 -30.42 -9.33 -10.07
CA SER C 117 -30.53 -9.51 -11.51
C SER C 117 -30.90 -8.16 -12.13
N TYR C 118 -30.38 -7.91 -13.33
CA TYR C 118 -30.68 -6.65 -13.99
C TYR C 118 -30.86 -6.86 -15.47
N ALA C 119 -31.64 -5.97 -16.06
CA ALA C 119 -31.90 -6.00 -17.48
C ALA C 119 -31.82 -4.58 -17.98
N TYR C 120 -31.25 -4.41 -19.16
CA TYR C 120 -31.14 -3.11 -19.80
C TYR C 120 -31.89 -3.27 -21.10
N LEU C 121 -32.79 -2.32 -21.39
CA LEU C 121 -33.59 -2.40 -22.59
C LEU C 121 -33.19 -1.21 -23.44
N PRO C 122 -32.76 -1.46 -24.68
CA PRO C 122 -32.37 -0.33 -25.51
C PRO C 122 -33.57 0.50 -25.89
N PRO C 123 -33.34 1.74 -26.34
CA PRO C 123 -34.46 2.60 -26.73
C PRO C 123 -35.36 1.94 -27.75
N ASN C 124 -36.66 2.07 -27.53
CA ASN C 124 -37.67 1.50 -28.42
C ASN C 124 -37.60 -0.03 -28.51
N PHE C 125 -37.13 -0.65 -27.42
CA PHE C 125 -37.01 -2.11 -27.36
C PHE C 125 -38.20 -2.68 -26.62
N HIS C 126 -39.11 -3.30 -27.35
CA HIS C 126 -40.27 -3.89 -26.74
C HIS C 126 -39.90 -4.91 -25.67
N HIS C 127 -40.57 -4.82 -24.53
CA HIS C 127 -40.33 -5.75 -23.43
C HIS C 127 -41.51 -5.68 -22.47
N SER C 128 -41.48 -6.54 -21.46
CA SER C 128 -42.53 -6.56 -20.47
C SER C 128 -42.06 -7.23 -19.21
N LEU C 129 -42.23 -6.53 -18.11
CA LEU C 129 -41.86 -7.05 -16.81
C LEU C 129 -43.17 -7.47 -16.18
N ASP C 130 -43.23 -8.73 -15.75
CA ASP C 130 -44.44 -9.29 -15.16
C ASP C 130 -44.12 -9.97 -13.85
N CYS C 131 -44.67 -9.39 -12.80
CA CYS C 131 -44.48 -9.85 -11.44
C CYS C 131 -45.77 -10.51 -10.94
N VAL C 132 -45.62 -11.64 -10.26
CA VAL C 132 -46.77 -12.38 -9.72
C VAL C 132 -47.00 -12.11 -8.26
N GLU C 133 -45.92 -11.94 -7.50
CA GLU C 133 -46.06 -11.62 -6.09
C GLU C 133 -45.59 -10.20 -5.81
N SER C 134 -44.39 -10.07 -5.27
CA SER C 134 -43.84 -8.76 -4.94
C SER C 134 -42.46 -8.62 -5.53
N ALA C 135 -42.04 -7.37 -5.72
CA ALA C 135 -40.73 -7.09 -6.26
C ALA C 135 -40.48 -5.60 -6.14
N THR C 136 -39.31 -5.22 -5.64
CA THR C 136 -38.95 -3.81 -5.55
C THR C 136 -37.89 -3.61 -6.64
N LEU C 137 -38.10 -2.57 -7.46
CA LEU C 137 -37.17 -2.29 -8.55
C LEU C 137 -36.59 -0.88 -8.58
N VAL C 138 -35.28 -0.78 -8.70
CA VAL C 138 -34.69 0.53 -8.82
C VAL C 138 -34.45 0.62 -10.34
N VAL C 139 -35.00 1.64 -10.97
CA VAL C 139 -34.86 1.81 -12.40
C VAL C 139 -34.37 3.21 -12.81
N PHE C 140 -33.69 3.25 -13.95
CA PHE C 140 -33.14 4.49 -14.51
C PHE C 140 -33.59 4.57 -15.96
N GLU C 141 -33.94 5.77 -16.41
CA GLU C 141 -34.34 5.94 -17.80
C GLU C 141 -33.71 7.24 -18.28
N ARG C 142 -33.38 7.30 -19.57
CA ARG C 142 -32.75 8.48 -20.13
C ARG C 142 -32.99 8.60 -21.62
N ARG C 143 -33.10 9.83 -22.11
CA ARG C 143 -33.29 10.04 -23.53
C ARG C 143 -31.92 9.74 -24.14
N TYR C 144 -31.80 8.52 -24.66
CA TYR C 144 -30.58 8.03 -25.26
C TYR C 144 -29.92 9.03 -26.19
N GLU C 145 -28.62 9.21 -26.01
CA GLU C 145 -27.89 10.11 -26.86
C GLU C 145 -27.29 9.27 -27.97
N TYR C 146 -27.99 9.24 -29.12
CA TYR C 146 -27.55 8.48 -30.29
C TYR C 146 -26.23 9.06 -30.75
N LEU C 147 -25.34 8.18 -31.16
CA LEU C 147 -24.02 8.57 -31.61
C LEU C 147 -23.76 7.80 -32.90
N GLY C 148 -23.74 8.52 -34.01
CA GLY C 148 -23.51 7.87 -35.29
C GLY C 148 -24.44 6.68 -35.47
N SER C 149 -23.89 5.58 -35.96
CA SER C 149 -24.68 4.38 -36.23
C SER C 149 -24.75 3.40 -35.06
N HIS C 150 -23.80 3.49 -34.13
CA HIS C 150 -23.77 2.58 -32.99
C HIS C 150 -25.12 2.43 -32.30
N THR C 151 -25.44 1.23 -31.85
CA THR C 151 -26.68 0.99 -31.12
C THR C 151 -26.44 -0.03 -30.01
N THR C 152 -27.07 0.18 -28.87
CA THR C 152 -26.94 -0.72 -27.74
C THR C 152 -27.87 -1.89 -27.95
N GLU C 153 -27.87 -2.83 -27.00
CA GLU C 153 -28.72 -4.01 -27.11
C GLU C 153 -29.08 -4.63 -25.76
N LEU C 154 -30.10 -5.49 -25.78
CA LEU C 154 -30.56 -6.17 -24.58
C LEU C 154 -29.39 -6.75 -23.75
N ILE C 155 -29.38 -6.43 -22.46
CA ILE C 155 -28.36 -6.91 -21.53
C ILE C 155 -29.07 -7.38 -20.25
N VAL C 156 -29.00 -8.67 -19.94
CA VAL C 156 -29.64 -9.23 -18.77
C VAL C 156 -28.59 -9.94 -17.91
N GLY C 157 -28.39 -9.50 -16.67
CA GLY C 157 -27.38 -10.14 -15.84
C GLY C 157 -27.60 -10.20 -14.34
N SER C 158 -26.50 -10.37 -13.62
CA SER C 158 -26.49 -10.46 -12.16
C SER C 158 -25.15 -9.98 -11.62
N THR C 159 -25.19 -8.98 -10.75
CA THR C 159 -24.01 -8.41 -10.13
C THR C 159 -22.87 -9.43 -9.95
N ASP C 160 -23.13 -10.45 -9.16
CA ASP C 160 -22.15 -11.51 -8.87
C ASP C 160 -21.44 -12.09 -10.11
N LYS C 161 -22.18 -12.27 -11.20
CA LYS C 161 -21.62 -12.82 -12.42
C LYS C 161 -20.64 -11.81 -13.03
N GLN C 162 -20.74 -10.56 -12.61
CA GLN C 162 -19.85 -9.52 -13.11
C GLN C 162 -18.50 -9.61 -12.41
N PRO C 163 -17.41 -9.41 -13.15
CA PRO C 163 -16.02 -9.46 -12.70
C PRO C 163 -15.52 -8.18 -12.01
N LEU C 164 -14.65 -8.35 -11.01
CA LEU C 164 -14.11 -7.19 -10.30
C LEU C 164 -13.13 -6.45 -11.19
N LEU C 165 -13.16 -5.12 -11.16
CA LEU C 165 -12.29 -4.34 -12.01
C LEU C 165 -11.22 -3.57 -11.25
N GLU C 166 -10.10 -3.33 -11.93
CA GLU C 166 -8.96 -2.62 -11.36
C GLU C 166 -9.31 -1.15 -11.31
N THR C 167 -9.16 -0.57 -10.13
CA THR C 167 -9.45 0.82 -9.98
C THR C 167 -8.19 1.46 -9.43
N PRO C 168 -7.29 1.86 -10.33
CA PRO C 168 -6.03 2.49 -9.94
C PRO C 168 -6.19 3.59 -8.91
N GLY C 169 -5.42 3.49 -7.84
CA GLY C 169 -5.47 4.49 -6.80
C GLY C 169 -6.63 4.39 -5.83
N GLU C 170 -7.40 3.29 -5.89
CA GLU C 170 -8.54 3.09 -5.00
C GLU C 170 -8.61 1.66 -4.46
N VAL C 171 -9.21 1.46 -3.29
CA VAL C 171 -9.29 0.12 -2.68
C VAL C 171 -10.66 -0.53 -2.70
N PHE C 172 -11.66 0.17 -3.20
CA PHE C 172 -13.00 -0.42 -3.22
C PHE C 172 -13.15 -1.42 -4.36
N GLU C 173 -14.00 -2.41 -4.14
CA GLU C 173 -14.25 -3.42 -5.15
C GLU C 173 -15.34 -2.96 -6.11
N LEU C 174 -14.94 -2.78 -7.37
CA LEU C 174 -15.83 -2.31 -8.43
C LEU C 174 -16.30 -3.34 -9.45
N ARG C 175 -17.51 -3.11 -9.96
CA ARG C 175 -18.16 -3.93 -10.98
C ARG C 175 -19.02 -2.98 -11.83
N LYS C 176 -19.27 -3.36 -13.08
CA LYS C 176 -20.09 -2.59 -14.00
C LYS C 176 -21.09 -3.56 -14.59
N LEU C 177 -22.37 -3.23 -14.50
CA LEU C 177 -23.42 -4.10 -14.99
C LEU C 177 -23.58 -4.14 -16.50
N LEU C 178 -23.27 -3.04 -17.17
CA LEU C 178 -23.41 -2.98 -18.61
C LEU C 178 -22.06 -2.98 -19.28
N PRO C 179 -22.02 -3.17 -20.61
CA PRO C 179 -20.75 -3.19 -21.37
C PRO C 179 -20.10 -1.81 -21.33
N MET C 180 -18.86 -1.68 -21.81
CA MET C 180 -18.16 -0.39 -21.84
C MET C 180 -18.01 0.18 -23.26
N SER C 181 -18.54 -0.53 -24.27
CA SER C 181 -18.41 -0.04 -25.64
C SER C 181 -19.20 1.23 -25.89
N VAL C 182 -18.66 2.04 -26.79
CA VAL C 182 -19.21 3.34 -27.14
C VAL C 182 -20.73 3.54 -27.22
N ALA C 183 -21.49 2.57 -27.73
CA ALA C 183 -22.95 2.75 -27.84
C ALA C 183 -23.65 3.21 -26.55
N TYR C 184 -23.28 2.61 -25.43
CA TYR C 184 -23.86 2.92 -24.13
C TYR C 184 -23.42 4.29 -23.64
N ASP C 185 -24.40 5.12 -23.28
CA ASP C 185 -24.11 6.47 -22.80
C ASP C 185 -24.04 6.56 -21.29
N PHE C 186 -24.16 5.41 -20.62
CA PHE C 186 -24.06 5.36 -19.18
C PHE C 186 -23.84 3.92 -18.73
N ASN C 187 -23.44 3.75 -17.48
CA ASN C 187 -23.19 2.44 -16.91
C ASN C 187 -23.62 2.48 -15.45
N ILE C 188 -23.88 1.32 -14.87
CA ILE C 188 -24.28 1.25 -13.48
C ILE C 188 -23.16 0.53 -12.75
N HIS C 189 -22.64 1.12 -11.67
CA HIS C 189 -21.55 0.48 -10.95
C HIS C 189 -21.97 -0.05 -9.59
N THR C 190 -21.23 -1.04 -9.11
CA THR C 190 -21.49 -1.59 -7.81
C THR C 190 -20.16 -1.40 -7.11
N MET C 191 -20.17 -0.55 -6.09
CA MET C 191 -18.97 -0.25 -5.36
C MET C 191 -19.01 -0.78 -3.94
N ASP C 192 -18.00 -1.57 -3.58
CA ASP C 192 -17.89 -2.17 -2.26
C ASP C 192 -16.74 -1.60 -1.47
N PHE C 193 -17.01 -1.22 -0.24
CA PHE C 193 -16.00 -0.68 0.64
C PHE C 193 -15.99 -1.49 1.93
N GLN C 194 -14.82 -1.87 2.43
CA GLN C 194 -14.76 -2.61 3.68
C GLN C 194 -14.68 -1.55 4.78
N PRO C 195 -15.13 -1.88 6.00
CA PRO C 195 -15.06 -0.87 7.06
C PRO C 195 -13.69 -0.17 7.13
N GLY C 196 -13.71 1.15 7.32
CA GLY C 196 -12.48 1.91 7.40
C GLY C 196 -11.96 2.44 6.09
N GLU C 197 -12.33 1.78 4.99
CA GLU C 197 -11.88 2.20 3.67
C GLU C 197 -12.64 3.40 3.17
N PHE C 198 -11.99 4.20 2.33
CA PHE C 198 -12.61 5.41 1.81
C PHE C 198 -11.98 5.79 0.50
N LEU C 199 -12.65 6.67 -0.24
CA LEU C 199 -12.14 7.14 -1.54
C LEU C 199 -10.90 7.98 -1.35
N ASN C 200 -9.89 7.76 -2.19
CA ASN C 200 -8.66 8.54 -2.10
C ASN C 200 -8.79 9.84 -2.86
N VAL C 201 -9.36 9.78 -4.05
CA VAL C 201 -9.53 10.98 -4.84
C VAL C 201 -10.81 11.70 -4.44
N LYS C 202 -10.71 13.00 -4.14
CA LYS C 202 -11.88 13.79 -3.80
C LYS C 202 -12.43 14.22 -5.15
N GLU C 203 -13.16 13.30 -5.78
CA GLU C 203 -13.72 13.51 -7.11
C GLU C 203 -14.49 14.78 -7.43
N VAL C 204 -14.13 15.36 -8.56
CA VAL C 204 -14.79 16.52 -9.13
C VAL C 204 -14.75 16.27 -10.64
N HIS C 205 -15.85 15.74 -11.17
CA HIS C 205 -15.96 15.45 -12.60
C HIS C 205 -17.28 15.94 -13.19
N TYR C 206 -17.37 15.99 -14.52
CA TYR C 206 -18.57 16.44 -15.19
C TYR C 206 -19.69 15.38 -15.07
N ASN C 207 -19.27 14.14 -14.88
CA ASN C 207 -20.19 13.01 -14.74
C ASN C 207 -21.20 13.27 -13.61
N GLN C 208 -22.45 12.89 -13.81
CA GLN C 208 -23.46 13.07 -12.78
C GLN C 208 -23.79 11.72 -12.17
N HIS C 209 -24.27 11.73 -10.94
CA HIS C 209 -24.59 10.49 -10.25
C HIS C 209 -25.96 10.37 -9.61
N GLY C 210 -26.31 9.11 -9.38
CA GLY C 210 -27.54 8.74 -8.72
C GLY C 210 -27.14 7.47 -7.98
N LEU C 211 -27.29 7.46 -6.67
CA LEU C 211 -26.90 6.24 -5.99
C LEU C 211 -27.86 5.80 -4.93
N LEU C 212 -27.79 4.51 -4.64
CA LEU C 212 -28.61 3.86 -3.64
C LEU C 212 -27.68 2.96 -2.85
N LEU C 213 -27.59 3.21 -1.55
CA LEU C 213 -26.74 2.41 -0.71
C LEU C 213 -27.49 1.11 -0.41
N LEU C 214 -26.99 -0.02 -0.90
CA LEU C 214 -27.64 -1.31 -0.68
C LEU C 214 -27.26 -1.96 0.65
N GLU C 215 -26.00 -1.89 1.04
CA GLU C 215 -25.55 -2.47 2.30
C GLU C 215 -24.58 -1.55 3.01
N GLY C 216 -24.53 -1.69 4.32
CA GLY C 216 -23.62 -0.91 5.16
C GLY C 216 -24.04 0.50 5.52
N GLN C 217 -23.07 1.27 5.99
CA GLN C 217 -23.32 2.64 6.38
C GLN C 217 -22.00 3.39 6.38
N GLY C 218 -22.07 4.72 6.47
CA GLY C 218 -20.85 5.52 6.50
C GLY C 218 -21.12 7.02 6.43
N ILE C 219 -20.12 7.79 6.01
CA ILE C 219 -20.26 9.23 5.87
C ILE C 219 -20.08 9.58 4.41
N TYR C 220 -20.95 10.42 3.87
CA TYR C 220 -20.77 10.82 2.49
C TYR C 220 -20.55 12.31 2.50
N ARG C 221 -19.51 12.76 1.83
CA ARG C 221 -19.24 14.19 1.76
C ARG C 221 -19.65 14.71 0.38
N LEU C 222 -20.37 15.83 0.39
CA LEU C 222 -20.85 16.47 -0.83
C LEU C 222 -20.62 17.95 -0.70
N GLY C 223 -19.60 18.46 -1.39
CA GLY C 223 -19.27 19.86 -1.30
C GLY C 223 -18.76 20.08 0.10
N ASP C 224 -19.36 21.01 0.83
CA ASP C 224 -18.95 21.28 2.21
C ASP C 224 -19.94 20.69 3.20
N ASN C 225 -20.63 19.64 2.77
CA ASN C 225 -21.61 18.98 3.60
C ASN C 225 -21.23 17.55 3.86
N TRP C 226 -21.44 17.10 5.09
CA TRP C 226 -21.12 15.73 5.47
C TRP C 226 -22.40 15.10 5.96
N TYR C 227 -22.75 13.95 5.41
CA TYR C 227 -23.98 13.28 5.80
C TYR C 227 -23.79 11.85 6.27
N PRO C 228 -24.37 11.51 7.42
CA PRO C 228 -24.26 10.13 7.91
C PRO C 228 -25.25 9.40 7.00
N VAL C 229 -24.94 8.18 6.60
CA VAL C 229 -25.83 7.42 5.73
C VAL C 229 -25.98 5.97 6.13
N GLN C 230 -27.10 5.38 5.70
CA GLN C 230 -27.43 3.98 6.00
C GLN C 230 -28.09 3.36 4.77
N ALA C 231 -28.11 2.04 4.72
CA ALA C 231 -28.71 1.32 3.59
C ALA C 231 -30.14 1.84 3.39
N GLY C 232 -30.48 2.16 2.15
CA GLY C 232 -31.80 2.68 1.86
C GLY C 232 -31.71 4.12 1.36
N ASP C 233 -30.75 4.87 1.89
CA ASP C 233 -30.53 6.26 1.49
C ASP C 233 -30.17 6.38 0.01
N VAL C 234 -30.55 7.50 -0.58
CA VAL C 234 -30.30 7.77 -2.00
C VAL C 234 -29.64 9.13 -2.18
N ILE C 235 -28.62 9.19 -3.04
CA ILE C 235 -27.90 10.45 -3.29
C ILE C 235 -27.98 10.90 -4.74
N TRP C 236 -28.17 12.19 -4.94
CA TRP C 236 -28.20 12.79 -6.25
C TRP C 236 -26.94 13.63 -6.26
N MET C 237 -26.06 13.37 -7.23
CA MET C 237 -24.82 14.11 -7.37
C MET C 237 -24.79 14.85 -8.72
N ALA C 238 -24.82 16.17 -8.67
CA ALA C 238 -24.80 16.97 -9.88
C ALA C 238 -23.40 17.09 -10.48
N PRO C 239 -23.31 17.31 -11.79
CA PRO C 239 -22.01 17.43 -12.41
C PRO C 239 -21.11 18.42 -11.66
N PHE C 240 -19.88 17.97 -11.38
CA PHE C 240 -18.86 18.77 -10.69
C PHE C 240 -19.03 19.01 -9.21
N VAL C 241 -19.70 18.11 -8.50
CA VAL C 241 -19.86 18.28 -7.07
C VAL C 241 -18.75 17.51 -6.35
N PRO C 242 -18.04 18.18 -5.44
CA PRO C 242 -16.97 17.49 -4.71
C PRO C 242 -17.60 16.32 -3.96
N GLN C 243 -17.12 15.11 -4.22
CA GLN C 243 -17.69 13.93 -3.58
C GLN C 243 -16.69 12.96 -2.97
N TRP C 244 -17.07 12.39 -1.83
CA TRP C 244 -16.24 11.47 -1.09
C TRP C 244 -17.09 10.58 -0.20
N TYR C 245 -16.62 9.35 0.05
CA TYR C 245 -17.32 8.39 0.90
C TYR C 245 -16.37 7.66 1.82
N ALA C 246 -16.89 7.17 2.95
CA ALA C 246 -16.12 6.40 3.91
C ALA C 246 -17.05 5.31 4.41
N ALA C 247 -16.57 4.09 4.48
CA ALA C 247 -17.39 2.98 4.96
C ALA C 247 -17.12 2.81 6.45
N LEU C 248 -18.16 2.52 7.21
CA LEU C 248 -18.05 2.35 8.65
C LEU C 248 -18.85 1.19 9.23
N GLY C 249 -18.45 0.72 10.41
CA GLY C 249 -19.15 -0.36 11.05
C GLY C 249 -18.52 -1.74 10.98
N LYS C 250 -19.34 -2.75 11.23
CA LYS C 250 -18.88 -4.13 11.19
C LYS C 250 -19.06 -4.69 9.79
N THR C 251 -20.15 -4.31 9.15
CA THR C 251 -20.49 -4.79 7.83
C THR C 251 -19.96 -3.89 6.74
N ARG C 252 -19.79 -4.46 5.56
CA ARG C 252 -19.27 -3.70 4.44
C ARG C 252 -20.32 -2.83 3.75
N SER C 253 -19.84 -1.86 2.98
CA SER C 253 -20.70 -0.95 2.25
C SER C 253 -20.75 -1.31 0.79
N ARG C 254 -21.93 -1.17 0.23
CA ARG C 254 -22.16 -1.47 -1.16
C ARG C 254 -23.19 -0.49 -1.69
N TYR C 255 -22.82 0.32 -2.67
CA TYR C 255 -23.81 1.25 -3.22
C TYR C 255 -23.97 1.10 -4.73
N LEU C 256 -25.18 1.34 -5.20
CA LEU C 256 -25.49 1.25 -6.63
C LEU C 256 -25.28 2.64 -7.20
N LEU C 257 -24.56 2.72 -8.31
CA LEU C 257 -24.27 4.02 -8.87
C LEU C 257 -24.47 4.14 -10.37
N TYR C 258 -25.11 5.23 -10.75
CA TYR C 258 -25.34 5.56 -12.15
C TYR C 258 -24.23 6.50 -12.58
N LYS C 259 -23.75 6.36 -13.81
CA LYS C 259 -22.71 7.25 -14.32
C LYS C 259 -22.80 7.41 -15.84
N ASP C 260 -22.86 8.65 -16.31
CA ASP C 260 -22.93 8.92 -17.74
C ASP C 260 -21.53 8.78 -18.32
N VAL C 261 -21.44 8.13 -19.49
CA VAL C 261 -20.16 7.90 -20.12
C VAL C 261 -20.27 7.93 -21.63
N ASN C 262 -19.12 7.86 -22.27
CA ASN C 262 -18.98 7.82 -23.72
C ASN C 262 -19.61 8.92 -24.56
N ARG C 263 -19.67 10.13 -24.03
CA ARG C 263 -20.26 11.24 -24.78
C ARG C 263 -19.47 12.51 -24.53
N ASN C 264 -19.04 13.14 -25.63
CA ASN C 264 -18.27 14.36 -25.55
C ASN C 264 -19.05 15.35 -24.70
N PRO C 265 -18.50 15.75 -23.54
CA PRO C 265 -19.09 16.68 -22.59
C PRO C 265 -19.40 18.06 -23.15
N LEU C 266 -18.67 18.46 -24.18
CA LEU C 266 -18.87 19.77 -24.79
C LEU C 266 -20.20 19.74 -25.50
N PRO D 7 8.20 3.14 14.58
CA PRO D 7 8.44 3.70 15.94
C PRO D 7 7.11 4.14 16.53
N ILE D 8 7.04 4.11 17.86
CA ILE D 8 5.82 4.48 18.56
C ILE D 8 5.59 5.99 18.48
N TYR D 9 4.41 6.39 18.01
CA TYR D 9 4.03 7.79 17.88
C TYR D 9 4.87 8.60 16.88
N TRP D 10 5.50 7.90 15.94
CA TRP D 10 6.34 8.57 14.96
C TRP D 10 5.61 9.64 14.13
N LYS D 11 4.39 9.34 13.68
CA LYS D 11 3.62 10.29 12.89
C LYS D 11 3.10 11.42 13.77
N ALA D 12 2.96 11.15 15.07
CA ALA D 12 2.52 12.17 15.99
C ALA D 12 3.52 13.31 15.93
N THR D 13 4.78 12.94 15.70
CA THR D 13 5.89 13.87 15.64
C THR D 13 6.28 14.24 14.21
N ASN D 14 5.84 13.39 13.27
CA ASN D 14 6.10 13.59 11.84
C ASN D 14 4.77 13.45 11.08
N PRO D 15 3.86 14.43 11.22
CA PRO D 15 2.57 14.35 10.53
C PRO D 15 2.73 14.19 9.03
N THR D 16 1.88 13.34 8.45
CA THR D 16 1.85 13.05 7.03
C THR D 16 1.75 14.33 6.18
N LEU D 17 0.87 15.24 6.58
CA LEU D 17 0.72 16.54 5.92
C LEU D 17 1.44 17.48 6.87
N SER D 18 2.65 17.88 6.49
CA SER D 18 3.49 18.75 7.30
C SER D 18 3.42 20.21 6.90
N PRO D 19 3.87 21.10 7.78
CA PRO D 19 3.86 22.54 7.52
C PRO D 19 4.60 22.95 6.25
N SER D 20 5.82 22.46 6.06
CA SER D 20 6.60 22.82 4.88
C SER D 20 5.79 22.58 3.62
N HIS D 21 4.93 21.56 3.66
CA HIS D 21 4.09 21.20 2.54
C HIS D 21 3.19 22.35 2.08
N LEU D 22 2.90 23.26 3.01
CA LEU D 22 2.03 24.39 2.75
C LEU D 22 2.76 25.71 2.44
N GLN D 23 4.08 25.66 2.32
CA GLN D 23 4.85 26.88 2.04
C GLN D 23 4.33 27.64 0.83
N ASP D 24 3.70 26.95 -0.10
CA ASP D 24 3.14 27.63 -1.26
C ASP D 24 1.62 27.82 -1.18
N LEU D 25 1.14 28.20 -0.01
CA LEU D 25 -0.30 28.43 0.22
C LEU D 25 -0.45 29.42 1.38
N PRO D 26 -0.26 30.70 1.08
CA PRO D 26 -0.32 31.86 1.96
C PRO D 26 -1.57 31.95 2.80
N GLY D 27 -1.40 31.86 4.12
CA GLY D 27 -2.53 31.95 5.03
C GLY D 27 -3.26 30.65 5.27
N PHE D 28 -3.07 29.68 4.39
CA PHE D 28 -3.74 28.40 4.55
C PHE D 28 -3.41 27.73 5.86
N THR D 29 -4.41 27.08 6.44
CA THR D 29 -4.27 26.38 7.70
C THR D 29 -5.47 25.46 7.88
N ARG D 30 -5.31 24.42 8.68
CA ARG D 30 -6.42 23.53 8.92
C ARG D 30 -7.02 23.89 10.27
N SER D 31 -6.31 24.73 11.02
CA SER D 31 -6.74 25.13 12.35
C SER D 31 -8.01 25.97 12.46
N VAL D 32 -8.84 25.65 13.44
CA VAL D 32 -10.09 26.35 13.66
C VAL D 32 -10.32 26.57 15.15
N TYR D 33 -10.61 27.81 15.55
CA TYR D 33 -10.89 28.10 16.95
C TYR D 33 -12.34 28.60 17.04
N LYS D 34 -13.20 27.82 17.66
CA LYS D 34 -14.58 28.25 17.77
C LYS D 34 -15.05 28.33 19.20
N ARG D 35 -16.27 28.84 19.37
CA ARG D 35 -16.89 29.03 20.67
C ARG D 35 -16.79 27.87 21.67
N ASP D 36 -17.00 26.66 21.19
CA ASP D 36 -16.97 25.50 22.07
C ASP D 36 -15.95 24.42 21.72
N HIS D 37 -15.01 24.75 20.84
CA HIS D 37 -13.98 23.79 20.47
C HIS D 37 -12.90 24.41 19.59
N ALA D 38 -11.92 23.58 19.24
CA ALA D 38 -10.84 24.04 18.39
C ALA D 38 -10.02 22.89 17.84
N LEU D 39 -9.64 22.99 16.59
CA LEU D 39 -8.79 21.98 15.98
C LEU D 39 -7.50 22.75 15.78
N ILE D 40 -6.48 22.41 16.55
CA ILE D 40 -5.20 23.09 16.45
C ILE D 40 -4.24 22.18 15.70
N THR D 41 -3.73 22.64 14.57
CA THR D 41 -2.84 21.83 13.77
C THR D 41 -1.39 22.32 13.80
N PRO D 42 -0.43 21.46 13.41
CA PRO D 42 1.00 21.77 13.39
C PRO D 42 1.41 23.12 12.84
N GLU D 43 1.03 23.39 11.59
CA GLU D 43 1.39 24.65 10.95
C GLU D 43 0.92 25.87 11.72
N SER D 44 0.35 25.67 12.90
CA SER D 44 -0.13 26.77 13.73
C SER D 44 0.51 26.79 15.12
N HIS D 45 1.31 25.78 15.43
CA HIS D 45 1.99 25.71 16.73
C HIS D 45 2.88 26.92 16.95
N VAL D 46 2.75 27.57 18.10
CA VAL D 46 3.59 28.71 18.37
C VAL D 46 4.56 28.39 19.52
N TYR D 47 5.75 27.94 19.12
CA TYR D 47 6.81 27.59 20.06
C TYR D 47 7.63 28.78 20.51
N SER D 48 7.85 28.83 21.82
CA SER D 48 8.61 29.88 22.48
C SER D 48 9.21 29.25 23.73
N PRO D 49 10.42 29.68 24.14
CA PRO D 49 11.12 29.16 25.32
C PRO D 49 10.24 29.16 26.57
N LEU D 50 10.18 28.02 27.26
CA LEU D 50 9.37 27.90 28.48
C LEU D 50 10.02 28.56 29.70
N PRO D 51 9.40 29.62 30.23
CA PRO D 51 9.98 30.27 31.39
C PRO D 51 10.34 29.27 32.47
N ASP D 52 11.51 29.48 33.09
CA ASP D 52 11.99 28.61 34.17
C ASP D 52 12.47 27.25 33.69
N TRP D 53 12.55 27.05 32.38
CA TRP D 53 13.01 25.77 31.84
C TRP D 53 14.36 25.97 31.17
N THR D 54 15.09 24.89 30.94
CA THR D 54 16.40 25.02 30.32
C THR D 54 16.45 24.36 28.96
N ASN D 55 16.78 25.15 27.95
CA ASN D 55 16.87 24.64 26.59
C ASN D 55 15.63 23.80 26.27
N THR D 56 14.45 24.37 26.52
CA THR D 56 13.18 23.70 26.27
C THR D 56 12.21 24.64 25.56
N LEU D 57 11.79 24.27 24.36
CA LEU D 57 10.84 25.11 23.66
C LEU D 57 9.42 24.58 23.88
N GLY D 58 8.50 25.49 24.20
CA GLY D 58 7.12 25.09 24.43
C GLY D 58 6.09 25.84 23.63
N ALA D 59 5.00 25.14 23.31
CA ALA D 59 3.89 25.72 22.56
C ALA D 59 2.58 25.38 23.24
N TYR D 60 1.95 26.38 23.84
CA TYR D 60 0.68 26.23 24.52
C TYR D 60 -0.45 26.03 23.48
N LEU D 61 -1.33 25.06 23.71
CA LEU D 61 -2.42 24.79 22.77
C LEU D 61 -3.78 25.13 23.37
N ILE D 62 -3.88 25.01 24.69
CA ILE D 62 -5.12 25.31 25.39
C ILE D 62 -4.79 25.95 26.74
N THR D 63 -5.47 27.04 27.06
CA THR D 63 -5.30 27.71 28.35
C THR D 63 -6.69 28.21 28.74
N PRO D 64 -6.90 28.49 30.04
CA PRO D 64 -8.20 28.97 30.50
C PRO D 64 -8.78 30.11 29.67
N ALA D 65 -7.96 30.74 28.84
CA ALA D 65 -8.45 31.82 28.01
C ALA D 65 -9.60 31.27 27.16
N THR D 66 -9.60 29.96 26.95
CA THR D 66 -10.61 29.30 26.13
C THR D 66 -11.89 29.00 26.89
N GLY D 67 -11.80 29.08 28.21
CA GLY D 67 -12.95 28.78 29.04
C GLY D 67 -12.69 27.51 29.83
N SER D 68 -11.59 26.84 29.52
CA SER D 68 -11.20 25.62 30.21
C SER D 68 -10.62 25.95 31.59
N HIS D 69 -10.30 24.90 32.34
CA HIS D 69 -9.73 25.07 33.66
C HIS D 69 -8.36 24.40 33.71
N PHE D 70 -7.83 24.05 32.54
CA PHE D 70 -6.51 23.42 32.47
C PHE D 70 -5.67 24.02 31.36
N VAL D 71 -4.40 23.65 31.32
CA VAL D 71 -3.52 24.12 30.26
C VAL D 71 -2.95 22.90 29.58
N MET D 72 -2.65 23.02 28.29
CA MET D 72 -2.08 21.90 27.54
C MET D 72 -0.97 22.48 26.67
N TYR D 73 0.21 21.91 26.73
CA TYR D 73 1.29 22.43 25.92
C TYR D 73 2.33 21.37 25.61
N LEU D 74 3.07 21.60 24.52
CA LEU D 74 4.10 20.69 24.09
C LEU D 74 5.43 21.29 24.46
N ALA D 75 6.33 20.45 24.97
CA ALA D 75 7.65 20.90 25.36
C ALA D 75 8.69 20.13 24.58
N LYS D 76 9.45 20.83 23.74
CA LYS D 76 10.51 20.19 22.96
C LYS D 76 11.79 20.39 23.77
N MET D 77 12.17 19.39 24.56
CA MET D 77 13.39 19.49 25.36
C MET D 77 14.57 19.02 24.49
N LYS D 78 15.57 19.89 24.33
CA LYS D 78 16.78 19.55 23.56
C LYS D 78 17.91 19.17 24.56
N GLU D 79 19.16 19.09 24.11
CA GLU D 79 20.27 18.68 25.00
C GLU D 79 20.45 19.47 26.31
N MET D 80 20.78 18.72 27.36
CA MET D 80 20.99 19.28 28.70
C MET D 80 19.90 20.23 29.16
N SER D 81 18.65 19.83 28.89
CA SER D 81 17.47 20.61 29.25
C SER D 81 16.91 20.11 30.57
N SER D 82 16.12 20.96 31.23
CA SER D 82 15.47 20.58 32.49
C SER D 82 14.17 21.37 32.66
N SER D 83 13.26 20.85 33.47
CA SER D 83 11.97 21.49 33.72
C SER D 83 12.00 22.46 34.89
N GLY D 84 10.94 23.25 34.99
CA GLY D 84 10.82 24.22 36.07
C GLY D 84 9.58 23.93 36.90
N LEU D 85 9.63 24.19 38.20
CA LEU D 85 8.47 23.94 39.03
C LEU D 85 7.29 24.79 38.62
N PRO D 86 6.07 24.23 38.68
CA PRO D 86 4.86 24.96 38.32
C PRO D 86 4.48 25.86 39.51
N PRO D 87 3.55 26.81 39.29
CA PRO D 87 3.12 27.72 40.36
C PRO D 87 2.61 26.94 41.58
N GLN D 88 2.30 27.69 42.63
CA GLN D 88 1.78 27.10 43.85
C GLN D 88 0.39 26.51 43.61
N ASP D 89 0.16 25.35 44.20
CA ASP D 89 -1.11 24.66 44.07
C ASP D 89 -1.45 24.17 42.66
N ILE D 90 -0.51 24.28 41.74
CA ILE D 90 -0.76 23.83 40.39
C ILE D 90 -0.27 22.39 40.27
N GLU D 91 -1.12 21.50 39.76
CA GLU D 91 -0.74 20.11 39.57
C GLU D 91 -0.23 19.95 38.15
N ARG D 92 0.61 18.95 37.92
CA ARG D 92 1.20 18.71 36.60
C ARG D 92 1.22 17.24 36.19
N LEU D 93 1.23 17.01 34.88
CA LEU D 93 1.25 15.66 34.33
C LEU D 93 2.00 15.71 33.01
N ILE D 94 2.99 14.84 32.84
CA ILE D 94 3.73 14.82 31.58
C ILE D 94 3.68 13.45 30.92
N PHE D 95 3.56 13.47 29.60
CA PHE D 95 3.50 12.24 28.81
C PHE D 95 4.60 12.36 27.77
N VAL D 96 5.45 11.35 27.66
CA VAL D 96 6.55 11.36 26.70
C VAL D 96 6.14 10.83 25.34
N VAL D 97 6.15 11.74 24.36
CA VAL D 97 5.78 11.40 22.99
C VAL D 97 6.99 10.92 22.20
N GLU D 98 8.15 11.50 22.52
CA GLU D 98 9.42 11.21 21.85
C GLU D 98 10.60 11.56 22.76
N GLY D 99 11.64 10.72 22.72
CA GLY D 99 12.81 10.97 23.53
C GLY D 99 12.91 10.19 24.82
N ALA D 100 13.72 10.71 25.75
CA ALA D 100 13.94 10.11 27.05
C ALA D 100 14.19 11.22 28.06
N VAL D 101 13.70 11.03 29.27
CA VAL D 101 13.88 12.05 30.27
C VAL D 101 13.77 11.41 31.65
N THR D 102 14.69 11.78 32.53
CA THR D 102 14.71 11.23 33.88
C THR D 102 13.95 12.16 34.79
N LEU D 103 13.23 11.57 35.74
CA LEU D 103 12.43 12.30 36.73
C LEU D 103 12.99 12.02 38.12
N THR D 104 13.18 13.07 38.90
CA THR D 104 13.70 12.93 40.26
C THR D 104 12.85 13.71 41.23
N ASN D 105 13.17 13.59 42.52
CA ASN D 105 12.42 14.27 43.57
C ASN D 105 13.26 14.46 44.83
N SER D 108 13.14 10.17 46.26
CA SER D 108 12.72 8.77 46.17
C SER D 108 13.16 8.09 44.85
N SER D 109 14.41 7.61 44.85
CA SER D 109 15.01 6.91 43.70
C SER D 109 15.31 7.84 42.51
N SER D 110 14.80 7.49 41.32
CA SER D 110 15.02 8.26 40.10
C SER D 110 14.50 7.46 38.90
N LYS D 111 13.44 7.94 38.26
CA LYS D 111 12.87 7.19 37.14
C LYS D 111 13.22 7.69 35.74
N LYS D 112 13.54 6.76 34.86
CA LYS D 112 13.87 7.08 33.48
C LYS D 112 12.59 6.99 32.66
N LEU D 113 12.20 8.07 32.01
CA LEU D 113 10.98 8.04 31.22
C LEU D 113 11.27 8.03 29.73
N THR D 114 10.64 7.09 29.03
CA THR D 114 10.81 6.97 27.58
C THR D 114 9.45 7.19 26.89
N VAL D 115 9.35 6.82 25.62
CA VAL D 115 8.11 7.01 24.89
C VAL D 115 7.02 6.11 25.51
N ASP D 116 5.86 6.72 25.74
CA ASP D 116 4.69 6.07 26.33
C ASP D 116 4.75 6.09 27.84
N SER D 117 5.78 6.72 28.39
CA SER D 117 5.94 6.86 29.84
C SER D 117 5.23 8.15 30.24
N TYR D 118 4.80 8.22 31.49
CA TYR D 118 4.12 9.41 31.96
C TYR D 118 4.31 9.57 33.46
N ALA D 119 4.03 10.75 33.97
CA ALA D 119 4.17 10.98 35.39
C ALA D 119 3.24 12.09 35.87
N TYR D 120 2.49 11.80 36.92
CA TYR D 120 1.61 12.79 37.51
C TYR D 120 2.28 13.29 38.77
N LEU D 121 2.39 14.61 38.87
CA LEU D 121 3.02 15.25 40.00
C LEU D 121 1.97 16.03 40.75
N PRO D 122 1.77 15.71 42.04
CA PRO D 122 0.75 16.43 42.82
C PRO D 122 1.07 17.90 43.02
N PRO D 123 0.05 18.69 43.36
CA PRO D 123 0.25 20.12 43.59
C PRO D 123 1.27 20.34 44.71
N ASN D 124 2.20 21.27 44.48
CA ASN D 124 3.24 21.57 45.46
C ASN D 124 4.24 20.43 45.65
N PHE D 125 4.20 19.42 44.78
CA PHE D 125 5.14 18.30 44.85
C PHE D 125 6.41 18.69 44.11
N HIS D 126 7.53 18.57 44.81
CA HIS D 126 8.82 18.91 44.26
C HIS D 126 9.35 17.79 43.39
N HIS D 127 9.92 18.14 42.25
CA HIS D 127 10.45 17.15 41.31
C HIS D 127 11.18 17.89 40.20
N SER D 128 11.80 17.15 39.31
CA SER D 128 12.49 17.77 38.18
C SER D 128 12.63 16.83 37.01
N LEU D 129 12.40 17.35 35.82
CA LEU D 129 12.56 16.54 34.62
C LEU D 129 13.83 17.02 33.97
N ASP D 130 14.74 16.09 33.70
CA ASP D 130 16.04 16.46 33.13
C ASP D 130 16.33 15.65 31.89
N CYS D 131 16.58 16.36 30.79
CA CYS D 131 16.85 15.69 29.53
C CYS D 131 18.27 15.90 29.01
N VAL D 132 18.92 14.80 28.69
CA VAL D 132 20.29 14.82 28.17
C VAL D 132 20.27 15.13 26.67
N GLU D 133 19.69 14.22 25.90
CA GLU D 133 19.63 14.40 24.45
C GLU D 133 18.39 15.21 24.03
N SER D 134 17.23 14.56 23.94
CA SER D 134 16.03 15.29 23.55
C SER D 134 14.74 14.57 23.95
N ALA D 135 13.70 15.37 24.15
CA ALA D 135 12.41 14.81 24.52
C ALA D 135 11.31 15.74 24.10
N THR D 136 10.17 15.16 23.73
CA THR D 136 8.99 15.90 23.35
C THR D 136 7.96 15.58 24.45
N LEU D 137 7.50 16.60 25.15
CA LEU D 137 6.56 16.42 26.24
C LEU D 137 5.19 17.05 26.02
N VAL D 138 4.13 16.25 26.18
CA VAL D 138 2.79 16.80 26.08
C VAL D 138 2.39 16.87 27.55
N VAL D 139 2.20 18.07 28.06
CA VAL D 139 1.84 18.20 29.47
C VAL D 139 0.62 19.05 29.76
N PHE D 140 -0.10 18.61 30.79
CA PHE D 140 -1.31 19.23 31.28
C PHE D 140 -1.04 19.80 32.67
N GLU D 141 -1.57 20.98 32.95
CA GLU D 141 -1.40 21.62 34.26
C GLU D 141 -2.72 22.22 34.64
N ARG D 142 -2.98 22.28 35.95
CA ARG D 142 -4.24 22.80 36.44
C ARG D 142 -4.17 23.17 37.90
N ARG D 143 -5.02 24.11 38.30
CA ARG D 143 -5.08 24.50 39.69
C ARG D 143 -5.91 23.40 40.32
N TYR D 144 -5.27 22.64 41.20
CA TYR D 144 -5.89 21.52 41.90
C TYR D 144 -7.07 21.95 42.79
N GLU D 145 -8.16 21.20 42.71
CA GLU D 145 -9.33 21.53 43.50
C GLU D 145 -9.41 20.65 44.74
N TYR D 146 -8.92 21.19 45.85
CA TYR D 146 -8.90 20.47 47.10
C TYR D 146 -10.29 20.06 47.57
N LEU D 147 -10.44 18.76 47.80
CA LEU D 147 -11.71 18.20 48.26
C LEU D 147 -11.52 17.59 49.64
N GLY D 148 -11.78 18.39 50.68
CA GLY D 148 -11.61 17.89 52.03
C GLY D 148 -10.16 17.59 52.31
N SER D 149 -9.88 16.53 53.06
CA SER D 149 -8.49 16.21 53.40
C SER D 149 -7.86 15.22 52.42
N HIS D 150 -8.42 15.12 51.22
CA HIS D 150 -7.84 14.22 50.24
C HIS D 150 -6.69 14.95 49.57
N THR D 151 -5.70 14.18 49.16
CA THR D 151 -4.55 14.71 48.47
C THR D 151 -4.03 13.63 47.55
N THR D 152 -3.37 14.04 46.48
CA THR D 152 -2.84 13.10 45.51
C THR D 152 -1.39 12.76 45.87
N GLU D 153 -0.78 11.93 45.04
CA GLU D 153 0.61 11.53 45.25
C GLU D 153 1.24 11.19 43.91
N LEU D 154 2.57 11.22 43.89
CA LEU D 154 3.34 10.93 42.69
C LEU D 154 2.86 9.65 42.03
N ILE D 155 2.67 9.72 40.72
CA ILE D 155 2.23 8.57 39.96
C ILE D 155 3.17 8.47 38.76
N VAL D 156 3.67 7.26 38.51
CA VAL D 156 4.57 7.04 37.39
C VAL D 156 4.17 5.73 36.70
N GLY D 157 4.35 5.67 35.39
CA GLY D 157 4.01 4.46 34.66
C GLY D 157 4.08 4.62 33.16
N SER D 158 3.59 3.63 32.43
CA SER D 158 3.59 3.66 30.97
C SER D 158 2.36 2.94 30.41
N THR D 159 1.71 3.58 29.46
CA THR D 159 0.49 3.06 28.82
C THR D 159 0.41 1.55 28.66
N ASP D 160 1.42 0.96 28.06
CA ASP D 160 1.49 -0.48 27.82
C ASP D 160 1.37 -1.35 29.08
N LYS D 161 1.31 -0.72 30.26
CA LYS D 161 1.18 -1.46 31.49
C LYS D 161 -0.22 -1.38 32.10
N GLN D 162 -0.97 -0.36 31.70
CA GLN D 162 -2.32 -0.13 32.19
C GLN D 162 -3.29 -1.12 31.55
N PRO D 163 -4.11 -1.79 32.36
CA PRO D 163 -5.09 -2.79 31.88
C PRO D 163 -6.19 -2.22 30.98
N LEU D 164 -6.62 -3.04 30.02
CA LEU D 164 -7.67 -2.65 29.10
C LEU D 164 -8.97 -2.50 29.86
N LEU D 165 -9.64 -1.36 29.69
CA LEU D 165 -10.90 -1.13 30.36
C LEU D 165 -12.06 -1.32 29.40
N GLU D 166 -13.10 -1.97 29.89
CA GLU D 166 -14.31 -2.22 29.10
C GLU D 166 -15.24 -1.07 29.35
N THR D 167 -15.85 -0.55 28.29
CA THR D 167 -16.80 0.54 28.42
C THR D 167 -18.07 0.04 27.72
N PRO D 168 -19.19 0.00 28.46
CA PRO D 168 -20.48 -0.48 27.92
C PRO D 168 -21.02 0.26 26.70
N GLY D 169 -21.59 -0.52 25.78
CA GLY D 169 -22.15 0.04 24.56
C GLY D 169 -21.16 0.67 23.59
N GLU D 170 -19.87 0.57 23.88
CA GLU D 170 -18.83 1.14 23.02
C GLU D 170 -17.86 0.04 22.58
N VAL D 171 -17.13 0.26 21.49
CA VAL D 171 -16.19 -0.75 21.01
C VAL D 171 -14.70 -0.38 21.10
N PHE D 172 -14.39 0.84 21.50
CA PHE D 172 -13.00 1.27 21.60
C PHE D 172 -12.33 0.70 22.84
N GLU D 173 -11.03 0.44 22.75
CA GLU D 173 -10.26 -0.10 23.89
C GLU D 173 -9.77 1.08 24.70
N LEU D 174 -9.99 1.03 26.02
CA LEU D 174 -9.59 2.11 26.90
C LEU D 174 -8.56 1.78 27.97
N ARG D 175 -7.72 2.76 28.27
CA ARG D 175 -6.70 2.65 29.30
C ARG D 175 -6.65 3.99 30.04
N LYS D 176 -6.59 3.94 31.36
CA LYS D 176 -6.53 5.13 32.22
C LYS D 176 -5.20 5.21 32.95
N LEU D 177 -4.47 6.30 32.72
CA LEU D 177 -3.14 6.47 33.30
C LEU D 177 -3.07 6.67 34.82
N LEU D 178 -4.01 7.45 35.35
CA LEU D 178 -4.04 7.76 36.76
C LEU D 178 -5.09 6.96 37.49
N PRO D 179 -5.01 6.95 38.83
CA PRO D 179 -5.96 6.21 39.64
C PRO D 179 -7.34 6.84 39.45
N MET D 180 -8.40 6.05 39.62
CA MET D 180 -9.76 6.57 39.48
C MET D 180 -10.27 7.15 40.80
N SER D 181 -9.42 7.12 41.82
CA SER D 181 -9.71 7.63 43.15
C SER D 181 -10.29 9.05 43.16
N VAL D 182 -11.03 9.35 44.23
CA VAL D 182 -11.66 10.65 44.36
C VAL D 182 -10.67 11.81 44.50
N ALA D 183 -9.50 11.54 45.06
CA ALA D 183 -8.51 12.59 45.23
C ALA D 183 -8.05 13.27 43.92
N TYR D 184 -8.02 12.52 42.83
CA TYR D 184 -7.60 13.10 41.54
C TYR D 184 -8.80 13.79 40.90
N ASP D 185 -8.62 15.03 40.45
CA ASP D 185 -9.71 15.78 39.82
C ASP D 185 -9.74 15.69 38.27
N PHE D 186 -8.87 14.85 37.72
CA PHE D 186 -8.82 14.62 36.28
C PHE D 186 -8.09 13.30 36.03
N ASN D 187 -8.29 12.71 34.86
CA ASN D 187 -7.60 11.48 34.50
C ASN D 187 -7.22 11.63 33.02
N ILE D 188 -6.23 10.87 32.57
CA ILE D 188 -5.82 10.92 31.17
C ILE D 188 -6.20 9.59 30.56
N HIS D 189 -7.05 9.59 29.53
CA HIS D 189 -7.44 8.32 28.91
C HIS D 189 -6.69 8.08 27.63
N THR D 190 -6.57 6.81 27.30
CA THR D 190 -5.92 6.37 26.08
C THR D 190 -7.01 5.57 25.34
N MET D 191 -7.47 6.10 24.22
CA MET D 191 -8.51 5.44 23.46
C MET D 191 -8.07 4.96 22.07
N ASP D 192 -8.34 3.69 21.81
CA ASP D 192 -7.99 3.02 20.57
C ASP D 192 -9.22 2.60 19.78
N PHE D 193 -9.14 2.74 18.47
CA PHE D 193 -10.23 2.39 17.57
C PHE D 193 -9.68 1.66 16.37
N GLN D 194 -10.29 0.55 15.98
CA GLN D 194 -9.85 -0.15 14.79
C GLN D 194 -10.47 0.57 13.62
N PRO D 195 -9.81 0.53 12.46
CA PRO D 195 -10.37 1.21 11.29
C PRO D 195 -11.82 0.78 11.06
N GLY D 196 -12.74 1.74 11.08
CA GLY D 196 -14.14 1.43 10.86
C GLY D 196 -14.96 1.60 12.11
N GLU D 197 -14.30 1.62 13.27
CA GLU D 197 -14.99 1.75 14.54
C GLU D 197 -15.27 3.21 14.90
N PHE D 198 -16.33 3.43 15.66
CA PHE D 198 -16.73 4.78 16.04
C PHE D 198 -17.54 4.84 17.34
N LEU D 199 -17.72 6.04 17.85
CA LEU D 199 -18.48 6.21 19.08
C LEU D 199 -19.97 5.96 18.85
N ASN D 200 -20.55 5.09 19.66
CA ASN D 200 -21.97 4.80 19.50
C ASN D 200 -22.82 5.92 20.10
N VAL D 201 -22.33 6.51 21.18
CA VAL D 201 -23.04 7.62 21.81
C VAL D 201 -22.43 8.90 21.25
N LYS D 202 -23.27 9.88 20.97
CA LYS D 202 -22.82 11.17 20.47
C LYS D 202 -22.84 12.06 21.71
N GLU D 203 -21.78 11.94 22.50
CA GLU D 203 -21.66 12.66 23.75
C GLU D 203 -21.91 14.16 23.82
N VAL D 204 -22.53 14.54 24.93
CA VAL D 204 -22.83 15.92 25.29
C VAL D 204 -22.75 15.84 26.82
N HIS D 205 -21.62 16.24 27.39
CA HIS D 205 -21.41 16.17 28.85
C HIS D 205 -20.79 17.45 29.42
N TYR D 206 -20.85 17.60 30.75
CA TYR D 206 -20.29 18.80 31.38
C TYR D 206 -18.77 18.75 31.32
N ASN D 207 -18.24 17.54 31.21
CA ASN D 207 -16.81 17.30 31.15
C ASN D 207 -16.14 18.05 29.98
N GLN D 208 -14.95 18.60 30.22
CA GLN D 208 -14.23 19.28 29.14
C GLN D 208 -13.06 18.40 28.71
N HIS D 209 -12.63 18.55 27.46
CA HIS D 209 -11.56 17.72 26.94
C HIS D 209 -10.41 18.49 26.30
N GLY D 210 -9.30 17.76 26.19
CA GLY D 210 -8.08 18.23 25.57
C GLY D 210 -7.59 16.92 24.97
N LEU D 211 -7.39 16.86 23.65
CA LEU D 211 -6.95 15.59 23.08
C LEU D 211 -5.86 15.72 22.03
N LEU D 212 -5.07 14.65 21.92
CA LEU D 212 -3.96 14.53 20.96
C LEU D 212 -4.03 13.19 20.22
N LEU D 213 -4.04 13.24 18.90
CA LEU D 213 -4.10 12.02 18.11
C LEU D 213 -2.67 11.48 17.90
N LEU D 214 -2.33 10.39 18.59
CA LEU D 214 -0.99 9.80 18.51
C LEU D 214 -0.75 8.95 17.28
N GLU D 215 -1.78 8.24 16.84
CA GLU D 215 -1.66 7.42 15.64
C GLU D 215 -3.00 7.37 14.91
N GLY D 216 -2.94 7.03 13.62
CA GLY D 216 -4.16 6.90 12.84
C GLY D 216 -4.69 8.14 12.18
N GLN D 217 -5.95 8.05 11.76
CA GLN D 217 -6.64 9.15 11.07
C GLN D 217 -8.15 8.93 11.09
N GLY D 218 -8.94 9.96 10.83
CA GLY D 218 -10.38 9.78 10.84
C GLY D 218 -11.20 11.06 10.76
N ILE D 219 -12.47 10.95 11.10
CA ILE D 219 -13.37 12.09 11.06
C ILE D 219 -13.81 12.46 12.47
N TYR D 220 -13.56 13.69 12.87
CA TYR D 220 -13.99 14.13 14.19
C TYR D 220 -15.14 15.13 14.05
N ARG D 221 -16.25 14.86 14.74
CA ARG D 221 -17.39 15.76 14.70
C ARG D 221 -17.50 16.52 16.02
N LEU D 222 -17.62 17.84 15.91
CA LEU D 222 -17.75 18.72 17.06
C LEU D 222 -18.88 19.68 16.76
N GLY D 223 -19.99 19.52 17.47
CA GLY D 223 -21.13 20.37 17.22
C GLY D 223 -21.61 20.03 15.83
N ASP D 224 -21.75 21.02 14.97
CA ASP D 224 -22.20 20.75 13.61
C ASP D 224 -21.05 20.75 12.59
N ASN D 225 -19.82 20.60 13.09
CA ASN D 225 -18.62 20.63 12.24
C ASN D 225 -17.92 19.28 12.11
N TRP D 226 -17.47 18.96 10.91
CA TRP D 226 -16.78 17.69 10.66
C TRP D 226 -15.34 17.96 10.22
N TYR D 227 -14.37 17.36 10.90
CA TYR D 227 -12.97 17.59 10.57
C TYR D 227 -12.12 16.35 10.31
N PRO D 228 -11.45 16.30 9.16
CA PRO D 228 -10.60 15.13 8.91
C PRO D 228 -9.39 15.31 9.86
N VAL D 229 -8.93 14.25 10.51
CA VAL D 229 -7.78 14.39 11.40
C VAL D 229 -6.68 13.36 11.17
N GLN D 230 -5.44 13.80 11.39
CA GLN D 230 -4.28 12.94 11.23
C GLN D 230 -3.47 13.03 12.52
N ALA D 231 -2.66 12.03 12.80
CA ALA D 231 -1.87 12.03 14.02
C ALA D 231 -1.15 13.37 14.14
N GLY D 232 -1.02 13.88 15.35
CA GLY D 232 -0.36 15.16 15.55
C GLY D 232 -1.36 16.27 15.81
N ASP D 233 -2.59 16.07 15.36
CA ASP D 233 -3.63 17.09 15.55
C ASP D 233 -4.04 17.18 17.02
N VAL D 234 -4.45 18.37 17.43
CA VAL D 234 -4.87 18.59 18.80
C VAL D 234 -6.27 19.19 18.82
N ILE D 235 -7.09 18.73 19.75
CA ILE D 235 -8.45 19.23 19.84
C ILE D 235 -8.84 19.71 21.23
N TRP D 236 -9.62 20.77 21.26
CA TRP D 236 -10.12 21.33 22.50
C TRP D 236 -11.63 21.16 22.44
N MET D 237 -12.19 20.52 23.46
CA MET D 237 -13.62 20.30 23.54
C MET D 237 -14.15 20.96 24.82
N ALA D 238 -14.81 22.10 24.66
CA ALA D 238 -15.41 22.83 25.79
C ALA D 238 -16.59 22.05 26.35
N PRO D 239 -17.07 22.40 27.54
CA PRO D 239 -18.20 21.64 28.07
C PRO D 239 -19.43 21.66 27.15
N PHE D 240 -20.05 20.49 27.03
CA PHE D 240 -21.27 20.29 26.25
C PHE D 240 -21.20 20.36 24.73
N VAL D 241 -20.02 20.54 24.15
CA VAL D 241 -19.94 20.56 22.70
C VAL D 241 -20.17 19.14 22.22
N PRO D 242 -21.11 18.95 21.30
CA PRO D 242 -21.38 17.58 20.78
C PRO D 242 -20.12 17.01 20.12
N GLN D 243 -19.72 15.83 20.56
CA GLN D 243 -18.50 15.21 20.05
C GLN D 243 -18.66 13.77 19.60
N TRP D 244 -18.01 13.45 18.48
CA TRP D 244 -18.05 12.12 17.91
C TRP D 244 -16.76 11.89 17.15
N TYR D 245 -16.43 10.61 16.93
CA TYR D 245 -15.24 10.23 16.20
C TYR D 245 -15.40 8.90 15.48
N ALA D 246 -14.69 8.77 14.35
CA ALA D 246 -14.70 7.56 13.55
C ALA D 246 -13.29 7.33 13.06
N ALA D 247 -12.80 6.12 13.23
CA ALA D 247 -11.46 5.78 12.79
C ALA D 247 -11.49 5.25 11.36
N LEU D 248 -10.58 5.74 10.53
CA LEU D 248 -10.50 5.32 9.14
C LEU D 248 -9.09 4.86 8.75
N GLY D 249 -8.97 4.29 7.56
CA GLY D 249 -7.68 3.83 7.07
C GLY D 249 -7.26 2.37 7.22
N LYS D 250 -5.96 2.15 7.10
CA LYS D 250 -5.39 0.81 7.22
C LYS D 250 -4.91 0.54 8.63
N THR D 251 -4.41 1.58 9.30
CA THR D 251 -3.94 1.44 10.66
C THR D 251 -4.97 1.95 11.65
N ARG D 252 -4.76 1.65 12.92
CA ARG D 252 -5.68 2.04 13.98
C ARG D 252 -5.52 3.48 14.43
N SER D 253 -6.49 3.95 15.20
CA SER D 253 -6.41 5.28 15.75
C SER D 253 -6.14 5.17 17.23
N ARG D 254 -5.36 6.10 17.75
CA ARG D 254 -5.04 6.16 19.16
C ARG D 254 -4.91 7.61 19.58
N TYR D 255 -5.63 8.01 20.62
CA TYR D 255 -5.51 9.37 21.09
C TYR D 255 -5.50 9.52 22.61
N LEU D 256 -4.66 10.45 23.08
CA LEU D 256 -4.51 10.74 24.51
C LEU D 256 -5.58 11.79 24.79
N LEU D 257 -6.26 11.67 25.93
CA LEU D 257 -7.36 12.58 26.26
C LEU D 257 -7.53 12.90 27.74
N TYR D 258 -7.52 14.20 28.05
CA TYR D 258 -7.73 14.69 29.40
C TYR D 258 -9.22 14.73 29.64
N LYS D 259 -9.63 14.45 30.89
CA LYS D 259 -11.04 14.47 31.26
C LYS D 259 -11.15 14.78 32.73
N ASP D 260 -11.82 15.89 33.06
CA ASP D 260 -12.02 16.31 34.45
C ASP D 260 -12.96 15.36 35.21
N VAL D 261 -12.65 15.04 36.45
CA VAL D 261 -13.47 14.11 37.22
C VAL D 261 -13.59 14.36 38.72
N ASN D 262 -14.41 13.53 39.36
CA ASN D 262 -14.63 13.53 40.80
C ASN D 262 -14.92 14.84 41.54
N ARG D 263 -15.49 15.82 40.87
CA ARG D 263 -15.80 17.09 41.51
C ARG D 263 -17.20 17.51 41.11
N ASN D 264 -17.99 17.94 42.11
CA ASN D 264 -19.34 18.34 41.81
C ASN D 264 -19.32 19.49 40.81
N PRO D 265 -20.02 19.31 39.68
CA PRO D 265 -20.10 20.30 38.62
C PRO D 265 -20.89 21.53 39.02
N LEU D 266 -21.61 21.43 40.13
CA LEU D 266 -22.40 22.58 40.56
C LEU D 266 -21.45 23.69 40.97
N PRO E 7 12.19 7.23 10.03
CA PRO E 7 13.46 7.08 10.80
C PRO E 7 14.51 6.46 9.86
N ILE E 8 15.57 7.21 9.58
CA ILE E 8 16.61 6.75 8.68
C ILE E 8 17.22 5.41 9.07
N TYR E 9 17.06 4.40 8.23
CA TYR E 9 17.62 3.06 8.49
C TYR E 9 16.80 2.26 9.52
N TRP E 10 15.53 2.61 9.69
CA TRP E 10 14.70 1.94 10.65
C TRP E 10 14.55 0.44 10.43
N LYS E 11 14.47 0.03 9.17
CA LYS E 11 14.34 -1.37 8.85
C LYS E 11 15.66 -2.11 8.98
N ALA E 12 16.76 -1.36 9.06
CA ALA E 12 18.06 -1.99 9.22
C ALA E 12 18.08 -2.57 10.62
N THR E 13 17.67 -1.75 11.57
CA THR E 13 17.62 -2.17 12.97
C THR E 13 16.34 -2.97 13.25
N ASN E 14 15.37 -2.86 12.36
CA ASN E 14 14.11 -3.58 12.51
C ASN E 14 13.72 -4.26 11.19
N PRO E 15 14.37 -5.40 10.89
CA PRO E 15 14.09 -6.13 9.65
C PRO E 15 12.64 -6.59 9.58
N THR E 16 12.05 -6.48 8.40
CA THR E 16 10.66 -6.85 8.20
C THR E 16 10.44 -8.28 8.62
N LEU E 17 11.41 -9.13 8.33
CA LEU E 17 11.35 -10.51 8.74
C LEU E 17 12.29 -10.60 9.94
N SER E 18 11.68 -10.51 11.12
CA SER E 18 12.40 -10.55 12.38
C SER E 18 12.61 -12.00 12.82
N PRO E 19 13.65 -12.25 13.64
CA PRO E 19 13.98 -13.58 14.16
C PRO E 19 12.86 -14.25 14.96
N SER E 20 12.07 -13.46 15.69
CA SER E 20 10.97 -14.03 16.45
C SER E 20 9.94 -14.69 15.52
N HIS E 21 9.88 -14.22 14.29
CA HIS E 21 8.97 -14.76 13.29
C HIS E 21 9.34 -16.22 12.98
N LEU E 22 10.49 -16.66 13.47
CA LEU E 22 10.93 -18.01 13.19
C LEU E 22 11.06 -18.88 14.43
N GLN E 23 10.45 -18.47 15.54
CA GLN E 23 10.57 -19.29 16.76
C GLN E 23 9.82 -20.62 16.62
N ASP E 24 8.96 -20.74 15.61
CA ASP E 24 8.22 -21.98 15.37
C ASP E 24 8.69 -22.74 14.12
N LEU E 25 9.95 -22.53 13.74
CA LEU E 25 10.61 -23.19 12.59
C LEU E 25 12.04 -23.50 13.05
N PRO E 26 12.20 -24.60 13.80
CA PRO E 26 13.47 -25.09 14.37
C PRO E 26 14.57 -25.37 13.34
N GLY E 27 15.70 -24.71 13.49
CA GLY E 27 16.80 -24.93 12.56
C GLY E 27 16.83 -24.17 11.25
N PHE E 28 15.72 -23.52 10.92
CA PHE E 28 15.61 -22.75 9.70
C PHE E 28 16.39 -21.43 9.77
N THR E 29 17.10 -21.11 8.71
CA THR E 29 17.83 -19.85 8.66
C THR E 29 17.97 -19.41 7.22
N ARG E 30 18.26 -18.13 7.01
CA ARG E 30 18.44 -17.61 5.67
C ARG E 30 19.94 -17.45 5.44
N SER E 31 20.71 -17.69 6.49
CA SER E 31 22.16 -17.53 6.40
C SER E 31 22.91 -18.66 5.71
N VAL E 32 23.89 -18.28 4.91
CA VAL E 32 24.69 -19.22 4.18
C VAL E 32 26.14 -18.77 4.20
N TYR E 33 27.05 -19.72 4.21
CA TYR E 33 28.47 -19.40 4.21
C TYR E 33 29.11 -20.33 3.20
N LYS E 34 29.43 -19.78 2.03
CA LYS E 34 30.06 -20.56 0.99
C LYS E 34 31.54 -20.22 0.83
N ARG E 35 32.19 -20.91 -0.10
CA ARG E 35 33.61 -20.77 -0.39
C ARG E 35 34.06 -19.34 -0.68
N ASP E 36 33.25 -18.59 -1.42
CA ASP E 36 33.60 -17.22 -1.78
C ASP E 36 32.59 -16.13 -1.38
N HIS E 37 31.60 -16.46 -0.58
CA HIS E 37 30.64 -15.45 -0.15
C HIS E 37 29.76 -15.92 0.97
N ALA E 38 29.10 -14.96 1.61
CA ALA E 38 28.22 -15.27 2.69
C ALA E 38 27.03 -14.32 2.78
N LEU E 39 25.91 -14.86 3.23
CA LEU E 39 24.72 -14.07 3.43
C LEU E 39 24.36 -14.26 4.90
N ILE E 40 24.85 -13.35 5.74
CA ILE E 40 24.61 -13.37 7.17
C ILE E 40 23.30 -12.62 7.45
N THR E 41 22.34 -13.30 8.07
CA THR E 41 21.07 -12.64 8.36
C THR E 41 20.89 -12.47 9.87
N PRO E 42 19.98 -11.56 10.28
CA PRO E 42 19.69 -11.26 11.70
C PRO E 42 19.55 -12.43 12.67
N GLU E 43 18.72 -13.42 12.32
CA GLU E 43 18.55 -14.56 13.21
C GLU E 43 19.83 -15.39 13.39
N SER E 44 20.96 -14.84 12.95
CA SER E 44 22.25 -15.54 13.07
C SER E 44 23.32 -14.72 13.78
N HIS E 45 22.98 -13.50 14.15
CA HIS E 45 23.94 -12.67 14.85
C HIS E 45 24.27 -13.27 16.21
N VAL E 46 25.56 -13.33 16.54
CA VAL E 46 26.03 -13.84 17.82
C VAL E 46 26.62 -12.64 18.56
N TYR E 47 25.93 -12.22 19.61
CA TYR E 47 26.36 -11.08 20.42
C TYR E 47 27.00 -11.46 21.73
N SER E 48 28.24 -11.00 21.93
CA SER E 48 28.98 -11.27 23.16
C SER E 48 29.60 -9.94 23.60
N PRO E 49 29.80 -9.76 24.92
CA PRO E 49 30.40 -8.51 25.40
C PRO E 49 31.65 -8.15 24.62
N LEU E 50 31.67 -6.92 24.10
CA LEU E 50 32.81 -6.47 23.31
C LEU E 50 34.03 -6.24 24.24
N PRO E 51 35.09 -7.04 24.08
CA PRO E 51 36.29 -6.90 24.92
C PRO E 51 36.88 -5.48 24.97
N ASP E 52 37.07 -4.97 26.19
CA ASP E 52 37.62 -3.63 26.43
C ASP E 52 36.60 -2.52 26.24
N TRP E 53 35.38 -2.89 25.90
CA TRP E 53 34.33 -1.91 25.71
C TRP E 53 33.49 -1.91 26.98
N THR E 54 32.69 -0.86 27.16
CA THR E 54 31.84 -0.76 28.32
C THR E 54 30.38 -0.86 27.95
N ASN E 55 29.72 -1.85 28.54
CA ASN E 55 28.30 -2.09 28.29
C ASN E 55 27.99 -1.98 26.81
N THR E 56 28.79 -2.67 26.01
CA THR E 56 28.57 -2.71 24.57
C THR E 56 28.74 -4.12 24.02
N LEU E 57 27.66 -4.67 23.48
CA LEU E 57 27.66 -6.01 22.90
C LEU E 57 28.14 -5.88 21.45
N GLY E 58 28.70 -6.97 20.91
CA GLY E 58 29.20 -6.95 19.56
C GLY E 58 28.98 -8.24 18.81
N ALA E 59 28.85 -8.13 17.49
CA ALA E 59 28.63 -9.30 16.65
C ALA E 59 29.47 -9.23 15.38
N TYR E 60 30.52 -10.04 15.34
CA TYR E 60 31.42 -10.10 14.20
C TYR E 60 30.75 -10.86 13.04
N LEU E 61 30.47 -10.16 11.96
CA LEU E 61 29.85 -10.77 10.79
C LEU E 61 30.89 -11.39 9.88
N ILE E 62 31.97 -10.66 9.67
CA ILE E 62 33.09 -11.10 8.84
C ILE E 62 34.43 -10.86 9.58
N THR E 63 35.30 -11.87 9.60
CA THR E 63 36.64 -11.76 10.20
C THR E 63 37.59 -12.42 9.21
N PRO E 64 38.90 -12.23 9.40
CA PRO E 64 39.91 -12.81 8.50
C PRO E 64 39.89 -14.33 8.39
N ALA E 65 39.11 -14.99 9.23
CA ALA E 65 39.04 -16.45 9.19
C ALA E 65 38.34 -16.90 7.90
N THR E 66 37.64 -15.98 7.25
CA THR E 66 36.93 -16.27 6.02
C THR E 66 37.83 -16.07 4.81
N GLY E 67 38.96 -15.39 5.03
CA GLY E 67 39.88 -15.10 3.96
C GLY E 67 39.88 -13.60 3.63
N SER E 68 39.15 -12.84 4.44
CA SER E 68 39.09 -11.41 4.27
C SER E 68 40.28 -10.88 5.03
N HIS E 69 40.67 -9.65 4.77
CA HIS E 69 41.78 -9.05 5.48
C HIS E 69 41.24 -8.00 6.46
N PHE E 70 39.92 -7.96 6.59
CA PHE E 70 39.25 -7.03 7.48
C PHE E 70 38.22 -7.70 8.37
N VAL E 71 37.73 -6.94 9.33
CA VAL E 71 36.71 -7.43 10.24
C VAL E 71 35.57 -6.45 10.15
N MET E 72 34.35 -6.96 10.21
CA MET E 72 33.14 -6.13 10.15
C MET E 72 32.32 -6.60 11.35
N TYR E 73 31.90 -5.66 12.20
CA TYR E 73 31.08 -6.06 13.33
C TYR E 73 30.08 -5.03 13.82
N LEU E 74 29.01 -5.54 14.41
CA LEU E 74 27.93 -4.72 14.95
C LEU E 74 28.14 -4.40 16.43
N ALA E 75 28.18 -3.11 16.75
CA ALA E 75 28.36 -2.70 18.14
C ALA E 75 27.10 -2.08 18.73
N LYS E 76 26.52 -2.75 19.71
CA LYS E 76 25.32 -2.27 20.38
C LYS E 76 25.76 -1.59 21.66
N MET E 77 25.76 -0.28 21.66
CA MET E 77 26.18 0.48 22.81
C MET E 77 24.96 0.77 23.69
N LYS E 78 25.18 0.83 25.00
CA LYS E 78 24.09 1.08 25.94
C LYS E 78 24.32 2.28 26.88
N GLU E 79 23.90 2.14 28.13
CA GLU E 79 24.03 3.20 29.14
C GLU E 79 25.48 3.50 29.50
N MET E 80 25.88 4.74 29.29
CA MET E 80 27.24 5.12 29.63
C MET E 80 28.18 4.02 29.11
N SER E 81 27.97 3.66 27.86
CA SER E 81 28.77 2.65 27.18
C SER E 81 30.00 3.34 26.62
N SER E 82 31.04 2.56 26.34
CA SER E 82 32.26 3.15 25.79
C SER E 82 33.13 2.08 25.15
N SER E 83 33.91 2.48 24.15
CA SER E 83 34.75 1.56 23.41
C SER E 83 36.16 1.44 23.90
N GLY E 84 36.78 0.34 23.50
CA GLY E 84 38.18 0.10 23.83
C GLY E 84 38.89 0.41 22.53
N LEU E 85 40.17 0.73 22.62
CA LEU E 85 40.97 1.05 21.45
C LEU E 85 41.47 -0.22 20.74
N PRO E 86 41.53 -0.18 19.41
CA PRO E 86 41.98 -1.32 18.61
C PRO E 86 43.46 -1.61 18.83
N PRO E 87 43.87 -2.88 18.64
CA PRO E 87 45.28 -3.27 18.83
C PRO E 87 46.23 -2.47 17.93
N GLN E 88 47.51 -2.51 18.26
CA GLN E 88 48.52 -1.78 17.50
C GLN E 88 48.44 -1.92 15.98
N ASP E 89 48.54 -0.78 15.30
CA ASP E 89 48.50 -0.69 13.84
C ASP E 89 47.14 -0.93 13.17
N ILE E 90 46.12 -1.26 13.97
CA ILE E 90 44.80 -1.50 13.40
C ILE E 90 43.99 -0.21 13.23
N GLU E 91 43.53 0.03 12.01
CA GLU E 91 42.74 1.21 11.70
C GLU E 91 41.27 0.83 11.92
N ARG E 92 40.44 1.83 12.19
CA ARG E 92 39.03 1.59 12.47
C ARG E 92 38.10 2.62 11.83
N LEU E 93 36.90 2.17 11.47
CA LEU E 93 35.89 3.03 10.86
C LEU E 93 34.58 2.62 11.50
N ILE E 94 33.81 3.61 11.96
CA ILE E 94 32.50 3.34 12.56
C ILE E 94 31.45 4.16 11.83
N PHE E 95 30.28 3.58 11.68
CA PHE E 95 29.16 4.22 10.99
C PHE E 95 27.97 4.14 11.93
N VAL E 96 27.19 5.21 12.05
CA VAL E 96 26.05 5.18 12.96
C VAL E 96 24.72 4.86 12.29
N VAL E 97 24.12 3.73 12.69
CA VAL E 97 22.84 3.30 12.15
C VAL E 97 21.70 3.79 13.03
N GLU E 98 21.77 3.51 14.33
CA GLU E 98 20.74 3.94 15.29
C GLU E 98 21.37 4.55 16.51
N GLY E 99 20.77 5.64 17.00
CA GLY E 99 21.28 6.25 18.21
C GLY E 99 22.08 7.53 18.09
N ALA E 100 22.97 7.69 19.06
CA ALA E 100 23.84 8.85 19.13
C ALA E 100 25.07 8.44 19.91
N VAL E 101 26.20 9.02 19.55
CA VAL E 101 27.44 8.70 20.20
C VAL E 101 28.36 9.91 20.09
N THR E 102 29.36 9.97 20.95
CA THR E 102 30.32 11.09 20.97
C THR E 102 31.76 10.60 20.83
N LEU E 103 32.52 11.29 19.98
CA LEU E 103 33.92 10.93 19.76
C LEU E 103 34.82 12.03 20.30
N THR E 104 35.77 11.67 21.16
CA THR E 104 36.69 12.64 21.73
C THR E 104 38.12 12.14 21.73
N ASN E 105 39.00 12.94 21.10
CA ASN E 105 40.41 12.62 20.99
C ASN E 105 40.99 12.32 22.38
N SER E 108 41.64 17.57 21.18
CA SER E 108 41.30 17.98 19.81
C SER E 108 39.79 17.99 19.52
N SER E 109 39.06 18.85 20.23
CA SER E 109 37.61 19.00 20.05
C SER E 109 36.78 17.74 20.35
N SER E 110 35.45 17.90 20.32
CA SER E 110 34.53 16.78 20.56
C SER E 110 33.52 16.67 19.42
N LYS E 111 33.20 15.43 19.01
CA LYS E 111 32.27 15.24 17.92
C LYS E 111 31.02 14.43 18.24
N LYS E 112 29.87 15.07 18.04
CA LYS E 112 28.57 14.44 18.27
C LYS E 112 28.32 13.60 17.02
N LEU E 113 27.79 12.39 17.18
CA LEU E 113 27.53 11.50 16.04
C LEU E 113 26.16 10.81 16.05
N THR E 114 25.38 11.06 15.02
CA THR E 114 24.06 10.47 14.91
C THR E 114 24.02 9.54 13.70
N VAL E 115 22.83 9.04 13.39
CA VAL E 115 22.64 8.17 12.25
C VAL E 115 23.23 8.89 11.03
N ASP E 116 23.93 8.15 10.18
CA ASP E 116 24.56 8.67 8.96
C ASP E 116 25.90 9.33 9.21
N SER E 117 26.20 9.61 10.48
CA SER E 117 27.47 10.21 10.85
C SER E 117 28.47 9.06 10.88
N TYR E 118 29.73 9.36 10.63
CA TYR E 118 30.75 8.32 10.65
C TYR E 118 32.11 8.94 10.94
N ALA E 119 33.02 8.11 11.48
CA ALA E 119 34.38 8.54 11.79
C ALA E 119 35.42 7.46 11.44
N TYR E 120 36.51 7.88 10.80
CA TYR E 120 37.59 6.98 10.44
C TYR E 120 38.74 7.22 11.42
N LEU E 121 39.34 6.16 11.90
CA LEU E 121 40.41 6.31 12.85
C LEU E 121 41.69 5.69 12.32
N PRO E 122 42.71 6.52 12.06
CA PRO E 122 44.00 6.05 11.55
C PRO E 122 44.68 5.10 12.51
N PRO E 123 45.53 4.21 12.01
CA PRO E 123 46.16 3.32 12.98
C PRO E 123 46.83 4.13 14.11
N ASN E 124 46.79 3.57 15.32
CA ASN E 124 47.39 4.19 16.50
C ASN E 124 46.83 5.57 16.84
N PHE E 125 45.59 5.85 16.49
CA PHE E 125 45.02 7.14 16.82
C PHE E 125 44.17 6.99 18.08
N HIS E 126 44.51 7.70 19.15
CA HIS E 126 43.71 7.57 20.36
C HIS E 126 42.34 8.22 20.14
N HIS E 127 41.29 7.57 20.62
CA HIS E 127 39.93 8.08 20.47
C HIS E 127 39.04 7.29 21.42
N SER E 128 37.85 7.83 21.68
CA SER E 128 36.91 7.14 22.54
C SER E 128 35.48 7.41 22.09
N LEU E 129 34.69 6.35 22.00
CA LEU E 129 33.30 6.49 21.63
C LEU E 129 32.59 6.37 22.96
N ASP E 130 31.77 7.37 23.26
CA ASP E 130 31.06 7.39 24.53
C ASP E 130 29.59 7.54 24.24
N CYS E 131 28.79 6.63 24.77
CA CYS E 131 27.36 6.66 24.53
C CYS E 131 26.50 6.71 25.80
N VAL E 132 25.62 7.70 25.89
CA VAL E 132 24.74 7.83 27.06
C VAL E 132 23.57 6.86 27.02
N GLU E 133 22.65 7.05 26.09
CA GLU E 133 21.52 6.12 26.02
C GLU E 133 21.84 4.86 25.20
N SER E 134 21.71 4.92 23.88
CA SER E 134 22.01 3.75 23.03
C SER E 134 22.47 4.15 21.62
N ALA E 135 23.29 3.29 21.03
CA ALA E 135 23.81 3.54 19.69
C ALA E 135 24.24 2.25 19.01
N THR E 136 23.75 2.02 17.78
CA THR E 136 24.14 0.84 17.03
C THR E 136 25.08 1.31 15.91
N LEU E 137 26.29 0.76 15.91
CA LEU E 137 27.29 1.12 14.92
C LEU E 137 27.69 -0.12 14.11
N VAL E 138 28.27 0.14 12.93
CA VAL E 138 28.80 -0.90 12.05
C VAL E 138 30.29 -0.56 12.06
N VAL E 139 31.15 -1.53 12.33
CA VAL E 139 32.55 -1.15 12.34
C VAL E 139 33.47 -2.10 11.60
N PHE E 140 34.39 -1.48 10.87
CA PHE E 140 35.39 -2.17 10.06
C PHE E 140 36.77 -1.88 10.62
N GLU E 141 37.59 -2.93 10.69
CA GLU E 141 38.96 -2.80 11.18
C GLU E 141 39.88 -3.63 10.31
N ARG E 142 41.11 -3.18 10.15
CA ARG E 142 42.06 -3.89 9.32
C ARG E 142 43.46 -3.42 9.67
N ARG E 143 44.41 -4.37 9.71
CA ARG E 143 45.80 -4.03 9.99
C ARG E 143 46.27 -3.18 8.81
N TYR E 144 46.36 -1.89 9.02
CA TYR E 144 46.78 -0.94 8.00
C TYR E 144 48.02 -1.36 7.21
N GLU E 145 47.96 -1.23 5.88
CA GLU E 145 49.08 -1.59 5.01
C GLU E 145 49.83 -0.35 4.53
N TYR E 146 50.78 0.08 5.37
CA TYR E 146 51.61 1.24 5.13
C TYR E 146 52.22 1.21 3.74
N LEU E 147 52.33 2.39 3.16
CA LEU E 147 52.89 2.54 1.84
C LEU E 147 53.83 3.74 1.96
N GLY E 148 55.05 3.59 1.49
CA GLY E 148 56.01 4.67 1.57
C GLY E 148 55.94 5.42 2.89
N SER E 149 55.92 6.74 2.81
CA SER E 149 55.88 7.58 3.99
C SER E 149 54.47 8.10 4.26
N HIS E 150 53.54 7.75 3.37
CA HIS E 150 52.15 8.18 3.50
C HIS E 150 51.46 7.78 4.80
N THR E 151 50.64 8.69 5.32
CA THR E 151 49.89 8.43 6.54
C THR E 151 48.45 8.87 6.37
N THR E 152 47.55 8.31 7.16
CA THR E 152 46.13 8.65 7.09
C THR E 152 45.74 9.55 8.26
N GLU E 153 44.53 10.07 8.23
CA GLU E 153 44.11 10.93 9.32
C GLU E 153 42.62 10.84 9.62
N LEU E 154 42.27 11.34 10.80
CA LEU E 154 40.90 11.35 11.30
C LEU E 154 39.93 11.95 10.30
N ILE E 155 38.91 11.17 9.96
CA ILE E 155 37.90 11.61 9.03
C ILE E 155 36.55 11.51 9.75
N VAL E 156 35.79 12.60 9.77
CA VAL E 156 34.49 12.60 10.42
C VAL E 156 33.47 13.23 9.48
N GLY E 157 32.40 12.50 9.19
CA GLY E 157 31.43 13.04 8.26
C GLY E 157 30.01 12.53 8.35
N SER E 158 29.24 12.83 7.32
CA SER E 158 27.84 12.44 7.27
C SER E 158 27.49 12.16 5.81
N THR E 159 26.97 10.97 5.57
CA THR E 159 26.59 10.51 4.23
C THR E 159 26.00 11.61 3.37
N ASP E 160 24.88 12.18 3.82
CA ASP E 160 24.19 13.24 3.11
C ASP E 160 25.07 14.43 2.73
N LYS E 161 26.15 14.64 3.48
CA LYS E 161 27.08 15.75 3.23
C LYS E 161 28.15 15.41 2.19
N GLN E 162 28.09 14.21 1.62
CA GLN E 162 29.07 13.79 0.61
C GLN E 162 28.56 14.06 -0.79
N PRO E 163 29.48 14.36 -1.71
CA PRO E 163 29.08 14.64 -3.10
C PRO E 163 28.67 13.39 -3.86
N LEU E 164 27.81 13.58 -4.86
CA LEU E 164 27.34 12.48 -5.69
C LEU E 164 28.37 12.18 -6.77
N LEU E 165 28.51 10.91 -7.10
CA LEU E 165 29.47 10.49 -8.10
C LEU E 165 28.87 9.58 -9.15
N GLU E 166 28.80 10.07 -10.39
CA GLU E 166 28.25 9.26 -11.46
C GLU E 166 29.30 8.20 -11.82
N THR E 167 28.86 7.09 -12.38
CA THR E 167 29.77 6.03 -12.78
C THR E 167 29.44 5.64 -14.19
N PRO E 168 30.46 5.60 -15.07
CA PRO E 168 30.17 5.23 -16.45
C PRO E 168 29.51 3.87 -16.48
N GLY E 169 28.51 3.72 -17.34
CA GLY E 169 27.80 2.46 -17.50
C GLY E 169 26.88 2.01 -16.38
N GLU E 170 26.72 2.82 -15.33
CA GLU E 170 25.86 2.47 -14.20
C GLU E 170 24.82 3.55 -13.92
N VAL E 171 23.72 3.19 -13.28
CA VAL E 171 22.68 4.17 -12.96
C VAL E 171 22.52 4.40 -11.45
N PHE E 172 23.20 3.60 -10.65
CA PHE E 172 23.08 3.76 -9.22
C PHE E 172 23.78 5.03 -8.76
N GLU E 173 23.32 5.61 -7.65
CA GLU E 173 23.92 6.82 -7.11
C GLU E 173 25.02 6.44 -6.13
N LEU E 174 26.20 7.00 -6.33
CA LEU E 174 27.32 6.66 -5.47
C LEU E 174 27.80 7.78 -4.55
N ARG E 175 28.39 7.37 -3.44
CA ARG E 175 28.97 8.25 -2.44
C ARG E 175 30.12 7.50 -1.78
N LYS E 176 31.30 8.10 -1.80
CA LYS E 176 32.47 7.50 -1.16
C LYS E 176 32.67 8.27 0.12
N LEU E 177 32.67 7.58 1.25
CA LEU E 177 32.81 8.26 2.54
C LEU E 177 34.21 8.78 2.91
N LEU E 178 35.25 8.17 2.36
CA LEU E 178 36.60 8.59 2.69
C LEU E 178 37.37 9.13 1.49
N PRO E 179 38.43 9.93 1.75
CA PRO E 179 39.24 10.49 0.68
C PRO E 179 39.79 9.36 -0.17
N MET E 180 39.98 9.63 -1.45
CA MET E 180 40.48 8.62 -2.38
C MET E 180 42.01 8.60 -2.47
N SER E 181 42.68 9.58 -1.86
CA SER E 181 44.14 9.65 -1.91
C SER E 181 44.82 8.34 -1.49
N VAL E 182 45.99 8.08 -2.10
CA VAL E 182 46.80 6.88 -1.86
C VAL E 182 46.96 6.43 -0.42
N ALA E 183 46.96 7.38 0.51
CA ALA E 183 47.12 7.02 1.91
C ALA E 183 46.17 5.90 2.37
N TYR E 184 44.91 5.98 1.97
CA TYR E 184 43.88 5.02 2.38
C TYR E 184 43.83 3.71 1.62
N ASP E 185 43.97 2.60 2.36
CA ASP E 185 43.93 1.27 1.75
C ASP E 185 42.51 0.76 1.51
N PHE E 186 41.50 1.54 1.90
CA PHE E 186 40.11 1.15 1.66
C PHE E 186 39.19 2.35 1.70
N ASN E 187 37.95 2.13 1.29
CA ASN E 187 36.96 3.19 1.31
C ASN E 187 35.63 2.56 1.61
N ILE E 188 34.67 3.36 2.04
CA ILE E 188 33.35 2.85 2.34
C ILE E 188 32.44 3.62 1.39
N HIS E 189 31.58 2.89 0.69
CA HIS E 189 30.67 3.50 -0.26
C HIS E 189 29.22 3.32 0.13
N THR E 190 28.35 4.21 -0.35
CA THR E 190 26.93 4.05 -0.13
C THR E 190 26.41 3.98 -1.57
N MET E 191 25.53 3.04 -1.84
CA MET E 191 24.99 2.93 -3.19
C MET E 191 23.47 2.87 -3.17
N ASP E 192 22.88 3.76 -3.97
CA ASP E 192 21.44 3.91 -4.08
C ASP E 192 20.95 3.39 -5.42
N PHE E 193 19.84 2.66 -5.39
CA PHE E 193 19.23 2.10 -6.59
C PHE E 193 17.75 2.39 -6.51
N GLN E 194 17.14 2.84 -7.60
CA GLN E 194 15.71 3.07 -7.63
C GLN E 194 15.11 1.72 -7.98
N PRO E 195 13.88 1.44 -7.50
CA PRO E 195 13.29 0.14 -7.82
C PRO E 195 13.37 -0.11 -9.33
N GLY E 196 13.84 -1.30 -9.72
CA GLY E 196 13.96 -1.64 -11.13
C GLY E 196 15.38 -1.54 -11.66
N GLU E 197 16.23 -0.79 -10.95
CA GLU E 197 17.60 -0.61 -11.38
C GLU E 197 18.49 -1.77 -10.97
N PHE E 198 19.62 -1.91 -11.66
CA PHE E 198 20.54 -3.01 -11.36
C PHE E 198 21.92 -2.77 -11.94
N LEU E 199 22.90 -3.49 -11.40
CA LEU E 199 24.26 -3.39 -11.87
C LEU E 199 24.37 -3.89 -13.30
N ASN E 200 25.01 -3.10 -14.17
CA ASN E 200 25.16 -3.49 -15.56
C ASN E 200 26.35 -4.39 -15.77
N VAL E 201 27.45 -4.09 -15.13
CA VAL E 201 28.63 -4.94 -15.24
C VAL E 201 28.49 -6.02 -14.18
N LYS E 202 28.56 -7.29 -14.60
CA LYS E 202 28.47 -8.41 -13.67
C LYS E 202 29.88 -8.56 -13.15
N GLU E 203 30.21 -7.77 -12.14
CA GLU E 203 31.55 -7.74 -11.57
C GLU E 203 32.31 -9.00 -11.20
N VAL E 204 33.59 -9.00 -11.56
CA VAL E 204 34.53 -10.05 -11.23
C VAL E 204 35.85 -9.29 -11.04
N HIS E 205 36.14 -8.92 -9.79
CA HIS E 205 37.34 -8.16 -9.44
C HIS E 205 38.07 -8.69 -8.21
N TYR E 206 39.35 -8.35 -8.09
CA TYR E 206 40.18 -8.79 -6.98
C TYR E 206 39.72 -8.17 -5.66
N ASN E 207 39.04 -7.04 -5.75
CA ASN E 207 38.55 -6.34 -4.58
C ASN E 207 37.61 -7.25 -3.77
N GLN E 208 37.59 -7.07 -2.45
CA GLN E 208 36.73 -7.87 -1.58
C GLN E 208 35.70 -6.95 -0.88
N HIS E 209 34.59 -7.51 -0.44
CA HIS E 209 33.57 -6.69 0.19
C HIS E 209 32.89 -7.21 1.45
N GLY E 210 32.32 -6.24 2.15
CA GLY E 210 31.52 -6.46 3.34
C GLY E 210 30.40 -5.46 3.10
N LEU E 211 29.15 -5.93 2.99
CA LEU E 211 28.05 -4.99 2.77
C LEU E 211 26.87 -5.15 3.73
N LEU E 212 26.31 -4.02 4.15
CA LEU E 212 25.16 -3.98 5.02
C LEU E 212 24.05 -3.21 4.32
N LEU E 213 22.94 -3.88 4.04
CA LEU E 213 21.84 -3.23 3.37
C LEU E 213 21.08 -2.36 4.38
N LEU E 214 21.10 -1.05 4.18
CA LEU E 214 20.45 -0.12 5.10
C LEU E 214 18.99 0.14 4.79
N GLU E 215 18.65 0.18 3.50
CA GLU E 215 17.27 0.43 3.09
C GLU E 215 16.88 -0.42 1.88
N GLY E 216 15.59 -0.73 1.76
CA GLY E 216 15.12 -1.49 0.62
C GLY E 216 15.28 -2.99 0.63
N GLN E 217 15.12 -3.56 -0.56
CA GLN E 217 15.21 -4.99 -0.72
C GLN E 217 15.43 -5.33 -2.20
N GLY E 218 15.71 -6.58 -2.48
CA GLY E 218 15.91 -6.97 -3.87
C GLY E 218 16.57 -8.32 -4.03
N ILE E 219 17.29 -8.48 -5.14
CA ILE E 219 17.97 -9.74 -5.43
C ILE E 219 19.47 -9.53 -5.58
N TYR E 220 20.22 -10.40 -4.91
CA TYR E 220 21.66 -10.38 -4.98
C TYR E 220 22.14 -11.69 -5.59
N ARG E 221 23.08 -11.60 -6.52
CA ARG E 221 23.65 -12.78 -7.15
C ARG E 221 25.12 -12.87 -6.76
N LEU E 222 25.52 -14.06 -6.33
CA LEU E 222 26.90 -14.31 -5.94
C LEU E 222 27.28 -15.68 -6.51
N GLY E 223 28.14 -15.68 -7.52
CA GLY E 223 28.53 -16.91 -8.15
C GLY E 223 27.30 -17.36 -8.89
N ASP E 224 26.94 -18.64 -8.76
CA ASP E 224 25.75 -19.18 -9.43
C ASP E 224 24.57 -19.21 -8.46
N ASN E 225 24.66 -18.43 -7.37
CA ASN E 225 23.61 -18.39 -6.37
C ASN E 225 22.85 -17.08 -6.40
N TRP E 226 21.55 -17.13 -6.14
CA TRP E 226 20.71 -15.95 -6.12
C TRP E 226 20.06 -15.87 -4.75
N TYR E 227 20.15 -14.71 -4.11
CA TYR E 227 19.59 -14.55 -2.77
C TYR E 227 18.68 -13.33 -2.61
N PRO E 228 17.41 -13.55 -2.19
CA PRO E 228 16.53 -12.39 -2.00
C PRO E 228 17.05 -11.70 -0.75
N VAL E 229 17.06 -10.38 -0.73
CA VAL E 229 17.57 -9.68 0.45
C VAL E 229 16.64 -8.58 0.96
N GLN E 230 16.89 -8.15 2.19
CA GLN E 230 16.11 -7.08 2.84
C GLN E 230 17.02 -6.26 3.77
N ALA E 231 16.66 -5.00 3.99
CA ALA E 231 17.44 -4.14 4.88
C ALA E 231 17.82 -4.92 6.14
N GLY E 232 19.07 -4.79 6.57
CA GLY E 232 19.51 -5.51 7.75
C GLY E 232 20.36 -6.71 7.40
N ASP E 233 20.23 -7.18 6.17
CA ASP E 233 21.01 -8.31 5.72
C ASP E 233 22.44 -7.88 5.52
N VAL E 234 23.36 -8.81 5.71
CA VAL E 234 24.79 -8.58 5.57
C VAL E 234 25.38 -9.56 4.57
N ILE E 235 26.30 -9.07 3.74
CA ILE E 235 26.98 -9.90 2.74
C ILE E 235 28.50 -9.79 2.75
N TRP E 236 29.15 -10.93 2.58
CA TRP E 236 30.61 -11.05 2.50
C TRP E 236 30.92 -11.53 1.08
N MET E 237 31.69 -10.75 0.35
CA MET E 237 32.04 -11.11 -1.01
C MET E 237 33.57 -11.28 -1.11
N ALA E 238 34.04 -12.52 -1.15
CA ALA E 238 35.47 -12.78 -1.27
C ALA E 238 35.95 -12.30 -2.64
N PRO E 239 37.27 -12.15 -2.82
CA PRO E 239 37.79 -11.70 -4.10
C PRO E 239 37.41 -12.63 -5.25
N PHE E 240 37.15 -12.03 -6.41
CA PHE E 240 36.78 -12.72 -7.66
C PHE E 240 35.45 -13.46 -7.73
N VAL E 241 34.55 -13.20 -6.77
CA VAL E 241 33.25 -13.85 -6.81
C VAL E 241 32.29 -13.04 -7.67
N PRO E 242 31.72 -13.65 -8.72
CA PRO E 242 30.78 -12.92 -9.57
C PRO E 242 29.68 -12.34 -8.69
N GLN E 243 29.37 -11.07 -8.89
CA GLN E 243 28.38 -10.39 -8.09
C GLN E 243 27.48 -9.49 -8.92
N TRP E 244 26.23 -9.37 -8.48
CA TRP E 244 25.24 -8.56 -9.16
C TRP E 244 24.11 -8.19 -8.22
N TYR E 245 23.40 -7.11 -8.52
CA TYR E 245 22.30 -6.71 -7.67
C TYR E 245 21.20 -5.95 -8.40
N ALA E 246 19.97 -6.10 -7.90
CA ALA E 246 18.84 -5.40 -8.47
C ALA E 246 17.98 -4.99 -7.29
N ALA E 247 17.48 -3.77 -7.34
CA ALA E 247 16.63 -3.23 -6.30
C ALA E 247 15.18 -3.45 -6.68
N LEU E 248 14.38 -3.91 -5.72
CA LEU E 248 12.96 -4.19 -5.93
C LEU E 248 12.12 -3.55 -4.82
N GLY E 249 10.79 -3.60 -4.98
CA GLY E 249 9.92 -3.03 -3.98
C GLY E 249 9.42 -1.67 -4.39
N LYS E 250 8.58 -1.05 -3.57
CA LYS E 250 8.06 0.26 -3.88
C LYS E 250 9.09 1.34 -3.57
N THR E 251 9.88 1.13 -2.53
CA THR E 251 10.91 2.09 -2.11
C THR E 251 12.30 1.76 -2.65
N ARG E 252 13.20 2.74 -2.60
CA ARG E 252 14.56 2.55 -3.09
C ARG E 252 15.39 1.63 -2.20
N SER E 253 16.54 1.21 -2.73
CA SER E 253 17.47 0.34 -2.03
C SER E 253 18.79 1.10 -1.79
N ARG E 254 19.46 0.79 -0.68
CA ARG E 254 20.70 1.47 -0.34
C ARG E 254 21.57 0.58 0.49
N TYR E 255 22.84 0.44 0.13
CA TYR E 255 23.75 -0.38 0.93
C TYR E 255 25.12 0.25 1.17
N LEU E 256 25.68 -0.03 2.35
CA LEU E 256 26.98 0.47 2.79
C LEU E 256 28.00 -0.59 2.37
N LEU E 257 29.11 -0.16 1.79
CA LEU E 257 30.07 -1.13 1.28
C LEU E 257 31.55 -0.89 1.55
N TYR E 258 32.21 -1.91 2.04
CA TYR E 258 33.64 -1.84 2.29
C TYR E 258 34.32 -2.24 0.99
N LYS E 259 35.42 -1.55 0.65
CA LYS E 259 36.15 -1.89 -0.55
C LYS E 259 37.63 -1.57 -0.38
N ASP E 260 38.48 -2.58 -0.54
CA ASP E 260 39.92 -2.35 -0.42
C ASP E 260 40.35 -1.62 -1.70
N VAL E 261 41.38 -0.77 -1.59
CA VAL E 261 41.85 -0.01 -2.73
C VAL E 261 43.29 0.49 -2.61
N ASN E 262 43.77 1.12 -3.68
CA ASN E 262 45.10 1.71 -3.80
C ASN E 262 46.30 0.89 -3.32
N ARG E 263 46.26 -0.42 -3.53
CA ARG E 263 47.34 -1.29 -3.13
C ARG E 263 47.54 -2.39 -4.16
N ASN E 264 48.79 -2.68 -4.50
CA ASN E 264 49.10 -3.71 -5.49
C ASN E 264 48.57 -5.07 -5.08
N PRO E 265 47.74 -5.69 -5.92
CA PRO E 265 47.14 -7.00 -5.64
C PRO E 265 48.11 -8.16 -5.55
N LEU E 266 49.34 -7.96 -6.00
CA LEU E 266 50.32 -9.03 -5.93
C LEU E 266 50.41 -9.50 -4.49
N PRO F 7 41.79 -7.03 -39.44
CA PRO F 7 42.64 -6.57 -38.30
C PRO F 7 43.09 -7.78 -37.50
N ILE F 8 44.29 -7.73 -36.93
CA ILE F 8 44.77 -8.88 -36.18
C ILE F 8 44.20 -8.88 -34.77
N TYR F 9 43.64 -10.02 -34.38
CA TYR F 9 43.06 -10.14 -33.05
C TYR F 9 41.98 -9.08 -32.86
N TRP F 10 41.24 -8.78 -33.93
CA TRP F 10 40.19 -7.77 -33.83
C TRP F 10 39.13 -8.13 -32.78
N LYS F 11 38.61 -9.36 -32.87
CA LYS F 11 37.58 -9.86 -31.96
C LYS F 11 38.00 -10.00 -30.49
N ALA F 12 39.29 -10.21 -30.24
CA ALA F 12 39.75 -10.35 -28.87
C ALA F 12 39.39 -9.06 -28.14
N THR F 13 39.12 -8.02 -28.91
CA THR F 13 38.76 -6.71 -28.36
C THR F 13 37.35 -6.30 -28.80
N ASN F 14 36.77 -7.10 -29.69
CA ASN F 14 35.42 -6.91 -30.21
C ASN F 14 34.75 -8.28 -30.32
N PRO F 15 34.47 -8.94 -29.17
CA PRO F 15 33.85 -10.26 -29.12
C PRO F 15 32.51 -10.34 -29.85
N THR F 16 32.28 -11.44 -30.55
CA THR F 16 31.04 -11.63 -31.31
C THR F 16 29.83 -11.45 -30.41
N LEU F 17 29.91 -11.99 -29.20
CA LEU F 17 28.84 -11.81 -28.22
C LEU F 17 29.44 -10.82 -27.24
N SER F 18 29.03 -9.56 -27.33
CA SER F 18 29.59 -8.54 -26.45
C SER F 18 28.66 -8.13 -25.31
N PRO F 19 29.19 -7.37 -24.35
CA PRO F 19 28.48 -6.88 -23.17
C PRO F 19 27.16 -6.17 -23.46
N SER F 20 27.09 -5.42 -24.54
CA SER F 20 25.86 -4.70 -24.85
C SER F 20 24.73 -5.60 -25.34
N HIS F 21 25.07 -6.80 -25.79
CA HIS F 21 24.05 -7.73 -26.26
C HIS F 21 23.20 -8.26 -25.11
N LEU F 22 23.76 -8.23 -23.91
CA LEU F 22 23.08 -8.72 -22.72
C LEU F 22 22.43 -7.64 -21.88
N GLN F 23 22.49 -6.39 -22.30
CA GLN F 23 21.94 -5.32 -21.48
C GLN F 23 20.47 -5.46 -21.14
N ASP F 24 19.81 -6.47 -21.69
CA ASP F 24 18.41 -6.70 -21.41
C ASP F 24 18.20 -8.01 -20.69
N LEU F 25 19.30 -8.59 -20.23
CA LEU F 25 19.24 -9.84 -19.48
C LEU F 25 19.88 -9.55 -18.13
N PRO F 26 19.08 -8.99 -17.21
CA PRO F 26 19.49 -8.62 -15.87
C PRO F 26 20.27 -9.69 -15.09
N GLY F 27 21.52 -9.37 -14.78
CA GLY F 27 22.36 -10.27 -14.02
C GLY F 27 22.94 -11.46 -14.76
N PHE F 28 22.75 -11.53 -16.07
CA PHE F 28 23.30 -12.65 -16.81
C PHE F 28 24.80 -12.47 -17.01
N THR F 29 25.53 -13.58 -16.93
CA THR F 29 26.98 -13.56 -17.09
C THR F 29 27.49 -14.94 -17.44
N ARG F 30 28.54 -14.97 -18.25
CA ARG F 30 29.14 -16.24 -18.65
C ARG F 30 30.31 -16.57 -17.73
N SER F 31 30.70 -15.63 -16.87
CA SER F 31 31.82 -15.85 -15.97
C SER F 31 31.50 -16.87 -14.88
N VAL F 32 32.53 -17.58 -14.47
CA VAL F 32 32.41 -18.56 -13.41
C VAL F 32 33.72 -18.55 -12.64
N TYR F 33 33.64 -18.52 -11.31
CA TYR F 33 34.84 -18.52 -10.49
C TYR F 33 34.75 -19.71 -9.55
N LYS F 34 35.53 -20.74 -9.80
CA LYS F 34 35.48 -21.93 -8.97
C LYS F 34 36.75 -22.19 -8.17
N ARG F 35 36.72 -23.26 -7.39
CA ARG F 35 37.82 -23.66 -6.53
C ARG F 35 39.20 -23.80 -7.23
N ASP F 36 39.23 -24.33 -8.44
CA ASP F 36 40.49 -24.52 -9.12
C ASP F 36 40.62 -23.93 -10.53
N HIS F 37 39.72 -23.03 -10.90
CA HIS F 37 39.76 -22.37 -12.22
C HIS F 37 38.76 -21.23 -12.33
N ALA F 38 38.66 -20.62 -13.50
CA ALA F 38 37.73 -19.52 -13.71
C ALA F 38 37.63 -19.09 -15.17
N LEU F 39 36.41 -18.96 -15.66
CA LEU F 39 36.14 -18.49 -17.01
C LEU F 39 35.66 -17.07 -16.84
N ILE F 40 36.52 -16.12 -17.20
CA ILE F 40 36.24 -14.70 -17.06
C ILE F 40 35.91 -14.11 -18.43
N THR F 41 34.72 -13.56 -18.55
CA THR F 41 34.28 -12.98 -19.82
C THR F 41 34.10 -11.45 -19.76
N PRO F 42 34.07 -10.78 -20.94
CA PRO F 42 33.94 -9.32 -21.08
C PRO F 42 32.92 -8.58 -20.20
N GLU F 43 31.68 -9.02 -20.16
CA GLU F 43 30.67 -8.34 -19.36
C GLU F 43 30.96 -8.42 -17.85
N SER F 44 32.14 -8.91 -17.48
CA SER F 44 32.53 -9.01 -16.08
C SER F 44 33.77 -8.19 -15.75
N HIS F 45 34.54 -7.81 -16.77
CA HIS F 45 35.75 -7.01 -16.57
C HIS F 45 35.47 -5.73 -15.82
N VAL F 46 36.29 -5.47 -14.80
CA VAL F 46 36.13 -4.27 -13.99
C VAL F 46 37.33 -3.34 -14.22
N TYR F 47 37.11 -2.29 -15.00
CA TYR F 47 38.17 -1.33 -15.29
C TYR F 47 38.23 -0.24 -14.22
N SER F 48 39.44 0.18 -13.88
CA SER F 48 39.64 1.19 -12.87
C SER F 48 40.99 1.85 -13.02
N PRO F 49 41.11 3.13 -12.63
CA PRO F 49 42.39 3.81 -12.76
C PRO F 49 43.50 2.98 -12.16
N LEU F 50 44.47 2.65 -13.01
CA LEU F 50 45.61 1.84 -12.61
C LEU F 50 46.62 2.72 -11.87
N PRO F 51 46.89 2.38 -10.61
CA PRO F 51 47.82 3.09 -9.72
C PRO F 51 49.22 3.25 -10.32
N ASP F 52 49.82 4.42 -10.10
CA ASP F 52 51.15 4.70 -10.60
C ASP F 52 51.21 4.80 -12.13
N TRP F 53 50.13 4.41 -12.80
CA TRP F 53 50.11 4.49 -14.25
C TRP F 53 49.47 5.83 -14.57
N THR F 54 49.83 6.38 -15.73
CA THR F 54 49.30 7.66 -16.13
C THR F 54 48.21 7.53 -17.17
N ASN F 55 47.01 7.98 -16.80
CA ASN F 55 45.84 7.95 -17.67
C ASN F 55 45.65 6.59 -18.34
N THR F 56 45.48 5.55 -17.52
CA THR F 56 45.27 4.20 -18.02
C THR F 56 44.26 3.43 -17.17
N LEU F 57 43.32 2.77 -17.82
CA LEU F 57 42.33 1.97 -17.10
C LEU F 57 42.85 0.55 -17.05
N GLY F 58 42.64 -0.12 -15.94
CA GLY F 58 43.11 -1.47 -15.84
C GLY F 58 42.12 -2.41 -15.19
N ALA F 59 42.06 -3.62 -15.73
CA ALA F 59 41.18 -4.66 -15.21
C ALA F 59 42.00 -5.89 -14.82
N TYR F 60 42.07 -6.17 -13.53
CA TYR F 60 42.78 -7.33 -13.07
C TYR F 60 41.86 -8.52 -13.33
N LEU F 61 42.39 -9.57 -13.95
CA LEU F 61 41.62 -10.76 -14.26
C LEU F 61 42.01 -11.88 -13.29
N ILE F 62 43.26 -11.84 -12.84
CA ILE F 62 43.79 -12.84 -11.91
C ILE F 62 44.81 -12.23 -10.96
N THR F 63 44.75 -12.64 -9.70
CA THR F 63 45.66 -12.13 -8.68
C THR F 63 45.96 -13.25 -7.72
N PRO F 64 47.01 -13.12 -6.89
CA PRO F 64 47.32 -14.19 -5.96
C PRO F 64 46.18 -14.54 -4.99
N ALA F 65 45.11 -13.76 -5.02
CA ALA F 65 43.98 -14.00 -4.14
C ALA F 65 43.30 -15.32 -4.52
N THR F 66 43.48 -15.71 -5.78
CA THR F 66 42.90 -16.95 -6.29
C THR F 66 43.75 -18.14 -5.90
N GLY F 67 44.96 -17.86 -5.43
CA GLY F 67 45.85 -18.93 -5.06
C GLY F 67 47.00 -19.01 -6.04
N SER F 68 46.99 -18.12 -7.03
CA SER F 68 48.03 -18.08 -8.04
C SER F 68 49.23 -17.36 -7.45
N HIS F 69 50.27 -17.22 -8.25
CA HIS F 69 51.46 -16.51 -7.81
C HIS F 69 51.79 -15.39 -8.81
N PHE F 70 50.80 -15.04 -9.62
CA PHE F 70 50.99 -13.98 -10.60
C PHE F 70 49.70 -13.18 -10.72
N VAL F 71 49.77 -12.08 -11.46
CA VAL F 71 48.60 -11.26 -11.70
C VAL F 71 48.50 -11.08 -13.21
N MET F 72 47.30 -11.22 -13.75
CA MET F 72 47.05 -11.04 -15.16
C MET F 72 46.13 -9.83 -15.24
N TYR F 73 46.37 -8.92 -16.17
CA TYR F 73 45.52 -7.74 -16.30
C TYR F 73 45.57 -7.00 -17.61
N LEU F 74 44.41 -6.54 -18.05
CA LEU F 74 44.30 -5.79 -19.28
C LEU F 74 44.53 -4.31 -18.97
N ALA F 75 45.23 -3.63 -19.88
CA ALA F 75 45.52 -2.22 -19.72
C ALA F 75 45.02 -1.43 -20.93
N LYS F 76 44.21 -0.42 -20.67
CA LYS F 76 43.67 0.40 -21.72
C LYS F 76 44.44 1.72 -21.69
N MET F 77 45.46 1.81 -22.54
CA MET F 77 46.28 3.02 -22.60
C MET F 77 45.61 4.05 -23.49
N LYS F 78 45.59 5.28 -23.03
CA LYS F 78 44.96 6.35 -23.80
C LYS F 78 46.02 7.32 -24.32
N GLU F 79 45.58 8.37 -24.98
CA GLU F 79 46.51 9.37 -25.49
C GLU F 79 47.38 9.96 -24.37
N MET F 80 48.66 10.13 -24.64
CA MET F 80 49.59 10.68 -23.63
C MET F 80 49.52 9.95 -22.27
N SER F 81 49.42 8.63 -22.31
CA SER F 81 49.39 7.87 -21.09
C SER F 81 50.63 6.99 -21.02
N SER F 82 51.22 6.82 -19.84
CA SER F 82 52.39 5.97 -19.71
C SER F 82 52.18 4.96 -18.56
N SER F 83 53.12 4.00 -18.44
CA SER F 83 53.04 3.00 -17.40
C SER F 83 53.78 3.41 -16.14
N GLY F 84 53.58 2.63 -15.09
CA GLY F 84 54.24 2.88 -13.82
C GLY F 84 55.10 1.67 -13.49
N LEU F 85 56.30 1.91 -12.99
CA LEU F 85 57.20 0.81 -12.67
C LEU F 85 56.51 -0.18 -11.73
N PRO F 86 56.81 -1.49 -11.89
CA PRO F 86 56.20 -2.46 -10.99
C PRO F 86 56.94 -2.39 -9.65
N PRO F 87 56.48 -3.14 -8.64
CA PRO F 87 57.18 -3.10 -7.34
C PRO F 87 58.57 -3.75 -7.36
N GLN F 88 59.31 -3.54 -6.28
CA GLN F 88 60.65 -4.10 -6.16
C GLN F 88 60.62 -5.62 -6.28
N ASP F 89 61.51 -6.15 -7.13
CA ASP F 89 61.63 -7.58 -7.37
C ASP F 89 60.52 -8.16 -8.24
N ILE F 90 59.60 -7.32 -8.71
CA ILE F 90 58.50 -7.79 -9.54
C ILE F 90 58.83 -7.80 -11.03
N GLU F 91 58.68 -8.95 -11.68
CA GLU F 91 58.94 -9.10 -13.11
C GLU F 91 57.64 -8.85 -13.89
N ARG F 92 57.74 -8.36 -15.12
CA ARG F 92 56.52 -8.03 -15.89
C ARG F 92 56.57 -8.27 -17.40
N LEU F 93 55.59 -9.00 -17.92
CA LEU F 93 55.53 -9.26 -19.35
C LEU F 93 54.33 -8.54 -19.95
N ILE F 94 54.55 -7.75 -20.99
CA ILE F 94 53.44 -7.05 -21.63
C ILE F 94 53.34 -7.55 -23.06
N PHE F 95 52.12 -7.73 -23.52
CA PHE F 95 51.86 -8.21 -24.86
C PHE F 95 50.93 -7.20 -25.51
N VAL F 96 51.22 -6.84 -26.75
CA VAL F 96 50.39 -5.88 -27.48
C VAL F 96 49.26 -6.61 -28.19
N VAL F 97 48.04 -6.39 -27.72
CA VAL F 97 46.87 -7.04 -28.30
C VAL F 97 46.09 -6.09 -29.19
N GLU F 98 46.20 -4.79 -28.92
CA GLU F 98 45.49 -3.79 -29.72
C GLU F 98 46.26 -2.46 -29.74
N GLY F 99 46.25 -1.78 -30.89
CA GLY F 99 46.95 -0.51 -31.00
C GLY F 99 48.47 -0.60 -31.04
N ALA F 100 49.13 0.34 -30.39
CA ALA F 100 50.59 0.38 -30.38
C ALA F 100 51.16 1.26 -29.28
N VAL F 101 52.23 0.80 -28.63
CA VAL F 101 52.87 1.56 -27.55
C VAL F 101 54.38 1.60 -27.77
N THR F 102 55.06 2.58 -27.18
CA THR F 102 56.51 2.72 -27.32
C THR F 102 57.27 2.28 -26.05
N LEU F 103 58.37 1.55 -26.24
CA LEU F 103 59.17 1.07 -25.11
C LEU F 103 60.57 1.72 -25.02
N THR F 104 60.89 2.27 -23.85
CA THR F 104 62.19 2.94 -23.64
C THR F 104 62.84 2.51 -22.33
N ASN F 105 64.15 2.23 -22.37
CA ASN F 105 64.90 1.84 -21.17
C ASN F 105 66.10 2.75 -20.93
N SER F 108 68.91 1.36 -24.03
CA SER F 108 69.16 0.71 -25.32
C SER F 108 68.29 1.30 -26.46
N SER F 109 68.17 2.64 -26.48
CA SER F 109 67.39 3.35 -27.48
C SER F 109 65.89 3.13 -27.20
N SER F 110 65.06 3.29 -28.22
CA SER F 110 63.62 3.10 -28.05
C SER F 110 63.13 1.93 -28.90
N LYS F 111 61.88 1.51 -28.68
CA LYS F 111 61.30 0.40 -29.41
C LYS F 111 59.79 0.56 -29.57
N LYS F 112 59.31 0.55 -30.80
CA LYS F 112 57.88 0.69 -31.01
C LYS F 112 57.27 -0.70 -30.97
N LEU F 113 56.24 -0.86 -30.15
CA LEU F 113 55.56 -2.13 -30.01
C LEU F 113 54.14 -2.06 -30.57
N THR F 114 53.86 -2.89 -31.56
CA THR F 114 52.55 -2.94 -32.21
C THR F 114 51.87 -4.30 -31.95
N VAL F 115 50.64 -4.47 -32.44
CA VAL F 115 49.93 -5.71 -32.21
C VAL F 115 50.81 -6.92 -32.44
N ASP F 116 50.65 -7.92 -31.58
CA ASP F 116 51.41 -9.16 -31.61
C ASP F 116 52.82 -9.04 -31.02
N SER F 117 53.22 -7.83 -30.65
CA SER F 117 54.54 -7.62 -30.06
C SER F 117 54.47 -7.77 -28.53
N TYR F 118 55.61 -8.06 -27.91
CA TYR F 118 55.63 -8.24 -26.46
C TYR F 118 57.00 -7.87 -25.91
N ALA F 119 57.13 -7.91 -24.60
CA ALA F 119 58.40 -7.58 -23.97
C ALA F 119 58.43 -7.98 -22.50
N TYR F 120 59.49 -8.68 -22.10
CA TYR F 120 59.66 -9.07 -20.71
C TYR F 120 60.66 -8.12 -20.07
N LEU F 121 60.40 -7.75 -18.83
CA LEU F 121 61.29 -6.87 -18.11
C LEU F 121 61.66 -7.55 -16.80
N PRO F 122 62.96 -7.82 -16.59
CA PRO F 122 63.44 -8.47 -15.37
C PRO F 122 63.05 -7.66 -14.15
N PRO F 123 63.11 -8.26 -12.94
CA PRO F 123 62.77 -7.55 -11.71
C PRO F 123 63.71 -6.38 -11.47
N ASN F 124 63.12 -5.24 -11.18
CA ASN F 124 63.88 -4.03 -10.92
C ASN F 124 64.55 -3.51 -12.19
N PHE F 125 64.02 -3.88 -13.35
CA PHE F 125 64.57 -3.40 -14.61
C PHE F 125 63.78 -2.16 -15.04
N HIS F 126 64.36 -1.00 -14.76
CA HIS F 126 63.71 0.26 -15.11
C HIS F 126 63.43 0.38 -16.62
N HIS F 127 62.23 0.88 -16.93
CA HIS F 127 61.76 1.07 -18.29
C HIS F 127 60.52 1.96 -18.23
N SER F 128 59.77 2.00 -19.34
CA SER F 128 58.56 2.79 -19.45
C SER F 128 57.83 2.61 -20.77
N LEU F 129 56.51 2.51 -20.71
CA LEU F 129 55.69 2.33 -21.89
C LEU F 129 54.75 3.51 -22.08
N ASP F 130 54.92 4.23 -23.17
CA ASP F 130 54.10 5.39 -23.45
C ASP F 130 53.36 5.15 -24.73
N CYS F 131 52.15 5.66 -24.78
CA CYS F 131 51.28 5.48 -25.93
C CYS F 131 50.74 6.84 -26.37
N VAL F 132 50.54 7.02 -27.66
CA VAL F 132 50.04 8.30 -28.15
C VAL F 132 48.68 8.18 -28.81
N GLU F 133 48.15 6.97 -28.85
CA GLU F 133 46.86 6.74 -29.45
C GLU F 133 46.05 5.89 -28.46
N SER F 134 46.07 4.58 -28.68
CA SER F 134 45.36 3.62 -27.83
C SER F 134 46.02 2.26 -27.97
N ALA F 135 46.11 1.56 -26.85
CA ALA F 135 46.71 0.24 -26.85
C ALA F 135 46.19 -0.61 -25.70
N THR F 136 45.67 -1.79 -26.05
CA THR F 136 45.19 -2.73 -25.05
C THR F 136 46.34 -3.68 -24.80
N LEU F 137 46.71 -3.81 -23.54
CA LEU F 137 47.82 -4.66 -23.13
C LEU F 137 47.42 -5.78 -22.18
N VAL F 138 47.86 -7.00 -22.47
CA VAL F 138 47.59 -8.13 -21.59
C VAL F 138 48.91 -8.33 -20.86
N VAL F 139 49.00 -7.81 -19.64
CA VAL F 139 50.22 -7.90 -18.88
C VAL F 139 50.20 -8.92 -17.73
N PHE F 140 51.39 -9.43 -17.43
CA PHE F 140 51.61 -10.41 -16.37
C PHE F 140 52.71 -9.87 -15.48
N GLU F 141 52.61 -10.15 -14.18
CA GLU F 141 53.61 -9.71 -13.24
C GLU F 141 53.74 -10.78 -12.20
N ARG F 142 54.91 -10.88 -11.59
CA ARG F 142 55.14 -11.89 -10.58
C ARG F 142 56.34 -11.54 -9.72
N ARG F 143 56.41 -12.13 -8.54
CA ARG F 143 57.56 -11.88 -7.70
C ARG F 143 58.59 -12.92 -8.17
N TYR F 144 59.59 -12.44 -8.91
CA TYR F 144 60.64 -13.30 -9.45
C TYR F 144 61.29 -14.12 -8.35
N GLU F 145 61.40 -15.42 -8.58
CA GLU F 145 62.02 -16.30 -7.60
C GLU F 145 63.47 -16.54 -7.98
N TYR F 146 64.35 -15.72 -7.40
CA TYR F 146 65.79 -15.79 -7.65
C TYR F 146 66.31 -17.19 -7.36
N LEU F 147 67.09 -17.73 -8.30
CA LEU F 147 67.66 -19.07 -8.13
C LEU F 147 69.16 -18.91 -8.19
N GLY F 148 69.80 -18.96 -7.03
CA GLY F 148 71.24 -18.80 -7.01
C GLY F 148 71.63 -17.44 -7.55
N SER F 149 72.40 -17.41 -8.64
CA SER F 149 72.86 -16.14 -9.23
C SER F 149 72.29 -15.85 -10.61
N HIS F 150 71.45 -16.75 -11.11
CA HIS F 150 70.86 -16.54 -12.43
C HIS F 150 69.96 -15.31 -12.40
N THR F 151 70.02 -14.53 -13.47
CA THR F 151 69.22 -13.33 -13.59
C THR F 151 68.64 -13.30 -15.00
N THR F 152 67.52 -12.62 -15.17
CA THR F 152 66.88 -12.54 -16.47
C THR F 152 67.30 -11.25 -17.17
N GLU F 153 66.90 -11.09 -18.43
CA GLU F 153 67.24 -9.87 -19.16
C GLU F 153 66.14 -9.34 -20.07
N LEU F 154 66.26 -8.07 -20.44
CA LEU F 154 65.29 -7.45 -21.32
C LEU F 154 65.07 -8.33 -22.52
N ILE F 155 63.81 -8.46 -22.92
CA ILE F 155 63.47 -9.28 -24.07
C ILE F 155 62.36 -8.58 -24.83
N VAL F 156 62.50 -8.53 -26.15
CA VAL F 156 61.49 -7.92 -26.98
C VAL F 156 61.38 -8.75 -28.25
N GLY F 157 60.16 -8.89 -28.76
CA GLY F 157 59.94 -9.68 -29.95
C GLY F 157 58.50 -9.63 -30.41
N SER F 158 58.10 -10.58 -31.24
CA SER F 158 56.72 -10.65 -31.73
C SER F 158 56.43 -12.10 -32.03
N THR F 159 55.21 -12.54 -31.74
CA THR F 159 54.81 -13.93 -31.99
C THR F 159 55.21 -14.44 -33.37
N ASP F 160 54.98 -13.64 -34.40
CA ASP F 160 55.31 -14.06 -35.77
C ASP F 160 56.79 -14.38 -35.99
N LYS F 161 57.68 -13.65 -35.30
CA LYS F 161 59.10 -13.90 -35.46
C LYS F 161 59.65 -15.04 -34.58
N GLN F 162 58.78 -15.90 -34.07
CA GLN F 162 59.22 -17.02 -33.22
C GLN F 162 59.07 -18.36 -33.94
N PRO F 163 60.09 -19.23 -33.79
CA PRO F 163 60.08 -20.55 -34.42
C PRO F 163 59.09 -21.53 -33.81
N LEU F 164 58.48 -22.33 -34.69
CA LEU F 164 57.53 -23.33 -34.26
C LEU F 164 58.24 -24.48 -33.57
N LEU F 165 57.92 -24.68 -32.29
CA LEU F 165 58.51 -25.73 -31.50
C LEU F 165 57.74 -27.01 -31.80
N GLU F 166 58.42 -28.15 -31.67
CA GLU F 166 57.81 -29.44 -31.92
C GLU F 166 57.05 -29.84 -30.68
N THR F 167 55.98 -30.60 -30.88
CA THR F 167 55.12 -31.04 -29.80
C THR F 167 54.74 -32.50 -30.00
N PRO F 168 55.52 -33.42 -29.42
CA PRO F 168 55.28 -34.86 -29.55
C PRO F 168 53.91 -35.29 -29.05
N GLY F 169 53.23 -36.10 -29.86
CA GLY F 169 51.92 -36.59 -29.48
C GLY F 169 50.81 -35.54 -29.50
N GLU F 170 51.09 -34.38 -30.07
CA GLU F 170 50.10 -33.30 -30.16
C GLU F 170 50.06 -32.75 -31.59
N VAL F 171 48.89 -32.30 -32.03
CA VAL F 171 48.76 -31.78 -33.39
C VAL F 171 48.69 -30.26 -33.48
N PHE F 172 48.78 -29.58 -32.36
CA PHE F 172 48.70 -28.13 -32.35
C PHE F 172 50.03 -27.42 -32.59
N GLU F 173 49.97 -26.27 -33.26
CA GLU F 173 51.16 -25.49 -33.53
C GLU F 173 51.56 -24.71 -32.27
N LEU F 174 52.83 -24.75 -31.92
CA LEU F 174 53.32 -24.08 -30.71
C LEU F 174 54.46 -23.07 -30.95
N ARG F 175 54.48 -22.02 -30.15
CA ARG F 175 55.53 -21.00 -30.22
C ARG F 175 55.74 -20.54 -28.79
N LYS F 176 56.87 -19.88 -28.52
CA LYS F 176 57.16 -19.36 -27.19
C LYS F 176 57.89 -18.03 -27.30
N LEU F 177 57.61 -17.13 -26.36
CA LEU F 177 58.18 -15.78 -26.43
C LEU F 177 59.48 -15.52 -25.69
N LEU F 178 59.64 -16.10 -24.51
CA LEU F 178 60.84 -15.88 -23.72
C LEU F 178 61.74 -17.11 -23.78
N PRO F 179 63.04 -16.97 -23.44
CA PRO F 179 63.99 -18.09 -23.45
C PRO F 179 63.49 -19.23 -22.55
N MET F 180 64.00 -20.44 -22.77
CA MET F 180 63.63 -21.61 -21.98
C MET F 180 64.64 -21.87 -20.86
N SER F 181 65.74 -21.11 -20.83
CA SER F 181 66.80 -21.30 -19.83
C SER F 181 66.34 -21.08 -18.40
N VAL F 182 67.05 -21.74 -17.49
CA VAL F 182 66.77 -21.72 -16.06
C VAL F 182 66.39 -20.35 -15.46
N ALA F 183 67.20 -19.33 -15.71
CA ALA F 183 66.91 -18.00 -15.16
C ALA F 183 65.41 -17.69 -15.11
N TYR F 184 64.78 -17.73 -16.28
CA TYR F 184 63.36 -17.42 -16.40
C TYR F 184 62.47 -18.42 -15.68
N ASP F 185 61.54 -17.92 -14.88
CA ASP F 185 60.62 -18.78 -14.13
C ASP F 185 59.26 -18.93 -14.78
N PHE F 186 59.08 -18.32 -15.94
CA PHE F 186 57.82 -18.45 -16.64
C PHE F 186 57.97 -18.07 -18.11
N ASN F 187 57.21 -18.71 -18.97
CA ASN F 187 57.24 -18.40 -20.39
C ASN F 187 55.79 -18.10 -20.77
N ILE F 188 55.57 -17.60 -21.99
CA ILE F 188 54.23 -17.32 -22.50
C ILE F 188 54.17 -18.18 -23.75
N HIS F 189 53.11 -18.96 -23.91
CA HIS F 189 53.02 -19.81 -25.09
C HIS F 189 51.93 -19.34 -26.02
N THR F 190 52.21 -19.43 -27.31
CA THR F 190 51.23 -19.11 -28.33
C THR F 190 50.82 -20.51 -28.79
N MET F 191 49.53 -20.78 -28.82
CA MET F 191 49.08 -22.08 -29.25
C MET F 191 48.00 -21.93 -30.28
N ASP F 192 48.13 -22.69 -31.35
CA ASP F 192 47.18 -22.66 -32.45
C ASP F 192 46.62 -24.05 -32.69
N PHE F 193 45.34 -24.10 -33.02
CA PHE F 193 44.61 -25.33 -33.30
C PHE F 193 43.77 -25.06 -34.53
N GLN F 194 43.70 -26.04 -35.40
CA GLN F 194 42.90 -25.96 -36.60
C GLN F 194 41.57 -26.61 -36.26
N PRO F 195 40.48 -26.16 -36.90
CA PRO F 195 39.19 -26.77 -36.58
C PRO F 195 39.25 -28.29 -36.50
N GLY F 196 38.64 -28.87 -35.48
CA GLY F 196 38.66 -30.32 -35.33
C GLY F 196 39.77 -30.80 -34.42
N GLU F 197 40.93 -30.15 -34.50
CA GLU F 197 42.06 -30.54 -33.65
C GLU F 197 41.73 -30.29 -32.19
N PHE F 198 42.38 -31.04 -31.31
CA PHE F 198 42.18 -30.90 -29.89
C PHE F 198 43.38 -31.48 -29.14
N LEU F 199 43.39 -31.34 -27.82
CA LEU F 199 44.51 -31.84 -27.04
C LEU F 199 44.36 -33.33 -26.77
N ASN F 200 45.40 -34.09 -27.11
CA ASN F 200 45.36 -35.54 -26.91
C ASN F 200 45.54 -35.87 -25.44
N VAL F 201 46.45 -35.18 -24.77
CA VAL F 201 46.70 -35.42 -23.36
C VAL F 201 45.74 -34.57 -22.53
N LYS F 202 45.00 -35.23 -21.65
CA LYS F 202 44.05 -34.54 -20.79
C LYS F 202 44.83 -34.05 -19.58
N GLU F 203 45.67 -33.07 -19.85
CA GLU F 203 46.55 -32.45 -18.87
C GLU F 203 46.09 -32.25 -17.43
N VAL F 204 46.95 -32.72 -16.53
CA VAL F 204 46.81 -32.61 -15.08
C VAL F 204 48.25 -32.35 -14.64
N HIS F 205 48.58 -31.09 -14.33
CA HIS F 205 49.94 -30.76 -13.93
C HIS F 205 50.04 -29.72 -12.82
N TYR F 206 51.21 -29.68 -12.18
CA TYR F 206 51.46 -28.72 -11.10
C TYR F 206 51.47 -27.27 -11.63
N ASN F 207 51.90 -27.10 -12.87
CA ASN F 207 51.96 -25.79 -13.51
C ASN F 207 50.60 -25.08 -13.46
N GLN F 208 50.60 -23.78 -13.22
CA GLN F 208 49.36 -23.00 -13.20
C GLN F 208 49.29 -22.20 -14.50
N HIS F 209 48.11 -21.77 -14.91
CA HIS F 209 47.96 -21.02 -16.16
C HIS F 209 47.13 -19.74 -16.11
N GLY F 210 47.35 -18.93 -17.12
CA GLY F 210 46.62 -17.70 -17.31
C GLY F 210 46.40 -17.66 -18.81
N LEU F 211 45.16 -17.70 -19.28
CA LEU F 211 44.94 -17.68 -20.73
C LEU F 211 43.94 -16.68 -21.29
N LEU F 212 44.24 -16.22 -22.49
CA LEU F 212 43.42 -15.27 -23.22
C LEU F 212 43.21 -15.78 -24.63
N LEU F 213 42.00 -16.18 -24.95
CA LEU F 213 41.73 -16.67 -26.30
C LEU F 213 41.82 -15.49 -27.27
N LEU F 214 42.86 -15.51 -28.10
CA LEU F 214 43.09 -14.45 -29.07
C LEU F 214 42.30 -14.56 -30.36
N GLU F 215 42.12 -15.77 -30.85
CA GLU F 215 41.38 -16.00 -32.09
C GLU F 215 40.57 -17.28 -32.02
N GLY F 216 39.54 -17.35 -32.86
CA GLY F 216 38.70 -18.53 -32.94
C GLY F 216 37.71 -18.80 -31.83
N GLN F 217 37.18 -20.02 -31.81
CA GLN F 217 36.20 -20.43 -30.82
C GLN F 217 36.20 -21.94 -30.66
N GLY F 218 35.82 -22.41 -29.47
CA GLY F 218 35.76 -23.83 -29.21
C GLY F 218 35.13 -24.21 -27.88
N ILE F 219 35.50 -25.40 -27.40
CA ILE F 219 35.00 -25.93 -26.13
C ILE F 219 36.16 -26.18 -25.19
N TYR F 220 36.10 -25.59 -23.99
CA TYR F 220 37.15 -25.80 -23.01
C TYR F 220 36.60 -26.59 -21.82
N ARG F 221 37.42 -27.46 -21.27
CA ARG F 221 37.00 -28.26 -20.12
C ARG F 221 37.95 -28.08 -18.92
N LEU F 222 37.37 -27.87 -17.75
CA LEU F 222 38.16 -27.69 -16.53
C LEU F 222 37.46 -28.51 -15.46
N GLY F 223 38.05 -29.65 -15.13
CA GLY F 223 37.44 -30.54 -14.16
C GLY F 223 36.27 -31.20 -14.85
N ASP F 224 35.07 -31.06 -14.28
CA ASP F 224 33.88 -31.66 -14.87
C ASP F 224 32.94 -30.60 -15.46
N ASN F 225 33.52 -29.49 -15.91
CA ASN F 225 32.76 -28.39 -16.50
C ASN F 225 33.18 -28.17 -17.93
N TRP F 226 32.20 -27.95 -18.79
CA TRP F 226 32.44 -27.72 -20.19
C TRP F 226 31.97 -26.33 -20.57
N TYR F 227 32.89 -25.48 -20.99
CA TYR F 227 32.54 -24.12 -21.32
C TYR F 227 32.78 -23.69 -22.76
N PRO F 228 31.73 -23.27 -23.47
CA PRO F 228 31.94 -22.83 -24.85
C PRO F 228 32.69 -21.50 -24.73
N VAL F 229 33.80 -21.33 -25.46
CA VAL F 229 34.54 -20.08 -25.40
C VAL F 229 34.67 -19.39 -26.74
N GLN F 230 34.98 -18.10 -26.72
CA GLN F 230 35.14 -17.30 -27.94
C GLN F 230 36.28 -16.34 -27.71
N ALA F 231 36.76 -15.72 -28.77
CA ALA F 231 37.87 -14.77 -28.62
C ALA F 231 37.45 -13.68 -27.65
N GLY F 232 38.37 -13.34 -26.76
CA GLY F 232 38.13 -12.33 -25.75
C GLY F 232 38.09 -12.92 -24.35
N ASP F 233 37.72 -14.19 -24.25
CA ASP F 233 37.61 -14.85 -22.96
C ASP F 233 38.94 -15.10 -22.25
N VAL F 234 38.89 -15.18 -20.92
CA VAL F 234 40.08 -15.42 -20.12
C VAL F 234 39.83 -16.61 -19.20
N ILE F 235 40.88 -17.41 -18.98
CA ILE F 235 40.76 -18.58 -18.11
C ILE F 235 41.86 -18.62 -17.05
N TRP F 236 41.47 -18.94 -15.82
CA TRP F 236 42.40 -19.08 -14.71
C TRP F 236 42.48 -20.58 -14.55
N MET F 237 43.70 -21.11 -14.59
CA MET F 237 43.88 -22.55 -14.45
C MET F 237 44.76 -22.90 -13.27
N ALA F 238 44.14 -23.11 -12.12
CA ALA F 238 44.87 -23.44 -10.90
C ALA F 238 45.63 -24.76 -11.00
N PRO F 239 46.68 -24.91 -10.20
CA PRO F 239 47.51 -26.12 -10.18
C PRO F 239 46.67 -27.40 -10.02
N PHE F 240 46.95 -28.36 -10.92
CA PHE F 240 46.32 -29.69 -10.96
C PHE F 240 44.88 -29.86 -11.41
N VAL F 241 44.29 -28.84 -12.01
CA VAL F 241 42.93 -28.95 -12.48
C VAL F 241 42.91 -29.56 -13.87
N PRO F 242 42.10 -30.60 -14.08
CA PRO F 242 42.01 -31.26 -15.40
C PRO F 242 41.66 -30.25 -16.50
N GLN F 243 42.47 -30.21 -17.55
CA GLN F 243 42.24 -29.25 -18.65
C GLN F 243 42.29 -29.85 -20.07
N TRP F 244 41.41 -29.33 -20.93
CA TRP F 244 41.30 -29.75 -22.33
C TRP F 244 40.65 -28.68 -23.23
N TYR F 245 40.97 -28.72 -24.52
CA TYR F 245 40.43 -27.78 -25.49
C TYR F 245 40.28 -28.41 -26.86
N ALA F 246 39.28 -27.96 -27.61
CA ALA F 246 39.02 -28.43 -28.96
C ALA F 246 38.63 -27.19 -29.72
N ALA F 247 39.13 -27.04 -30.94
CA ALA F 247 38.80 -25.86 -31.72
C ALA F 247 37.70 -26.12 -32.74
N LEU F 248 36.81 -25.15 -32.90
CA LEU F 248 35.70 -25.27 -33.86
C LEU F 248 35.48 -24.02 -34.71
N GLY F 249 34.56 -24.13 -35.68
CA GLY F 249 34.26 -23.00 -36.55
C GLY F 249 34.91 -23.07 -37.92
N LYS F 250 35.02 -21.93 -38.60
CA LYS F 250 35.64 -21.89 -39.93
C LYS F 250 37.07 -21.38 -39.85
N THR F 251 37.41 -20.64 -38.78
CA THR F 251 38.75 -20.10 -38.59
C THR F 251 39.45 -20.87 -37.46
N ARG F 252 40.78 -20.76 -37.40
CA ARG F 252 41.56 -21.47 -36.37
C ARG F 252 41.41 -20.82 -35.02
N SER F 253 41.94 -21.48 -34.00
CA SER F 253 41.91 -20.94 -32.65
C SER F 253 43.34 -20.69 -32.25
N ARG F 254 43.56 -19.59 -31.54
CA ARG F 254 44.87 -19.25 -31.03
C ARG F 254 44.66 -18.59 -29.68
N TYR F 255 45.31 -19.12 -28.64
CA TYR F 255 45.19 -18.49 -27.33
C TYR F 255 46.55 -18.25 -26.72
N LEU F 256 46.63 -17.21 -25.89
CA LEU F 256 47.88 -16.82 -25.22
C LEU F 256 47.91 -17.56 -23.87
N LEU F 257 49.08 -18.04 -23.46
CA LEU F 257 49.16 -18.77 -22.19
C LEU F 257 50.43 -18.64 -21.36
N TYR F 258 50.22 -18.43 -20.07
CA TYR F 258 51.30 -18.31 -19.07
C TYR F 258 51.47 -19.72 -18.49
N LYS F 259 52.69 -20.01 -18.05
CA LYS F 259 53.02 -21.32 -17.47
C LYS F 259 54.29 -21.14 -16.65
N ASP F 260 54.24 -21.48 -15.38
CA ASP F 260 55.41 -21.33 -14.54
C ASP F 260 56.34 -22.49 -14.83
N VAL F 261 57.64 -22.22 -14.86
CA VAL F 261 58.67 -23.23 -15.16
C VAL F 261 59.98 -23.10 -14.38
N ASN F 262 60.93 -23.95 -14.74
CA ASN F 262 62.28 -24.00 -14.17
C ASN F 262 62.42 -23.73 -12.66
N ARG F 263 61.51 -24.27 -11.86
CA ARG F 263 61.56 -24.10 -10.42
C ARG F 263 60.96 -25.33 -9.74
N ASN F 264 61.70 -25.89 -8.79
CA ASN F 264 61.25 -27.08 -8.07
C ASN F 264 59.86 -26.82 -7.52
N PRO F 265 58.88 -27.68 -7.85
CA PRO F 265 57.53 -27.44 -7.31
C PRO F 265 57.44 -27.75 -5.83
N LEU F 266 58.50 -28.31 -5.26
CA LEU F 266 58.47 -28.64 -3.85
C LEU F 266 58.58 -27.37 -3.04
N PRO G 7 12.79 22.66 -14.00
CA PRO G 7 12.04 22.66 -15.29
C PRO G 7 10.91 23.71 -15.34
N ILE G 8 10.66 24.24 -16.53
CA ILE G 8 9.61 25.26 -16.71
C ILE G 8 8.25 24.76 -16.26
N TYR G 9 7.54 25.56 -15.47
CA TYR G 9 6.22 25.17 -15.00
C TYR G 9 6.30 23.81 -14.31
N TRP G 10 7.39 23.59 -13.57
CA TRP G 10 7.57 22.33 -12.88
C TRP G 10 6.55 22.17 -11.75
N LYS G 11 6.38 23.23 -10.96
CA LYS G 11 5.43 23.21 -9.86
C LYS G 11 4.00 23.00 -10.34
N ALA G 12 3.74 23.28 -11.61
CA ALA G 12 2.41 23.09 -12.15
C ALA G 12 2.09 21.61 -12.27
N THR G 13 3.13 20.81 -12.52
CA THR G 13 2.99 19.36 -12.69
C THR G 13 3.13 18.64 -11.36
N ASN G 14 4.11 19.05 -10.56
CA ASN G 14 4.37 18.45 -9.24
C ASN G 14 4.24 19.56 -8.21
N PRO G 15 3.01 19.88 -7.80
CA PRO G 15 2.72 20.93 -6.83
C PRO G 15 3.28 20.67 -5.43
N THR G 16 3.60 21.76 -4.74
CA THR G 16 4.15 21.74 -3.39
C THR G 16 3.30 20.91 -2.42
N LEU G 17 2.01 21.18 -2.41
CA LEU G 17 1.10 20.39 -1.59
C LEU G 17 0.52 19.46 -2.63
N SER G 18 0.75 18.16 -2.49
CA SER G 18 0.22 17.23 -3.48
C SER G 18 -0.74 16.19 -2.91
N PRO G 19 -1.50 15.52 -3.78
CA PRO G 19 -2.47 14.51 -3.35
C PRO G 19 -1.92 13.60 -2.25
N SER G 20 -0.81 12.92 -2.54
CA SER G 20 -0.17 12.01 -1.58
C SER G 20 0.18 12.62 -0.21
N HIS G 21 0.11 13.94 -0.11
CA HIS G 21 0.37 14.62 1.17
C HIS G 21 -0.86 14.58 2.07
N LEU G 22 -2.01 14.26 1.49
CA LEU G 22 -3.27 14.21 2.21
C LEU G 22 -3.77 12.78 2.42
N GLN G 23 -2.92 11.79 2.16
CA GLN G 23 -3.36 10.40 2.28
C GLN G 23 -3.84 10.01 3.67
N ASP G 24 -3.54 10.84 4.66
CA ASP G 24 -3.98 10.56 6.02
C ASP G 24 -5.02 11.57 6.46
N LEU G 25 -5.56 12.34 5.53
CA LEU G 25 -6.60 13.31 5.84
C LEU G 25 -7.85 12.91 5.07
N PRO G 26 -8.59 11.93 5.59
CA PRO G 26 -9.80 11.43 4.97
C PRO G 26 -10.84 12.48 4.62
N GLY G 27 -11.18 12.52 3.33
CA GLY G 27 -12.20 13.43 2.83
C GLY G 27 -11.79 14.88 2.63
N PHE G 28 -10.57 15.22 3.02
CA PHE G 28 -10.06 16.56 2.89
C PHE G 28 -9.75 16.96 1.44
N THR G 29 -10.05 18.19 1.08
CA THR G 29 -9.77 18.73 -0.24
C THR G 29 -9.85 20.24 -0.20
N ARG G 30 -9.13 20.89 -1.10
CA ARG G 30 -9.15 22.33 -1.16
C ARG G 30 -10.16 22.76 -2.21
N SER G 31 -10.67 21.79 -2.95
CA SER G 31 -11.64 22.07 -4.01
C SER G 31 -13.03 22.57 -3.57
N VAL G 32 -13.57 23.50 -4.35
CA VAL G 32 -14.87 24.08 -4.10
C VAL G 32 -15.60 24.32 -5.42
N TYR G 33 -16.87 23.92 -5.49
CA TYR G 33 -17.66 24.16 -6.69
C TYR G 33 -18.92 24.96 -6.30
N LYS G 34 -18.90 26.26 -6.56
CA LYS G 34 -20.02 27.11 -6.20
C LYS G 34 -20.85 27.58 -7.40
N ARG G 35 -21.82 28.44 -7.13
CA ARG G 35 -22.72 28.98 -8.13
C ARG G 35 -22.08 29.80 -9.23
N ASP G 36 -21.11 30.64 -8.87
CA ASP G 36 -20.43 31.52 -9.81
C ASP G 36 -18.98 31.21 -10.11
N HIS G 37 -18.41 30.23 -9.42
CA HIS G 37 -17.00 29.90 -9.66
C HIS G 37 -16.63 28.50 -9.17
N ALA G 38 -15.34 28.19 -9.22
CA ALA G 38 -14.85 26.91 -8.76
C ALA G 38 -13.34 26.95 -8.56
N LEU G 39 -12.87 26.16 -7.61
CA LEU G 39 -11.45 26.04 -7.36
C LEU G 39 -11.21 24.54 -7.41
N ILE G 40 -10.68 24.05 -8.52
CA ILE G 40 -10.38 22.63 -8.66
C ILE G 40 -8.90 22.41 -8.41
N THR G 41 -8.60 21.64 -7.37
CA THR G 41 -7.23 21.35 -6.97
C THR G 41 -6.83 19.91 -7.34
N PRO G 42 -5.52 19.62 -7.41
CA PRO G 42 -4.92 18.33 -7.76
C PRO G 42 -5.49 17.03 -7.16
N GLU G 43 -5.90 17.06 -5.90
CA GLU G 43 -6.46 15.87 -5.25
C GLU G 43 -7.89 15.58 -5.72
N SER G 44 -8.43 16.42 -6.59
CA SER G 44 -9.78 16.23 -7.10
C SER G 44 -9.83 15.89 -8.58
N HIS G 45 -8.69 15.99 -9.25
CA HIS G 45 -8.58 15.67 -10.67
C HIS G 45 -9.01 14.23 -10.92
N VAL G 46 -9.90 14.03 -11.88
CA VAL G 46 -10.36 12.68 -12.21
C VAL G 46 -9.93 12.26 -13.62
N TYR G 47 -8.92 11.41 -13.69
CA TYR G 47 -8.40 10.96 -14.98
C TYR G 47 -9.01 9.68 -15.49
N SER G 48 -9.30 9.67 -16.78
CA SER G 48 -9.88 8.50 -17.42
C SER G 48 -9.47 8.57 -18.88
N PRO G 49 -9.42 7.42 -19.57
CA PRO G 49 -9.02 7.43 -20.99
C PRO G 49 -9.81 8.39 -21.90
N LEU G 50 -9.08 9.26 -22.56
CA LEU G 50 -9.68 10.23 -23.48
C LEU G 50 -10.14 9.52 -24.76
N PRO G 51 -11.45 9.60 -25.07
CA PRO G 51 -12.00 8.96 -26.27
C PRO G 51 -11.27 9.33 -27.55
N ASP G 52 -11.07 8.34 -28.41
CA ASP G 52 -10.40 8.50 -29.71
C ASP G 52 -8.92 8.78 -29.57
N TRP G 53 -8.55 9.45 -28.49
CA TRP G 53 -7.14 9.73 -28.22
C TRP G 53 -6.42 8.40 -28.06
N THR G 54 -5.11 8.41 -28.26
CA THR G 54 -4.32 7.18 -28.11
C THR G 54 -3.35 7.21 -26.94
N ASN G 55 -3.58 6.33 -25.97
CA ASN G 55 -2.71 6.22 -24.81
C ASN G 55 -2.63 7.55 -24.05
N THR G 56 -3.80 8.09 -23.72
CA THR G 56 -3.86 9.34 -22.98
C THR G 56 -4.99 9.34 -21.95
N LEU G 57 -4.74 9.98 -20.81
CA LEU G 57 -5.73 10.06 -19.76
C LEU G 57 -6.08 11.54 -19.62
N GLY G 58 -7.37 11.86 -19.70
CA GLY G 58 -7.78 13.25 -19.57
C GLY G 58 -8.52 13.49 -18.29
N ALA G 59 -8.54 14.76 -17.88
CA ALA G 59 -9.26 15.13 -16.68
C ALA G 59 -10.03 16.43 -16.95
N TYR G 60 -11.32 16.29 -17.20
CA TYR G 60 -12.12 17.47 -17.45
C TYR G 60 -12.20 18.28 -16.17
N LEU G 61 -11.83 19.55 -16.27
CA LEU G 61 -11.86 20.45 -15.14
C LEU G 61 -13.07 21.40 -15.25
N ILE G 62 -13.46 21.72 -16.48
CA ILE G 62 -14.61 22.59 -16.72
C ILE G 62 -15.38 22.15 -17.97
N THR G 63 -16.70 22.15 -17.90
CA THR G 63 -17.56 21.78 -19.01
C THR G 63 -18.83 22.63 -18.95
N PRO G 64 -19.60 22.66 -20.04
CA PRO G 64 -20.84 23.45 -20.08
C PRO G 64 -21.84 23.18 -18.95
N ALA G 65 -21.75 22.00 -18.36
CA ALA G 65 -22.65 21.64 -17.27
C ALA G 65 -22.58 22.69 -16.15
N THR G 66 -21.48 23.44 -16.11
CA THR G 66 -21.28 24.49 -15.10
C THR G 66 -21.91 25.81 -15.57
N GLY G 67 -22.36 25.82 -16.81
CA GLY G 67 -22.95 27.03 -17.37
C GLY G 67 -21.97 27.71 -18.31
N SER G 68 -20.75 27.19 -18.40
CA SER G 68 -19.77 27.77 -19.29
C SER G 68 -20.20 27.43 -20.70
N HIS G 69 -19.48 27.98 -21.69
CA HIS G 69 -19.76 27.69 -23.09
C HIS G 69 -18.50 27.04 -23.64
N PHE G 70 -17.70 26.44 -22.74
CA PHE G 70 -16.45 25.79 -23.13
C PHE G 70 -16.05 24.63 -22.23
N VAL G 71 -15.03 23.90 -22.65
CA VAL G 71 -14.51 22.79 -21.84
C VAL G 71 -13.02 23.01 -21.65
N MET G 72 -12.52 22.67 -20.47
CA MET G 72 -11.10 22.83 -20.15
C MET G 72 -10.64 21.52 -19.52
N TYR G 73 -9.56 20.95 -20.05
CA TYR G 73 -9.06 19.69 -19.51
C TYR G 73 -7.56 19.51 -19.64
N LEU G 74 -7.01 18.62 -18.82
CA LEU G 74 -5.59 18.33 -18.87
C LEU G 74 -5.46 16.96 -19.49
N ALA G 75 -4.65 16.85 -20.53
CA ALA G 75 -4.41 15.57 -21.19
C ALA G 75 -2.99 15.14 -20.89
N LYS G 76 -2.85 13.91 -20.40
CA LYS G 76 -1.53 13.40 -20.09
C LYS G 76 -1.27 12.25 -21.04
N MET G 77 -0.45 12.55 -22.05
CA MET G 77 -0.08 11.62 -23.10
C MET G 77 1.16 10.82 -22.70
N LYS G 78 1.09 9.49 -22.83
CA LYS G 78 2.23 8.63 -22.47
C LYS G 78 2.99 8.13 -23.70
N GLU G 79 3.61 6.95 -23.58
CA GLU G 79 4.39 6.44 -24.70
C GLU G 79 3.51 6.23 -25.93
N MET G 80 4.09 6.47 -27.11
CA MET G 80 3.38 6.31 -28.37
C MET G 80 1.91 6.67 -28.20
N SER G 81 1.66 7.95 -27.96
CA SER G 81 0.31 8.44 -27.79
C SER G 81 -0.02 9.38 -28.96
N SER G 82 -1.27 9.78 -29.08
CA SER G 82 -1.69 10.66 -30.17
C SER G 82 -3.08 11.25 -29.93
N SER G 83 -3.28 12.48 -30.37
CA SER G 83 -4.56 13.15 -30.20
C SER G 83 -5.65 12.56 -31.08
N GLY G 84 -6.88 12.92 -30.73
CA GLY G 84 -8.05 12.48 -31.47
C GLY G 84 -8.79 13.72 -31.92
N LEU G 85 -9.62 13.58 -32.95
CA LEU G 85 -10.35 14.73 -33.46
C LEU G 85 -11.57 15.13 -32.66
N PRO G 86 -11.72 16.43 -32.39
CA PRO G 86 -12.86 16.95 -31.63
C PRO G 86 -14.10 16.96 -32.53
N PRO G 87 -15.29 16.76 -31.95
CA PRO G 87 -16.54 16.74 -32.73
C PRO G 87 -16.61 17.90 -33.72
N GLN G 88 -17.56 17.78 -34.64
CA GLN G 88 -17.76 18.77 -35.67
C GLN G 88 -18.06 20.19 -35.17
N ASP G 89 -17.53 21.17 -35.90
CA ASP G 89 -17.71 22.58 -35.61
C ASP G 89 -17.02 23.05 -34.33
N ILE G 90 -16.19 22.19 -33.73
CA ILE G 90 -15.53 22.56 -32.48
C ILE G 90 -14.12 23.09 -32.74
N GLU G 91 -13.79 24.19 -32.05
CA GLU G 91 -12.47 24.81 -32.15
C GLU G 91 -11.67 24.37 -30.92
N ARG G 92 -10.40 24.04 -31.16
CA ARG G 92 -9.50 23.55 -30.11
C ARG G 92 -8.21 24.35 -29.92
N LEU G 93 -7.84 24.57 -28.67
CA LEU G 93 -6.61 25.27 -28.35
C LEU G 93 -5.84 24.37 -27.40
N ILE G 94 -4.53 24.21 -27.63
CA ILE G 94 -3.70 23.39 -26.74
C ILE G 94 -2.53 24.21 -26.25
N PHE G 95 -1.94 23.75 -25.16
CA PHE G 95 -0.80 24.41 -24.53
C PHE G 95 -0.03 23.32 -23.77
N VAL G 96 1.21 23.06 -24.16
CA VAL G 96 2.01 22.03 -23.50
C VAL G 96 2.67 22.56 -22.24
N VAL G 97 2.29 21.99 -21.11
CA VAL G 97 2.79 22.41 -19.81
C VAL G 97 3.96 21.54 -19.33
N GLU G 98 4.12 20.37 -19.95
CA GLU G 98 5.20 19.43 -19.60
C GLU G 98 5.40 18.49 -20.79
N GLY G 99 6.65 18.17 -21.11
CA GLY G 99 6.93 17.23 -22.19
C GLY G 99 7.10 17.75 -23.61
N ALA G 100 6.83 16.87 -24.58
CA ALA G 100 6.98 17.19 -26.00
C ALA G 100 6.00 16.43 -26.89
N VAL G 101 5.33 17.19 -27.77
CA VAL G 101 4.36 16.62 -28.70
C VAL G 101 4.59 17.25 -30.08
N THR G 102 4.38 16.44 -31.11
CA THR G 102 4.52 16.88 -32.49
C THR G 102 3.11 16.92 -33.07
N LEU G 103 2.83 17.92 -33.91
CA LEU G 103 1.50 18.04 -34.52
C LEU G 103 1.57 18.15 -36.05
N THR G 104 0.70 17.41 -36.73
CA THR G 104 0.67 17.43 -38.19
C THR G 104 -0.77 17.54 -38.70
N ASN G 105 -1.04 16.84 -39.80
CA ASN G 105 -2.37 16.83 -40.43
C ASN G 105 -2.29 15.99 -41.70
N SER G 108 2.12 19.64 -44.82
CA SER G 108 2.22 21.11 -44.80
C SER G 108 3.39 21.53 -43.89
N SER G 109 4.38 20.64 -43.81
CA SER G 109 5.59 20.79 -42.99
C SER G 109 5.23 20.72 -41.50
N SER G 110 5.17 19.48 -40.98
CA SER G 110 4.83 19.22 -39.58
C SER G 110 5.67 20.02 -38.58
N LYS G 111 5.22 20.03 -37.32
CA LYS G 111 5.89 20.77 -36.26
C LYS G 111 6.01 19.96 -34.96
N LYS G 112 6.97 20.36 -34.12
CA LYS G 112 7.21 19.74 -32.82
C LYS G 112 7.02 20.89 -31.83
N LEU G 113 6.25 20.63 -30.76
CA LEU G 113 5.94 21.64 -29.74
C LEU G 113 6.40 21.16 -28.37
N THR G 114 7.18 21.98 -27.69
CA THR G 114 7.71 21.66 -26.37
C THR G 114 7.03 22.51 -25.30
N VAL G 115 7.36 22.23 -24.04
CA VAL G 115 6.80 22.98 -22.93
C VAL G 115 6.73 24.45 -23.34
N ASP G 116 5.58 25.07 -23.08
CA ASP G 116 5.31 26.46 -23.38
C ASP G 116 4.87 26.74 -24.82
N SER G 117 4.71 25.68 -25.62
CA SER G 117 4.25 25.82 -27.00
C SER G 117 2.71 25.73 -26.99
N TYR G 118 2.09 25.97 -28.14
CA TYR G 118 0.63 25.91 -28.25
C TYR G 118 0.16 26.00 -29.72
N ALA G 119 -1.10 25.69 -29.97
CA ALA G 119 -1.65 25.73 -31.33
C ALA G 119 -3.19 25.81 -31.36
N TYR G 120 -3.74 26.76 -32.12
CA TYR G 120 -5.19 26.91 -32.23
C TYR G 120 -5.65 26.18 -33.48
N LEU G 121 -6.81 25.53 -33.40
CA LEU G 121 -7.31 24.77 -34.51
C LEU G 121 -8.73 25.20 -34.89
N PRO G 122 -8.88 25.78 -36.07
CA PRO G 122 -10.19 26.24 -36.54
C PRO G 122 -11.25 25.14 -36.46
N PRO G 123 -12.53 25.54 -36.29
CA PRO G 123 -13.55 24.51 -36.21
C PRO G 123 -13.50 23.59 -37.44
N ASN G 124 -13.29 22.30 -37.19
CA ASN G 124 -13.22 21.29 -38.24
C ASN G 124 -11.86 21.24 -38.94
N PHE G 125 -10.85 21.90 -38.38
CA PHE G 125 -9.53 21.88 -38.99
C PHE G 125 -8.80 20.57 -38.66
N HIS G 126 -8.84 19.63 -39.61
CA HIS G 126 -8.17 18.34 -39.42
C HIS G 126 -6.70 18.51 -39.03
N HIS G 127 -6.27 17.73 -38.04
CA HIS G 127 -4.89 17.81 -37.54
C HIS G 127 -4.65 16.57 -36.69
N SER G 128 -3.40 16.38 -36.29
CA SER G 128 -3.05 15.26 -35.42
C SER G 128 -1.91 15.65 -34.48
N LEU G 129 -1.99 15.16 -33.25
CA LEU G 129 -0.97 15.44 -32.27
C LEU G 129 -0.31 14.12 -31.95
N ASP G 130 0.99 14.05 -32.22
CA ASP G 130 1.72 12.83 -32.00
C ASP G 130 2.83 13.05 -31.00
N CYS G 131 2.77 12.24 -29.94
CA CYS G 131 3.70 12.29 -28.84
C CYS G 131 4.46 10.97 -28.73
N VAL G 132 5.69 11.03 -28.23
CA VAL G 132 6.51 9.83 -28.05
C VAL G 132 6.61 9.47 -26.58
N GLU G 133 7.46 10.22 -25.86
CA GLU G 133 7.71 10.01 -24.45
C GLU G 133 6.45 10.29 -23.62
N SER G 134 6.16 11.58 -23.47
CA SER G 134 5.00 12.02 -22.72
C SER G 134 4.92 13.54 -22.72
N ALA G 135 3.73 14.03 -22.46
CA ALA G 135 3.53 15.46 -22.40
C ALA G 135 2.19 15.68 -21.75
N THR G 136 2.08 16.79 -21.04
CA THR G 136 0.85 17.14 -20.37
C THR G 136 0.39 18.47 -20.97
N LEU G 137 -0.75 18.42 -21.65
CA LEU G 137 -1.34 19.59 -22.30
C LEU G 137 -2.64 20.03 -21.64
N VAL G 138 -2.78 21.33 -21.49
CA VAL G 138 -4.00 21.87 -20.94
C VAL G 138 -4.74 22.31 -22.21
N VAL G 139 -5.95 21.79 -22.43
CA VAL G 139 -6.70 22.11 -23.65
C VAL G 139 -8.15 22.61 -23.52
N PHE G 140 -8.48 23.62 -24.31
CA PHE G 140 -9.80 24.23 -24.35
C PHE G 140 -10.52 23.84 -25.65
N GLU G 141 -11.84 23.77 -25.61
CA GLU G 141 -12.65 23.43 -26.78
C GLU G 141 -14.02 24.06 -26.64
N ARG G 142 -14.54 24.58 -27.75
CA ARG G 142 -15.84 25.26 -27.79
C ARG G 142 -16.53 25.14 -29.16
N ARG G 143 -17.85 25.30 -29.17
CA ARG G 143 -18.60 25.26 -30.42
C ARG G 143 -18.43 26.66 -30.99
N TYR G 144 -17.52 26.78 -31.94
CA TYR G 144 -17.22 28.06 -32.56
C TYR G 144 -18.48 28.85 -32.99
N GLU G 145 -18.59 30.10 -32.53
CA GLU G 145 -19.72 30.95 -32.89
C GLU G 145 -19.42 31.75 -34.16
N TYR G 146 -19.75 31.15 -35.30
CA TYR G 146 -19.53 31.78 -36.60
C TYR G 146 -20.12 33.17 -36.67
N LEU G 147 -19.28 34.14 -37.00
CA LEU G 147 -19.75 35.52 -37.16
C LEU G 147 -19.88 35.78 -38.67
N GLY G 148 -20.85 35.12 -39.29
CA GLY G 148 -21.12 35.28 -40.71
C GLY G 148 -20.09 34.62 -41.60
N SER G 149 -19.36 35.44 -42.34
CA SER G 149 -18.35 34.96 -43.26
C SER G 149 -17.09 34.53 -42.52
N HIS G 150 -16.66 35.40 -41.62
CA HIS G 150 -15.46 35.20 -40.82
C HIS G 150 -15.10 33.75 -40.49
N THR G 151 -13.80 33.46 -40.63
CA THR G 151 -13.25 32.15 -40.36
C THR G 151 -11.95 32.36 -39.62
N THR G 152 -11.49 31.29 -38.97
CA THR G 152 -10.26 31.33 -38.20
C THR G 152 -9.20 30.53 -38.94
N GLU G 153 -7.93 30.69 -38.54
CA GLU G 153 -6.86 29.92 -39.19
C GLU G 153 -5.86 29.41 -38.16
N LEU G 154 -5.20 28.30 -38.51
CA LEU G 154 -4.21 27.65 -37.66
C LEU G 154 -3.27 28.64 -36.97
N ILE G 155 -2.80 28.30 -35.77
CA ILE G 155 -1.89 29.17 -35.05
C ILE G 155 -0.87 28.31 -34.31
N VAL G 156 0.37 28.80 -34.25
CA VAL G 156 1.46 28.13 -33.54
C VAL G 156 2.33 29.21 -32.90
N GLY G 157 2.90 28.90 -31.74
CA GLY G 157 3.73 29.90 -31.06
C GLY G 157 4.20 29.50 -29.67
N SER G 158 4.72 30.48 -28.92
CA SER G 158 5.22 30.26 -27.58
C SER G 158 5.17 31.56 -26.79
N THR G 159 4.51 31.52 -25.64
CA THR G 159 4.35 32.70 -24.77
C THR G 159 5.51 33.71 -24.82
N ASP G 160 6.74 33.26 -24.59
CA ASP G 160 7.94 34.11 -24.56
C ASP G 160 8.29 34.78 -25.90
N LYS G 161 7.83 34.18 -27.01
CA LYS G 161 8.07 34.75 -28.33
C LYS G 161 6.81 35.58 -28.70
N GLN G 162 6.04 35.99 -27.69
CA GLN G 162 4.82 36.81 -27.89
C GLN G 162 5.00 38.13 -27.16
N PRO G 163 4.74 39.26 -27.85
CA PRO G 163 4.86 40.62 -27.32
C PRO G 163 4.06 40.99 -26.08
N LEU G 164 4.67 41.81 -25.22
CA LEU G 164 4.06 42.30 -23.99
C LEU G 164 3.08 43.42 -24.32
N LEU G 165 1.80 43.21 -24.06
CA LEU G 165 0.81 44.25 -24.36
C LEU G 165 0.64 45.27 -23.25
N GLU G 166 0.00 46.39 -23.60
CA GLU G 166 -0.26 47.46 -22.64
C GLU G 166 -1.28 46.88 -21.65
N THR G 167 -1.48 47.57 -20.54
CA THR G 167 -2.44 47.16 -19.50
C THR G 167 -2.65 48.37 -18.62
N PRO G 168 -3.39 49.37 -19.11
CA PRO G 168 -3.69 50.60 -18.37
C PRO G 168 -4.40 50.36 -17.04
N GLY G 169 -3.93 51.04 -15.99
CA GLY G 169 -4.52 50.89 -14.68
C GLY G 169 -4.10 49.58 -14.01
N GLU G 170 -3.39 48.75 -14.78
CA GLU G 170 -2.91 47.47 -14.28
C GLU G 170 -1.38 47.33 -14.39
N VAL G 171 -0.76 46.86 -13.31
CA VAL G 171 0.68 46.71 -13.24
C VAL G 171 1.18 45.39 -13.79
N PHE G 172 0.30 44.41 -13.93
CA PHE G 172 0.74 43.11 -14.43
C PHE G 172 1.19 43.14 -15.88
N GLU G 173 1.87 42.06 -16.29
CA GLU G 173 2.37 41.93 -17.66
C GLU G 173 1.57 40.86 -18.39
N LEU G 174 1.07 41.24 -19.57
CA LEU G 174 0.23 40.38 -20.37
C LEU G 174 0.82 39.93 -21.71
N ARG G 175 0.23 38.87 -22.25
CA ARG G 175 0.63 38.30 -23.53
C ARG G 175 -0.60 37.55 -24.02
N LYS G 176 -0.93 37.67 -25.30
CA LYS G 176 -2.09 36.97 -25.83
C LYS G 176 -1.65 35.98 -26.91
N LEU G 177 -1.86 34.70 -26.65
CA LEU G 177 -1.44 33.64 -27.57
C LEU G 177 -2.15 33.67 -28.94
N LEU G 178 -3.38 34.18 -28.96
CA LEU G 178 -4.13 34.23 -30.22
C LEU G 178 -4.28 35.68 -30.69
N PRO G 179 -4.62 35.87 -31.98
CA PRO G 179 -4.83 37.18 -32.63
C PRO G 179 -6.16 37.79 -32.21
N MET G 180 -6.14 39.05 -31.81
CA MET G 180 -7.37 39.73 -31.36
C MET G 180 -8.47 39.93 -32.41
N SER G 181 -8.17 39.64 -33.68
CA SER G 181 -9.15 39.85 -34.74
C SER G 181 -10.54 39.25 -34.46
N VAL G 182 -11.55 39.88 -35.07
CA VAL G 182 -12.96 39.53 -34.88
C VAL G 182 -13.41 38.08 -35.11
N ALA G 183 -12.74 37.36 -35.98
CA ALA G 183 -13.13 35.98 -36.27
C ALA G 183 -12.91 35.03 -35.11
N TYR G 184 -12.14 35.48 -34.11
CA TYR G 184 -11.82 34.66 -32.95
C TYR G 184 -12.73 35.03 -31.78
N ASP G 185 -13.48 34.06 -31.26
CA ASP G 185 -14.39 34.36 -30.15
C ASP G 185 -13.81 34.17 -28.77
N PHE G 186 -12.50 34.00 -28.69
CA PHE G 186 -11.84 33.84 -27.40
C PHE G 186 -10.36 33.90 -27.63
N ASN G 187 -9.63 34.24 -26.58
CA ASN G 187 -8.18 34.31 -26.62
C ASN G 187 -7.70 33.64 -25.34
N ILE G 188 -6.39 33.53 -25.20
CA ILE G 188 -5.79 32.96 -24.02
C ILE G 188 -4.79 34.00 -23.58
N HIS G 189 -4.91 34.44 -22.33
CA HIS G 189 -4.01 35.43 -21.78
C HIS G 189 -2.96 34.81 -20.85
N THR G 190 -1.85 35.52 -20.71
CA THR G 190 -0.72 35.13 -19.88
C THR G 190 -0.52 36.37 -19.02
N MET G 191 -0.70 36.24 -17.72
CA MET G 191 -0.57 37.37 -16.82
C MET G 191 0.46 37.12 -15.72
N ASP G 192 1.48 37.96 -15.70
CA ASP G 192 2.53 37.84 -14.71
C ASP G 192 2.34 38.88 -13.60
N PHE G 193 2.59 38.45 -12.38
CA PHE G 193 2.47 39.33 -11.23
C PHE G 193 3.73 39.12 -10.40
N GLN G 194 4.27 40.20 -9.86
CA GLN G 194 5.46 40.12 -9.02
C GLN G 194 5.00 40.23 -7.57
N PRO G 195 5.71 39.58 -6.64
CA PRO G 195 5.35 39.62 -5.22
C PRO G 195 4.84 40.97 -4.76
N GLY G 196 3.59 40.98 -4.31
CA GLY G 196 3.00 42.21 -3.82
C GLY G 196 2.08 42.92 -4.81
N GLU G 197 2.09 42.48 -6.07
CA GLU G 197 1.26 43.13 -7.08
C GLU G 197 -0.14 42.54 -7.12
N PHE G 198 -1.11 43.40 -7.39
CA PHE G 198 -2.47 42.94 -7.44
C PHE G 198 -3.35 43.73 -8.41
N LEU G 199 -4.37 43.07 -8.96
CA LEU G 199 -5.30 43.71 -9.89
C LEU G 199 -6.03 44.89 -9.24
N ASN G 200 -5.86 46.07 -9.82
CA ASN G 200 -6.50 47.25 -9.27
C ASN G 200 -8.02 47.24 -9.49
N VAL G 201 -8.45 46.74 -10.65
CA VAL G 201 -9.87 46.69 -10.95
C VAL G 201 -10.55 45.44 -10.38
N LYS G 202 -11.54 45.67 -9.51
CA LYS G 202 -12.30 44.58 -8.90
C LYS G 202 -13.39 44.17 -9.89
N GLU G 203 -12.94 43.48 -10.94
CA GLU G 203 -13.79 43.02 -12.02
C GLU G 203 -15.16 42.38 -11.79
N VAL G 204 -16.08 42.77 -12.65
CA VAL G 204 -17.44 42.24 -12.69
C VAL G 204 -17.79 42.45 -14.15
N HIS G 205 -17.62 41.40 -14.95
CA HIS G 205 -17.89 41.50 -16.39
C HIS G 205 -18.59 40.28 -16.94
N TYR G 206 -19.16 40.39 -18.13
CA TYR G 206 -19.87 39.28 -18.74
C TYR G 206 -18.94 38.14 -19.11
N ASN G 207 -17.71 38.47 -19.49
CA ASN G 207 -16.75 37.45 -19.90
C ASN G 207 -16.65 36.35 -18.85
N GLN G 208 -16.23 35.16 -19.27
CA GLN G 208 -16.09 34.04 -18.35
C GLN G 208 -14.68 33.48 -18.46
N HIS G 209 -14.15 32.95 -17.36
CA HIS G 209 -12.78 32.46 -17.38
C HIS G 209 -12.51 31.01 -16.95
N GLY G 210 -11.37 30.53 -17.43
CA GLY G 210 -10.87 29.22 -17.09
C GLY G 210 -9.41 29.59 -16.82
N LEU G 211 -8.94 29.45 -15.58
CA LEU G 211 -7.56 29.83 -15.27
C LEU G 211 -6.70 28.79 -14.55
N LEU G 212 -5.56 28.46 -15.15
CA LEU G 212 -4.61 27.52 -14.57
C LEU G 212 -3.34 28.23 -14.09
N LEU G 213 -3.09 28.22 -12.79
CA LEU G 213 -1.90 28.86 -12.25
C LEU G 213 -0.67 28.02 -12.65
N LEU G 214 0.24 28.61 -13.41
CA LEU G 214 1.43 27.90 -13.86
C LEU G 214 2.65 28.14 -12.97
N GLU G 215 2.71 29.33 -12.38
CA GLU G 215 3.85 29.72 -11.54
C GLU G 215 3.45 30.61 -10.37
N GLY G 216 4.11 30.42 -9.23
CA GLY G 216 3.85 31.25 -8.08
C GLY G 216 2.76 30.82 -7.14
N GLN G 217 2.31 31.76 -6.32
CA GLN G 217 1.26 31.51 -5.36
C GLN G 217 0.72 32.85 -4.93
N GLY G 218 -0.42 32.83 -4.25
CA GLY G 218 -1.03 34.06 -3.78
C GLY G 218 -2.45 33.92 -3.23
N ILE G 219 -3.28 34.94 -3.48
CA ILE G 219 -4.67 34.97 -3.02
C ILE G 219 -5.67 35.40 -4.10
N TYR G 220 -6.55 34.48 -4.50
CA TYR G 220 -7.57 34.83 -5.48
C TYR G 220 -8.88 35.08 -4.74
N ARG G 221 -9.59 36.14 -5.12
CA ARG G 221 -10.86 36.47 -4.48
C ARG G 221 -11.99 36.23 -5.47
N LEU G 222 -13.02 35.54 -5.03
CA LEU G 222 -14.15 35.26 -5.90
C LEU G 222 -15.46 35.47 -5.15
N GLY G 223 -16.04 36.65 -5.34
CA GLY G 223 -17.26 36.97 -4.64
C GLY G 223 -16.82 37.33 -3.24
N ASP G 224 -17.45 36.74 -2.24
CA ASP G 224 -17.06 37.01 -0.87
C ASP G 224 -16.14 35.94 -0.32
N ASN G 225 -15.53 35.16 -1.20
CA ASN G 225 -14.61 34.09 -0.81
C ASN G 225 -13.17 34.42 -1.17
N TRP G 226 -12.25 34.12 -0.26
CA TRP G 226 -10.83 34.35 -0.48
C TRP G 226 -10.13 32.99 -0.48
N TYR G 227 -9.44 32.69 -1.57
CA TYR G 227 -8.76 31.40 -1.69
C TYR G 227 -7.25 31.42 -1.90
N PRO G 228 -6.51 30.86 -0.95
CA PRO G 228 -5.05 30.82 -1.11
C PRO G 228 -4.81 29.87 -2.29
N VAL G 229 -3.91 30.22 -3.19
CA VAL G 229 -3.64 29.36 -4.37
C VAL G 229 -2.17 29.04 -4.58
N GLN G 230 -1.92 27.90 -5.22
CA GLN G 230 -0.55 27.46 -5.51
C GLN G 230 -0.49 26.98 -6.96
N ALA G 231 0.68 27.07 -7.59
CA ALA G 231 0.82 26.63 -8.96
C ALA G 231 0.18 25.26 -9.08
N GLY G 232 -0.51 25.05 -10.20
CA GLY G 232 -1.19 23.79 -10.42
C GLY G 232 -2.70 23.97 -10.26
N ASP G 233 -3.12 24.84 -9.34
CA ASP G 233 -4.54 25.08 -9.13
C ASP G 233 -5.24 25.53 -10.44
N VAL G 234 -6.55 25.37 -10.47
CA VAL G 234 -7.34 25.75 -11.62
C VAL G 234 -8.61 26.42 -11.13
N ILE G 235 -9.04 27.47 -11.82
CA ILE G 235 -10.24 28.19 -11.42
C ILE G 235 -11.26 28.34 -12.55
N TRP G 236 -12.52 28.28 -12.17
CA TRP G 236 -13.64 28.44 -13.10
C TRP G 236 -14.28 29.73 -12.60
N MET G 237 -14.36 30.73 -13.46
CA MET G 237 -14.97 32.00 -13.10
C MET G 237 -16.18 32.16 -14.01
N ALA G 238 -17.38 32.19 -13.44
CA ALA G 238 -18.59 32.36 -14.23
C ALA G 238 -18.79 33.85 -14.49
N PRO G 239 -19.69 34.19 -15.41
CA PRO G 239 -19.92 35.61 -15.69
C PRO G 239 -20.35 36.44 -14.48
N PHE G 240 -19.82 37.65 -14.42
CA PHE G 240 -20.14 38.60 -13.36
C PHE G 240 -19.68 38.27 -11.95
N VAL G 241 -18.90 37.22 -11.76
CA VAL G 241 -18.44 36.94 -10.41
C VAL G 241 -17.28 37.86 -10.05
N PRO G 242 -17.39 38.59 -8.93
CA PRO G 242 -16.30 39.48 -8.55
C PRO G 242 -15.00 38.68 -8.44
N GLN G 243 -13.99 39.10 -9.19
CA GLN G 243 -12.71 38.42 -9.17
C GLN G 243 -11.54 39.33 -8.81
N TRP G 244 -10.45 38.73 -8.34
CA TRP G 244 -9.29 39.49 -7.92
C TRP G 244 -8.11 38.58 -7.66
N TYR G 245 -6.90 39.10 -7.84
CA TYR G 245 -5.71 38.33 -7.56
C TYR G 245 -4.53 39.16 -7.10
N ALA G 246 -3.79 38.59 -6.17
CA ALA G 246 -2.59 39.23 -5.63
C ALA G 246 -1.55 38.12 -5.51
N ALA G 247 -0.31 38.44 -5.87
CA ALA G 247 0.76 37.46 -5.80
C ALA G 247 1.62 37.63 -4.56
N LEU G 248 2.18 36.52 -4.08
CA LEU G 248 3.03 36.50 -2.91
C LEU G 248 4.15 35.48 -3.11
N GLY G 249 5.09 35.44 -2.16
CA GLY G 249 6.21 34.51 -2.25
C GLY G 249 7.49 35.20 -2.68
N LYS G 250 8.52 34.41 -2.93
CA LYS G 250 9.81 34.95 -3.35
C LYS G 250 9.82 35.07 -4.87
N THR G 251 8.94 34.31 -5.52
CA THR G 251 8.83 34.28 -6.96
C THR G 251 7.59 35.02 -7.45
N ARG G 252 7.38 35.01 -8.77
CA ARG G 252 6.26 35.70 -9.42
C ARG G 252 5.08 34.78 -9.81
N SER G 253 3.88 35.33 -9.82
CA SER G 253 2.70 34.55 -10.21
C SER G 253 2.47 34.63 -11.72
N ARG G 254 2.14 33.48 -12.30
CA ARG G 254 1.90 33.36 -13.73
C ARG G 254 0.79 32.35 -14.03
N TYR G 255 -0.29 32.79 -14.69
CA TYR G 255 -1.37 31.87 -15.01
C TYR G 255 -1.90 31.97 -16.45
N LEU G 256 -2.40 30.83 -16.94
CA LEU G 256 -2.98 30.74 -18.28
C LEU G 256 -4.47 31.06 -18.15
N LEU G 257 -4.97 31.98 -18.97
CA LEU G 257 -6.36 32.41 -18.87
C LEU G 257 -7.19 32.41 -20.16
N TYR G 258 -8.37 31.81 -20.09
CA TYR G 258 -9.27 31.78 -21.23
C TYR G 258 -10.21 32.97 -21.02
N LYS G 259 -10.57 33.64 -22.11
CA LYS G 259 -11.47 34.80 -22.08
C LYS G 259 -12.26 34.85 -23.39
N ASP G 260 -13.59 34.86 -23.29
CA ASP G 260 -14.42 34.91 -24.49
C ASP G 260 -14.48 36.36 -24.98
N VAL G 261 -14.31 36.55 -26.28
CA VAL G 261 -14.34 37.90 -26.87
C VAL G 261 -14.98 37.95 -28.25
N ASN G 262 -15.06 39.16 -28.80
CA ASN G 262 -15.61 39.41 -30.13
C ASN G 262 -17.01 38.94 -30.46
N ARG G 263 -17.90 38.87 -29.46
CA ARG G 263 -19.27 38.43 -29.73
C ARG G 263 -20.29 39.20 -28.90
N ASN G 264 -21.44 39.50 -29.50
CA ASN G 264 -22.45 40.26 -28.76
C ASN G 264 -22.99 39.53 -27.53
N PRO G 265 -22.91 40.16 -26.34
CA PRO G 265 -23.37 39.57 -25.08
C PRO G 265 -24.86 39.30 -25.03
N LEU G 266 -25.57 39.59 -26.10
CA LEU G 266 -27.02 39.35 -26.11
C LEU G 266 -27.35 37.86 -26.16
N PRO H 7 7.62 0.44 -33.23
CA PRO H 7 6.76 -0.78 -33.42
C PRO H 7 6.58 -1.53 -32.11
N ILE H 8 5.33 -1.84 -31.82
CA ILE H 8 4.95 -2.54 -30.61
C ILE H 8 5.42 -3.99 -30.66
N TYR H 9 6.02 -4.45 -29.56
CA TYR H 9 6.53 -5.82 -29.42
C TYR H 9 7.69 -6.10 -30.35
N TRP H 10 8.37 -5.03 -30.79
CA TRP H 10 9.48 -5.20 -31.71
C TRP H 10 10.62 -6.03 -31.18
N LYS H 11 10.89 -5.94 -29.87
CA LYS H 11 11.98 -6.70 -29.27
C LYS H 11 11.65 -8.17 -29.12
N ALA H 12 10.36 -8.48 -29.07
CA ALA H 12 9.92 -9.86 -28.97
C ALA H 12 10.33 -10.56 -30.25
N THR H 13 10.18 -9.83 -31.35
CA THR H 13 10.49 -10.32 -32.68
C THR H 13 11.97 -10.15 -33.02
N ASN H 14 12.61 -9.20 -32.34
CA ASN H 14 14.03 -8.91 -32.53
C ASN H 14 14.67 -8.78 -31.15
N PRO H 15 15.07 -9.92 -30.54
CA PRO H 15 15.69 -9.95 -29.21
C PRO H 15 17.04 -9.24 -29.06
N THR H 16 17.22 -8.55 -27.94
CA THR H 16 18.45 -7.82 -27.64
C THR H 16 19.65 -8.75 -27.79
N LEU H 17 19.60 -9.89 -27.12
CA LEU H 17 20.64 -10.88 -27.25
C LEU H 17 20.10 -11.77 -28.38
N SER H 18 20.72 -11.66 -29.54
CA SER H 18 20.26 -12.38 -30.73
C SER H 18 21.00 -13.64 -31.06
N PRO H 19 20.34 -14.59 -31.74
CA PRO H 19 20.98 -15.84 -32.11
C PRO H 19 22.34 -15.56 -32.76
N SER H 20 22.32 -14.80 -33.85
CA SER H 20 23.53 -14.44 -34.59
C SER H 20 24.69 -14.07 -33.66
N HIS H 21 24.37 -13.41 -32.55
CA HIS H 21 25.38 -13.00 -31.57
C HIS H 21 26.12 -14.21 -30.96
N LEU H 22 25.47 -15.38 -30.96
CA LEU H 22 26.07 -16.58 -30.38
C LEU H 22 26.76 -17.48 -31.40
N GLN H 23 27.07 -16.96 -32.58
CA GLN H 23 27.70 -17.81 -33.59
C GLN H 23 29.16 -18.16 -33.35
N ASP H 24 29.78 -17.54 -32.36
CA ASP H 24 31.17 -17.84 -32.07
C ASP H 24 31.26 -18.43 -30.69
N LEU H 25 30.14 -19.03 -30.26
CA LEU H 25 30.02 -19.67 -28.96
C LEU H 25 29.30 -21.00 -29.16
N PRO H 26 30.02 -22.01 -29.66
CA PRO H 26 29.50 -23.36 -29.95
C PRO H 26 28.82 -24.09 -28.78
N GLY H 27 27.56 -24.49 -28.99
CA GLY H 27 26.81 -25.22 -27.99
C GLY H 27 26.12 -24.39 -26.92
N PHE H 28 26.50 -23.13 -26.84
CA PHE H 28 25.92 -22.24 -25.85
C PHE H 28 24.45 -21.97 -26.12
N THR H 29 23.65 -22.11 -25.06
CA THR H 29 22.23 -21.84 -25.17
C THR H 29 21.69 -21.47 -23.81
N ARG H 30 20.73 -20.56 -23.79
CA ARG H 30 20.13 -20.15 -22.54
C ARG H 30 18.98 -21.08 -22.21
N SER H 31 18.54 -21.83 -23.20
CA SER H 31 17.43 -22.76 -23.02
C SER H 31 17.69 -23.90 -22.06
N VAL H 32 16.69 -24.17 -21.22
CA VAL H 32 16.77 -25.26 -20.25
C VAL H 32 15.42 -25.98 -20.20
N TYR H 33 15.45 -27.29 -20.25
CA TYR H 33 14.24 -28.10 -20.20
C TYR H 33 14.30 -29.00 -18.99
N LYS H 34 13.49 -28.67 -17.97
CA LYS H 34 13.49 -29.47 -16.74
C LYS H 34 12.24 -30.30 -16.54
N ARG H 35 12.09 -30.81 -15.34
CA ARG H 35 10.98 -31.67 -14.96
C ARG H 35 9.64 -30.97 -14.93
N ASP H 36 9.62 -29.78 -14.35
CA ASP H 36 8.38 -29.03 -14.21
C ASP H 36 8.37 -27.64 -14.85
N HIS H 37 9.28 -27.39 -15.77
CA HIS H 37 9.30 -26.10 -16.46
C HIS H 37 10.30 -26.06 -17.61
N ALA H 38 10.26 -24.99 -18.38
CA ALA H 38 11.15 -24.81 -19.51
C ALA H 38 11.28 -23.37 -19.97
N LEU H 39 12.52 -22.98 -20.28
CA LEU H 39 12.82 -21.66 -20.78
C LEU H 39 13.33 -21.94 -22.19
N ILE H 40 12.49 -21.66 -23.17
CA ILE H 40 12.82 -21.89 -24.55
C ILE H 40 13.18 -20.55 -25.14
N THR H 41 14.46 -20.38 -25.44
CA THR H 41 14.96 -19.14 -25.98
C THR H 41 15.05 -19.19 -27.49
N PRO H 42 15.21 -18.02 -28.15
CA PRO H 42 15.29 -17.93 -29.61
C PRO H 42 16.31 -18.82 -30.33
N GLU H 43 17.55 -18.84 -29.85
CA GLU H 43 18.58 -19.63 -30.50
C GLU H 43 18.27 -21.13 -30.45
N SER H 44 17.10 -21.48 -29.90
CA SER H 44 16.67 -22.87 -29.82
C SER H 44 15.44 -23.18 -30.64
N HIS H 45 14.77 -22.14 -31.14
CA HIS H 45 13.57 -22.33 -31.94
C HIS H 45 13.85 -23.16 -33.18
N VAL H 46 13.09 -24.23 -33.36
CA VAL H 46 13.28 -25.09 -34.52
C VAL H 46 12.17 -24.84 -35.57
N TYR H 47 12.41 -23.86 -36.44
CA TYR H 47 11.44 -23.51 -37.49
C TYR H 47 11.47 -24.44 -38.71
N SER H 48 10.28 -24.90 -39.11
CA SER H 48 10.12 -25.76 -40.26
C SER H 48 8.71 -25.53 -40.83
N PRO H 49 8.52 -25.75 -42.15
CA PRO H 49 7.20 -25.56 -42.77
C PRO H 49 6.05 -26.04 -41.89
N LEU H 50 4.99 -25.25 -41.85
CA LEU H 50 3.83 -25.56 -41.01
C LEU H 50 2.77 -26.31 -41.81
N PRO H 51 2.54 -27.59 -41.45
CA PRO H 51 1.58 -28.50 -42.08
C PRO H 51 0.21 -27.90 -42.48
N ASP H 52 -0.07 -27.95 -43.77
CA ASP H 52 -1.33 -27.45 -44.31
C ASP H 52 -1.40 -25.93 -44.43
N TRP H 53 -0.37 -25.24 -43.97
CA TRP H 53 -0.33 -23.78 -44.04
C TRP H 53 0.45 -23.46 -45.31
N THR H 54 0.16 -22.30 -45.89
CA THR H 54 0.80 -21.86 -47.11
C THR H 54 1.87 -20.80 -46.84
N ASN H 55 3.09 -21.08 -47.28
CA ASN H 55 4.20 -20.15 -47.13
C ASN H 55 4.40 -19.65 -45.69
N THR H 56 4.16 -20.55 -44.72
CA THR H 56 4.32 -20.22 -43.32
C THR H 56 5.22 -21.20 -42.56
N LEU H 57 6.13 -20.65 -41.76
CA LEU H 57 7.05 -21.45 -40.96
C LEU H 57 6.60 -21.42 -39.50
N GLY H 58 6.41 -22.62 -38.93
CA GLY H 58 6.01 -22.72 -37.54
C GLY H 58 7.08 -23.36 -36.68
N ALA H 59 7.07 -23.01 -35.40
CA ALA H 59 8.02 -23.57 -34.47
C ALA H 59 7.28 -23.93 -33.18
N TYR H 60 7.17 -25.22 -32.89
CA TYR H 60 6.48 -25.64 -31.68
C TYR H 60 7.38 -25.40 -30.47
N LEU H 61 6.84 -24.75 -29.46
CA LEU H 61 7.59 -24.44 -28.26
C LEU H 61 7.15 -25.33 -27.11
N ILE H 62 5.91 -25.82 -27.18
CA ILE H 62 5.33 -26.69 -26.15
C ILE H 62 4.26 -27.59 -26.75
N THR H 63 4.33 -28.88 -26.47
CA THR H 63 3.33 -29.85 -26.93
C THR H 63 3.06 -30.74 -25.75
N PRO H 64 1.95 -31.49 -25.80
CA PRO H 64 1.67 -32.36 -24.67
C PRO H 64 2.80 -33.32 -24.30
N ALA H 65 3.88 -33.34 -25.08
CA ALA H 65 4.98 -34.24 -24.77
C ALA H 65 5.64 -33.80 -23.47
N THR H 66 5.43 -32.55 -23.09
CA THR H 66 6.01 -32.02 -21.85
C THR H 66 5.17 -32.40 -20.66
N GLY H 67 3.90 -32.67 -20.92
CA GLY H 67 2.98 -33.01 -19.85
C GLY H 67 1.81 -32.04 -19.91
N SER H 68 1.89 -31.08 -20.81
CA SER H 68 0.82 -30.11 -20.96
C SER H 68 -0.35 -30.73 -21.73
N HIS H 69 -1.48 -30.06 -21.71
CA HIS H 69 -2.66 -30.51 -22.43
C HIS H 69 -2.89 -29.56 -23.59
N PHE H 70 -1.84 -28.82 -23.97
CA PHE H 70 -1.94 -27.85 -25.06
C PHE H 70 -0.63 -27.74 -25.83
N VAL H 71 -0.69 -27.03 -26.95
CA VAL H 71 0.49 -26.81 -27.76
C VAL H 71 0.67 -25.31 -27.86
N MET H 72 1.91 -24.89 -27.99
CA MET H 72 2.21 -23.47 -28.11
C MET H 72 3.17 -23.34 -29.27
N TYR H 73 2.80 -22.60 -30.31
CA TYR H 73 3.70 -22.46 -31.42
C TYR H 73 3.74 -21.11 -32.12
N LEU H 74 4.86 -20.81 -32.75
CA LEU H 74 5.04 -19.55 -33.46
C LEU H 74 4.85 -19.76 -34.95
N ALA H 75 3.95 -18.99 -35.55
CA ALA H 75 3.67 -19.10 -36.97
C ALA H 75 4.23 -17.90 -37.74
N LYS H 76 5.33 -18.15 -38.45
CA LYS H 76 5.98 -17.12 -39.26
C LYS H 76 5.39 -17.11 -40.67
N MET H 77 4.35 -16.30 -40.89
CA MET H 77 3.66 -16.16 -42.18
C MET H 77 4.30 -15.10 -43.08
N LYS H 78 4.60 -15.49 -44.33
CA LYS H 78 5.22 -14.58 -45.30
C LYS H 78 4.18 -14.15 -46.36
N GLU H 79 4.65 -13.73 -47.54
CA GLU H 79 3.75 -13.30 -48.62
C GLU H 79 2.73 -14.33 -49.12
N MET H 80 1.55 -13.83 -49.48
CA MET H 80 0.43 -14.66 -49.94
C MET H 80 0.46 -15.96 -49.15
N SER H 81 0.49 -15.82 -47.82
CA SER H 81 0.51 -16.96 -46.94
C SER H 81 -0.94 -17.24 -46.54
N SER H 82 -1.18 -18.44 -46.04
CA SER H 82 -2.51 -18.86 -45.62
C SER H 82 -2.35 -19.86 -44.48
N SER H 83 -3.36 -19.94 -43.62
CA SER H 83 -3.30 -20.87 -42.50
C SER H 83 -3.95 -22.20 -42.84
N GLY H 84 -3.69 -23.18 -41.98
CA GLY H 84 -4.27 -24.50 -42.13
C GLY H 84 -5.30 -24.65 -41.03
N LEU H 85 -6.12 -25.69 -41.09
CA LEU H 85 -7.15 -25.89 -40.06
C LEU H 85 -6.72 -26.97 -39.07
N PRO H 86 -6.94 -26.72 -37.77
CA PRO H 86 -6.57 -27.69 -36.74
C PRO H 86 -7.35 -28.97 -36.92
N PRO H 87 -7.01 -30.01 -36.15
CA PRO H 87 -7.74 -31.28 -36.27
C PRO H 87 -9.19 -31.06 -35.89
N GLN H 88 -9.86 -32.14 -35.52
CA GLN H 88 -11.25 -32.06 -35.14
C GLN H 88 -11.34 -32.01 -33.63
N ASP H 89 -12.11 -31.05 -33.12
CA ASP H 89 -12.31 -30.87 -31.68
C ASP H 89 -11.22 -30.03 -31.02
N ILE H 90 -10.31 -29.53 -31.84
CA ILE H 90 -9.21 -28.73 -31.33
C ILE H 90 -9.55 -27.25 -31.37
N GLU H 91 -9.58 -26.63 -30.19
CA GLU H 91 -9.86 -25.21 -30.09
C GLU H 91 -8.56 -24.42 -30.25
N ARG H 92 -8.52 -23.56 -31.27
CA ARG H 92 -7.36 -22.74 -31.60
C ARG H 92 -7.46 -21.26 -31.20
N LEU H 93 -6.36 -20.69 -30.71
CA LEU H 93 -6.29 -19.28 -30.32
C LEU H 93 -5.06 -18.65 -30.95
N ILE H 94 -5.21 -17.51 -31.64
CA ILE H 94 -4.07 -16.85 -32.26
C ILE H 94 -3.93 -15.42 -31.75
N PHE H 95 -2.70 -14.95 -31.62
CA PHE H 95 -2.39 -13.60 -31.14
C PHE H 95 -1.38 -12.98 -32.10
N VAL H 96 -1.67 -11.77 -32.57
CA VAL H 96 -0.79 -11.12 -33.53
C VAL H 96 0.36 -10.32 -32.92
N VAL H 97 1.57 -10.84 -33.06
CA VAL H 97 2.76 -10.19 -32.52
C VAL H 97 3.39 -9.23 -33.54
N GLU H 98 3.25 -9.54 -34.82
CA GLU H 98 3.80 -8.70 -35.89
C GLU H 98 3.01 -8.87 -37.18
N GLY H 99 3.06 -7.83 -38.01
CA GLY H 99 2.38 -7.84 -39.29
C GLY H 99 0.86 -7.73 -39.22
N ALA H 100 0.22 -8.29 -40.24
CA ALA H 100 -1.23 -8.28 -40.33
C ALA H 100 -1.70 -9.48 -41.17
N VAL H 101 -2.87 -9.99 -40.81
CA VAL H 101 -3.45 -11.11 -41.51
C VAL H 101 -4.95 -10.95 -41.44
N THR H 102 -5.64 -11.31 -42.51
CA THR H 102 -7.09 -11.20 -42.54
C THR H 102 -7.72 -12.49 -42.00
N LEU H 103 -8.86 -12.35 -41.35
CA LEU H 103 -9.58 -13.50 -40.79
C LEU H 103 -10.99 -13.66 -41.39
N THR H 104 -11.23 -14.82 -41.97
CA THR H 104 -12.53 -15.16 -42.56
C THR H 104 -12.90 -16.53 -42.04
N ASN H 105 -14.14 -16.93 -42.22
CA ASN H 105 -14.60 -18.24 -41.77
C ASN H 105 -14.72 -19.21 -42.95
N SER H 108 -18.81 -12.59 -38.05
CA SER H 108 -17.48 -12.98 -38.51
C SER H 108 -17.06 -12.05 -39.66
N SER H 109 -17.80 -12.15 -40.79
CA SER H 109 -17.55 -11.36 -41.99
C SER H 109 -16.09 -11.47 -42.45
N SER H 110 -15.37 -10.35 -42.40
CA SER H 110 -13.96 -10.30 -42.78
C SER H 110 -13.27 -9.26 -41.91
N LYS H 111 -12.61 -9.73 -40.85
CA LYS H 111 -11.92 -8.85 -39.91
C LYS H 111 -10.40 -8.75 -40.08
N LYS H 112 -9.92 -7.53 -40.35
CA LYS H 112 -8.50 -7.24 -40.52
C LYS H 112 -7.81 -7.17 -39.16
N LEU H 113 -6.80 -8.02 -38.94
CA LEU H 113 -6.09 -8.07 -37.67
C LEU H 113 -4.70 -7.46 -37.70
N THR H 114 -4.31 -6.79 -36.63
CA THR H 114 -2.97 -6.23 -36.55
C THR H 114 -2.36 -6.58 -35.20
N VAL H 115 -1.16 -6.07 -34.93
CA VAL H 115 -0.50 -6.35 -33.66
C VAL H 115 -1.52 -6.15 -32.54
N ASP H 116 -1.45 -7.01 -31.52
CA ASP H 116 -2.35 -6.95 -30.37
C ASP H 116 -3.73 -7.51 -30.64
N SER H 117 -4.02 -7.79 -31.91
CA SER H 117 -5.31 -8.37 -32.27
C SER H 117 -5.19 -9.86 -32.02
N TYR H 118 -6.33 -10.51 -31.80
CA TYR H 118 -6.34 -11.95 -31.55
C TYR H 118 -7.69 -12.53 -31.87
N ALA H 119 -7.75 -13.85 -31.97
CA ALA H 119 -9.02 -14.49 -32.23
C ALA H 119 -9.01 -15.89 -31.66
N TYR H 120 -10.17 -16.33 -31.20
CA TYR H 120 -10.30 -17.66 -30.65
C TYR H 120 -11.35 -18.33 -31.51
N LEU H 121 -11.06 -19.55 -31.95
CA LEU H 121 -11.96 -20.32 -32.78
C LEU H 121 -12.30 -21.60 -32.03
N PRO H 122 -13.57 -21.76 -31.63
CA PRO H 122 -13.96 -22.96 -30.89
C PRO H 122 -13.70 -24.19 -31.73
N PRO H 123 -13.84 -25.37 -31.14
CA PRO H 123 -13.60 -26.57 -31.93
C PRO H 123 -14.51 -26.65 -33.16
N ASN H 124 -13.97 -27.16 -34.26
CA ASN H 124 -14.70 -27.35 -35.52
C ASN H 124 -15.20 -26.09 -36.25
N PHE H 125 -14.84 -24.91 -35.77
CA PHE H 125 -15.25 -23.65 -36.41
C PHE H 125 -14.35 -23.35 -37.60
N HIS H 126 -14.93 -23.28 -38.79
CA HIS H 126 -14.16 -23.02 -40.01
C HIS H 126 -13.67 -21.56 -40.06
N HIS H 127 -12.47 -21.36 -40.58
CA HIS H 127 -11.87 -20.01 -40.69
C HIS H 127 -10.63 -20.04 -41.58
N SER H 128 -9.97 -18.88 -41.72
CA SER H 128 -8.75 -18.80 -42.52
C SER H 128 -7.99 -17.49 -42.38
N LEU H 129 -6.73 -17.59 -41.96
CA LEU H 129 -5.91 -16.41 -41.82
C LEU H 129 -5.13 -16.30 -43.13
N ASP H 130 -5.19 -15.11 -43.73
CA ASP H 130 -4.52 -14.84 -44.99
C ASP H 130 -3.69 -13.57 -44.97
N CYS H 131 -2.40 -13.76 -44.76
CA CYS H 131 -1.45 -12.67 -44.67
C CYS H 131 -0.87 -12.35 -46.05
N VAL H 132 -0.97 -11.08 -46.42
CA VAL H 132 -0.44 -10.66 -47.71
C VAL H 132 1.07 -10.53 -47.62
N GLU H 133 1.58 -9.61 -46.81
CA GLU H 133 3.04 -9.44 -46.70
C GLU H 133 3.75 -10.36 -45.71
N SER H 134 3.78 -9.98 -44.43
CA SER H 134 4.43 -10.78 -43.38
C SER H 134 3.64 -10.67 -42.08
N ALA H 135 3.70 -11.70 -41.26
CA ALA H 135 2.96 -11.68 -40.00
C ALA H 135 3.34 -12.79 -39.03
N THR H 136 3.97 -12.45 -37.91
CA THR H 136 4.32 -13.45 -36.92
C THR H 136 3.08 -13.71 -36.07
N LEU H 137 2.87 -14.98 -35.69
CA LEU H 137 1.69 -15.36 -34.91
C LEU H 137 1.93 -16.38 -33.78
N VAL H 138 1.55 -16.05 -32.56
CA VAL H 138 1.71 -17.01 -31.48
C VAL H 138 0.33 -17.65 -31.30
N VAL H 139 0.26 -18.96 -31.50
CA VAL H 139 -1.01 -19.69 -31.39
C VAL H 139 -1.05 -20.80 -30.36
N PHE H 140 -2.23 -20.99 -29.76
CA PHE H 140 -2.44 -22.00 -28.76
C PHE H 140 -3.59 -22.89 -29.21
N GLU H 141 -3.33 -24.18 -29.32
CA GLU H 141 -4.39 -25.11 -29.71
C GLU H 141 -4.52 -26.10 -28.56
N ARG H 142 -5.65 -26.76 -28.48
CA ARG H 142 -5.89 -27.73 -27.42
C ARG H 142 -7.15 -28.48 -27.77
N ARG H 143 -7.25 -29.72 -27.30
CA ARG H 143 -8.44 -30.52 -27.54
C ARG H 143 -9.46 -30.07 -26.50
N TYR H 144 -10.33 -29.15 -26.93
CA TYR H 144 -11.38 -28.58 -26.10
C TYR H 144 -12.04 -29.63 -25.22
N GLU H 145 -12.30 -29.27 -23.97
CA GLU H 145 -12.94 -30.19 -23.03
C GLU H 145 -14.41 -29.87 -22.76
N TYR H 146 -15.29 -30.45 -23.58
CA TYR H 146 -16.73 -30.26 -23.44
C TYR H 146 -17.18 -30.50 -21.99
N LEU H 147 -18.00 -29.57 -21.50
CA LEU H 147 -18.54 -29.64 -20.15
C LEU H 147 -20.08 -29.51 -20.25
N GLY H 148 -20.77 -30.63 -20.03
CA GLY H 148 -22.21 -30.62 -20.12
C GLY H 148 -22.68 -30.16 -21.49
N SER H 149 -23.70 -29.29 -21.51
CA SER H 149 -24.24 -28.78 -22.77
C SER H 149 -23.72 -27.37 -23.06
N HIS H 150 -22.41 -27.23 -23.16
CA HIS H 150 -21.79 -25.93 -23.40
C HIS H 150 -20.93 -25.91 -24.62
N THR H 151 -20.79 -24.73 -25.22
CA THR H 151 -19.96 -24.56 -26.39
C THR H 151 -19.53 -23.09 -26.38
N THR H 152 -18.23 -22.85 -26.57
CA THR H 152 -17.73 -21.48 -26.58
C THR H 152 -18.14 -20.86 -27.91
N GLU H 153 -17.53 -19.73 -28.28
CA GLU H 153 -17.89 -19.11 -29.54
C GLU H 153 -16.91 -18.07 -30.02
N LEU H 154 -16.93 -17.80 -31.32
CA LEU H 154 -16.01 -16.84 -31.93
C LEU H 154 -15.77 -15.56 -31.10
N ILE H 155 -14.50 -15.23 -30.90
CA ILE H 155 -14.12 -14.05 -30.15
C ILE H 155 -13.05 -13.35 -30.94
N VAL H 156 -13.16 -12.04 -31.09
CA VAL H 156 -12.16 -11.26 -31.80
C VAL H 156 -12.02 -9.95 -31.03
N GLY H 157 -10.79 -9.52 -30.78
CA GLY H 157 -10.62 -8.30 -30.04
C GLY H 157 -9.22 -7.74 -30.16
N SER H 158 -8.85 -6.91 -29.20
CA SER H 158 -7.52 -6.31 -29.18
C SER H 158 -7.15 -6.11 -27.72
N THR H 159 -5.92 -6.47 -27.35
CA THR H 159 -5.47 -6.32 -25.97
C THR H 159 -5.97 -5.03 -25.33
N ASP H 160 -5.74 -3.91 -26.02
CA ASP H 160 -6.13 -2.59 -25.51
C ASP H 160 -7.64 -2.43 -25.25
N LYS H 161 -8.46 -3.17 -25.97
CA LYS H 161 -9.90 -3.05 -25.78
C LYS H 161 -10.41 -3.93 -24.66
N GLN H 162 -9.51 -4.46 -23.84
CA GLN H 162 -9.91 -5.27 -22.71
C GLN H 162 -9.57 -4.43 -21.48
N PRO H 163 -10.44 -4.45 -20.46
CA PRO H 163 -10.29 -3.70 -19.20
C PRO H 163 -9.41 -4.34 -18.16
N LEU H 164 -8.89 -3.51 -17.25
CA LEU H 164 -8.03 -4.01 -16.19
C LEU H 164 -8.87 -4.69 -15.14
N LEU H 165 -8.48 -5.90 -14.78
CA LEU H 165 -9.22 -6.65 -13.79
C LEU H 165 -8.56 -6.54 -12.42
N GLU H 166 -9.36 -6.65 -11.38
CA GLU H 166 -8.84 -6.57 -10.02
C GLU H 166 -7.82 -7.68 -9.75
N THR H 167 -6.79 -7.35 -8.99
CA THR H 167 -5.75 -8.32 -8.68
C THR H 167 -5.51 -8.24 -7.20
N PRO H 168 -6.39 -8.84 -6.39
CA PRO H 168 -6.20 -8.81 -4.94
C PRO H 168 -4.81 -9.24 -4.46
N GLY H 169 -4.20 -8.38 -3.65
CA GLY H 169 -2.88 -8.66 -3.12
C GLY H 169 -1.74 -8.65 -4.13
N GLU H 170 -1.97 -8.12 -5.33
CA GLU H 170 -0.96 -8.05 -6.40
C GLU H 170 -0.96 -6.66 -7.05
N VAL H 171 0.17 -6.23 -7.61
CA VAL H 171 0.25 -4.93 -8.24
C VAL H 171 0.38 -4.90 -9.76
N PHE H 172 0.39 -6.06 -10.39
CA PHE H 172 0.51 -6.09 -11.85
C PHE H 172 -0.84 -5.76 -12.49
N GLU H 173 -0.83 -5.26 -13.72
CA GLU H 173 -2.09 -4.93 -14.40
C GLU H 173 -2.57 -6.12 -15.23
N LEU H 174 -3.76 -6.61 -14.91
CA LEU H 174 -4.34 -7.77 -15.56
C LEU H 174 -5.44 -7.55 -16.61
N ARG H 175 -5.37 -8.35 -17.66
CA ARG H 175 -6.37 -8.33 -18.71
C ARG H 175 -6.55 -9.78 -19.05
N LYS H 176 -7.64 -10.13 -19.72
CA LYS H 176 -7.87 -11.51 -20.14
C LYS H 176 -8.48 -11.38 -21.54
N LEU H 177 -7.83 -11.97 -22.53
CA LEU H 177 -8.31 -11.86 -23.91
C LEU H 177 -9.68 -12.51 -24.15
N LEU H 178 -9.98 -13.59 -23.43
CA LEU H 178 -11.22 -14.31 -23.63
C LEU H 178 -12.16 -14.21 -22.43
N PRO H 179 -13.41 -14.68 -22.60
CA PRO H 179 -14.43 -14.66 -21.55
C PRO H 179 -14.10 -15.64 -20.44
N MET H 180 -14.53 -15.31 -19.21
CA MET H 180 -14.29 -16.14 -18.04
C MET H 180 -15.42 -17.14 -17.79
N SER H 181 -16.48 -17.08 -18.60
CA SER H 181 -17.61 -17.99 -18.40
C SER H 181 -17.22 -19.44 -18.52
N VAL H 182 -17.80 -20.26 -17.64
CA VAL H 182 -17.52 -21.68 -17.55
C VAL H 182 -17.32 -22.51 -18.83
N ALA H 183 -17.99 -22.19 -19.91
CA ALA H 183 -17.80 -22.99 -21.13
C ALA H 183 -16.32 -23.06 -21.56
N TYR H 184 -15.63 -21.92 -21.52
CA TYR H 184 -14.22 -21.84 -21.90
C TYR H 184 -13.33 -22.55 -20.87
N ASP H 185 -12.53 -23.52 -21.32
CA ASP H 185 -11.65 -24.26 -20.40
C ASP H 185 -10.27 -23.64 -20.17
N PHE H 186 -10.03 -22.44 -20.69
CA PHE H 186 -8.74 -21.79 -20.50
C PHE H 186 -8.84 -20.31 -20.87
N ASN H 187 -7.79 -19.55 -20.58
CA ASN H 187 -7.79 -18.14 -20.89
C ASN H 187 -6.39 -17.66 -21.27
N ILE H 188 -6.31 -16.44 -21.77
CA ILE H 188 -5.02 -15.82 -22.14
C ILE H 188 -4.96 -14.47 -21.45
N HIS H 189 -4.10 -14.39 -20.44
CA HIS H 189 -3.93 -13.17 -19.66
C HIS H 189 -2.78 -12.30 -20.15
N THR H 190 -2.92 -11.00 -19.95
CA THR H 190 -1.90 -10.04 -20.28
C THR H 190 -1.49 -9.57 -18.91
N MET H 191 -0.19 -9.52 -18.63
CA MET H 191 0.25 -9.08 -17.32
C MET H 191 1.35 -8.04 -17.43
N ASP H 192 1.08 -6.87 -16.84
CA ASP H 192 2.02 -5.77 -16.87
C ASP H 192 2.67 -5.53 -15.51
N PHE H 193 3.97 -5.29 -15.54
CA PHE H 193 4.74 -5.02 -14.34
C PHE H 193 5.64 -3.81 -14.63
N GLN H 194 5.62 -2.82 -13.75
CA GLN H 194 6.47 -1.65 -13.89
C GLN H 194 7.82 -2.04 -13.31
N PRO H 195 8.92 -1.45 -13.80
CA PRO H 195 10.22 -1.81 -13.26
C PRO H 195 10.24 -1.79 -11.74
N GLY H 196 10.65 -2.88 -11.14
CA GLY H 196 10.69 -2.93 -9.69
C GLY H 196 9.55 -3.71 -9.09
N GLU H 197 8.45 -3.83 -9.84
CA GLU H 197 7.29 -4.56 -9.34
C GLU H 197 7.47 -6.07 -9.45
N PHE H 198 6.89 -6.81 -8.53
CA PHE H 198 7.01 -8.27 -8.52
C PHE H 198 5.82 -8.98 -7.86
N LEU H 199 5.72 -10.29 -8.06
CA LEU H 199 4.64 -11.05 -7.46
C LEU H 199 4.82 -11.22 -5.96
N ASN H 200 3.73 -11.01 -5.22
CA ASN H 200 3.74 -11.13 -3.76
C ASN H 200 3.52 -12.55 -3.30
N VAL H 201 2.63 -13.24 -3.98
CA VAL H 201 2.33 -14.63 -3.65
C VAL H 201 3.24 -15.47 -4.53
N LYS H 202 4.02 -16.35 -3.91
CA LYS H 202 4.91 -17.22 -4.67
C LYS H 202 4.12 -18.46 -5.06
N GLU H 203 3.25 -18.29 -6.04
CA GLU H 203 2.37 -19.33 -6.56
C GLU H 203 2.88 -20.77 -6.65
N VAL H 204 1.99 -21.66 -6.22
CA VAL H 204 2.17 -23.10 -6.27
C VAL H 204 0.74 -23.51 -6.51
N HIS H 205 0.38 -23.77 -7.77
CA HIS H 205 -0.99 -24.16 -8.10
C HIS H 205 -1.04 -25.24 -9.18
N TYR H 206 -2.18 -25.93 -9.26
CA TYR H 206 -2.38 -27.02 -10.22
C TYR H 206 -2.45 -26.55 -11.66
N ASN H 207 -2.73 -25.27 -11.86
CA ASN H 207 -2.83 -24.72 -13.18
C ASN H 207 -1.45 -24.80 -13.86
N GLN H 208 -1.45 -24.99 -15.18
CA GLN H 208 -0.21 -25.04 -15.93
C GLN H 208 -0.06 -23.75 -16.74
N HIS H 209 1.16 -23.42 -17.15
CA HIS H 209 1.33 -22.17 -17.90
C HIS H 209 2.16 -22.24 -19.18
N GLY H 210 1.84 -21.33 -20.07
CA GLY H 210 2.56 -21.21 -21.34
C GLY H 210 2.73 -19.70 -21.43
N LEU H 211 3.95 -19.19 -21.50
CA LEU H 211 4.10 -17.74 -21.59
C LEU H 211 5.14 -17.22 -22.56
N LEU H 212 4.88 -16.01 -23.04
CA LEU H 212 5.76 -15.32 -23.97
C LEU H 212 5.97 -13.89 -23.50
N LEU H 213 7.18 -13.58 -23.02
CA LEU H 213 7.48 -12.23 -22.57
C LEU H 213 7.45 -11.31 -23.79
N LEU H 214 6.44 -10.45 -23.86
CA LEU H 214 6.27 -9.55 -24.99
C LEU H 214 7.11 -8.29 -24.95
N GLU H 215 7.23 -7.69 -23.76
CA GLU H 215 8.03 -6.48 -23.60
C GLU H 215 8.77 -6.47 -22.26
N GLY H 216 9.86 -5.72 -22.20
CA GLY H 216 10.62 -5.60 -20.97
C GLY H 216 11.59 -6.71 -20.65
N GLN H 217 11.91 -6.84 -19.36
CA GLN H 217 12.85 -7.85 -18.91
C GLN H 217 12.79 -7.97 -17.38
N GLY H 218 13.37 -9.03 -16.85
CA GLY H 218 13.36 -9.22 -15.41
C GLY H 218 14.02 -10.50 -14.95
N ILE H 219 13.59 -10.99 -13.79
CA ILE H 219 14.11 -12.22 -13.22
C ILE H 219 12.95 -13.16 -12.95
N TYR H 220 12.96 -14.32 -13.60
CA TYR H 220 11.90 -15.28 -13.40
C TYR H 220 12.40 -16.46 -12.60
N ARG H 221 11.64 -16.85 -11.58
CA ARG H 221 12.00 -17.98 -10.75
C ARG H 221 11.10 -19.17 -11.02
N LEU H 222 11.70 -20.36 -11.05
CA LEU H 222 10.96 -21.58 -11.27
C LEU H 222 11.54 -22.65 -10.36
N GLY H 223 10.78 -23.06 -9.38
CA GLY H 223 11.28 -24.05 -8.45
C GLY H 223 12.41 -23.36 -7.72
N ASP H 224 13.61 -23.93 -7.80
CA ASP H 224 14.75 -23.31 -7.13
C ASP H 224 15.73 -22.87 -8.19
N ASN H 225 15.20 -22.32 -9.29
CA ASN H 225 16.06 -21.85 -10.37
C ASN H 225 15.69 -20.41 -10.71
N TRP H 226 16.69 -19.53 -10.77
CA TRP H 226 16.41 -18.14 -11.10
C TRP H 226 16.90 -17.90 -12.53
N TYR H 227 16.08 -17.27 -13.36
CA TYR H 227 16.44 -17.03 -14.77
C TYR H 227 16.29 -15.63 -15.31
N PRO H 228 17.39 -15.02 -15.81
CA PRO H 228 17.27 -13.68 -16.36
C PRO H 228 16.48 -13.87 -17.66
N VAL H 229 15.52 -13.00 -17.93
CA VAL H 229 14.74 -13.14 -19.14
C VAL H 229 14.63 -11.82 -19.86
N GLN H 230 14.36 -11.89 -21.17
CA GLN H 230 14.23 -10.71 -22.01
C GLN H 230 13.07 -10.95 -22.97
N ALA H 231 12.53 -9.88 -23.57
CA ALA H 231 11.42 -10.02 -24.50
C ALA H 231 11.78 -11.05 -25.56
N GLY H 232 10.82 -11.92 -25.90
CA GLY H 232 11.08 -12.93 -26.89
C GLY H 232 11.18 -14.31 -26.28
N ASP H 233 11.52 -14.37 -24.99
CA ASP H 233 11.66 -15.65 -24.30
C ASP H 233 10.32 -16.36 -24.07
N VAL H 234 10.39 -17.68 -23.95
CA VAL H 234 9.19 -18.49 -23.76
C VAL H 234 9.36 -19.40 -22.55
N ILE H 235 8.40 -19.34 -21.63
CA ILE H 235 8.42 -20.18 -20.44
C ILE H 235 7.28 -21.19 -20.46
N TRP H 236 7.55 -22.38 -19.91
CA TRP H 236 6.56 -23.44 -19.80
C TRP H 236 6.58 -23.79 -18.34
N MET H 237 5.42 -23.67 -17.69
CA MET H 237 5.33 -24.00 -16.26
C MET H 237 4.45 -25.22 -16.12
N ALA H 238 4.94 -26.23 -15.43
CA ALA H 238 4.15 -27.44 -15.24
C ALA H 238 3.38 -27.26 -13.94
N PRO H 239 2.24 -27.95 -13.82
CA PRO H 239 1.40 -27.86 -12.62
C PRO H 239 2.24 -27.97 -11.36
N PHE H 240 1.95 -27.11 -10.39
CA PHE H 240 2.60 -27.07 -9.07
C PHE H 240 4.04 -26.60 -8.96
N VAL H 241 4.61 -26.12 -10.07
CA VAL H 241 5.97 -25.63 -10.01
C VAL H 241 5.94 -24.23 -9.40
N PRO H 242 6.72 -24.04 -8.33
CA PRO H 242 6.78 -22.74 -7.65
C PRO H 242 7.16 -21.67 -8.68
N GLN H 243 6.45 -20.56 -8.70
CA GLN H 243 6.77 -19.55 -9.68
C GLN H 243 6.76 -18.15 -9.11
N TRP H 244 7.58 -17.30 -9.71
CA TRP H 244 7.72 -15.92 -9.27
C TRP H 244 8.29 -15.03 -10.39
N TYR H 245 8.12 -13.71 -10.28
CA TYR H 245 8.64 -12.82 -11.30
C TYR H 245 8.88 -11.40 -10.79
N ALA H 246 9.84 -10.74 -11.42
CA ALA H 246 10.20 -9.36 -11.09
C ALA H 246 10.62 -8.66 -12.38
N ALA H 247 10.06 -7.48 -12.61
CA ALA H 247 10.39 -6.70 -13.79
C ALA H 247 11.54 -5.74 -13.48
N LEU H 248 12.48 -5.63 -14.40
CA LEU H 248 13.64 -4.77 -14.25
C LEU H 248 13.85 -3.90 -15.47
N GLY H 249 14.76 -2.95 -15.35
CA GLY H 249 15.06 -2.07 -16.47
C GLY H 249 14.30 -0.77 -16.44
N LYS H 250 14.23 -0.09 -17.58
CA LYS H 250 13.52 1.18 -17.68
C LYS H 250 12.05 0.99 -18.10
N THR H 251 11.82 0.16 -19.11
CA THR H 251 10.47 -0.05 -19.59
C THR H 251 9.79 -1.17 -18.80
N ARG H 252 8.48 -1.24 -18.94
CA ARG H 252 7.68 -2.25 -18.27
C ARG H 252 7.85 -3.65 -18.85
N SER H 253 7.39 -4.65 -18.10
CA SER H 253 7.43 -6.02 -18.56
C SER H 253 6.00 -6.38 -18.84
N ARG H 254 5.80 -7.22 -19.85
CA ARG H 254 4.48 -7.67 -20.23
C ARG H 254 4.65 -9.06 -20.81
N TYR H 255 3.97 -10.01 -20.24
CA TYR H 255 4.06 -11.34 -20.78
C TYR H 255 2.66 -11.92 -21.00
N LEU H 256 2.51 -12.58 -22.14
CA LEU H 256 1.27 -13.23 -22.52
C LEU H 256 1.29 -14.58 -21.84
N LEU H 257 0.23 -14.89 -21.10
CA LEU H 257 0.17 -16.14 -20.37
C LEU H 257 -1.08 -16.97 -20.70
N TYR H 258 -0.90 -18.29 -20.75
CA TYR H 258 -1.98 -19.22 -21.00
C TYR H 258 -2.28 -19.85 -19.66
N LYS H 259 -3.55 -20.11 -19.39
CA LYS H 259 -3.90 -20.70 -18.12
C LYS H 259 -5.16 -21.55 -18.31
N ASP H 260 -5.12 -22.77 -17.81
CA ASP H 260 -6.27 -23.65 -17.90
C ASP H 260 -7.25 -23.24 -16.79
N VAL H 261 -8.54 -23.31 -17.10
CA VAL H 261 -9.58 -22.94 -16.14
C VAL H 261 -10.89 -23.69 -16.35
N ASN H 262 -11.80 -23.46 -15.40
CA ASN H 262 -13.15 -23.99 -15.38
C ASN H 262 -13.43 -25.47 -15.50
N ARG H 263 -12.57 -26.30 -14.91
CA ARG H 263 -12.77 -27.73 -14.96
C ARG H 263 -12.19 -28.36 -13.69
N ASN H 264 -12.99 -29.20 -13.04
CA ASN H 264 -12.55 -29.84 -11.82
C ASN H 264 -11.24 -30.55 -12.14
N PRO H 265 -10.13 -30.11 -11.53
CA PRO H 265 -8.82 -30.71 -11.79
C PRO H 265 -8.71 -32.15 -11.28
N LEU H 266 -9.77 -32.63 -10.65
CA LEU H 266 -9.77 -33.99 -10.14
C LEU H 266 -9.48 -34.95 -11.28
N PRO I 7 -24.26 70.67 -11.68
CA PRO I 7 -24.11 69.88 -12.93
C PRO I 7 -24.98 68.63 -12.85
N ILE I 8 -26.17 68.71 -13.41
CA ILE I 8 -27.14 67.60 -13.41
C ILE I 8 -26.45 66.24 -13.65
N TYR I 9 -26.56 65.35 -12.65
CA TYR I 9 -25.98 64.01 -12.74
C TYR I 9 -24.47 64.04 -12.68
N TRP I 10 -23.89 64.85 -11.79
CA TRP I 10 -22.44 64.94 -11.68
C TRP I 10 -21.88 63.74 -10.91
N LYS I 11 -22.40 63.55 -9.70
CA LYS I 11 -21.94 62.46 -8.85
C LYS I 11 -22.07 61.11 -9.50
N ALA I 12 -23.00 60.98 -10.42
CA ALA I 12 -23.18 59.71 -11.13
C ALA I 12 -21.96 59.42 -12.00
N THR I 13 -21.22 60.47 -12.33
CA THR I 13 -20.03 60.35 -13.17
C THR I 13 -18.79 60.48 -12.33
N ASN I 14 -18.95 61.00 -11.12
CA ASN I 14 -17.83 61.18 -10.19
C ASN I 14 -18.34 60.81 -8.78
N PRO I 15 -18.55 59.51 -8.53
CA PRO I 15 -19.04 59.04 -7.24
C PRO I 15 -18.23 59.54 -6.04
N THR I 16 -18.96 59.83 -4.95
CA THR I 16 -18.36 60.29 -3.70
C THR I 16 -17.28 59.31 -3.21
N LEU I 17 -17.54 58.02 -3.35
CA LEU I 17 -16.54 57.03 -2.99
C LEU I 17 -16.00 56.61 -4.35
N SER I 18 -14.73 56.95 -4.58
CA SER I 18 -14.08 56.66 -5.85
C SER I 18 -13.12 55.46 -5.84
N PRO I 19 -12.93 54.83 -6.99
CA PRO I 19 -12.03 53.69 -7.09
C PRO I 19 -10.65 54.03 -6.52
N SER I 20 -10.09 55.18 -6.92
CA SER I 20 -8.76 55.56 -6.44
C SER I 20 -8.69 55.62 -4.92
N HIS I 21 -9.82 55.87 -4.26
CA HIS I 21 -9.80 55.91 -2.80
C HIS I 21 -9.54 54.54 -2.21
N LEU I 22 -9.90 53.51 -2.96
CA LEU I 22 -9.70 52.15 -2.53
C LEU I 22 -8.35 51.67 -3.04
N GLN I 23 -7.52 52.59 -3.55
CA GLN I 23 -6.23 52.18 -4.08
C GLN I 23 -5.29 51.51 -3.09
N ASP I 24 -5.57 51.62 -1.80
CA ASP I 24 -4.72 50.96 -0.82
C ASP I 24 -5.50 49.91 -0.04
N LEU I 25 -6.53 49.36 -0.66
CA LEU I 25 -7.33 48.30 -0.06
C LEU I 25 -7.39 47.17 -1.06
N PRO I 26 -6.30 46.40 -1.17
CA PRO I 26 -6.21 45.29 -2.11
C PRO I 26 -7.43 44.37 -2.05
N GLY I 27 -8.08 44.19 -3.20
CA GLY I 27 -9.23 43.31 -3.30
C GLY I 27 -10.57 43.83 -2.83
N PHE I 28 -10.60 44.95 -2.12
CA PHE I 28 -11.86 45.51 -1.63
C PHE I 28 -12.81 45.96 -2.74
N THR I 29 -14.10 45.77 -2.51
CA THR I 29 -15.11 46.19 -3.46
C THR I 29 -16.49 46.13 -2.85
N ARG I 30 -17.32 47.10 -3.20
CA ARG I 30 -18.68 47.16 -2.69
C ARG I 30 -19.61 46.33 -3.59
N SER I 31 -19.07 45.75 -4.66
CA SER I 31 -19.88 44.95 -5.58
C SER I 31 -20.34 43.58 -5.08
N VAL I 32 -21.59 43.26 -5.41
CA VAL I 32 -22.19 42.01 -5.01
C VAL I 32 -22.98 41.40 -6.15
N TYR I 33 -22.75 40.13 -6.40
CA TYR I 33 -23.45 39.43 -7.45
C TYR I 33 -23.99 38.16 -6.83
N LYS I 34 -25.29 38.13 -6.60
CA LYS I 34 -25.91 36.96 -6.00
C LYS I 34 -26.83 36.22 -6.98
N ARG I 35 -27.49 35.19 -6.47
CA ARG I 35 -28.40 34.37 -7.25
C ARG I 35 -29.52 35.15 -7.93
N ASP I 36 -30.25 35.94 -7.16
CA ASP I 36 -31.37 36.69 -7.70
C ASP I 36 -31.14 38.20 -7.83
N HIS I 37 -29.92 38.68 -7.57
CA HIS I 37 -29.66 40.10 -7.71
C HIS I 37 -28.18 40.48 -7.74
N ALA I 38 -27.90 41.76 -7.90
CA ALA I 38 -26.52 42.24 -7.94
C ALA I 38 -26.45 43.73 -7.75
N LEU I 39 -25.39 44.15 -7.08
CA LEU I 39 -25.11 45.55 -6.82
C LEU I 39 -23.73 45.78 -7.43
N ILE I 40 -23.66 46.50 -8.54
CA ILE I 40 -22.37 46.75 -9.16
C ILE I 40 -21.95 48.19 -8.91
N THR I 41 -20.76 48.34 -8.34
CA THR I 41 -20.21 49.65 -8.03
C THR I 41 -19.07 50.04 -8.98
N PRO I 42 -18.74 51.34 -9.04
CA PRO I 42 -17.70 51.99 -9.86
C PRO I 42 -16.34 51.34 -10.00
N GLU I 43 -15.81 50.76 -8.93
CA GLU I 43 -14.49 50.13 -8.99
C GLU I 43 -14.47 48.79 -9.74
N SER I 44 -15.64 48.25 -10.03
CA SER I 44 -15.75 46.96 -10.71
C SER I 44 -16.00 47.06 -12.22
N HIS I 45 -16.34 48.25 -12.70
CA HIS I 45 -16.60 48.41 -14.12
C HIS I 45 -15.42 48.00 -14.98
N VAL I 46 -15.67 47.12 -15.93
CA VAL I 46 -14.62 46.70 -16.83
C VAL I 46 -14.90 47.37 -18.17
N TYR I 47 -14.01 48.28 -18.57
CA TYR I 47 -14.14 48.99 -19.84
C TYR I 47 -13.23 48.41 -20.91
N SER I 48 -13.82 48.17 -22.08
CA SER I 48 -13.08 47.63 -23.21
C SER I 48 -13.71 48.20 -24.47
N PRO I 49 -12.93 48.28 -25.56
CA PRO I 49 -13.43 48.82 -26.83
C PRO I 49 -14.68 48.12 -27.38
N LEU I 50 -15.76 48.89 -27.53
CA LEU I 50 -17.03 48.39 -28.04
C LEU I 50 -16.94 48.06 -29.54
N PRO I 51 -17.28 46.81 -29.90
CA PRO I 51 -17.22 46.38 -31.31
C PRO I 51 -18.17 47.17 -32.21
N ASP I 52 -17.78 47.35 -33.47
CA ASP I 52 -18.58 48.08 -34.43
C ASP I 52 -18.79 49.54 -34.02
N TRP I 53 -18.07 49.98 -33.01
CA TRP I 53 -18.19 51.37 -32.58
C TRP I 53 -16.87 52.05 -32.91
N THR I 54 -16.86 53.37 -32.85
CA THR I 54 -15.64 54.12 -33.15
C THR I 54 -15.17 54.88 -31.94
N ASN I 55 -13.98 54.52 -31.48
CA ASN I 55 -13.39 55.19 -30.33
C ASN I 55 -14.39 55.32 -29.17
N THR I 56 -14.98 54.20 -28.79
CA THR I 56 -15.92 54.21 -27.68
C THR I 56 -15.69 53.03 -26.75
N LEU I 57 -15.37 53.33 -25.51
CA LEU I 57 -15.13 52.29 -24.51
C LEU I 57 -16.47 51.98 -23.85
N GLY I 58 -16.83 50.71 -23.80
CA GLY I 58 -18.10 50.34 -23.20
C GLY I 58 -17.88 49.30 -22.14
N ALA I 59 -18.76 49.28 -21.17
CA ALA I 59 -18.64 48.29 -20.09
C ALA I 59 -20.01 47.68 -19.83
N TYR I 60 -20.10 46.37 -20.03
CA TYR I 60 -21.35 45.68 -19.81
C TYR I 60 -21.57 45.38 -18.35
N LEU I 61 -22.66 45.92 -17.82
CA LEU I 61 -23.04 45.73 -16.43
C LEU I 61 -23.97 44.53 -16.24
N ILE I 62 -24.92 44.36 -17.15
CA ILE I 62 -25.89 43.25 -17.08
C ILE I 62 -26.14 42.59 -18.44
N THR I 63 -26.02 41.27 -18.51
CA THR I 63 -26.32 40.57 -19.76
C THR I 63 -27.17 39.33 -19.41
N PRO I 64 -27.77 38.71 -20.43
CA PRO I 64 -28.60 37.52 -20.26
C PRO I 64 -27.92 36.36 -19.52
N ALA I 65 -26.61 36.45 -19.35
CA ALA I 65 -25.87 35.42 -18.63
C ALA I 65 -26.34 35.45 -17.18
N THR I 66 -26.93 36.57 -16.78
CA THR I 66 -27.43 36.76 -15.43
C THR I 66 -28.83 36.17 -15.26
N GLY I 67 -29.47 35.87 -16.38
CA GLY I 67 -30.82 35.36 -16.35
C GLY I 67 -31.76 36.47 -16.80
N SER I 68 -31.20 37.49 -17.42
CA SER I 68 -31.99 38.61 -17.92
C SER I 68 -32.30 38.39 -19.40
N HIS I 69 -33.16 39.25 -19.96
CA HIS I 69 -33.50 39.14 -21.37
C HIS I 69 -33.05 40.42 -22.04
N PHE I 70 -32.18 41.16 -21.33
CA PHE I 70 -31.64 42.42 -21.83
C PHE I 70 -30.20 42.65 -21.39
N VAL I 71 -29.60 43.68 -21.96
CA VAL I 71 -28.24 44.07 -21.62
C VAL I 71 -28.35 45.52 -21.20
N MET I 72 -27.42 45.96 -20.36
CA MET I 72 -27.35 47.32 -19.85
C MET I 72 -25.87 47.62 -19.75
N TYR I 73 -25.38 48.51 -20.59
CA TYR I 73 -23.97 48.85 -20.55
C TYR I 73 -23.76 50.34 -20.60
N LEU I 74 -22.52 50.74 -20.31
CA LEU I 74 -22.13 52.12 -20.31
C LEU I 74 -21.17 52.34 -21.45
N ALA I 75 -21.50 53.31 -22.27
CA ALA I 75 -20.66 53.66 -23.40
C ALA I 75 -20.04 55.02 -23.10
N LYS I 76 -18.71 55.05 -23.16
CA LYS I 76 -17.92 56.27 -22.96
C LYS I 76 -17.50 56.67 -24.38
N MET I 77 -18.14 57.71 -24.90
CA MET I 77 -17.80 58.15 -26.25
C MET I 77 -16.79 59.30 -26.18
N LYS I 78 -15.64 59.07 -26.81
CA LYS I 78 -14.56 60.06 -26.84
C LYS I 78 -14.49 60.79 -28.20
N GLU I 79 -13.36 61.46 -28.42
CA GLU I 79 -13.07 62.24 -29.62
C GLU I 79 -13.53 61.64 -30.96
N MET I 80 -14.49 62.29 -31.61
CA MET I 80 -14.99 61.79 -32.90
C MET I 80 -15.25 60.29 -32.79
N SER I 81 -16.43 59.97 -32.28
CA SER I 81 -16.83 58.59 -32.10
C SER I 81 -18.22 58.34 -32.66
N SER I 82 -18.42 57.10 -33.13
CA SER I 82 -19.69 56.67 -33.71
C SER I 82 -20.23 55.42 -32.99
N SER I 83 -21.53 55.20 -33.11
CA SER I 83 -22.19 54.06 -32.48
C SER I 83 -22.55 52.96 -33.46
N GLY I 84 -21.98 51.77 -33.21
CA GLY I 84 -22.28 50.63 -34.07
C GLY I 84 -23.73 50.20 -33.94
N LEU I 85 -24.23 49.56 -35.01
CA LEU I 85 -25.61 49.07 -35.08
C LEU I 85 -25.84 47.77 -34.32
N PRO I 86 -27.00 47.69 -33.64
CA PRO I 86 -27.40 46.51 -32.86
C PRO I 86 -27.70 45.35 -33.82
N PRO I 87 -27.63 44.10 -33.34
CA PRO I 87 -27.90 42.98 -34.23
C PRO I 87 -29.33 43.01 -34.74
N GLN I 88 -29.65 42.06 -35.62
CA GLN I 88 -30.98 42.00 -36.17
C GLN I 88 -32.00 41.79 -35.08
N ASP I 89 -33.13 42.47 -35.21
CA ASP I 89 -34.23 42.36 -34.26
C ASP I 89 -33.99 42.81 -32.81
N ILE I 90 -32.87 43.48 -32.57
CA ILE I 90 -32.54 43.96 -31.24
C ILE I 90 -33.04 45.40 -31.08
N GLU I 91 -33.86 45.67 -30.07
CA GLU I 91 -34.34 47.03 -29.86
C GLU I 91 -33.30 47.77 -28.99
N ARG I 92 -33.30 49.08 -29.03
CA ARG I 92 -32.31 49.84 -28.26
C ARG I 92 -32.78 51.21 -27.76
N LEU I 93 -32.47 51.49 -26.51
CA LEU I 93 -32.79 52.75 -25.86
C LEU I 93 -31.48 53.35 -25.35
N ILE I 94 -31.35 54.67 -25.43
CA ILE I 94 -30.15 55.31 -24.92
C ILE I 94 -30.50 56.52 -24.07
N PHE I 95 -29.70 56.71 -23.04
CA PHE I 95 -29.87 57.81 -22.11
C PHE I 95 -28.54 58.53 -22.03
N VAL I 96 -28.56 59.85 -22.14
CA VAL I 96 -27.32 60.62 -22.05
C VAL I 96 -27.16 61.06 -20.59
N VAL I 97 -26.23 60.41 -19.90
CA VAL I 97 -25.97 60.72 -18.49
C VAL I 97 -25.08 61.93 -18.34
N GLU I 98 -24.33 62.22 -19.39
CA GLU I 98 -23.41 63.34 -19.36
C GLU I 98 -22.85 63.58 -20.75
N GLY I 99 -22.56 64.85 -21.04
CA GLY I 99 -21.99 65.22 -22.32
C GLY I 99 -22.96 65.60 -23.41
N ALA I 100 -22.64 65.17 -24.63
CA ALA I 100 -23.43 65.47 -25.83
C ALA I 100 -23.14 64.56 -27.01
N VAL I 101 -24.20 64.07 -27.65
CA VAL I 101 -24.10 63.19 -28.80
C VAL I 101 -25.22 63.56 -29.77
N THR I 102 -24.96 63.45 -31.06
CA THR I 102 -25.97 63.78 -32.07
C THR I 102 -26.60 62.55 -32.73
N LEU I 103 -27.93 62.52 -32.74
CA LEU I 103 -28.71 61.41 -33.33
C LEU I 103 -29.28 61.66 -34.75
N THR I 104 -28.90 60.81 -35.70
CA THR I 104 -29.38 60.93 -37.09
C THR I 104 -29.85 59.55 -37.61
N ASN I 105 -30.90 59.54 -38.42
CA ASN I 105 -31.42 58.29 -38.97
C ASN I 105 -30.38 57.65 -39.89
N SER I 108 -34.47 61.12 -41.33
CA SER I 108 -35.39 62.09 -40.77
C SER I 108 -34.73 63.05 -39.74
N SER I 109 -34.28 64.20 -40.24
CA SER I 109 -33.67 65.26 -39.41
C SER I 109 -32.62 64.86 -38.37
N SER I 110 -31.90 65.85 -37.89
CA SER I 110 -30.87 65.64 -36.87
C SER I 110 -31.49 65.91 -35.49
N LYS I 111 -30.86 65.34 -34.46
CA LYS I 111 -31.32 65.51 -33.07
C LYS I 111 -30.10 65.66 -32.16
N LYS I 112 -30.12 66.69 -31.32
CA LYS I 112 -29.01 66.96 -30.44
C LYS I 112 -29.34 66.48 -29.03
N LEU I 113 -28.85 65.30 -28.69
CA LEU I 113 -29.12 64.74 -27.38
C LEU I 113 -28.05 65.20 -26.42
N THR I 114 -28.49 65.77 -25.30
CA THR I 114 -27.62 66.25 -24.24
C THR I 114 -28.00 65.50 -22.98
N VAL I 115 -27.33 65.84 -21.88
CA VAL I 115 -27.62 65.21 -20.60
C VAL I 115 -29.11 65.25 -20.36
N ASP I 116 -29.68 64.09 -20.03
CA ASP I 116 -31.10 63.91 -19.74
C ASP I 116 -31.98 63.65 -20.98
N SER I 117 -31.37 63.66 -22.16
CA SER I 117 -32.08 63.37 -23.41
C SER I 117 -31.98 61.87 -23.67
N TYR I 118 -33.04 61.28 -24.19
CA TYR I 118 -33.04 59.85 -24.48
C TYR I 118 -33.70 59.53 -25.82
N ALA I 119 -33.29 58.42 -26.42
CA ALA I 119 -33.83 58.00 -27.70
C ALA I 119 -34.02 56.49 -27.75
N TYR I 120 -35.22 56.03 -28.13
CA TYR I 120 -35.54 54.60 -28.24
C TYR I 120 -35.60 54.20 -29.72
N LEU I 121 -34.92 53.12 -30.06
CA LEU I 121 -34.87 52.65 -31.45
C LEU I 121 -35.53 51.31 -31.65
N PRO I 122 -36.52 51.24 -32.55
CA PRO I 122 -37.21 49.98 -32.80
C PRO I 122 -36.24 48.97 -33.42
N PRO I 123 -36.60 47.69 -33.39
CA PRO I 123 -35.72 46.67 -33.97
C PRO I 123 -35.59 46.88 -35.47
N ASN I 124 -34.38 46.61 -35.97
CA ASN I 124 -34.10 46.74 -37.40
C ASN I 124 -34.27 48.16 -37.91
N PHE I 125 -34.38 49.11 -36.99
CA PHE I 125 -34.53 50.50 -37.38
C PHE I 125 -33.14 51.07 -37.56
N HIS I 126 -32.93 51.83 -38.65
CA HIS I 126 -31.62 52.41 -38.92
C HIS I 126 -31.43 53.80 -38.29
N HIS I 127 -30.27 53.97 -37.67
CA HIS I 127 -29.94 55.23 -37.01
C HIS I 127 -28.45 55.26 -36.73
N SER I 128 -28.01 56.38 -36.17
CA SER I 128 -26.61 56.55 -35.80
C SER I 128 -26.41 57.69 -34.81
N LEU I 129 -25.49 57.46 -33.88
CA LEU I 129 -25.14 58.44 -32.87
C LEU I 129 -23.71 58.82 -33.20
N ASP I 130 -23.42 60.11 -33.07
CA ASP I 130 -22.09 60.63 -33.37
C ASP I 130 -21.70 61.65 -32.32
N CYS I 131 -20.52 61.44 -31.74
CA CYS I 131 -19.99 62.29 -30.70
C CYS I 131 -18.69 62.93 -31.10
N VAL I 132 -18.62 64.24 -30.88
CA VAL I 132 -17.43 65.01 -31.21
C VAL I 132 -16.43 64.93 -30.06
N GLU I 133 -16.89 65.29 -28.86
CA GLU I 133 -16.03 65.31 -27.67
C GLU I 133 -16.18 64.09 -26.76
N SER I 134 -17.00 64.27 -25.74
CA SER I 134 -17.27 63.24 -24.76
C SER I 134 -18.78 63.10 -24.63
N ALA I 135 -19.22 61.97 -24.09
CA ALA I 135 -20.62 61.68 -23.86
C ALA I 135 -20.70 60.35 -23.14
N THR I 136 -21.38 60.29 -22.00
CA THR I 136 -21.53 59.03 -21.29
C THR I 136 -22.95 58.54 -21.45
N LEU I 137 -23.10 57.38 -22.08
CA LEU I 137 -24.41 56.80 -22.33
C LEU I 137 -24.70 55.52 -21.55
N VAL I 138 -25.92 55.40 -21.05
CA VAL I 138 -26.34 54.20 -20.34
C VAL I 138 -27.37 53.61 -21.30
N VAL I 139 -27.05 52.48 -21.91
CA VAL I 139 -27.98 51.90 -22.86
C VAL I 139 -28.49 50.51 -22.52
N PHE I 140 -29.69 50.23 -23.00
CA PHE I 140 -30.36 48.96 -22.79
C PHE I 140 -30.64 48.36 -24.19
N GLU I 141 -30.35 47.08 -24.36
CA GLU I 141 -30.59 46.44 -25.63
C GLU I 141 -31.31 45.11 -25.37
N ARG I 142 -32.32 44.81 -26.18
CA ARG I 142 -33.10 43.60 -26.00
C ARG I 142 -33.65 43.04 -27.30
N ARG I 143 -33.74 41.72 -27.39
CA ARG I 143 -34.29 41.09 -28.58
C ARG I 143 -35.76 41.40 -28.46
N TYR I 144 -36.33 42.10 -29.45
CA TYR I 144 -37.74 42.48 -29.39
C TYR I 144 -38.65 41.29 -29.56
N GLU I 145 -39.68 41.24 -28.72
CA GLU I 145 -40.66 40.17 -28.79
C GLU I 145 -41.88 40.67 -29.54
N TYR I 146 -41.99 40.20 -30.78
CA TYR I 146 -43.07 40.58 -31.67
C TYR I 146 -44.41 40.00 -31.22
N LEU I 147 -45.32 40.90 -30.91
CA LEU I 147 -46.66 40.53 -30.48
C LEU I 147 -47.63 40.93 -31.59
N GLY I 148 -48.31 39.92 -32.15
CA GLY I 148 -49.26 40.20 -33.21
C GLY I 148 -48.56 40.95 -34.33
N SER I 149 -49.18 42.05 -34.77
CA SER I 149 -48.64 42.86 -35.84
C SER I 149 -48.30 44.26 -35.32
N HIS I 150 -48.14 44.38 -34.01
CA HIS I 150 -47.82 45.67 -33.43
C HIS I 150 -46.37 45.97 -33.67
N THR I 151 -46.07 47.25 -33.88
CA THR I 151 -44.70 47.67 -34.09
C THR I 151 -44.47 48.93 -33.29
N THR I 152 -43.23 49.12 -32.87
CA THR I 152 -42.88 50.29 -32.07
C THR I 152 -42.38 51.36 -33.00
N GLU I 153 -42.29 52.58 -32.49
CA GLU I 153 -41.80 53.70 -33.28
C GLU I 153 -40.59 54.26 -32.58
N LEU I 154 -39.89 55.17 -33.25
CA LEU I 154 -38.72 55.82 -32.67
C LEU I 154 -39.19 56.88 -31.69
N ILE I 155 -38.57 56.94 -30.52
CA ILE I 155 -38.94 57.91 -29.51
C ILE I 155 -37.70 58.67 -29.11
N VAL I 156 -37.82 60.00 -28.96
CA VAL I 156 -36.68 60.84 -28.56
C VAL I 156 -37.18 61.89 -27.57
N GLY I 157 -36.36 62.27 -26.59
CA GLY I 157 -36.80 63.26 -25.62
C GLY I 157 -35.96 63.44 -24.36
N SER I 158 -36.52 64.17 -23.41
CA SER I 158 -35.85 64.44 -22.13
C SER I 158 -36.78 64.23 -20.94
N THR I 159 -36.18 63.81 -19.83
CA THR I 159 -36.89 63.51 -18.59
C THR I 159 -37.89 64.54 -18.09
N ASP I 160 -37.45 65.77 -17.89
CA ASP I 160 -38.34 66.80 -17.35
C ASP I 160 -39.49 67.21 -18.26
N LYS I 161 -39.39 66.87 -19.55
CA LYS I 161 -40.48 67.19 -20.49
C LYS I 161 -41.61 66.17 -20.25
N GLN I 162 -41.26 65.07 -19.57
CA GLN I 162 -42.22 64.01 -19.26
C GLN I 162 -43.07 64.35 -18.05
N PRO I 163 -44.39 64.12 -18.16
CA PRO I 163 -45.37 64.39 -17.11
C PRO I 163 -45.27 63.48 -15.89
N LEU I 164 -45.66 64.02 -14.73
CA LEU I 164 -45.64 63.26 -13.48
C LEU I 164 -46.76 62.25 -13.54
N LEU I 165 -46.57 61.10 -12.89
CA LEU I 165 -47.63 60.11 -12.94
C LEU I 165 -48.21 59.72 -11.59
N GLU I 166 -49.46 59.27 -11.62
CA GLU I 166 -50.16 58.84 -10.43
C GLU I 166 -49.42 57.69 -9.78
N THR I 167 -49.14 57.82 -8.50
CA THR I 167 -48.42 56.79 -7.79
C THR I 167 -49.27 56.36 -6.60
N PRO I 168 -50.34 55.62 -6.86
CA PRO I 168 -51.29 55.13 -5.85
C PRO I 168 -50.63 54.41 -4.67
N GLY I 169 -50.91 54.92 -3.47
CA GLY I 169 -50.33 54.33 -2.27
C GLY I 169 -48.83 54.55 -2.19
N GLU I 170 -48.29 55.38 -3.08
CA GLU I 170 -46.86 55.68 -3.10
C GLU I 170 -46.65 57.20 -3.07
N VAL I 171 -45.43 57.65 -2.76
CA VAL I 171 -45.16 59.08 -2.70
C VAL I 171 -44.05 59.54 -3.62
N PHE I 172 -43.17 58.64 -4.02
CA PHE I 172 -42.07 59.01 -4.92
C PHE I 172 -42.68 59.56 -6.22
N GLU I 173 -42.01 60.51 -6.86
CA GLU I 173 -42.52 61.08 -8.10
C GLU I 173 -42.11 60.19 -9.28
N LEU I 174 -43.10 59.74 -10.05
CA LEU I 174 -42.81 58.88 -11.20
C LEU I 174 -42.84 59.63 -12.53
N ARG I 175 -42.15 59.06 -13.51
CA ARG I 175 -42.08 59.62 -14.85
C ARG I 175 -41.69 58.45 -15.74
N LYS I 176 -42.32 58.36 -16.91
CA LYS I 176 -42.03 57.29 -17.86
C LYS I 176 -41.53 57.88 -19.19
N LEU I 177 -40.45 57.32 -19.71
CA LEU I 177 -39.87 57.83 -20.95
C LEU I 177 -40.50 57.29 -22.24
N LEU I 178 -41.28 56.21 -22.15
CA LEU I 178 -41.90 55.63 -23.34
C LEU I 178 -43.41 55.45 -23.25
N PRO I 179 -44.05 55.11 -24.39
CA PRO I 179 -45.50 54.90 -24.46
C PRO I 179 -45.90 53.63 -23.70
N MET I 180 -46.94 53.70 -22.87
CA MET I 180 -47.39 52.52 -22.14
C MET I 180 -48.13 51.63 -23.14
N SER I 181 -48.21 52.09 -24.39
CA SER I 181 -48.88 51.37 -25.47
C SER I 181 -48.33 49.97 -25.57
N VAL I 182 -49.24 49.02 -25.81
CA VAL I 182 -48.92 47.58 -25.88
C VAL I 182 -47.76 47.16 -26.79
N ALA I 183 -47.51 47.91 -27.86
CA ALA I 183 -46.43 47.56 -28.77
C ALA I 183 -45.05 47.42 -28.07
N TYR I 184 -44.79 48.31 -27.12
CA TYR I 184 -43.53 48.35 -26.38
C TYR I 184 -43.46 47.26 -25.30
N ASP I 185 -42.40 46.45 -25.34
CA ASP I 185 -42.26 45.37 -24.36
C ASP I 185 -41.40 45.75 -23.16
N PHE I 186 -41.21 47.04 -22.97
CA PHE I 186 -40.44 47.53 -21.84
C PHE I 186 -40.52 49.05 -21.79
N ASN I 187 -40.22 49.60 -20.63
CA ASN I 187 -40.25 51.04 -20.43
C ASN I 187 -39.07 51.41 -19.53
N ILE I 188 -38.83 52.70 -19.39
CA ILE I 188 -37.77 53.19 -18.54
C ILE I 188 -38.42 54.28 -17.69
N HIS I 189 -38.42 54.06 -16.37
CA HIS I 189 -39.03 55.00 -15.44
C HIS I 189 -37.97 55.87 -14.76
N THR I 190 -38.41 57.01 -14.25
CA THR I 190 -37.58 57.94 -13.50
C THR I 190 -38.34 58.09 -12.19
N MET I 191 -37.73 57.64 -11.11
CA MET I 191 -38.37 57.71 -9.81
C MET I 191 -37.62 58.58 -8.82
N ASP I 192 -38.33 59.52 -8.22
CA ASP I 192 -37.69 60.39 -7.27
C ASP I 192 -38.30 60.26 -5.90
N PHE I 193 -37.43 60.28 -4.90
CA PHE I 193 -37.81 60.19 -3.50
C PHE I 193 -37.18 61.37 -2.78
N GLN I 194 -37.86 61.87 -1.76
CA GLN I 194 -37.32 62.96 -0.97
C GLN I 194 -36.62 62.25 0.19
N PRO I 195 -35.65 62.92 0.83
CA PRO I 195 -34.98 62.24 1.95
C PRO I 195 -36.06 61.81 2.94
N GLY I 196 -35.95 60.59 3.46
CA GLY I 196 -36.93 60.12 4.41
C GLY I 196 -38.06 59.25 3.86
N GLU I 197 -38.42 59.44 2.59
CA GLU I 197 -39.50 58.67 2.00
C GLU I 197 -39.01 57.31 1.52
N PHE I 198 -39.96 56.37 1.38
CA PHE I 198 -39.62 55.03 0.95
C PHE I 198 -40.82 54.32 0.34
N LEU I 199 -40.57 53.18 -0.30
CA LEU I 199 -41.62 52.40 -0.92
C LEU I 199 -42.48 51.74 0.15
N ASN I 200 -43.79 51.78 -0.06
CA ASN I 200 -44.72 51.20 0.90
C ASN I 200 -44.87 49.71 0.60
N VAL I 201 -44.87 49.38 -0.69
CA VAL I 201 -44.99 47.99 -1.10
C VAL I 201 -43.59 47.35 -1.25
N LYS I 202 -43.38 46.27 -0.50
CA LYS I 202 -42.11 45.57 -0.56
C LYS I 202 -42.30 44.61 -1.72
N GLU I 203 -42.12 45.16 -2.91
CA GLU I 203 -42.31 44.45 -4.18
C GLU I 203 -41.72 43.09 -4.44
N VAL I 204 -42.60 42.21 -4.90
CA VAL I 204 -42.25 40.86 -5.32
C VAL I 204 -43.08 40.65 -6.58
N HIS I 205 -42.41 40.66 -7.73
CA HIS I 205 -43.08 40.50 -9.02
C HIS I 205 -42.19 39.88 -10.12
N TYR I 206 -42.83 39.37 -11.17
CA TYR I 206 -42.13 38.73 -12.29
C TYR I 206 -41.24 39.70 -13.10
N ASN I 207 -41.58 40.98 -13.09
CA ASN I 207 -40.82 41.98 -13.82
C ASN I 207 -39.38 41.96 -13.34
N GLN I 208 -38.48 42.33 -14.23
CA GLN I 208 -37.07 42.35 -13.92
C GLN I 208 -36.54 43.76 -14.12
N HIS I 209 -35.74 44.24 -13.18
CA HIS I 209 -35.21 45.59 -13.26
C HIS I 209 -33.72 45.63 -13.56
N GLY I 210 -33.25 46.84 -13.83
CA GLY I 210 -31.86 47.15 -14.12
C GLY I 210 -31.86 48.63 -13.83
N LEU I 211 -31.40 49.05 -12.65
CA LEU I 211 -31.42 50.46 -12.30
C LEU I 211 -30.06 51.14 -12.17
N LEU I 212 -30.09 52.47 -12.27
CA LEU I 212 -28.93 53.34 -12.17
C LEU I 212 -29.30 54.45 -11.22
N LEU I 213 -28.54 54.59 -10.15
CA LEU I 213 -28.83 55.64 -9.19
C LEU I 213 -28.18 56.95 -9.70
N LEU I 214 -29.00 57.80 -10.33
CA LEU I 214 -28.53 59.07 -10.89
C LEU I 214 -28.20 60.14 -9.86
N GLU I 215 -29.02 60.24 -8.80
CA GLU I 215 -28.78 61.22 -7.75
C GLU I 215 -29.16 60.70 -6.37
N GLY I 216 -28.62 61.34 -5.35
CA GLY I 216 -28.95 60.97 -3.99
C GLY I 216 -28.23 59.75 -3.47
N GLN I 217 -28.77 59.22 -2.37
CA GLN I 217 -28.20 58.05 -1.73
C GLN I 217 -29.25 57.46 -0.80
N GLY I 218 -29.02 56.22 -0.35
CA GLY I 218 -29.96 55.58 0.54
C GLY I 218 -29.70 54.09 0.76
N ILE I 219 -30.71 53.38 1.30
CA ILE I 219 -30.60 51.95 1.56
C ILE I 219 -31.47 51.12 0.63
N TYR I 220 -30.86 50.14 -0.04
CA TYR I 220 -31.66 49.30 -0.89
C TYR I 220 -31.69 47.91 -0.30
N ARG I 221 -32.89 47.34 -0.22
CA ARG I 221 -33.06 46.00 0.32
C ARG I 221 -33.35 45.02 -0.82
N LEU I 222 -32.48 44.03 -1.00
CA LEU I 222 -32.67 43.02 -2.04
C LEU I 222 -32.64 41.65 -1.38
N GLY I 223 -33.81 41.03 -1.23
CA GLY I 223 -33.87 39.73 -0.58
C GLY I 223 -33.73 39.98 0.90
N ASP I 224 -32.80 39.29 1.56
CA ASP I 224 -32.57 39.50 2.98
C ASP I 224 -31.34 40.37 3.14
N ASN I 225 -30.92 40.97 2.04
CA ASN I 225 -29.73 41.83 1.99
C ASN I 225 -30.03 43.32 2.08
N TRP I 226 -29.15 44.07 2.73
CA TRP I 226 -29.32 45.51 2.84
C TRP I 226 -28.04 46.15 2.32
N TYR I 227 -28.17 47.01 1.33
CA TYR I 227 -27.02 47.66 0.71
C TYR I 227 -27.06 49.18 0.75
N PRO I 228 -26.05 49.81 1.36
CA PRO I 228 -26.05 51.27 1.40
C PRO I 228 -25.65 51.64 -0.04
N VAL I 229 -26.43 52.47 -0.72
CA VAL I 229 -26.11 52.84 -2.10
C VAL I 229 -25.90 54.33 -2.30
N GLN I 230 -25.10 54.67 -3.33
CA GLN I 230 -24.79 56.07 -3.67
C GLN I 230 -24.93 56.34 -5.17
N ALA I 231 -25.06 57.61 -5.52
CA ALA I 231 -25.15 57.98 -6.93
C ALA I 231 -23.99 57.34 -7.69
N GLY I 232 -24.31 56.72 -8.83
CA GLY I 232 -23.29 56.07 -9.63
C GLY I 232 -23.38 54.55 -9.52
N ASP I 233 -24.08 54.05 -8.51
CA ASP I 233 -24.23 52.62 -8.30
C ASP I 233 -25.21 52.01 -9.29
N VAL I 234 -25.10 50.70 -9.50
CA VAL I 234 -25.99 50.00 -10.42
C VAL I 234 -26.58 48.75 -9.80
N ILE I 235 -27.84 48.46 -10.13
CA ILE I 235 -28.47 47.27 -9.58
C ILE I 235 -29.24 46.40 -10.58
N TRP I 236 -28.99 45.10 -10.50
CA TRP I 236 -29.63 44.09 -11.34
C TRP I 236 -30.70 43.41 -10.46
N MET I 237 -31.95 43.43 -10.88
CA MET I 237 -33.01 42.81 -10.10
C MET I 237 -33.71 41.69 -10.90
N ALA I 238 -33.33 40.46 -10.63
CA ALA I 238 -33.91 39.31 -11.31
C ALA I 238 -35.36 39.20 -10.91
N PRO I 239 -36.18 38.51 -11.72
CA PRO I 239 -37.60 38.35 -11.41
C PRO I 239 -37.86 37.81 -10.01
N PHE I 240 -38.85 38.37 -9.34
CA PHE I 240 -39.26 37.93 -8.00
C PHE I 240 -38.38 38.19 -6.77
N VAL I 241 -37.34 39.00 -6.92
CA VAL I 241 -36.50 39.27 -5.75
C VAL I 241 -37.17 40.32 -4.91
N PRO I 242 -37.33 40.06 -3.59
CA PRO I 242 -37.97 41.06 -2.75
C PRO I 242 -37.13 42.35 -2.84
N GLN I 243 -37.77 43.47 -3.14
CA GLN I 243 -37.06 44.74 -3.31
C GLN I 243 -37.66 45.92 -2.54
N TRP I 244 -36.83 46.90 -2.23
CA TRP I 244 -37.28 48.08 -1.47
C TRP I 244 -36.18 49.15 -1.42
N TYR I 245 -36.60 50.41 -1.33
CA TYR I 245 -35.67 51.52 -1.28
C TYR I 245 -36.09 52.58 -0.28
N ALA I 246 -35.12 53.35 0.18
CA ALA I 246 -35.34 54.45 1.11
C ALA I 246 -34.32 55.51 0.71
N ALA I 247 -34.75 56.76 0.58
CA ALA I 247 -33.83 57.84 0.24
C ALA I 247 -33.30 58.44 1.54
N LEU I 248 -32.10 59.02 1.51
CA LEU I 248 -31.51 59.63 2.70
C LEU I 248 -30.50 60.75 2.40
N GLY I 249 -30.16 61.54 3.42
CA GLY I 249 -29.24 62.64 3.20
C GLY I 249 -30.00 63.96 3.05
N LYS I 250 -29.35 64.95 2.45
CA LYS I 250 -29.99 66.28 2.26
C LYS I 250 -30.60 66.44 0.88
N THR I 251 -29.91 65.93 -0.15
CA THR I 251 -30.43 66.02 -1.51
C THR I 251 -31.49 64.96 -1.68
N ARG I 252 -32.05 64.84 -2.87
CA ARG I 252 -33.08 63.84 -3.13
C ARG I 252 -32.56 62.65 -3.92
N SER I 253 -33.19 61.50 -3.71
CA SER I 253 -32.76 60.32 -4.45
C SER I 253 -33.52 60.29 -5.77
N ARG I 254 -32.82 59.90 -6.84
CA ARG I 254 -33.42 59.80 -8.14
C ARG I 254 -32.75 58.64 -8.87
N TYR I 255 -33.54 57.68 -9.30
CA TYR I 255 -32.95 56.58 -10.04
C TYR I 255 -33.69 56.22 -11.32
N LEU I 256 -32.89 55.87 -12.34
CA LEU I 256 -33.38 55.46 -13.65
C LEU I 256 -33.69 53.96 -13.55
N LEU I 257 -34.76 53.50 -14.20
CA LEU I 257 -35.10 52.09 -14.09
C LEU I 257 -35.64 51.41 -15.33
N TYR I 258 -35.26 50.16 -15.49
CA TYR I 258 -35.75 49.37 -16.60
C TYR I 258 -36.87 48.49 -16.05
N LYS I 259 -37.83 48.15 -16.90
CA LYS I 259 -38.93 47.29 -16.51
C LYS I 259 -39.65 46.74 -17.74
N ASP I 260 -39.72 45.41 -17.82
CA ASP I 260 -40.38 44.78 -18.93
C ASP I 260 -41.90 44.75 -18.67
N VAL I 261 -42.69 44.99 -19.71
CA VAL I 261 -44.15 45.02 -19.60
C VAL I 261 -44.83 44.62 -20.90
N ASN I 262 -46.16 44.55 -20.84
CA ASN I 262 -47.04 44.21 -21.95
C ASN I 262 -46.86 42.84 -22.59
N ARG I 263 -46.33 41.88 -21.85
CA ARG I 263 -46.16 40.53 -22.38
C ARG I 263 -46.50 39.48 -21.33
N ASN I 264 -47.32 38.52 -21.74
CA ASN I 264 -47.73 37.44 -20.84
C ASN I 264 -46.47 36.78 -20.28
N PRO I 265 -46.36 36.70 -18.95
CA PRO I 265 -45.19 36.10 -18.32
C PRO I 265 -45.11 34.57 -18.33
N LEU I 266 -45.89 33.93 -19.21
CA LEU I 266 -45.89 32.47 -19.33
C LEU I 266 -44.67 32.07 -20.13
N PRO J 7 -51.80 62.17 21.92
CA PRO J 7 -50.79 62.35 22.99
C PRO J 7 -49.39 62.11 22.42
N ILE J 8 -48.37 62.57 23.15
CA ILE J 8 -46.99 62.38 22.70
C ILE J 8 -46.52 61.00 23.20
N TYR J 9 -45.67 60.37 22.41
CA TYR J 9 -45.16 59.04 22.74
C TYR J 9 -46.30 58.02 22.67
N TRP J 10 -47.47 58.44 22.25
CA TRP J 10 -48.61 57.55 22.18
C TRP J 10 -48.35 56.26 21.41
N LYS J 11 -47.66 56.39 20.26
CA LYS J 11 -47.33 55.23 19.44
C LYS J 11 -46.32 54.30 20.11
N ALA J 12 -45.83 54.68 21.29
CA ALA J 12 -44.89 53.81 21.99
C ALA J 12 -45.75 52.87 22.82
N THR J 13 -46.77 53.45 23.44
CA THR J 13 -47.71 52.73 24.26
C THR J 13 -48.61 51.90 23.35
N ASN J 14 -48.81 52.38 22.12
CA ASN J 14 -49.65 51.69 21.14
C ASN J 14 -48.91 51.70 19.81
N PRO J 15 -48.13 50.64 19.55
CA PRO J 15 -47.36 50.54 18.31
C PRO J 15 -48.22 50.20 17.11
N THR J 16 -47.78 50.66 15.94
CA THR J 16 -48.52 50.41 14.72
C THR J 16 -48.68 48.91 14.50
N LEU J 17 -47.57 48.18 14.59
CA LEU J 17 -47.64 46.72 14.46
C LEU J 17 -47.65 46.23 15.90
N SER J 18 -48.83 45.92 16.39
CA SER J 18 -49.01 45.48 17.75
C SER J 18 -49.24 43.98 17.84
N PRO J 19 -48.92 43.38 19.00
CA PRO J 19 -49.07 41.95 19.29
C PRO J 19 -50.28 41.24 18.73
N SER J 20 -51.48 41.76 18.99
CA SER J 20 -52.71 41.14 18.51
C SER J 20 -52.78 40.96 16.99
N HIS J 21 -52.01 41.75 16.25
CA HIS J 21 -51.98 41.64 14.79
C HIS J 21 -51.23 40.39 14.36
N LEU J 22 -50.69 39.66 15.33
CA LEU J 22 -49.93 38.46 15.05
C LEU J 22 -50.58 37.19 15.62
N GLN J 23 -51.87 37.26 15.94
CA GLN J 23 -52.51 36.08 16.50
C GLN J 23 -52.55 34.88 15.55
N ASP J 24 -52.53 35.13 14.24
CA ASP J 24 -52.57 34.02 13.29
C ASP J 24 -51.23 33.68 12.61
N LEU J 25 -50.13 33.92 13.30
CA LEU J 25 -48.77 33.62 12.83
C LEU J 25 -48.07 32.96 14.02
N PRO J 26 -48.39 31.69 14.28
CA PRO J 26 -47.80 30.95 15.39
C PRO J 26 -46.28 31.05 15.51
N GLY J 27 -45.80 31.47 16.67
CA GLY J 27 -44.37 31.56 16.88
C GLY J 27 -43.64 32.68 16.16
N PHE J 28 -44.36 33.53 15.44
CA PHE J 28 -43.73 34.63 14.71
C PHE J 28 -43.32 35.80 15.61
N THR J 29 -42.08 36.28 15.44
CA THR J 29 -41.62 37.41 16.23
C THR J 29 -40.48 38.21 15.61
N ARG J 30 -40.50 39.52 15.86
CA ARG J 30 -39.49 40.44 15.35
C ARG J 30 -38.27 40.53 16.28
N SER J 31 -38.40 40.01 17.49
CA SER J 31 -37.29 40.09 18.45
C SER J 31 -36.06 39.26 18.08
N VAL J 32 -34.88 39.80 18.38
CA VAL J 32 -33.61 39.13 18.11
C VAL J 32 -32.61 39.33 19.25
N TYR J 33 -32.03 38.22 19.75
CA TYR J 33 -31.03 38.28 20.81
C TYR J 33 -29.73 37.69 20.31
N LYS J 34 -28.79 38.55 19.96
CA LYS J 34 -27.50 38.09 19.49
C LYS J 34 -26.43 38.30 20.54
N ARG J 35 -25.21 37.90 20.21
CA ARG J 35 -24.08 38.00 21.11
C ARG J 35 -23.73 39.42 21.53
N ASP J 36 -23.83 40.37 20.61
CA ASP J 36 -23.47 41.74 20.92
C ASP J 36 -24.58 42.78 20.86
N HIS J 37 -25.82 42.33 20.66
CA HIS J 37 -26.97 43.25 20.62
C HIS J 37 -28.29 42.51 20.69
N ALA J 38 -29.38 43.26 20.82
CA ALA J 38 -30.73 42.70 20.89
C ALA J 38 -31.85 43.67 20.47
N LEU J 39 -32.87 43.13 19.83
CA LEU J 39 -34.01 43.92 19.40
C LEU J 39 -35.24 43.28 20.03
N ILE J 40 -35.70 43.88 21.14
CA ILE J 40 -36.86 43.39 21.87
C ILE J 40 -38.10 44.16 21.44
N THR J 41 -39.09 43.43 20.92
CA THR J 41 -40.33 44.06 20.46
C THR J 41 -41.51 43.75 21.37
N PRO J 42 -42.60 44.52 21.24
CA PRO J 42 -43.82 44.37 22.04
C PRO J 42 -44.43 42.97 22.19
N GLU J 43 -44.37 42.14 21.15
CA GLU J 43 -44.96 40.80 21.23
C GLU J 43 -44.12 39.82 22.07
N SER J 44 -43.00 40.29 22.61
CA SER J 44 -42.14 39.44 23.41
C SER J 44 -42.00 39.88 24.87
N HIS J 45 -42.57 41.02 25.21
CA HIS J 45 -42.50 41.53 26.57
C HIS J 45 -43.17 40.53 27.49
N VAL J 46 -42.51 40.23 28.59
CA VAL J 46 -43.03 39.28 29.56
C VAL J 46 -43.25 40.05 30.86
N TYR J 47 -44.51 40.39 31.13
CA TYR J 47 -44.88 41.13 32.33
C TYR J 47 -45.20 40.22 33.52
N SER J 48 -44.51 40.51 34.62
CA SER J 48 -44.71 39.77 35.85
C SER J 48 -44.77 40.79 36.98
N PRO J 49 -45.40 40.43 38.11
CA PRO J 49 -45.50 41.37 39.23
C PRO J 49 -44.14 41.72 39.81
N LEU J 50 -43.86 43.02 39.83
CA LEU J 50 -42.61 43.53 40.37
C LEU J 50 -42.63 43.49 41.89
N PRO J 51 -41.63 42.81 42.49
CA PRO J 51 -41.55 42.70 43.95
C PRO J 51 -41.31 44.08 44.57
N ASP J 52 -41.74 44.25 45.82
CA ASP J 52 -41.57 45.53 46.52
C ASP J 52 -42.46 46.64 45.96
N TRP J 53 -43.13 46.38 44.83
CA TRP J 53 -44.01 47.38 44.22
C TRP J 53 -45.47 47.03 44.54
N THR J 54 -46.37 47.99 44.35
CA THR J 54 -47.78 47.77 44.66
C THR J 54 -48.69 47.69 43.45
N ASN J 55 -49.43 46.59 43.34
CA ASN J 55 -50.35 46.40 42.22
C ASN J 55 -49.75 47.03 40.96
N THR J 56 -48.67 46.42 40.48
CA THR J 56 -47.97 46.88 39.29
C THR J 56 -47.20 45.76 38.55
N LEU J 57 -47.48 45.61 37.26
CA LEU J 57 -46.81 44.61 36.43
C LEU J 57 -45.56 45.26 35.81
N GLY J 58 -44.49 44.49 35.67
CA GLY J 58 -43.26 45.01 35.09
C GLY J 58 -42.55 43.96 34.22
N ALA J 59 -41.81 44.42 33.21
CA ALA J 59 -41.10 43.50 32.33
C ALA J 59 -39.64 43.89 32.13
N TYR J 60 -38.74 43.01 32.53
CA TYR J 60 -37.33 43.31 32.36
C TYR J 60 -36.95 43.09 30.91
N LEU J 61 -36.25 44.07 30.32
CA LEU J 61 -35.84 43.97 28.92
C LEU J 61 -34.33 43.76 28.79
N ILE J 62 -33.59 44.21 29.79
CA ILE J 62 -32.15 44.04 29.80
C ILE J 62 -31.69 43.79 31.24
N THR J 63 -30.74 42.88 31.42
CA THR J 63 -30.19 42.57 32.72
C THR J 63 -28.77 42.06 32.52
N PRO J 64 -27.91 42.19 33.55
CA PRO J 64 -26.51 41.75 33.52
C PRO J 64 -26.27 40.38 32.88
N ALA J 65 -27.33 39.57 32.81
CA ALA J 65 -27.23 38.24 32.20
C ALA J 65 -26.82 38.40 30.76
N THR J 66 -27.09 39.58 30.21
CA THR J 66 -26.77 39.96 28.85
C THR J 66 -25.35 40.50 28.78
N GLY J 67 -24.74 40.66 29.94
CA GLY J 67 -23.40 41.18 30.00
C GLY J 67 -23.37 42.68 30.21
N SER J 68 -24.51 43.23 30.62
CA SER J 68 -24.58 44.66 30.86
C SER J 68 -24.34 44.87 32.34
N HIS J 69 -24.12 46.12 32.71
CA HIS J 69 -23.90 46.47 34.09
C HIS J 69 -25.14 47.18 34.56
N PHE J 70 -26.24 46.99 33.84
CA PHE J 70 -27.48 47.65 34.21
C PHE J 70 -28.74 46.88 33.80
N VAL J 71 -29.88 47.26 34.36
CA VAL J 71 -31.14 46.62 34.03
C VAL J 71 -32.07 47.69 33.50
N MET J 72 -32.95 47.32 32.57
CA MET J 72 -33.90 48.24 31.98
C MET J 72 -35.22 47.51 31.95
N TYR J 73 -36.26 48.13 32.50
CA TYR J 73 -37.57 47.49 32.52
C TYR J 73 -38.77 48.44 32.43
N LEU J 74 -39.91 47.88 32.03
CA LEU J 74 -41.14 48.64 31.92
C LEU J 74 -42.02 48.30 33.11
N ALA J 75 -42.65 49.31 33.70
CA ALA J 75 -43.51 49.07 34.85
C ALA J 75 -44.87 49.67 34.53
N LYS J 76 -45.89 48.84 34.55
CA LYS J 76 -47.25 49.30 34.25
C LYS J 76 -47.99 49.56 35.57
N MET J 77 -47.86 50.78 36.09
CA MET J 77 -48.54 51.12 37.34
C MET J 77 -50.04 51.26 37.04
N LYS J 78 -50.89 50.66 37.89
CA LYS J 78 -52.34 50.71 37.72
C LYS J 78 -52.94 51.58 38.81
N GLU J 79 -54.26 51.71 38.82
CA GLU J 79 -54.93 52.55 39.82
C GLU J 79 -54.48 52.23 41.26
N MET J 80 -54.15 53.29 41.99
CA MET J 80 -53.67 53.19 43.38
C MET J 80 -52.51 52.19 43.51
N SER J 81 -51.33 52.63 43.09
CA SER J 81 -50.12 51.83 43.13
C SER J 81 -48.97 52.65 43.69
N SER J 82 -47.87 51.96 43.99
CA SER J 82 -46.68 52.63 44.52
C SER J 82 -45.47 51.80 44.13
N SER J 83 -44.28 52.34 44.38
CA SER J 83 -43.05 51.63 44.03
C SER J 83 -42.31 51.10 45.26
N GLY J 84 -41.29 50.31 44.99
CA GLY J 84 -40.46 49.74 46.03
C GLY J 84 -39.05 50.31 45.88
N LEU J 85 -38.28 50.24 46.95
CA LEU J 85 -36.93 50.74 46.93
C LEU J 85 -36.00 49.66 46.42
N PRO J 86 -35.01 50.03 45.58
CA PRO J 86 -34.05 49.06 45.04
C PRO J 86 -33.08 48.68 46.16
N PRO J 87 -32.29 47.62 45.97
CA PRO J 87 -31.35 47.21 47.02
C PRO J 87 -30.35 48.33 47.34
N GLN J 88 -29.30 48.01 48.08
CA GLN J 88 -28.31 49.00 48.44
C GLN J 88 -27.32 49.27 47.31
N ASP J 89 -26.95 50.54 47.18
CA ASP J 89 -25.99 51.00 46.17
C ASP J 89 -26.49 50.88 44.75
N ILE J 90 -27.81 50.84 44.60
CA ILE J 90 -28.41 50.75 43.28
C ILE J 90 -29.05 52.08 42.94
N GLU J 91 -28.40 52.88 42.10
CA GLU J 91 -28.96 54.15 41.70
C GLU J 91 -30.14 53.81 40.76
N ARG J 92 -31.16 54.66 40.75
CA ARG J 92 -32.35 54.42 39.92
C ARG J 92 -32.89 55.64 39.19
N LEU J 93 -33.20 55.47 37.91
CA LEU J 93 -33.73 56.55 37.09
C LEU J 93 -35.05 56.10 36.47
N ILE J 94 -36.08 56.94 36.56
CA ILE J 94 -37.37 56.60 35.98
C ILE J 94 -37.74 57.69 34.97
N PHE J 95 -38.58 57.33 33.99
CA PHE J 95 -39.01 58.25 32.92
C PHE J 95 -40.46 57.92 32.53
N VAL J 96 -41.37 58.89 32.64
CA VAL J 96 -42.77 58.63 32.31
C VAL J 96 -43.08 58.68 30.83
N VAL J 97 -43.46 57.53 30.28
CA VAL J 97 -43.77 57.44 28.87
C VAL J 97 -45.27 57.56 28.65
N GLU J 98 -46.02 57.46 29.74
CA GLU J 98 -47.47 57.58 29.70
C GLU J 98 -48.10 57.57 31.10
N GLY J 99 -49.07 58.45 31.31
CA GLY J 99 -49.75 58.53 32.59
C GLY J 99 -49.27 59.65 33.49
N ALA J 100 -49.34 59.42 34.79
CA ALA J 100 -48.90 60.41 35.77
C ALA J 100 -48.67 59.71 37.09
N VAL J 101 -47.69 60.21 37.83
CA VAL J 101 -47.35 59.64 39.10
C VAL J 101 -46.59 60.69 39.93
N THR J 102 -46.92 60.77 41.22
CA THR J 102 -46.31 61.73 42.14
C THR J 102 -45.07 61.19 42.84
N LEU J 103 -44.02 62.00 42.86
CA LEU J 103 -42.76 61.63 43.51
C LEU J 103 -42.84 62.15 44.95
N THR J 104 -42.09 61.54 45.85
CA THR J 104 -42.13 61.92 47.25
C THR J 104 -40.96 61.27 47.95
N ASN J 105 -40.93 61.34 49.28
CA ASN J 105 -39.84 60.74 50.03
C ASN J 105 -40.06 60.90 51.52
N SER J 108 -38.50 65.73 50.93
CA SER J 108 -38.11 66.91 50.17
C SER J 108 -39.08 67.24 49.03
N SER J 109 -40.15 67.96 49.36
CA SER J 109 -41.18 68.36 48.38
C SER J 109 -42.06 67.21 47.88
N SER J 110 -42.61 67.40 46.68
CA SER J 110 -43.49 66.43 46.03
C SER J 110 -43.88 66.93 44.62
N LYS J 111 -43.31 66.30 43.59
CA LYS J 111 -43.60 66.68 42.21
C LYS J 111 -44.61 65.78 41.52
N LYS J 112 -45.53 66.40 40.79
CA LYS J 112 -46.54 65.67 40.03
C LYS J 112 -45.79 65.26 38.75
N LEU J 113 -45.26 64.04 38.71
CA LEU J 113 -44.51 63.58 37.54
C LEU J 113 -45.43 63.03 36.43
N THR J 114 -45.29 63.60 35.23
CA THR J 114 -46.08 63.18 34.07
C THR J 114 -45.21 62.90 32.87
N VAL J 115 -45.86 62.55 31.75
CA VAL J 115 -45.17 62.26 30.49
C VAL J 115 -44.03 63.23 30.22
N ASP J 116 -42.84 62.67 29.97
CA ASP J 116 -41.62 63.41 29.69
C ASP J 116 -40.89 63.87 30.96
N SER J 117 -41.41 63.52 32.12
CA SER J 117 -40.82 63.89 33.40
C SER J 117 -40.04 62.74 34.05
N TYR J 118 -38.73 62.91 34.18
CA TYR J 118 -37.87 61.90 34.76
C TYR J 118 -37.37 62.29 36.14
N ALA J 119 -36.93 61.29 36.90
CA ALA J 119 -36.41 61.53 38.26
C ALA J 119 -35.28 60.54 38.60
N TYR J 120 -34.10 61.08 38.88
CA TYR J 120 -32.98 60.24 39.24
C TYR J 120 -33.05 59.99 40.75
N LEU J 121 -32.41 58.94 41.22
CA LEU J 121 -32.43 58.59 42.63
C LEU J 121 -31.05 58.06 42.97
N PRO J 122 -30.33 58.81 43.80
CA PRO J 122 -28.97 58.36 44.18
C PRO J 122 -29.03 57.03 44.92
N PRO J 123 -27.88 56.37 45.08
CA PRO J 123 -27.87 55.08 45.79
C PRO J 123 -28.39 55.24 47.22
N ASN J 124 -29.21 54.28 47.63
CA ASN J 124 -29.81 54.27 48.98
C ASN J 124 -30.65 55.51 49.26
N PHE J 125 -30.73 56.43 48.30
CA PHE J 125 -31.53 57.64 48.47
C PHE J 125 -33.00 57.26 48.61
N HIS J 126 -33.46 57.08 49.84
CA HIS J 126 -34.85 56.71 50.07
C HIS J 126 -35.79 57.68 49.36
N HIS J 127 -36.86 57.12 48.78
CA HIS J 127 -37.88 57.88 48.04
C HIS J 127 -39.00 56.91 47.70
N SER J 128 -40.08 57.44 47.14
CA SER J 128 -41.20 56.59 46.77
C SER J 128 -42.09 57.17 45.67
N LEU J 129 -42.63 56.28 44.86
CA LEU J 129 -43.50 56.65 43.75
C LEU J 129 -44.89 56.07 44.00
N ASP J 130 -45.90 56.89 43.78
CA ASP J 130 -47.28 56.47 44.02
C ASP J 130 -48.14 57.02 42.91
N CYS J 131 -49.05 56.18 42.42
CA CYS J 131 -49.95 56.55 41.34
C CYS J 131 -51.38 56.16 41.68
N VAL J 132 -52.30 57.10 41.49
CA VAL J 132 -53.69 56.84 41.84
C VAL J 132 -54.51 56.25 40.70
N GLU J 133 -54.26 56.72 39.47
CA GLU J 133 -54.98 56.20 38.31
C GLU J 133 -54.20 55.22 37.42
N SER J 134 -53.24 55.73 36.65
CA SER J 134 -52.48 54.87 35.75
C SER J 134 -51.17 55.53 35.29
N ALA J 135 -50.12 54.73 35.17
CA ALA J 135 -48.84 55.23 34.73
C ALA J 135 -47.97 54.11 34.20
N THR J 136 -47.10 54.48 33.26
CA THR J 136 -46.18 53.54 32.64
C THR J 136 -44.81 54.21 32.66
N LEU J 137 -43.83 53.53 33.26
CA LEU J 137 -42.47 54.08 33.35
C LEU J 137 -41.40 53.17 32.76
N VAL J 138 -40.33 53.77 32.26
CA VAL J 138 -39.20 52.99 31.75
C VAL J 138 -38.09 53.26 32.77
N VAL J 139 -37.77 52.27 33.60
CA VAL J 139 -36.74 52.49 34.61
C VAL J 139 -35.42 51.74 34.48
N PHE J 140 -34.33 52.46 34.76
CA PHE J 140 -32.97 51.94 34.69
C PHE J 140 -32.36 51.85 36.09
N GLU J 141 -31.75 50.72 36.41
CA GLU J 141 -31.13 50.56 37.70
C GLU J 141 -29.73 50.04 37.44
N ARG J 142 -28.83 50.22 38.40
CA ARG J 142 -27.45 49.78 38.25
C ARG J 142 -26.64 50.07 39.50
N ARG J 143 -25.73 49.17 39.84
CA ARG J 143 -24.89 49.35 41.03
C ARG J 143 -23.88 50.48 40.82
N TYR J 144 -24.13 51.59 41.49
CA TYR J 144 -23.29 52.78 41.40
C TYR J 144 -21.83 52.44 41.69
N GLU J 145 -20.95 52.88 40.80
CA GLU J 145 -19.53 52.66 40.98
C GLU J 145 -19.03 53.85 41.77
N TYR J 146 -18.77 53.63 43.05
CA TYR J 146 -18.31 54.70 43.90
C TYR J 146 -16.93 55.18 43.47
N LEU J 147 -16.86 56.46 43.17
CA LEU J 147 -15.62 57.09 42.76
C LEU J 147 -15.26 58.03 43.90
N GLY J 148 -14.03 57.94 44.39
CA GLY J 148 -13.60 58.79 45.49
C GLY J 148 -14.71 59.17 46.45
N SER J 149 -14.81 60.46 46.76
CA SER J 149 -15.82 60.97 47.69
C SER J 149 -17.07 61.45 46.96
N HIS J 150 -16.95 61.67 45.64
CA HIS J 150 -18.07 62.16 44.83
C HIS J 150 -19.36 61.41 45.12
N THR J 151 -20.48 62.14 45.09
CA THR J 151 -21.77 61.52 45.37
C THR J 151 -22.89 62.16 44.54
N THR J 152 -24.05 61.53 44.51
CA THR J 152 -25.15 62.07 43.72
C THR J 152 -26.32 62.53 44.59
N GLU J 153 -27.16 63.37 44.00
CA GLU J 153 -28.32 63.90 44.69
C GLU J 153 -29.54 63.80 43.77
N LEU J 154 -30.71 63.94 44.36
CA LEU J 154 -31.95 63.88 43.63
C LEU J 154 -31.91 64.80 42.43
N ILE J 155 -32.57 64.39 41.35
CA ILE J 155 -32.66 65.19 40.12
C ILE J 155 -34.04 64.94 39.55
N VAL J 156 -34.70 66.02 39.12
CA VAL J 156 -36.05 65.94 38.56
C VAL J 156 -36.21 67.00 37.47
N GLY J 157 -36.93 66.67 36.40
CA GLY J 157 -37.12 67.62 35.32
C GLY J 157 -38.07 67.17 34.23
N SER J 158 -37.77 67.58 33.00
CA SER J 158 -38.60 67.23 31.86
C SER J 158 -37.77 67.29 30.58
N THR J 159 -38.10 66.42 29.63
CA THR J 159 -37.38 66.36 28.36
C THR J 159 -37.28 67.71 27.61
N ASP J 160 -38.41 68.38 27.40
CA ASP J 160 -38.42 69.67 26.70
C ASP J 160 -37.79 70.83 27.48
N LYS J 161 -37.53 70.63 28.77
CA LYS J 161 -36.91 71.68 29.58
C LYS J 161 -35.38 71.63 29.57
N GLN J 162 -34.80 70.51 29.14
CA GLN J 162 -33.34 70.41 29.10
C GLN J 162 -32.82 71.14 27.85
N PRO J 163 -31.56 71.60 27.89
CA PRO J 163 -31.01 72.32 26.74
C PRO J 163 -30.65 71.48 25.54
N LEU J 164 -30.69 72.12 24.38
CA LEU J 164 -30.29 71.46 23.14
C LEU J 164 -28.79 71.63 23.08
N LEU J 165 -28.05 70.54 23.13
CA LEU J 165 -26.61 70.62 23.08
C LEU J 165 -26.11 70.45 21.64
N GLU J 166 -24.96 71.06 21.35
CA GLU J 166 -24.36 70.97 20.03
C GLU J 166 -23.97 69.52 19.88
N THR J 167 -23.87 69.07 18.63
CA THR J 167 -23.50 67.69 18.34
C THR J 167 -22.42 67.65 17.26
N PRO J 168 -21.17 68.00 17.64
CA PRO J 168 -20.00 68.04 16.76
C PRO J 168 -19.85 66.88 15.76
N GLY J 169 -19.95 67.23 14.48
CA GLY J 169 -19.82 66.26 13.40
C GLY J 169 -21.12 65.54 13.06
N GLU J 170 -22.20 65.85 13.76
CA GLU J 170 -23.49 65.21 13.55
C GLU J 170 -24.63 66.23 13.34
N VAL J 171 -25.83 65.73 13.01
CA VAL J 171 -26.99 66.58 12.77
C VAL J 171 -28.18 66.37 13.71
N PHE J 172 -28.27 65.23 14.39
CA PHE J 172 -29.41 64.99 15.28
C PHE J 172 -29.49 66.01 16.43
N GLU J 173 -30.66 66.09 17.05
CA GLU J 173 -30.87 67.00 18.18
C GLU J 173 -30.53 66.26 19.47
N LEU J 174 -29.60 66.83 20.23
CA LEU J 174 -29.11 66.23 21.46
C LEU J 174 -29.50 66.85 22.80
N ARG J 175 -29.93 66.00 23.73
CA ARG J 175 -30.29 66.43 25.07
C ARG J 175 -29.76 65.39 26.06
N LYS J 176 -29.60 65.78 27.32
CA LYS J 176 -29.10 64.88 28.36
C LYS J 176 -29.83 65.17 29.66
N LEU J 177 -30.66 64.23 30.09
CA LEU J 177 -31.43 64.41 31.30
C LEU J 177 -30.61 64.58 32.59
N LEU J 178 -29.47 63.90 32.68
CA LEU J 178 -28.67 64.01 33.89
C LEU J 178 -27.41 64.85 33.71
N PRO J 179 -26.83 65.32 34.82
CA PRO J 179 -25.61 66.14 34.77
C PRO J 179 -24.45 65.37 34.13
N MET J 180 -23.44 66.11 33.69
CA MET J 180 -22.27 65.47 33.10
C MET J 180 -21.16 65.45 34.16
N SER J 181 -21.39 66.14 35.28
CA SER J 181 -20.39 66.16 36.34
C SER J 181 -19.99 64.71 36.59
N VAL J 182 -18.70 64.48 36.80
CA VAL J 182 -18.18 63.14 37.00
C VAL J 182 -18.82 62.35 38.15
N ALA J 183 -19.79 62.96 38.84
CA ALA J 183 -20.44 62.30 39.95
C ALA J 183 -21.36 61.20 39.46
N TYR J 184 -21.75 61.33 38.19
CA TYR J 184 -22.66 60.38 37.57
C TYR J 184 -21.95 59.38 36.66
N ASP J 185 -22.17 58.09 36.93
CA ASP J 185 -21.54 57.02 36.15
C ASP J 185 -22.27 56.73 34.84
N PHE J 186 -23.52 57.15 34.74
CA PHE J 186 -24.25 56.93 33.51
C PHE J 186 -25.04 58.15 33.14
N ASN J 187 -25.38 58.26 31.87
CA ASN J 187 -26.17 59.38 31.40
C ASN J 187 -27.30 58.92 30.49
N ILE J 188 -28.40 59.67 30.48
CA ILE J 188 -29.53 59.34 29.63
C ILE J 188 -29.70 60.44 28.61
N HIS J 189 -29.37 60.13 27.36
CA HIS J 189 -29.49 61.07 26.26
C HIS J 189 -30.88 61.03 25.60
N THR J 190 -31.18 62.07 24.82
CA THR J 190 -32.43 62.21 24.09
C THR J 190 -31.93 62.52 22.69
N MET J 191 -32.49 61.85 21.69
CA MET J 191 -32.03 62.08 20.34
C MET J 191 -33.16 62.20 19.33
N ASP J 192 -33.10 63.29 18.58
CA ASP J 192 -34.10 63.57 17.57
C ASP J 192 -33.52 63.54 16.18
N PHE J 193 -34.26 62.88 15.29
CA PHE J 193 -33.88 62.74 13.90
C PHE J 193 -35.06 63.15 13.03
N GLN J 194 -34.76 63.94 12.01
CA GLN J 194 -35.77 64.37 11.05
C GLN J 194 -35.69 63.37 9.91
N PRO J 195 -36.85 63.01 9.31
CA PRO J 195 -36.87 62.06 8.20
C PRO J 195 -35.77 62.29 7.18
N GLY J 196 -34.94 61.28 6.96
CA GLY J 196 -33.87 61.41 6.01
C GLY J 196 -32.53 61.58 6.68
N GLU J 197 -32.53 61.90 7.97
CA GLU J 197 -31.30 62.09 8.73
C GLU J 197 -30.75 60.78 9.31
N PHE J 198 -29.43 60.71 9.44
CA PHE J 198 -28.75 59.50 9.96
C PHE J 198 -27.44 59.81 10.68
N LEU J 199 -26.98 58.88 11.52
CA LEU J 199 -25.72 59.05 12.25
C LEU J 199 -24.58 59.11 11.25
N ASN J 200 -23.58 59.95 11.52
CA ASN J 200 -22.45 60.11 10.63
C ASN J 200 -21.25 59.26 10.99
N VAL J 201 -21.17 58.84 12.23
CA VAL J 201 -20.07 57.98 12.66
C VAL J 201 -20.60 56.57 12.99
N LYS J 202 -20.09 55.60 12.25
CA LYS J 202 -20.46 54.21 12.46
C LYS J 202 -19.80 53.86 13.78
N GLU J 203 -20.36 54.42 14.85
CA GLU J 203 -19.84 54.23 16.19
C GLU J 203 -19.40 52.80 16.53
N VAL J 204 -18.29 52.75 17.26
CA VAL J 204 -17.70 51.53 17.76
C VAL J 204 -17.04 52.09 18.99
N HIS J 205 -17.65 51.84 20.16
CA HIS J 205 -17.13 52.37 21.42
C HIS J 205 -17.42 51.48 22.63
N TYR J 206 -16.60 51.64 23.67
CA TYR J 206 -16.70 50.86 24.91
C TYR J 206 -18.02 51.02 25.66
N ASN J 207 -18.60 52.21 25.52
CA ASN J 207 -19.85 52.52 26.18
C ASN J 207 -20.88 51.46 25.78
N GLN J 208 -21.87 51.22 26.64
CA GLN J 208 -22.91 50.28 26.31
C GLN J 208 -24.23 51.02 26.19
N HIS J 209 -25.19 50.44 25.49
CA HIS J 209 -26.47 51.12 25.32
C HIS J 209 -27.72 50.28 25.55
N GLY J 210 -28.79 51.00 25.86
CA GLY J 210 -30.09 50.40 26.04
C GLY J 210 -30.93 51.51 25.45
N LEU J 211 -31.87 51.21 24.56
CA LEU J 211 -32.68 52.30 24.03
C LEU J 211 -34.11 51.97 23.71
N LEU J 212 -34.94 53.01 23.79
CA LEU J 212 -36.36 52.90 23.51
C LEU J 212 -36.65 53.95 22.47
N LEU J 213 -37.27 53.53 21.37
CA LEU J 213 -37.62 54.48 20.33
C LEU J 213 -38.95 55.02 20.78
N LEU J 214 -38.95 56.32 21.12
CA LEU J 214 -40.15 56.98 21.59
C LEU J 214 -41.13 57.44 20.52
N GLU J 215 -40.60 57.91 19.40
CA GLU J 215 -41.42 58.38 18.28
C GLU J 215 -40.78 58.05 16.95
N GLY J 216 -41.61 57.89 15.92
CA GLY J 216 -41.10 57.63 14.59
C GLY J 216 -40.74 56.20 14.22
N GLN J 217 -39.97 56.09 13.14
CA GLN J 217 -39.53 54.81 12.62
C GLN J 217 -38.31 55.01 11.73
N GLY J 218 -37.57 53.94 11.50
CA GLY J 218 -36.40 54.01 10.65
C GLY J 218 -35.66 52.68 10.62
N ILE J 219 -34.46 52.66 10.05
CA ILE J 219 -33.65 51.45 9.99
C ILE J 219 -32.48 51.54 10.98
N TYR J 220 -32.30 50.51 11.80
CA TYR J 220 -31.20 50.48 12.77
C TYR J 220 -30.15 49.42 12.42
N ARG J 221 -28.89 49.80 12.43
CA ARG J 221 -27.84 48.83 12.13
C ARG J 221 -27.05 48.44 13.37
N LEU J 222 -26.75 47.15 13.48
CA LEU J 222 -25.98 46.59 14.58
C LEU J 222 -25.06 45.50 14.03
N GLY J 223 -23.78 45.79 13.96
CA GLY J 223 -22.85 44.82 13.41
C GLY J 223 -23.15 44.78 11.93
N ASP J 224 -23.64 43.65 11.45
CA ASP J 224 -23.96 43.56 10.02
C ASP J 224 -25.43 43.29 9.86
N ASN J 225 -26.17 43.49 10.94
CA ASN J 225 -27.60 43.24 10.93
C ASN J 225 -28.37 44.52 10.76
N TRP J 226 -29.41 44.51 9.93
CA TRP J 226 -30.24 45.69 9.69
C TRP J 226 -31.67 45.44 10.13
N TYR J 227 -32.20 46.25 11.03
CA TYR J 227 -33.54 46.05 11.54
C TYR J 227 -34.51 47.20 11.36
N PRO J 228 -35.66 46.94 10.74
CA PRO J 228 -36.61 48.04 10.59
C PRO J 228 -37.23 48.20 11.99
N VAL J 229 -37.40 49.44 12.46
CA VAL J 229 -37.99 49.67 13.78
C VAL J 229 -39.07 50.74 13.81
N GLN J 230 -39.96 50.61 14.79
CA GLN J 230 -41.07 51.53 14.98
C GLN J 230 -41.08 51.94 16.45
N ALA J 231 -41.96 52.87 16.82
CA ALA J 231 -42.08 53.34 18.19
C ALA J 231 -42.51 52.19 19.10
N GLY J 232 -41.95 52.14 20.30
CA GLY J 232 -42.26 51.08 21.25
C GLY J 232 -41.20 49.98 21.26
N ASP J 233 -40.30 50.02 20.29
CA ASP J 233 -39.22 49.03 20.18
C ASP J 233 -38.13 49.32 21.19
N VAL J 234 -37.33 48.30 21.51
CA VAL J 234 -36.25 48.41 22.49
C VAL J 234 -34.97 47.76 21.98
N ILE J 235 -33.83 48.42 22.12
CA ILE J 235 -32.56 47.85 21.68
C ILE J 235 -31.48 47.74 22.75
N TRP J 236 -30.65 46.70 22.66
CA TRP J 236 -29.56 46.47 23.59
C TRP J 236 -28.28 46.48 22.80
N MET J 237 -27.40 47.42 23.12
CA MET J 237 -26.13 47.50 22.42
C MET J 237 -24.99 47.24 23.39
N ALA J 238 -24.34 46.10 23.20
CA ALA J 238 -23.22 45.71 24.03
C ALA J 238 -22.04 46.55 23.57
N PRO J 239 -20.96 46.61 24.37
CA PRO J 239 -19.77 47.38 24.02
C PRO J 239 -19.18 46.93 22.68
N PHE J 240 -18.58 47.87 21.97
CA PHE J 240 -17.92 47.59 20.69
C PHE J 240 -18.77 47.06 19.53
N VAL J 241 -20.09 47.10 19.67
CA VAL J 241 -20.97 46.65 18.60
C VAL J 241 -21.27 47.81 17.65
N PRO J 242 -20.85 47.71 16.38
CA PRO J 242 -21.08 48.76 15.39
C PRO J 242 -22.55 49.18 15.34
N GLN J 243 -22.83 50.46 15.49
CA GLN J 243 -24.21 50.92 15.46
C GLN J 243 -24.44 52.04 14.47
N TRP J 244 -25.69 52.19 14.05
CA TRP J 244 -26.05 53.21 13.07
C TRP J 244 -27.55 53.33 12.91
N TYR J 245 -28.02 54.56 12.69
CA TYR J 245 -29.45 54.81 12.55
C TYR J 245 -29.77 55.84 11.46
N ALA J 246 -31.03 55.85 11.06
CA ALA J 246 -31.57 56.74 10.03
C ALA J 246 -33.06 56.76 10.29
N ALA J 247 -33.63 57.98 10.30
CA ALA J 247 -35.07 58.16 10.56
C ALA J 247 -35.85 58.26 9.25
N LEU J 248 -37.02 57.61 9.21
CA LEU J 248 -37.85 57.62 8.01
C LEU J 248 -39.32 57.91 8.31
N GLY J 249 -40.10 58.06 7.25
CA GLY J 249 -41.52 58.33 7.41
C GLY J 249 -41.80 59.82 7.29
N LYS J 250 -43.02 60.22 7.62
CA LYS J 250 -43.39 61.63 7.55
C LYS J 250 -43.04 62.38 8.83
N THR J 251 -42.91 61.64 9.93
CA THR J 251 -42.61 62.19 11.26
C THR J 251 -41.17 61.95 11.76
N ARG J 252 -40.67 62.90 12.54
CA ARG J 252 -39.32 62.84 13.12
C ARG J 252 -39.19 61.57 13.99
N SER J 253 -37.96 61.24 14.35
CA SER J 253 -37.71 60.09 15.21
C SER J 253 -37.08 60.52 16.53
N ARG J 254 -37.51 59.89 17.62
CA ARG J 254 -36.95 60.21 18.93
C ARG J 254 -36.77 58.99 19.80
N TYR J 255 -35.58 58.86 20.39
CA TYR J 255 -35.33 57.73 21.28
C TYR J 255 -34.58 58.03 22.58
N LEU J 256 -35.07 57.39 23.65
CA LEU J 256 -34.47 57.51 24.99
C LEU J 256 -33.22 56.62 24.95
N LEU J 257 -32.09 57.14 25.38
CA LEU J 257 -30.87 56.35 25.34
C LEU J 257 -30.06 56.33 26.61
N TYR J 258 -29.72 55.13 27.07
CA TYR J 258 -28.90 54.98 28.25
C TYR J 258 -27.48 54.92 27.71
N LYS J 259 -26.53 55.43 28.49
CA LYS J 259 -25.11 55.42 28.13
C LYS J 259 -24.28 55.53 29.40
N ASP J 260 -23.21 54.73 29.49
CA ASP J 260 -22.35 54.79 30.67
C ASP J 260 -21.26 55.82 30.39
N VAL J 261 -20.93 56.64 31.39
CA VAL J 261 -19.92 57.70 31.28
C VAL J 261 -19.07 57.87 32.55
N ASN J 262 -18.04 58.70 32.43
CA ASN J 262 -17.14 59.03 33.57
C ASN J 262 -16.54 57.94 34.44
N ARG J 263 -16.10 56.83 33.85
CA ARG J 263 -15.49 55.76 34.61
C ARG J 263 -14.51 54.98 33.74
N ASN J 264 -13.29 54.80 34.25
CA ASN J 264 -12.24 54.10 33.51
C ASN J 264 -12.64 52.73 32.98
N PRO J 265 -12.63 52.58 31.65
CA PRO J 265 -13.00 51.31 31.01
C PRO J 265 -12.03 50.21 31.38
N LEU J 266 -11.02 50.56 32.18
CA LEU J 266 -10.04 49.57 32.61
C LEU J 266 -10.76 48.42 33.32
N PRO K 7 6.40 62.74 4.65
CA PRO K 7 6.17 62.65 6.11
C PRO K 7 6.18 61.19 6.56
N ILE K 8 6.36 60.97 7.86
CA ILE K 8 6.43 59.61 8.40
C ILE K 8 5.17 59.26 9.17
N TYR K 9 4.55 58.13 8.82
CA TYR K 9 3.32 57.71 9.47
C TYR K 9 2.28 58.75 9.07
N TRP K 10 2.27 59.13 7.80
CA TRP K 10 1.32 60.13 7.33
C TRP K 10 -0.01 59.46 7.05
N LYS K 11 -0.01 58.58 6.03
CA LYS K 11 -1.22 57.86 5.66
C LYS K 11 -1.95 57.31 6.89
N ALA K 12 -1.19 56.92 7.91
CA ALA K 12 -1.76 56.39 9.14
C ALA K 12 -2.72 57.36 9.81
N THR K 13 -2.57 58.64 9.52
CA THR K 13 -3.43 59.66 10.12
C THR K 13 -4.29 60.34 9.05
N ASN K 14 -3.98 60.01 7.80
CA ASN K 14 -4.69 60.51 6.61
C ASN K 14 -4.89 59.29 5.68
N PRO K 15 -5.67 58.30 6.17
CA PRO K 15 -5.96 57.06 5.44
C PRO K 15 -6.42 57.28 4.01
N THR K 16 -5.82 56.53 3.09
CA THR K 16 -6.14 56.63 1.68
C THR K 16 -7.65 56.60 1.42
N LEU K 17 -8.40 55.95 2.32
CA LEU K 17 -9.85 55.92 2.21
C LEU K 17 -10.31 56.59 3.50
N SER K 18 -10.61 57.89 3.41
CA SER K 18 -11.03 58.68 4.57
C SER K 18 -12.51 58.56 4.92
N PRO K 19 -12.88 58.96 6.14
CA PRO K 19 -14.28 58.90 6.56
C PRO K 19 -15.20 59.71 5.65
N SER K 20 -14.84 60.96 5.38
CA SER K 20 -15.66 61.83 4.53
C SER K 20 -15.91 61.22 3.13
N HIS K 21 -14.97 60.40 2.66
CA HIS K 21 -15.08 59.74 1.37
C HIS K 21 -16.33 58.85 1.35
N LEU K 22 -16.85 58.55 2.53
CA LEU K 22 -18.01 57.68 2.68
C LEU K 22 -19.24 58.43 3.15
N GLN K 23 -19.37 59.70 2.82
CA GLN K 23 -20.54 60.43 3.31
C GLN K 23 -21.84 60.27 2.53
N ASP K 24 -21.80 59.49 1.44
CA ASP K 24 -23.01 59.26 0.65
C ASP K 24 -23.45 57.79 0.68
N LEU K 25 -22.84 57.02 1.57
CA LEU K 25 -23.13 55.61 1.75
C LEU K 25 -23.66 55.45 3.18
N PRO K 26 -24.88 55.92 3.43
CA PRO K 26 -25.56 55.86 4.73
C PRO K 26 -25.35 54.58 5.53
N GLY K 27 -24.42 54.62 6.47
CA GLY K 27 -24.19 53.47 7.32
C GLY K 27 -23.22 52.43 6.83
N PHE K 28 -22.42 52.74 5.82
CA PHE K 28 -21.45 51.77 5.35
C PHE K 28 -20.24 51.85 6.28
N THR K 29 -19.69 50.69 6.64
CA THR K 29 -18.51 50.65 7.50
C THR K 29 -17.68 49.42 7.22
N ARG K 30 -16.36 49.58 7.41
CA ARG K 30 -15.41 48.49 7.21
C ARG K 30 -15.13 47.84 8.55
N SER K 31 -15.80 48.31 9.60
CA SER K 31 -15.57 47.77 10.93
C SER K 31 -16.35 46.51 11.18
N VAL K 32 -15.78 45.68 12.05
CA VAL K 32 -16.38 44.40 12.44
C VAL K 32 -16.01 44.09 13.88
N TYR K 33 -16.94 43.52 14.63
CA TYR K 33 -16.68 43.13 16.01
C TYR K 33 -17.23 41.72 16.19
N LYS K 34 -16.34 40.77 16.36
CA LYS K 34 -16.75 39.39 16.53
C LYS K 34 -16.21 38.80 17.82
N ARG K 35 -16.76 37.65 18.18
CA ARG K 35 -16.39 36.91 19.40
C ARG K 35 -14.91 36.90 19.74
N ASP K 36 -14.07 36.64 18.75
CA ASP K 36 -12.64 36.55 18.96
C ASP K 36 -11.72 37.57 18.28
N HIS K 37 -12.28 38.62 17.71
CA HIS K 37 -11.45 39.63 17.04
C HIS K 37 -12.26 40.84 16.63
N ALA K 38 -11.58 41.83 16.10
CA ALA K 38 -12.25 43.03 15.65
C ALA K 38 -11.35 43.79 14.70
N LEU K 39 -11.99 44.53 13.81
CA LEU K 39 -11.29 45.36 12.84
C LEU K 39 -11.92 46.73 13.02
N ILE K 40 -11.18 47.64 13.63
CA ILE K 40 -11.67 49.00 13.84
C ILE K 40 -11.05 49.92 12.79
N THR K 41 -11.91 50.55 11.99
CA THR K 41 -11.46 51.45 10.93
C THR K 41 -11.79 52.90 11.28
N PRO K 42 -10.99 53.84 10.78
CA PRO K 42 -11.12 55.29 10.99
C PRO K 42 -12.53 55.88 11.11
N GLU K 43 -13.39 55.64 10.12
CA GLU K 43 -14.72 56.21 10.16
C GLU K 43 -15.64 55.65 11.26
N SER K 44 -15.04 54.97 12.23
CA SER K 44 -15.81 54.41 13.33
C SER K 44 -15.32 54.87 14.70
N HIS K 45 -14.22 55.61 14.72
CA HIS K 45 -13.64 56.11 15.96
C HIS K 45 -14.64 57.07 16.63
N VAL K 46 -14.84 56.89 17.94
CA VAL K 46 -15.75 57.73 18.71
C VAL K 46 -14.92 58.57 19.71
N TYR K 47 -14.37 59.67 19.22
CA TYR K 47 -13.55 60.58 20.02
C TYR K 47 -14.39 61.30 21.04
N SER K 48 -13.85 61.38 22.26
CA SER K 48 -14.54 62.02 23.36
C SER K 48 -13.46 62.53 24.30
N PRO K 49 -13.78 63.58 25.09
CA PRO K 49 -12.83 64.16 26.06
C PRO K 49 -12.19 63.12 26.97
N LEU K 50 -10.88 63.19 27.15
CA LEU K 50 -10.19 62.23 28.02
C LEU K 50 -10.24 62.70 29.48
N PRO K 51 -11.12 62.12 30.32
CA PRO K 51 -11.20 62.54 31.72
C PRO K 51 -9.83 62.62 32.39
N ASP K 52 -9.63 63.68 33.17
CA ASP K 52 -8.37 63.92 33.88
C ASP K 52 -7.24 64.33 32.92
N TRP K 53 -7.63 64.92 31.80
CA TRP K 53 -6.68 65.40 30.79
C TRP K 53 -7.00 66.86 30.45
N THR K 54 -6.31 67.41 29.46
CA THR K 54 -6.56 68.80 29.04
C THR K 54 -6.24 69.00 27.56
N ASN K 55 -7.25 69.40 26.80
CA ASN K 55 -7.13 69.65 25.35
C ASN K 55 -6.67 68.42 24.56
N THR K 56 -7.15 67.26 25.00
CA THR K 56 -6.83 65.98 24.34
C THR K 56 -8.10 65.13 24.14
N LEU K 57 -8.49 64.91 22.89
CA LEU K 57 -9.67 64.09 22.58
C LEU K 57 -9.29 62.61 22.73
N GLY K 58 -10.27 61.77 23.05
CA GLY K 58 -9.98 60.34 23.23
C GLY K 58 -10.87 59.33 22.50
N ALA K 59 -10.23 58.32 21.94
CA ALA K 59 -10.92 57.26 21.20
C ALA K 59 -10.51 55.87 21.66
N TYR K 60 -11.37 55.19 22.41
CA TYR K 60 -11.06 53.84 22.89
C TYR K 60 -11.27 52.80 21.80
N LEU K 61 -10.24 52.03 21.48
CA LEU K 61 -10.31 50.99 20.44
C LEU K 61 -10.52 49.57 21.00
N ILE K 62 -9.98 49.31 22.19
CA ILE K 62 -10.12 48.00 22.82
C ILE K 62 -10.21 48.14 24.35
N THR K 63 -11.06 47.34 24.99
CA THR K 63 -11.18 47.37 26.44
C THR K 63 -11.57 46.00 26.95
N PRO K 64 -11.30 45.73 28.22
CA PRO K 64 -11.61 44.45 28.84
C PRO K 64 -13.01 43.94 28.51
N ALA K 65 -13.94 44.86 28.22
CA ALA K 65 -15.31 44.47 27.88
C ALA K 65 -15.33 43.52 26.68
N THR K 66 -14.17 43.38 26.04
CA THR K 66 -13.99 42.51 24.89
C THR K 66 -13.36 41.19 25.30
N GLY K 67 -12.76 41.17 26.49
CA GLY K 67 -12.12 39.96 26.98
C GLY K 67 -10.62 40.15 27.16
N SER K 68 -10.11 41.28 26.68
CA SER K 68 -8.69 41.58 26.79
C SER K 68 -8.38 41.93 28.24
N HIS K 69 -7.11 42.12 28.55
CA HIS K 69 -6.71 42.51 29.90
C HIS K 69 -6.15 43.94 29.86
N PHE K 70 -6.51 44.69 28.82
CA PHE K 70 -6.00 46.05 28.66
C PHE K 70 -6.87 46.95 27.78
N VAL K 71 -6.47 48.21 27.67
CA VAL K 71 -7.17 49.15 26.82
C VAL K 71 -6.16 49.68 25.80
N MET K 72 -6.67 50.11 24.65
CA MET K 72 -5.87 50.69 23.58
C MET K 72 -6.71 51.86 23.11
N TYR K 73 -6.19 53.09 23.23
CA TYR K 73 -6.95 54.26 22.81
C TYR K 73 -6.09 55.37 22.24
N LEU K 74 -6.54 55.92 21.12
CA LEU K 74 -5.85 57.01 20.44
C LEU K 74 -6.21 58.32 21.15
N ALA K 75 -5.22 59.19 21.29
CA ALA K 75 -5.42 60.48 21.94
C ALA K 75 -4.77 61.59 21.13
N LYS K 76 -5.55 62.63 20.85
CA LYS K 76 -5.05 63.75 20.08
C LYS K 76 -4.93 64.98 20.96
N MET K 77 -3.69 65.28 21.33
CA MET K 77 -3.37 66.43 22.19
C MET K 77 -3.24 67.69 21.34
N LYS K 78 -3.95 68.75 21.74
CA LYS K 78 -3.88 70.01 21.01
C LYS K 78 -3.07 71.03 21.81
N GLU K 79 -2.81 72.19 21.20
CA GLU K 79 -2.06 73.28 21.84
C GLU K 79 -2.09 73.28 23.38
N MET K 80 -0.90 73.24 23.99
CA MET K 80 -0.75 73.22 25.45
C MET K 80 -1.80 72.25 26.02
N SER K 81 -1.54 70.96 25.78
CA SER K 81 -2.42 69.88 26.23
C SER K 81 -1.80 69.16 27.43
N SER K 82 -2.64 68.66 28.35
CA SER K 82 -2.11 67.97 29.53
C SER K 82 -2.76 66.64 29.91
N SER K 83 -1.88 65.68 30.21
CA SER K 83 -2.24 64.30 30.59
C SER K 83 -3.19 64.09 31.78
N GLY K 84 -3.15 62.87 32.29
CA GLY K 84 -3.99 62.46 33.41
C GLY K 84 -3.43 61.19 34.01
N LEU K 85 -3.68 60.97 35.29
CA LEU K 85 -3.16 59.78 35.93
C LEU K 85 -4.13 58.60 35.92
N PRO K 86 -3.62 57.42 35.54
CA PRO K 86 -4.41 56.18 35.49
C PRO K 86 -4.66 55.82 36.94
N PRO K 87 -5.67 54.98 37.22
CA PRO K 87 -5.86 54.65 38.63
C PRO K 87 -4.63 53.92 39.17
N GLN K 88 -4.60 53.67 40.48
CA GLN K 88 -3.47 52.99 41.08
C GLN K 88 -3.30 51.59 40.48
N ASP K 89 -2.04 51.15 40.41
CA ASP K 89 -1.65 49.84 39.88
C ASP K 89 -1.88 49.63 38.38
N ILE K 90 -1.95 50.71 37.62
CA ILE K 90 -2.15 50.62 36.17
C ILE K 90 -0.93 51.14 35.42
N GLU K 91 -0.31 50.27 34.62
CA GLU K 91 0.87 50.62 33.83
C GLU K 91 0.46 51.30 32.51
N ARG K 92 1.26 52.25 32.04
CA ARG K 92 0.94 52.98 30.83
C ARG K 92 2.12 53.07 29.87
N LEU K 93 1.84 53.00 28.57
CA LEU K 93 2.88 53.07 27.52
C LEU K 93 2.38 53.87 26.32
N ILE K 94 2.93 55.07 26.12
CA ILE K 94 2.52 55.89 24.99
C ILE K 94 3.53 55.80 23.85
N PHE K 95 3.00 55.94 22.65
CA PHE K 95 3.76 55.93 21.42
C PHE K 95 3.23 57.16 20.72
N VAL K 96 4.14 57.98 20.23
CA VAL K 96 3.77 59.21 19.56
C VAL K 96 3.61 58.95 18.05
N VAL K 97 2.44 59.26 17.51
CA VAL K 97 2.18 59.05 16.09
C VAL K 97 2.19 60.37 15.36
N GLU K 98 1.44 61.32 15.89
CA GLU K 98 1.34 62.65 15.30
C GLU K 98 1.86 63.70 16.29
N GLY K 99 2.45 64.78 15.75
CA GLY K 99 2.97 65.87 16.58
C GLY K 99 4.24 65.64 17.39
N ALA K 100 4.20 66.13 18.64
CA ALA K 100 5.33 66.02 19.57
C ALA K 100 4.85 66.34 20.98
N VAL K 101 5.39 65.60 21.95
CA VAL K 101 5.02 65.78 23.35
C VAL K 101 6.23 65.51 24.24
N THR K 102 6.42 66.32 25.26
CA THR K 102 7.55 66.12 26.16
C THR K 102 7.09 65.38 27.41
N LEU K 103 7.96 64.51 27.88
CA LEU K 103 7.70 63.68 29.06
C LEU K 103 8.51 64.18 30.26
N THR K 104 7.97 63.92 31.44
CA THR K 104 8.62 64.33 32.68
C THR K 104 8.37 63.32 33.79
N ASN K 105 9.06 63.52 34.93
CA ASN K 105 8.90 62.68 36.10
C ASN K 105 7.73 63.26 36.90
N SER K 108 15.75 60.04 34.58
CA SER K 108 15.08 61.27 35.00
C SER K 108 15.16 62.39 33.93
N SER K 109 15.42 63.61 34.40
CA SER K 109 15.52 64.83 33.58
C SER K 109 14.18 65.28 33.01
N SER K 110 14.09 65.26 31.69
CA SER K 110 12.87 65.64 30.98
C SER K 110 13.12 65.51 29.48
N LYS K 111 12.75 64.34 28.96
CA LYS K 111 12.91 64.02 27.55
C LYS K 111 11.67 64.40 26.75
N LYS K 112 11.89 65.04 25.61
CA LYS K 112 10.81 65.45 24.72
C LYS K 112 10.83 64.44 23.58
N LEU K 113 9.69 63.83 23.30
CA LEU K 113 9.65 62.82 22.25
C LEU K 113 8.72 63.12 21.08
N THR K 114 9.31 63.05 19.89
CA THR K 114 8.61 63.29 18.64
C THR K 114 8.01 61.96 18.17
N VAL K 115 7.49 61.96 16.95
CA VAL K 115 6.91 60.77 16.37
C VAL K 115 7.90 59.61 16.43
N ASP K 116 7.37 58.39 16.51
CA ASP K 116 8.16 57.16 16.54
C ASP K 116 8.86 56.93 17.88
N SER K 117 8.84 57.94 18.73
CA SER K 117 9.48 57.82 20.03
C SER K 117 8.45 57.23 20.97
N TYR K 118 8.91 56.48 21.97
CA TYR K 118 7.99 55.88 22.95
C TYR K 118 8.47 56.02 24.39
N ALA K 119 7.66 55.55 25.34
CA ALA K 119 8.02 55.66 26.76
C ALA K 119 7.16 54.86 27.75
N TYR K 120 7.59 53.64 28.07
CA TYR K 120 6.86 52.78 29.01
C TYR K 120 6.86 53.39 30.41
N LEU K 121 5.80 53.17 31.17
CA LEU K 121 5.72 53.75 32.50
C LEU K 121 5.06 52.84 33.55
N PRO K 122 5.86 52.35 34.51
CA PRO K 122 5.45 51.46 35.62
C PRO K 122 4.28 52.01 36.42
N PRO K 123 3.42 51.12 36.94
CA PRO K 123 2.25 51.52 37.75
C PRO K 123 2.57 52.40 38.94
N ASN K 124 1.68 53.35 39.23
CA ASN K 124 1.86 54.25 40.36
C ASN K 124 3.01 55.26 40.14
N PHE K 125 3.79 55.07 39.07
CA PHE K 125 4.91 55.96 38.76
C PHE K 125 4.44 57.32 38.27
N HIS K 126 4.52 58.33 39.14
CA HIS K 126 4.08 59.69 38.77
C HIS K 126 4.82 60.17 37.52
N HIS K 127 4.18 61.10 36.81
CA HIS K 127 4.72 61.69 35.57
C HIS K 127 3.56 62.33 34.83
N SER K 128 3.88 63.02 33.75
CA SER K 128 2.88 63.67 32.92
C SER K 128 3.43 64.07 31.56
N LEU K 129 2.51 64.13 30.60
CA LEU K 129 2.83 64.51 29.23
C LEU K 129 2.13 65.82 28.85
N ASP K 130 2.96 66.82 28.54
CA ASP K 130 2.51 68.13 28.14
C ASP K 130 2.99 68.32 26.69
N CYS K 131 2.07 68.72 25.81
CA CYS K 131 2.39 68.93 24.40
C CYS K 131 2.21 70.39 24.01
N VAL K 132 3.18 70.91 23.25
CA VAL K 132 3.14 72.30 22.81
C VAL K 132 2.11 72.53 21.72
N GLU K 133 2.48 72.21 20.48
CA GLU K 133 1.61 72.38 19.31
C GLU K 133 0.42 71.43 19.32
N SER K 134 0.68 70.23 18.79
CA SER K 134 -0.34 69.18 18.73
C SER K 134 0.37 67.82 18.70
N ALA K 135 -0.39 66.78 19.03
CA ALA K 135 0.18 65.43 19.03
C ALA K 135 -0.88 64.33 19.19
N THR K 136 -0.74 63.29 18.38
CA THR K 136 -1.66 62.17 18.45
C THR K 136 -0.89 61.01 19.04
N LEU K 137 -1.44 60.42 20.08
CA LEU K 137 -0.79 59.32 20.76
C LEU K 137 -1.66 58.06 20.79
N VAL K 138 -1.00 56.91 20.65
CA VAL K 138 -1.65 55.62 20.73
C VAL K 138 -1.13 55.04 22.04
N VAL K 139 -2.00 54.89 23.03
CA VAL K 139 -1.58 54.39 24.34
C VAL K 139 -2.25 53.11 24.85
N PHE K 140 -1.44 52.24 25.48
CA PHE K 140 -1.91 50.98 26.06
C PHE K 140 -1.93 51.07 27.60
N GLU K 141 -2.99 50.53 28.21
CA GLU K 141 -3.14 50.54 29.68
C GLU K 141 -3.61 49.21 30.24
N ARG K 142 -2.88 48.73 31.26
CA ARG K 142 -3.16 47.45 31.88
C ARG K 142 -2.78 47.41 33.35
N ARG K 143 -3.55 46.67 34.16
CA ARG K 143 -3.23 46.53 35.56
C ARG K 143 -2.01 45.64 35.57
N TYR K 144 -0.90 46.14 36.11
CA TYR K 144 0.33 45.37 36.15
C TYR K 144 0.15 44.15 37.05
N GLU K 145 0.56 42.99 36.52
CA GLU K 145 0.47 41.74 37.25
C GLU K 145 1.78 41.54 38.02
N TYR K 146 1.73 41.83 39.32
CA TYR K 146 2.92 41.69 40.15
C TYR K 146 3.39 40.25 40.29
N LEU K 147 4.53 39.95 39.67
CA LEU K 147 5.10 38.61 39.75
C LEU K 147 6.21 38.59 40.81
N GLY K 148 5.84 38.17 42.01
CA GLY K 148 6.81 38.14 43.10
C GLY K 148 7.15 39.56 43.52
N SER K 149 8.45 39.86 43.61
CA SER K 149 8.89 41.18 44.00
C SER K 149 9.30 42.03 42.79
N HIS K 150 9.50 41.37 41.65
CA HIS K 150 9.91 42.05 40.41
C HIS K 150 9.23 43.38 40.19
N THR K 151 9.91 44.25 39.44
CA THR K 151 9.34 45.55 39.16
C THR K 151 9.86 46.13 37.87
N THR K 152 8.93 46.79 37.18
CA THR K 152 9.21 47.44 35.90
C THR K 152 10.00 48.73 36.17
N GLU K 153 10.28 49.51 35.12
CA GLU K 153 11.04 50.73 35.33
C GLU K 153 11.12 51.66 34.11
N LEU K 154 10.41 52.79 34.21
CA LEU K 154 10.36 53.84 33.18
C LEU K 154 11.34 53.64 32.00
N ILE K 155 10.79 53.45 30.81
CA ILE K 155 11.58 53.22 29.60
C ILE K 155 11.27 54.28 28.56
N VAL K 156 12.28 54.72 27.83
CA VAL K 156 12.06 55.72 26.77
C VAL K 156 13.00 55.44 25.59
N GLY K 157 12.53 55.74 24.38
CA GLY K 157 13.38 55.49 23.21
C GLY K 157 12.72 55.72 21.87
N SER K 158 13.24 55.04 20.85
CA SER K 158 12.68 55.20 19.53
C SER K 158 12.83 53.95 18.68
N THR K 159 11.74 53.62 17.97
CA THR K 159 11.69 52.46 17.10
C THR K 159 13.02 52.24 16.36
N ASP K 160 13.65 53.35 15.98
CA ASP K 160 14.92 53.29 15.25
C ASP K 160 16.09 52.95 16.18
N LYS K 161 15.94 53.27 17.47
CA LYS K 161 16.96 52.99 18.48
C LYS K 161 16.92 51.53 18.90
N GLN K 162 16.01 50.78 18.29
CA GLN K 162 15.86 49.35 18.61
C GLN K 162 16.56 48.45 17.61
N PRO K 163 17.23 47.39 18.09
CA PRO K 163 17.94 46.42 17.26
C PRO K 163 17.02 45.43 16.51
N LEU K 164 17.48 45.00 15.33
CA LEU K 164 16.73 44.05 14.48
C LEU K 164 16.85 42.63 15.00
N LEU K 165 15.82 42.17 15.72
CA LEU K 165 15.82 40.82 16.28
C LEU K 165 15.68 39.73 15.23
N GLU K 166 15.97 38.50 15.63
CA GLU K 166 15.86 37.37 14.71
C GLU K 166 14.49 36.70 14.81
N THR K 167 14.01 36.22 13.68
CA THR K 167 12.73 35.54 13.62
C THR K 167 12.94 34.23 12.89
N PRO K 168 13.18 33.14 13.62
CA PRO K 168 13.41 31.82 13.02
C PRO K 168 12.28 31.32 12.13
N GLY K 169 12.56 31.11 10.86
CA GLY K 169 11.55 30.64 9.94
C GLY K 169 10.83 31.76 9.20
N GLU K 170 10.64 32.90 9.88
CA GLU K 170 9.99 34.07 9.27
C GLU K 170 10.93 34.84 8.34
N VAL K 171 10.50 36.02 7.88
CA VAL K 171 11.30 36.84 6.97
C VAL K 171 11.02 38.35 7.08
N PHE K 172 10.26 38.73 8.09
CA PHE K 172 9.93 40.12 8.33
C PHE K 172 10.94 40.62 9.35
N GLU K 173 11.02 41.94 9.53
CA GLU K 173 11.98 42.48 10.48
C GLU K 173 11.28 42.83 11.78
N LEU K 174 11.81 42.30 12.88
CA LEU K 174 11.21 42.56 14.17
C LEU K 174 12.01 43.50 15.04
N ARG K 175 11.29 44.23 15.88
CA ARG K 175 11.89 45.16 16.82
C ARG K 175 10.91 45.19 17.99
N LYS K 176 11.44 45.26 19.21
CA LYS K 176 10.61 45.33 20.39
C LYS K 176 11.04 46.59 21.14
N LEU K 177 10.09 47.28 21.77
CA LEU K 177 10.37 48.53 22.46
C LEU K 177 10.57 48.44 23.98
N LEU K 178 10.55 47.23 24.51
CA LEU K 178 10.73 47.09 25.95
C LEU K 178 11.58 45.88 26.24
N PRO K 179 12.06 45.77 27.47
CA PRO K 179 12.90 44.63 27.90
C PRO K 179 12.16 43.29 27.89
N MET K 180 12.80 42.25 27.38
CA MET K 180 12.21 40.92 27.36
C MET K 180 12.26 40.35 28.79
N SER K 181 12.89 41.09 29.71
CA SER K 181 13.07 40.65 31.10
C SER K 181 11.77 40.38 31.85
N VAL K 182 11.71 39.18 32.40
CA VAL K 182 10.56 38.67 33.13
C VAL K 182 9.70 39.70 33.87
N ALA K 183 10.30 40.72 34.47
CA ALA K 183 9.53 41.71 35.20
C ALA K 183 8.38 42.32 34.37
N TYR K 184 8.63 42.60 33.09
CA TYR K 184 7.60 43.20 32.23
C TYR K 184 6.57 42.18 31.75
N ASP K 185 5.28 42.45 31.98
CA ASP K 185 4.23 41.54 31.55
C ASP K 185 3.69 41.75 30.13
N PHE K 186 4.18 42.78 29.44
CA PHE K 186 3.75 43.03 28.07
C PHE K 186 4.82 43.76 27.25
N ASN K 187 4.94 43.42 25.97
CA ASN K 187 5.93 44.04 25.09
C ASN K 187 5.27 44.57 23.82
N ILE K 188 5.86 45.59 23.19
CA ILE K 188 5.30 46.14 21.97
C ILE K 188 6.25 45.87 20.81
N HIS K 189 5.77 45.19 19.77
CA HIS K 189 6.63 44.90 18.63
C HIS K 189 6.36 45.88 17.49
N THR K 190 7.29 45.88 16.53
CA THR K 190 7.22 46.71 15.35
C THR K 190 7.54 45.69 14.28
N MET K 191 6.59 45.43 13.39
CA MET K 191 6.82 44.45 12.35
C MET K 191 6.79 45.02 10.96
N ASP K 192 7.83 44.70 10.19
CA ASP K 192 8.00 45.18 8.82
C ASP K 192 8.02 44.07 7.77
N PHE K 193 7.19 44.23 6.75
CA PHE K 193 7.09 43.26 5.67
C PHE K 193 7.31 43.97 4.34
N GLN K 194 8.10 43.35 3.47
CA GLN K 194 8.33 43.88 2.13
C GLN K 194 7.20 43.35 1.27
N PRO K 195 6.86 44.05 0.18
CA PRO K 195 5.76 43.61 -0.70
C PRO K 195 5.88 42.15 -1.15
N GLY K 196 4.92 41.34 -0.75
CA GLY K 196 4.94 39.94 -1.16
C GLY K 196 5.28 38.98 -0.03
N GLU K 197 5.68 39.54 1.10
CA GLU K 197 6.06 38.75 2.27
C GLU K 197 4.86 38.45 3.14
N PHE K 198 4.88 37.30 3.81
CA PHE K 198 3.77 36.89 4.67
C PHE K 198 4.22 35.93 5.77
N LEU K 199 3.43 35.85 6.84
CA LEU K 199 3.74 34.97 7.97
C LEU K 199 3.72 33.50 7.57
N ASN K 200 4.77 32.79 7.93
CA ASN K 200 4.88 31.37 7.62
C ASN K 200 4.05 30.54 8.58
N VAL K 201 4.09 30.88 9.85
CA VAL K 201 3.31 30.15 10.83
C VAL K 201 1.95 30.84 10.87
N LYS K 202 0.90 30.06 11.10
CA LYS K 202 -0.44 30.61 11.19
C LYS K 202 -0.75 30.65 12.69
N GLU K 203 -0.24 31.68 13.34
CA GLU K 203 -0.37 31.85 14.77
C GLU K 203 -1.72 31.51 15.39
N VAL K 204 -1.66 30.59 16.35
CA VAL K 204 -2.79 30.15 17.13
C VAL K 204 -2.11 30.00 18.49
N HIS K 205 -2.21 31.04 19.32
CA HIS K 205 -1.55 31.05 20.62
C HIS K 205 -2.37 31.75 21.70
N TYR K 206 -2.02 31.52 22.97
CA TYR K 206 -2.76 32.13 24.06
C TYR K 206 -2.54 33.63 24.15
N ASN K 207 -1.43 34.10 23.59
CA ASN K 207 -1.13 35.53 23.59
C ASN K 207 -2.22 36.33 22.86
N GLN K 208 -2.62 37.45 23.43
CA GLN K 208 -3.63 38.29 22.79
C GLN K 208 -2.96 39.51 22.13
N HIS K 209 -3.54 40.00 21.05
CA HIS K 209 -2.95 41.14 20.36
C HIS K 209 -3.78 42.41 20.26
N GLY K 210 -3.05 43.50 20.03
CA GLY K 210 -3.61 44.83 19.85
C GLY K 210 -2.68 45.36 18.78
N LEU K 211 -3.20 45.75 17.62
CA LEU K 211 -2.31 46.23 16.58
C LEU K 211 -2.83 47.38 15.72
N LEU K 212 -1.91 48.31 15.45
CA LEU K 212 -2.18 49.48 14.62
C LEU K 212 -1.29 49.38 13.40
N LEU K 213 -1.87 49.51 12.21
CA LEU K 213 -1.09 49.43 11.00
C LEU K 213 -0.48 50.81 10.81
N LEU K 214 0.84 50.87 10.77
CA LEU K 214 1.51 52.14 10.61
C LEU K 214 1.78 52.45 9.14
N GLU K 215 2.29 51.47 8.40
CA GLU K 215 2.60 51.67 6.99
C GLU K 215 2.27 50.52 6.01
N GLY K 216 1.86 50.90 4.81
CA GLY K 216 1.54 49.93 3.78
C GLY K 216 0.09 49.49 3.74
N GLN K 217 -0.12 48.30 3.18
CA GLN K 217 -1.45 47.71 3.07
C GLN K 217 -1.32 46.22 2.79
N GLY K 218 -2.44 45.52 2.85
CA GLY K 218 -2.43 44.09 2.57
C GLY K 218 -3.63 43.36 3.11
N ILE K 219 -3.59 42.03 3.04
CA ILE K 219 -4.66 41.20 3.53
C ILE K 219 -4.30 40.64 4.91
N TYR K 220 -5.26 40.69 5.82
CA TYR K 220 -5.09 40.17 7.16
C TYR K 220 -6.19 39.15 7.39
N ARG K 221 -5.84 38.01 7.98
CA ARG K 221 -6.83 36.98 8.22
C ARG K 221 -7.02 36.70 9.71
N LEU K 222 -8.27 36.66 10.14
CA LEU K 222 -8.60 36.37 11.52
C LEU K 222 -9.69 35.32 11.50
N GLY K 223 -9.38 34.15 12.05
CA GLY K 223 -10.34 33.06 12.02
C GLY K 223 -10.53 32.64 10.57
N ASP K 224 -11.77 32.69 10.09
CA ASP K 224 -12.08 32.32 8.71
C ASP K 224 -12.40 33.52 7.84
N ASN K 225 -12.10 34.71 8.35
CA ASN K 225 -12.33 35.97 7.65
C ASN K 225 -11.07 36.50 7.01
N TRP K 226 -11.22 37.22 5.90
CA TRP K 226 -10.09 37.83 5.21
C TRP K 226 -10.39 39.31 5.11
N TYR K 227 -9.45 40.13 5.56
CA TYR K 227 -9.67 41.58 5.55
C TYR K 227 -8.63 42.43 4.85
N PRO K 228 -9.07 43.29 3.92
CA PRO K 228 -8.13 44.15 3.22
C PRO K 228 -7.86 45.27 4.23
N VAL K 229 -6.61 45.59 4.49
CA VAL K 229 -6.35 46.65 5.45
C VAL K 229 -5.39 47.69 4.93
N GLN K 230 -5.53 48.92 5.43
CA GLN K 230 -4.66 50.02 5.02
C GLN K 230 -4.12 50.68 6.30
N ALA K 231 -3.24 51.64 6.15
CA ALA K 231 -2.68 52.33 7.30
C ALA K 231 -3.79 53.11 8.02
N GLY K 232 -3.77 53.04 9.34
CA GLY K 232 -4.77 53.72 10.15
C GLY K 232 -5.74 52.71 10.74
N ASP K 233 -5.72 51.50 10.19
CA ASP K 233 -6.60 50.42 10.64
C ASP K 233 -6.08 49.79 11.93
N VAL K 234 -7.00 49.35 12.77
CA VAL K 234 -6.66 48.74 14.05
C VAL K 234 -7.25 47.35 14.20
N ILE K 235 -6.54 46.47 14.89
CA ILE K 235 -7.02 45.12 15.08
C ILE K 235 -7.00 44.68 16.54
N TRP K 236 -7.97 43.83 16.86
CA TRP K 236 -8.13 43.25 18.18
C TRP K 236 -7.98 41.78 17.88
N MET K 237 -7.00 41.13 18.51
CA MET K 237 -6.79 39.71 18.32
C MET K 237 -6.90 39.04 19.68
N ALA K 238 -7.99 38.31 19.90
CA ALA K 238 -8.22 37.62 21.16
C ALA K 238 -7.42 36.34 21.23
N PRO K 239 -7.22 35.82 22.46
CA PRO K 239 -6.46 34.59 22.62
C PRO K 239 -6.98 33.46 21.73
N PHE K 240 -6.05 32.82 21.04
CA PHE K 240 -6.32 31.68 20.17
C PHE K 240 -6.99 31.87 18.84
N VAL K 241 -7.17 33.11 18.41
CA VAL K 241 -7.77 33.28 17.10
C VAL K 241 -6.71 33.10 16.03
N PRO K 242 -6.93 32.19 15.08
CA PRO K 242 -5.96 31.96 14.01
C PRO K 242 -5.68 33.29 13.31
N GLN K 243 -4.41 33.62 13.08
CA GLN K 243 -4.06 34.90 12.48
C GLN K 243 -2.93 34.84 11.46
N TRP K 244 -2.91 35.80 10.54
CA TRP K 244 -1.91 35.82 9.48
C TRP K 244 -1.92 37.13 8.69
N TYR K 245 -0.80 37.47 8.07
CA TYR K 245 -0.72 38.69 7.29
C TYR K 245 0.05 38.54 6.02
N ALA K 246 -0.13 39.50 5.13
CA ALA K 246 0.57 39.50 3.87
C ALA K 246 0.59 40.95 3.42
N ALA K 247 1.79 41.48 3.20
CA ALA K 247 1.92 42.87 2.77
C ALA K 247 1.72 42.90 1.28
N LEU K 248 1.17 44.01 0.79
CA LEU K 248 0.93 44.19 -0.64
C LEU K 248 1.17 45.63 -1.04
N GLY K 249 1.44 45.85 -2.33
CA GLY K 249 1.67 47.20 -2.81
C GLY K 249 3.09 47.49 -3.22
N LYS K 250 3.43 48.77 -3.29
CA LYS K 250 4.78 49.17 -3.67
C LYS K 250 5.66 49.44 -2.45
N THR K 251 5.08 50.09 -1.45
CA THR K 251 5.80 50.39 -0.22
C THR K 251 5.68 49.24 0.79
N ARG K 252 6.62 49.19 1.73
CA ARG K 252 6.64 48.17 2.77
C ARG K 252 5.42 48.27 3.68
N SER K 253 5.30 47.33 4.63
CA SER K 253 4.21 47.35 5.59
C SER K 253 4.77 47.32 7.01
N ARG K 254 4.16 48.08 7.91
CA ARG K 254 4.62 48.07 9.29
C ARG K 254 3.54 48.33 10.32
N TYR K 255 3.49 47.50 11.35
CA TYR K 255 2.48 47.70 12.38
C TYR K 255 2.94 47.65 13.84
N LEU K 256 2.23 48.40 14.67
CA LEU K 256 2.50 48.47 16.09
C LEU K 256 1.72 47.29 16.65
N LEU K 257 2.39 46.44 17.44
CA LEU K 257 1.75 45.24 17.98
C LEU K 257 1.97 44.98 19.47
N TYR K 258 0.88 44.92 20.22
CA TYR K 258 0.94 44.62 21.64
C TYR K 258 0.88 43.11 21.87
N LYS K 259 1.73 42.59 22.74
CA LYS K 259 1.77 41.15 23.04
C LYS K 259 2.11 40.90 24.51
N ASP K 260 1.17 40.29 25.23
CA ASP K 260 1.37 39.99 26.64
C ASP K 260 2.41 38.88 26.78
N VAL K 261 3.22 38.96 27.84
CA VAL K 261 4.32 37.99 28.08
C VAL K 261 4.75 37.76 29.54
N ASN K 262 5.76 36.91 29.68
CA ASN K 262 6.39 36.52 30.93
C ASN K 262 5.41 36.32 32.10
N ARG K 263 4.40 35.49 31.87
CA ARG K 263 3.38 35.18 32.89
C ARG K 263 2.69 33.84 32.61
N ASN K 264 2.52 33.04 33.66
CA ASN K 264 1.88 31.74 33.49
C ASN K 264 0.47 31.95 32.94
N PRO K 265 0.18 31.34 31.78
CA PRO K 265 -1.13 31.44 31.14
C PRO K 265 -2.19 30.59 31.82
N LEU K 266 -1.89 30.16 33.05
CA LEU K 266 -2.80 29.36 33.85
C LEU K 266 -3.79 30.26 34.56
N PRO L 7 56.51 -60.02 -16.32
CA PRO L 7 57.46 -59.02 -15.75
C PRO L 7 56.83 -58.47 -14.48
N ILE L 8 57.63 -58.17 -13.45
CA ILE L 8 57.06 -57.66 -12.20
C ILE L 8 56.50 -56.24 -12.35
N TYR L 9 55.31 -56.02 -11.77
CA TYR L 9 54.64 -54.72 -11.82
C TYR L 9 54.52 -54.29 -13.28
N TRP L 10 54.10 -55.21 -14.14
CA TRP L 10 53.98 -54.86 -15.55
C TRP L 10 52.88 -53.84 -15.82
N LYS L 11 51.63 -54.28 -15.79
CA LYS L 11 50.49 -53.41 -16.04
C LYS L 11 50.65 -51.97 -15.52
N ALA L 12 51.31 -51.80 -14.38
CA ALA L 12 51.49 -50.47 -13.81
C ALA L 12 52.08 -49.54 -14.85
N THR L 13 52.92 -50.09 -15.73
CA THR L 13 53.54 -49.31 -16.80
C THR L 13 52.82 -49.64 -18.12
N ASN L 14 51.87 -50.57 -18.06
CA ASN L 14 51.07 -50.97 -19.22
C ASN L 14 49.64 -51.21 -18.80
N PRO L 15 48.93 -50.12 -18.46
CA PRO L 15 47.52 -50.19 -18.03
C PRO L 15 46.61 -50.82 -19.05
N THR L 16 45.66 -51.62 -18.56
CA THR L 16 44.69 -52.30 -19.40
C THR L 16 44.02 -51.21 -20.23
N LEU L 17 43.36 -50.27 -19.58
CA LEU L 17 42.77 -49.16 -20.32
C LEU L 17 43.90 -48.14 -20.42
N SER L 18 44.44 -47.97 -21.63
CA SER L 18 45.56 -47.05 -21.86
C SER L 18 45.21 -45.80 -22.66
N PRO L 19 45.97 -44.72 -22.46
CA PRO L 19 45.76 -43.45 -23.16
C PRO L 19 45.42 -43.61 -24.63
N SER L 20 46.06 -44.57 -25.29
CA SER L 20 45.85 -44.79 -26.72
C SER L 20 44.40 -45.12 -27.08
N HIS L 21 43.75 -45.90 -26.21
CA HIS L 21 42.37 -46.32 -26.41
C HIS L 21 41.37 -45.16 -26.40
N LEU L 22 41.72 -44.04 -25.78
CA LEU L 22 40.81 -42.90 -25.71
C LEU L 22 41.06 -41.86 -26.80
N GLN L 23 41.74 -42.24 -27.89
CA GLN L 23 42.04 -41.28 -28.96
C GLN L 23 40.85 -40.91 -29.85
N ASP L 24 39.70 -41.56 -29.65
CA ASP L 24 38.52 -41.22 -30.43
C ASP L 24 37.41 -40.69 -29.53
N LEU L 25 37.81 -40.31 -28.31
CA LEU L 25 36.91 -39.76 -27.31
C LEU L 25 37.44 -38.40 -26.86
N PRO L 26 37.22 -37.36 -27.68
CA PRO L 26 37.68 -36.00 -27.39
C PRO L 26 37.45 -35.54 -25.95
N GLY L 27 38.53 -35.19 -25.27
CA GLY L 27 38.39 -34.70 -23.93
C GLY L 27 38.06 -35.67 -22.82
N PHE L 28 37.91 -36.96 -23.13
CA PHE L 28 37.59 -37.92 -22.08
C PHE L 28 38.76 -38.19 -21.11
N THR L 29 38.46 -38.29 -19.82
CA THR L 29 39.48 -38.59 -18.82
C THR L 29 38.89 -39.16 -17.52
N ARG L 30 39.65 -40.05 -16.90
CA ARG L 30 39.25 -40.67 -15.65
C ARG L 30 39.81 -39.90 -14.45
N SER L 31 40.64 -38.89 -14.73
CA SER L 31 41.20 -38.09 -13.65
C SER L 31 40.15 -37.21 -12.98
N VAL L 32 40.40 -36.89 -11.72
CA VAL L 32 39.52 -36.06 -10.93
C VAL L 32 40.36 -35.40 -9.84
N TYR L 33 40.26 -34.08 -9.72
CA TYR L 33 41.00 -33.34 -8.70
C TYR L 33 40.00 -32.60 -7.84
N LYS L 34 39.81 -33.07 -6.62
CA LYS L 34 38.87 -32.44 -5.71
C LYS L 34 39.50 -31.81 -4.49
N ARG L 35 38.67 -31.07 -3.77
CA ARG L 35 39.06 -30.35 -2.55
C ARG L 35 40.03 -31.11 -1.64
N ASP L 36 39.65 -32.32 -1.23
CA ASP L 36 40.48 -33.12 -0.33
C ASP L 36 41.20 -34.34 -0.92
N HIS L 37 40.87 -34.72 -2.16
CA HIS L 37 41.54 -35.86 -2.77
C HIS L 37 41.60 -35.71 -4.29
N ALA L 38 42.27 -36.65 -4.96
CA ALA L 38 42.40 -36.64 -6.42
C ALA L 38 42.77 -38.00 -7.03
N LEU L 39 42.13 -38.34 -8.15
CA LEU L 39 42.41 -39.58 -8.85
C LEU L 39 43.11 -39.23 -10.15
N ILE L 40 44.41 -39.48 -10.21
CA ILE L 40 45.19 -39.17 -11.40
C ILE L 40 45.43 -40.44 -12.22
N THR L 41 44.95 -40.43 -13.46
CA THR L 41 45.09 -41.58 -14.36
C THR L 41 46.08 -41.28 -15.50
N PRO L 42 46.65 -42.33 -16.11
CA PRO L 42 47.61 -42.30 -17.22
C PRO L 42 47.42 -41.29 -18.35
N GLU L 43 46.21 -41.23 -18.91
CA GLU L 43 45.94 -40.32 -20.01
C GLU L 43 46.09 -38.85 -19.65
N SER L 44 46.29 -38.56 -18.37
CA SER L 44 46.45 -37.17 -17.94
C SER L 44 47.89 -36.85 -17.51
N HIS L 45 48.76 -37.86 -17.48
CA HIS L 45 50.16 -37.69 -17.11
C HIS L 45 50.83 -36.68 -18.02
N VAL L 46 51.47 -35.68 -17.40
CA VAL L 46 52.16 -34.65 -18.17
C VAL L 46 53.67 -34.75 -18.03
N TYR L 47 54.32 -35.32 -19.05
CA TYR L 47 55.77 -35.49 -19.07
C TYR L 47 56.52 -34.33 -19.69
N SER L 48 57.61 -33.95 -19.02
CA SER L 48 58.47 -32.87 -19.48
C SER L 48 59.89 -33.08 -18.92
N PRO L 49 60.92 -32.67 -19.67
CA PRO L 49 62.30 -32.85 -19.20
C PRO L 49 62.46 -32.37 -17.77
N LEU L 50 63.03 -33.25 -16.95
CA LEU L 50 63.25 -33.01 -15.53
C LEU L 50 64.48 -32.15 -15.26
N PRO L 51 64.34 -31.10 -14.44
CA PRO L 51 65.47 -30.22 -14.12
C PRO L 51 66.72 -30.93 -13.61
N ASP L 52 67.89 -30.45 -14.03
CA ASP L 52 69.15 -31.02 -13.58
C ASP L 52 69.32 -32.52 -13.83
N TRP L 53 68.36 -33.13 -14.50
CA TRP L 53 68.43 -34.55 -14.82
C TRP L 53 68.89 -34.64 -16.27
N THR L 54 69.53 -35.76 -16.61
CA THR L 54 70.04 -36.04 -17.94
C THR L 54 69.15 -37.13 -18.53
N ASN L 55 68.68 -36.91 -19.75
CA ASN L 55 67.78 -37.84 -20.46
C ASN L 55 66.67 -38.49 -19.60
N THR L 56 65.92 -37.66 -18.90
CA THR L 56 64.83 -38.14 -18.06
C THR L 56 63.59 -37.28 -18.21
N LEU L 57 62.44 -37.89 -18.48
CA LEU L 57 61.22 -37.12 -18.58
C LEU L 57 60.46 -37.37 -17.28
N GLY L 58 60.10 -36.29 -16.61
CA GLY L 58 59.37 -36.40 -15.35
C GLY L 58 57.98 -35.82 -15.40
N ALA L 59 57.09 -36.38 -14.61
CA ALA L 59 55.70 -35.92 -14.53
C ALA L 59 55.24 -35.92 -13.07
N TYR L 60 55.03 -34.71 -12.54
CA TYR L 60 54.58 -34.55 -11.15
C TYR L 60 53.10 -34.90 -11.01
N LEU L 61 52.81 -35.76 -10.05
CA LEU L 61 51.46 -36.22 -9.78
C LEU L 61 50.89 -35.49 -8.56
N ILE L 62 51.75 -35.14 -7.61
CA ILE L 62 51.33 -34.45 -6.40
C ILE L 62 52.40 -33.48 -5.91
N THR L 63 52.01 -32.25 -5.59
CA THR L 63 52.93 -31.25 -5.05
C THR L 63 52.20 -30.45 -3.97
N PRO L 64 52.93 -29.71 -3.13
CA PRO L 64 52.30 -28.92 -2.07
C PRO L 64 51.15 -28.03 -2.53
N ALA L 65 51.08 -27.74 -3.82
CA ALA L 65 50.01 -26.88 -4.34
C ALA L 65 48.65 -27.48 -3.98
N THR L 66 48.63 -28.80 -3.77
CA THR L 66 47.40 -29.51 -3.43
C THR L 66 47.13 -29.40 -1.93
N GLY L 67 48.17 -29.07 -1.18
CA GLY L 67 48.02 -28.92 0.25
C GLY L 67 48.91 -29.92 0.97
N SER L 68 49.53 -30.78 0.17
CA SER L 68 50.43 -31.78 0.72
C SER L 68 51.67 -31.06 1.17
N HIS L 69 52.52 -31.77 1.92
CA HIS L 69 53.80 -31.26 2.38
C HIS L 69 54.88 -32.04 1.63
N PHE L 70 54.43 -32.81 0.62
CA PHE L 70 55.32 -33.63 -0.19
C PHE L 70 55.06 -33.53 -1.71
N VAL L 71 55.97 -34.12 -2.47
CA VAL L 71 55.84 -34.18 -3.91
C VAL L 71 55.98 -35.64 -4.27
N MET L 72 55.26 -36.05 -5.32
CA MET L 72 55.29 -37.44 -5.76
C MET L 72 55.35 -37.44 -7.29
N TYR L 73 56.44 -37.93 -7.88
CA TYR L 73 56.52 -37.94 -9.35
C TYR L 73 57.08 -39.22 -10.00
N LEU L 74 56.90 -39.31 -11.31
CA LEU L 74 57.37 -40.46 -12.07
C LEU L 74 58.46 -40.01 -13.03
N ALA L 75 59.59 -40.72 -12.99
CA ALA L 75 60.71 -40.38 -13.87
C ALA L 75 60.94 -41.49 -14.88
N LYS L 76 61.03 -41.13 -16.16
CA LYS L 76 61.27 -42.12 -17.20
C LYS L 76 62.70 -41.98 -17.68
N MET L 77 63.60 -42.75 -17.06
CA MET L 77 65.02 -42.72 -17.39
C MET L 77 65.29 -43.55 -18.64
N LYS L 78 65.91 -42.90 -19.65
CA LYS L 78 66.24 -43.55 -20.92
C LYS L 78 67.73 -43.86 -20.99
N GLU L 79 68.30 -43.97 -22.20
CA GLU L 79 69.72 -44.30 -22.33
C GLU L 79 70.64 -43.37 -21.54
N MET L 80 71.72 -43.93 -20.99
CA MET L 80 72.72 -43.16 -20.25
C MET L 80 72.11 -41.93 -19.57
N SER L 81 71.15 -42.18 -18.67
CA SER L 81 70.44 -41.11 -17.96
C SER L 81 70.80 -41.09 -16.48
N SER L 82 71.18 -39.92 -15.99
CA SER L 82 71.55 -39.75 -14.59
C SER L 82 70.57 -38.79 -13.91
N SER L 83 70.69 -38.66 -12.58
CA SER L 83 69.79 -37.79 -11.86
C SER L 83 70.48 -36.57 -11.26
N GLY L 84 69.65 -35.61 -10.85
CA GLY L 84 70.15 -34.40 -10.22
C GLY L 84 69.81 -34.41 -8.75
N LEU L 85 70.43 -33.53 -7.97
CA LEU L 85 70.18 -33.48 -6.53
C LEU L 85 69.07 -32.52 -6.11
N PRO L 86 68.25 -32.93 -5.13
CA PRO L 86 67.12 -32.17 -4.57
C PRO L 86 67.62 -30.94 -3.79
N PRO L 87 66.83 -29.87 -3.70
CA PRO L 87 67.33 -28.72 -2.95
C PRO L 87 67.79 -29.05 -1.52
N GLN L 88 68.53 -28.15 -0.90
CA GLN L 88 69.03 -28.39 0.45
C GLN L 88 67.88 -28.74 1.39
N ASP L 89 68.21 -29.53 2.42
CA ASP L 89 67.24 -29.97 3.43
C ASP L 89 66.05 -30.78 2.88
N ILE L 90 66.21 -31.33 1.66
CA ILE L 90 65.17 -32.12 1.03
C ILE L 90 65.53 -33.61 0.93
N GLU L 91 64.75 -34.42 1.63
CA GLU L 91 64.95 -35.86 1.63
C GLU L 91 64.28 -36.44 0.38
N ARG L 92 64.73 -37.63 -0.04
CA ARG L 92 64.18 -38.29 -1.21
C ARG L 92 63.95 -39.77 -0.91
N LEU L 93 63.27 -40.45 -1.83
CA LEU L 93 62.98 -41.88 -1.76
C LEU L 93 62.55 -42.32 -3.13
N ILE L 94 63.42 -43.00 -3.85
CA ILE L 94 63.08 -43.47 -5.17
C ILE L 94 62.62 -44.93 -5.11
N PHE L 95 61.90 -45.36 -6.14
CA PHE L 95 61.37 -46.72 -6.22
C PHE L 95 61.35 -47.16 -7.68
N VAL L 96 61.88 -48.35 -7.95
CA VAL L 96 61.91 -48.84 -9.32
C VAL L 96 60.65 -49.61 -9.69
N VAL L 97 60.08 -49.23 -10.83
CA VAL L 97 58.87 -49.87 -11.34
C VAL L 97 59.26 -50.78 -12.51
N GLU L 98 60.03 -50.22 -13.45
CA GLU L 98 60.48 -50.96 -14.61
C GLU L 98 61.92 -50.53 -14.90
N GLY L 99 62.71 -51.47 -15.42
CA GLY L 99 64.09 -51.14 -15.77
C GLY L 99 65.17 -51.39 -14.72
N ALA L 100 66.38 -50.92 -15.07
CA ALA L 100 67.57 -51.05 -14.24
C ALA L 100 68.25 -49.70 -14.00
N VAL L 101 68.70 -49.47 -12.76
CA VAL L 101 69.38 -48.23 -12.39
C VAL L 101 70.38 -48.43 -11.24
N THR L 102 71.50 -47.70 -11.30
CA THR L 102 72.56 -47.82 -10.29
C THR L 102 72.65 -46.67 -9.28
N LEU L 103 72.82 -47.04 -8.01
CA LEU L 103 72.90 -46.08 -6.90
C LEU L 103 74.29 -45.78 -6.26
N THR L 104 75.18 -45.09 -6.99
CA THR L 104 76.49 -44.74 -6.43
C THR L 104 76.29 -43.48 -5.57
N ASN L 105 77.35 -43.00 -4.91
CA ASN L 105 77.21 -41.79 -4.09
C ASN L 105 78.51 -40.97 -3.95
N SER L 108 80.41 -44.55 -0.79
CA SER L 108 79.81 -45.71 -0.09
C SER L 108 79.39 -46.86 -1.03
N SER L 109 80.35 -47.65 -1.48
CA SER L 109 80.09 -48.80 -2.33
C SER L 109 79.41 -48.46 -3.67
N SER L 110 78.30 -49.13 -3.95
CA SER L 110 77.53 -48.95 -5.18
C SER L 110 76.55 -50.11 -5.25
N LYS L 111 75.33 -49.84 -5.69
CA LYS L 111 74.29 -50.87 -5.75
C LYS L 111 73.55 -50.92 -7.08
N LYS L 112 72.91 -52.06 -7.34
CA LYS L 112 72.14 -52.27 -8.57
C LYS L 112 70.65 -52.33 -8.22
N LEU L 113 69.91 -51.29 -8.54
CA LEU L 113 68.49 -51.26 -8.25
C LEU L 113 67.71 -51.69 -9.50
N THR L 114 67.09 -52.86 -9.41
CA THR L 114 66.26 -53.42 -10.46
C THR L 114 64.86 -53.24 -9.89
N VAL L 115 63.86 -53.92 -10.43
CA VAL L 115 62.52 -53.77 -9.89
C VAL L 115 62.47 -53.90 -8.36
N ASP L 116 61.34 -53.51 -7.78
CA ASP L 116 61.08 -53.62 -6.34
C ASP L 116 62.14 -53.09 -5.35
N SER L 117 63.27 -52.61 -5.85
CA SER L 117 64.30 -52.12 -4.95
C SER L 117 64.27 -50.62 -4.77
N TYR L 118 64.01 -50.18 -3.53
CA TYR L 118 63.93 -48.77 -3.21
C TYR L 118 65.24 -48.20 -2.70
N ALA L 119 65.20 -46.99 -2.15
CA ALA L 119 66.40 -46.34 -1.66
C ALA L 119 66.10 -44.94 -1.10
N TYR L 120 66.06 -44.82 0.22
CA TYR L 120 65.81 -43.52 0.85
C TYR L 120 67.10 -42.72 0.72
N LEU L 121 67.00 -41.41 0.88
CA LEU L 121 68.19 -40.56 0.80
C LEU L 121 68.03 -39.34 1.70
N PRO L 122 68.73 -39.36 2.84
CA PRO L 122 68.71 -38.29 3.86
C PRO L 122 68.89 -36.92 3.22
N PRO L 123 68.32 -35.88 3.85
CA PRO L 123 68.49 -34.54 3.26
C PRO L 123 69.97 -34.18 3.26
N ASN L 124 70.46 -33.70 2.11
CA ASN L 124 71.84 -33.29 1.98
C ASN L 124 72.80 -34.47 1.85
N PHE L 125 72.28 -35.59 1.37
CA PHE L 125 73.08 -36.80 1.16
C PHE L 125 73.37 -36.92 -0.33
N HIS L 126 74.61 -36.62 -0.73
CA HIS L 126 74.97 -36.69 -2.13
C HIS L 126 74.76 -38.08 -2.69
N HIS L 127 74.34 -38.15 -3.95
CA HIS L 127 74.12 -39.43 -4.59
C HIS L 127 73.78 -39.26 -6.05
N SER L 128 73.76 -40.39 -6.76
CA SER L 128 73.43 -40.36 -8.17
C SER L 128 72.83 -41.68 -8.64
N LEU L 129 71.80 -41.58 -9.46
CA LEU L 129 71.14 -42.74 -10.02
C LEU L 129 71.48 -42.68 -11.50
N ASP L 130 72.14 -43.71 -11.99
CA ASP L 130 72.53 -43.74 -13.38
C ASP L 130 71.90 -44.92 -14.08
N CYS L 131 71.34 -44.67 -15.26
CA CYS L 131 70.67 -45.69 -16.04
C CYS L 131 71.30 -45.77 -17.42
N VAL L 132 71.83 -46.94 -17.75
CA VAL L 132 72.51 -47.16 -19.03
C VAL L 132 71.61 -47.69 -20.12
N GLU L 133 70.30 -47.65 -19.89
CA GLU L 133 69.36 -48.18 -20.89
C GLU L 133 67.93 -47.65 -20.74
N SER L 134 67.22 -48.13 -19.72
CA SER L 134 65.84 -47.73 -19.46
C SER L 134 65.47 -47.97 -18.00
N ALA L 135 64.50 -47.20 -17.51
CA ALA L 135 64.05 -47.31 -16.13
C ALA L 135 62.77 -46.50 -15.91
N THR L 136 62.18 -46.65 -14.73
CA THR L 136 60.98 -45.92 -14.35
C THR L 136 60.92 -45.87 -12.82
N LEU L 137 61.11 -44.68 -12.26
CA LEU L 137 61.08 -44.51 -10.80
C LEU L 137 59.96 -43.60 -10.26
N VAL L 138 59.18 -44.15 -9.32
CA VAL L 138 58.15 -43.37 -8.66
C VAL L 138 58.94 -42.80 -7.47
N VAL L 139 59.09 -41.48 -7.40
CA VAL L 139 59.87 -40.86 -6.31
C VAL L 139 59.10 -39.88 -5.42
N PHE L 140 59.49 -39.80 -4.15
CA PHE L 140 58.87 -38.90 -3.19
C PHE L 140 59.92 -37.94 -2.64
N GLU L 141 59.49 -36.72 -2.31
CA GLU L 141 60.42 -35.76 -1.75
C GLU L 141 59.64 -34.95 -0.73
N ARG L 142 60.38 -34.30 0.15
CA ARG L 142 59.77 -33.51 1.20
C ARG L 142 60.87 -32.73 1.90
N ARG L 143 60.51 -31.59 2.49
CA ARG L 143 61.50 -30.83 3.24
C ARG L 143 61.59 -31.55 4.55
N TYR L 144 62.68 -32.27 4.79
CA TYR L 144 62.83 -33.00 6.03
C TYR L 144 62.56 -32.10 7.23
N GLU L 145 61.68 -32.54 8.13
CA GLU L 145 61.35 -31.78 9.31
C GLU L 145 62.13 -32.32 10.49
N TYR L 146 63.21 -31.62 10.83
CA TYR L 146 64.08 -31.98 11.95
C TYR L 146 63.35 -31.96 13.27
N LEU L 147 63.56 -33.02 14.05
CA LEU L 147 62.98 -33.17 15.37
C LEU L 147 64.19 -33.43 16.27
N GLY L 148 64.56 -32.43 17.06
CA GLY L 148 65.72 -32.59 17.94
C GLY L 148 67.03 -32.51 17.19
N SER L 149 67.91 -33.48 17.43
CA SER L 149 69.20 -33.52 16.73
C SER L 149 69.36 -34.92 16.15
N HIS L 150 68.25 -35.46 15.65
CA HIS L 150 68.22 -36.77 15.05
C HIS L 150 68.44 -36.65 13.56
N THR L 151 68.90 -37.73 12.96
CA THR L 151 69.19 -37.74 11.53
C THR L 151 68.87 -39.10 10.99
N THR L 152 68.60 -39.17 9.70
CA THR L 152 68.26 -40.44 9.09
C THR L 152 69.51 -40.96 8.39
N GLU L 153 69.38 -42.08 7.70
CA GLU L 153 70.50 -42.67 7.00
C GLU L 153 69.98 -43.34 5.74
N LEU L 154 70.91 -43.69 4.85
CA LEU L 154 70.59 -44.36 3.59
C LEU L 154 69.93 -45.70 3.84
N ILE L 155 68.66 -45.83 3.46
CA ILE L 155 67.94 -47.09 3.65
C ILE L 155 67.77 -47.78 2.30
N VAL L 156 68.73 -48.61 1.90
CA VAL L 156 68.65 -49.31 0.64
C VAL L 156 68.17 -50.75 0.82
N GLY L 157 67.01 -51.07 0.25
CA GLY L 157 66.46 -52.41 0.39
C GLY L 157 65.57 -52.91 -0.73
N SER L 158 64.61 -53.74 -0.35
CA SER L 158 63.67 -54.31 -1.32
C SER L 158 62.37 -54.81 -0.67
N THR L 159 61.30 -54.73 -1.46
CA THR L 159 59.96 -55.14 -1.05
C THR L 159 59.96 -56.59 -0.60
N ASP L 160 60.25 -57.48 -1.55
CA ASP L 160 60.29 -58.92 -1.32
C ASP L 160 60.89 -59.30 0.02
N LYS L 161 61.90 -58.55 0.44
CA LYS L 161 62.55 -58.78 1.73
C LYS L 161 61.60 -58.34 2.83
N GLN L 162 61.59 -57.05 3.14
CA GLN L 162 60.73 -56.48 4.18
C GLN L 162 59.67 -57.41 4.77
N PRO L 163 59.69 -57.55 6.11
CA PRO L 163 58.77 -58.41 6.84
C PRO L 163 57.30 -57.99 6.77
N LEU L 164 56.44 -58.99 6.82
CA LEU L 164 55.01 -58.75 6.81
C LEU L 164 54.69 -58.22 8.21
N LEU L 165 53.87 -57.18 8.29
CA LEU L 165 53.46 -56.63 9.58
C LEU L 165 52.00 -57.04 9.84
N GLU L 166 51.69 -57.29 11.11
CA GLU L 166 50.35 -57.69 11.47
C GLU L 166 49.47 -56.49 11.67
N THR L 167 48.33 -56.48 10.98
CA THR L 167 47.39 -55.39 11.08
C THR L 167 46.17 -55.81 11.91
N PRO L 168 46.03 -55.20 13.11
CA PRO L 168 44.92 -55.49 14.01
C PRO L 168 43.61 -55.02 13.41
N GLY L 169 42.69 -55.96 13.18
CA GLY L 169 41.43 -55.59 12.61
C GLY L 169 41.37 -55.51 11.08
N GLU L 170 42.47 -55.87 10.40
CA GLU L 170 42.51 -55.85 8.92
C GLU L 170 43.14 -57.13 8.35
N VAL L 171 42.78 -57.48 7.11
CA VAL L 171 43.28 -58.69 6.48
C VAL L 171 44.29 -58.51 5.33
N PHE L 172 44.81 -57.30 5.16
CA PHE L 172 45.76 -57.07 4.09
C PHE L 172 47.20 -57.27 4.57
N GLU L 173 48.08 -57.70 3.67
CA GLU L 173 49.48 -57.91 3.99
C GLU L 173 50.12 -56.53 3.99
N LEU L 174 50.72 -56.16 5.12
CA LEU L 174 51.35 -54.85 5.27
C LEU L 174 52.86 -54.85 5.48
N ARG L 175 53.60 -54.40 4.48
CA ARG L 175 55.05 -54.32 4.61
C ARG L 175 55.34 -52.84 4.82
N LYS L 176 56.61 -52.50 5.03
CA LYS L 176 57.07 -51.11 5.23
C LYS L 176 58.53 -51.08 4.80
N LEU L 177 58.87 -50.16 3.91
CA LEU L 177 60.23 -50.05 3.38
C LEU L 177 61.25 -49.30 4.24
N LEU L 178 60.79 -48.39 5.08
CA LEU L 178 61.71 -47.63 5.91
C LEU L 178 61.48 -47.92 7.38
N PRO L 179 62.50 -47.68 8.21
CA PRO L 179 62.41 -47.91 9.66
C PRO L 179 61.19 -47.18 10.25
N MET L 180 60.91 -47.39 11.54
CA MET L 180 59.78 -46.76 12.21
C MET L 180 60.25 -45.79 13.30
N SER L 181 61.56 -45.56 13.39
CA SER L 181 62.08 -44.66 14.42
C SER L 181 61.86 -43.17 14.16
N VAL L 182 61.70 -42.44 15.25
CA VAL L 182 61.42 -40.99 15.26
C VAL L 182 62.13 -40.17 14.18
N ALA L 183 63.34 -40.59 13.81
CA ALA L 183 64.12 -39.87 12.80
C ALA L 183 63.27 -39.63 11.55
N TYR L 184 62.82 -40.72 10.94
CA TYR L 184 62.00 -40.66 9.72
C TYR L 184 60.65 -39.98 9.93
N ASP L 185 60.39 -38.94 9.12
CA ASP L 185 59.11 -38.21 9.21
C ASP L 185 58.04 -38.72 8.25
N PHE L 186 58.31 -39.87 7.64
CA PHE L 186 57.35 -40.50 6.74
C PHE L 186 57.81 -41.94 6.54
N ASN L 187 56.93 -42.78 5.99
CA ASN L 187 57.26 -44.17 5.74
C ASN L 187 56.58 -44.53 4.42
N ILE L 188 56.92 -45.71 3.89
CA ILE L 188 56.33 -46.20 2.65
C ILE L 188 55.77 -47.59 2.94
N HIS L 189 54.45 -47.73 2.84
CA HIS L 189 53.78 -48.99 3.10
C HIS L 189 53.45 -49.74 1.83
N THR L 190 53.57 -51.06 1.89
CA THR L 190 53.22 -51.93 0.76
C THR L 190 51.97 -52.61 1.28
N MET L 191 50.94 -52.67 0.45
CA MET L 191 49.69 -53.28 0.89
C MET L 191 49.12 -54.25 -0.13
N ASP L 192 48.78 -55.44 0.35
CA ASP L 192 48.23 -56.46 -0.52
C ASP L 192 46.86 -56.92 -0.08
N PHE L 193 45.93 -56.95 -1.04
CA PHE L 193 44.56 -57.35 -0.79
C PHE L 193 44.23 -58.53 -1.69
N GLN L 194 43.39 -59.43 -1.19
CA GLN L 194 42.94 -60.59 -1.95
C GLN L 194 41.62 -60.18 -2.56
N PRO L 195 41.33 -60.68 -3.77
CA PRO L 195 40.08 -60.34 -4.43
C PRO L 195 38.89 -60.58 -3.52
N GLY L 196 38.34 -59.51 -2.95
CA GLY L 196 37.20 -59.66 -2.08
C GLY L 196 37.42 -58.99 -0.74
N GLU L 197 38.68 -58.87 -0.32
CA GLU L 197 38.99 -58.25 0.96
C GLU L 197 38.86 -56.73 0.88
N PHE L 198 38.49 -56.10 2.00
CA PHE L 198 38.29 -54.65 2.04
C PHE L 198 38.59 -54.10 3.45
N LEU L 199 38.89 -52.80 3.55
CA LEU L 199 39.21 -52.20 4.84
C LEU L 199 38.00 -52.15 5.76
N ASN L 200 38.12 -52.77 6.94
CA ASN L 200 37.02 -52.75 7.88
C ASN L 200 36.89 -51.32 8.32
N VAL L 201 37.97 -50.77 8.87
CA VAL L 201 37.94 -49.40 9.33
C VAL L 201 37.87 -48.44 8.13
N LYS L 202 36.93 -47.49 8.18
CA LYS L 202 36.79 -46.50 7.12
C LYS L 202 37.54 -45.27 7.64
N GLU L 203 38.81 -45.19 7.26
CA GLU L 203 39.72 -44.15 7.72
C GLU L 203 39.48 -42.66 7.56
N VAL L 204 39.73 -41.96 8.66
CA VAL L 204 39.64 -40.51 8.76
C VAL L 204 40.80 -40.14 9.70
N HIS L 205 41.99 -40.04 9.14
CA HIS L 205 43.19 -39.72 9.90
C HIS L 205 43.84 -38.45 9.39
N TYR L 206 44.52 -37.76 10.31
CA TYR L 206 45.18 -36.51 9.99
C TYR L 206 46.30 -36.71 8.97
N ASN L 207 46.70 -37.95 8.77
CA ASN L 207 47.78 -38.31 7.85
C ASN L 207 47.38 -38.14 6.37
N GLN L 208 48.33 -37.71 5.55
CA GLN L 208 48.07 -37.53 4.11
C GLN L 208 48.66 -38.71 3.34
N HIS L 209 48.27 -38.89 2.09
CA HIS L 209 48.78 -40.02 1.30
C HIS L 209 49.11 -39.72 -0.15
N GLY L 210 49.94 -40.61 -0.67
CA GLY L 210 50.36 -40.58 -2.06
C GLY L 210 50.28 -42.07 -2.32
N LEU L 211 49.49 -42.50 -3.30
CA LEU L 211 49.36 -43.93 -3.54
C LEU L 211 49.37 -44.33 -4.98
N LEU L 212 50.07 -45.41 -5.26
CA LEU L 212 50.17 -45.94 -6.60
C LEU L 212 49.69 -47.38 -6.55
N LEU L 213 48.95 -47.79 -7.57
CA LEU L 213 48.43 -49.15 -7.64
C LEU L 213 49.38 -49.92 -8.55
N LEU L 214 50.13 -50.84 -7.94
CA LEU L 214 51.13 -51.64 -8.64
C LEU L 214 50.60 -52.89 -9.31
N GLU L 215 49.56 -53.50 -8.73
CA GLU L 215 48.98 -54.71 -9.31
C GLU L 215 47.47 -54.80 -9.09
N GLY L 216 46.79 -55.36 -10.09
CA GLY L 216 45.37 -55.58 -9.98
C GLY L 216 44.42 -54.44 -10.24
N GLN L 217 43.21 -54.61 -9.74
CA GLN L 217 42.16 -53.63 -9.90
C GLN L 217 41.08 -53.77 -8.83
N GLY L 218 40.37 -52.68 -8.57
CA GLY L 218 39.32 -52.70 -7.56
C GLY L 218 38.47 -51.44 -7.53
N ILE L 219 37.98 -51.10 -6.34
CA ILE L 219 37.14 -49.91 -6.15
C ILE L 219 37.57 -49.12 -4.93
N TYR L 220 37.88 -47.83 -5.13
CA TYR L 220 38.31 -46.98 -4.02
C TYR L 220 37.26 -45.92 -3.74
N ARG L 221 37.18 -45.51 -2.48
CA ARG L 221 36.24 -44.49 -2.06
C ARG L 221 36.95 -43.35 -1.35
N LEU L 222 36.60 -42.13 -1.70
CA LEU L 222 37.18 -40.97 -1.07
C LEU L 222 36.02 -40.06 -0.75
N GLY L 223 35.91 -39.65 0.50
CA GLY L 223 34.78 -38.82 0.89
C GLY L 223 33.50 -39.51 0.49
N ASP L 224 32.74 -38.91 -0.41
CA ASP L 224 31.47 -39.48 -0.88
C ASP L 224 31.53 -39.90 -2.34
N ASN L 225 32.71 -40.25 -2.84
CA ASN L 225 32.83 -40.66 -4.24
C ASN L 225 33.38 -42.07 -4.35
N TRP L 226 33.07 -42.73 -5.46
CA TRP L 226 33.54 -44.10 -5.70
C TRP L 226 34.26 -44.16 -7.05
N TYR L 227 35.45 -44.76 -7.07
CA TYR L 227 36.24 -44.83 -8.32
C TYR L 227 36.80 -46.21 -8.67
N PRO L 228 36.47 -46.72 -9.87
CA PRO L 228 37.01 -48.02 -10.28
C PRO L 228 38.49 -47.74 -10.54
N VAL L 229 39.39 -48.60 -10.08
CA VAL L 229 40.83 -48.37 -10.28
C VAL L 229 41.61 -49.58 -10.73
N GLN L 230 42.38 -49.41 -11.81
CA GLN L 230 43.20 -50.49 -12.34
C GLN L 230 44.68 -50.14 -12.13
N ALA L 231 45.54 -51.09 -12.45
CA ALA L 231 46.97 -50.87 -12.32
C ALA L 231 47.36 -49.58 -13.05
N GLY L 232 48.13 -48.74 -12.36
CA GLY L 232 48.56 -47.48 -12.95
C GLY L 232 47.91 -46.22 -12.38
N ASP L 233 46.71 -46.32 -11.83
CA ASP L 233 46.05 -45.15 -11.27
C ASP L 233 46.80 -44.61 -10.04
N VAL L 234 46.80 -43.30 -9.89
CA VAL L 234 47.48 -42.68 -8.76
C VAL L 234 46.50 -41.87 -7.93
N ILE L 235 46.58 -42.00 -6.61
CA ILE L 235 45.66 -41.30 -5.72
C ILE L 235 46.30 -40.33 -4.73
N TRP L 236 45.62 -39.19 -4.54
CA TRP L 236 46.04 -38.14 -3.63
C TRP L 236 45.01 -38.10 -2.50
N MET L 237 45.47 -38.19 -1.26
CA MET L 237 44.56 -38.19 -0.11
C MET L 237 44.94 -37.18 0.97
N ALA L 238 44.35 -35.99 0.90
CA ALA L 238 44.63 -34.96 1.90
C ALA L 238 44.08 -35.39 3.26
N PRO L 239 44.65 -34.85 4.33
CA PRO L 239 44.23 -35.15 5.70
C PRO L 239 42.72 -35.24 5.87
N PHE L 240 42.29 -36.18 6.69
CA PHE L 240 40.88 -36.40 7.03
C PHE L 240 39.91 -36.81 5.94
N VAL L 241 40.41 -37.04 4.72
CA VAL L 241 39.52 -37.44 3.63
C VAL L 241 39.14 -38.89 3.83
N PRO L 242 37.83 -39.16 3.94
CA PRO L 242 37.33 -40.52 4.14
C PRO L 242 37.85 -41.43 3.04
N GLN L 243 38.54 -42.49 3.46
CA GLN L 243 39.13 -43.43 2.52
C GLN L 243 38.77 -44.88 2.83
N TRP L 244 38.85 -45.72 1.81
CA TRP L 244 38.51 -47.12 1.92
C TRP L 244 38.74 -47.79 0.57
N TYR L 245 39.22 -49.02 0.59
CA TYR L 245 39.48 -49.77 -0.65
C TYR L 245 38.87 -51.17 -0.58
N ALA L 246 38.84 -51.85 -1.72
CA ALA L 246 38.27 -53.19 -1.82
C ALA L 246 38.74 -53.81 -3.14
N ALA L 247 39.66 -54.77 -3.03
CA ALA L 247 40.20 -55.44 -4.21
C ALA L 247 39.17 -56.33 -4.90
N LEU L 248 39.22 -56.36 -6.23
CA LEU L 248 38.29 -57.17 -7.03
C LEU L 248 39.08 -57.95 -8.09
N GLY L 249 38.38 -58.77 -8.87
CA GLY L 249 39.04 -59.51 -9.93
C GLY L 249 39.59 -60.88 -9.57
N LYS L 250 40.59 -61.33 -10.32
CA LYS L 250 41.23 -62.62 -10.09
C LYS L 250 42.54 -62.41 -9.35
N THR L 251 43.41 -61.60 -9.94
CA THR L 251 44.71 -61.27 -9.37
C THR L 251 44.57 -60.31 -8.18
N ARG L 252 45.49 -60.42 -7.23
CA ARG L 252 45.51 -59.57 -6.04
C ARG L 252 45.75 -58.10 -6.42
N SER L 253 45.42 -57.20 -5.50
CA SER L 253 45.66 -55.78 -5.76
C SER L 253 46.75 -55.33 -4.79
N ARG L 254 47.77 -54.68 -5.33
CA ARG L 254 48.89 -54.19 -4.53
C ARG L 254 49.15 -52.70 -4.76
N TYR L 255 49.18 -51.93 -3.68
CA TYR L 255 49.45 -50.51 -3.86
C TYR L 255 50.52 -49.94 -2.94
N LEU L 256 51.45 -49.21 -3.55
CA LEU L 256 52.53 -48.54 -2.84
C LEU L 256 51.92 -47.32 -2.13
N LEU L 257 52.42 -46.94 -0.96
CA LEU L 257 51.85 -45.79 -0.23
C LEU L 257 52.83 -44.90 0.55
N TYR L 258 52.42 -43.66 0.79
CA TYR L 258 53.21 -42.68 1.55
C TYR L 258 52.37 -42.33 2.77
N LYS L 259 53.02 -42.09 3.90
CA LYS L 259 52.30 -41.74 5.13
C LYS L 259 53.19 -40.97 6.09
N ASP L 260 52.86 -39.69 6.26
CA ASP L 260 53.59 -38.83 7.17
C ASP L 260 53.44 -39.44 8.56
N VAL L 261 54.52 -39.46 9.33
CA VAL L 261 54.53 -40.02 10.68
C VAL L 261 55.63 -39.46 11.55
N ASN L 262 55.53 -39.75 12.84
CA ASN L 262 56.51 -39.37 13.87
C ASN L 262 56.65 -37.90 14.21
N ARG L 263 55.70 -37.09 13.77
CA ARG L 263 55.74 -35.66 14.07
C ARG L 263 54.41 -35.19 14.64
N ASN L 264 54.51 -34.36 15.68
CA ASN L 264 53.32 -33.83 16.33
C ASN L 264 52.42 -33.13 15.31
N PRO L 265 51.19 -33.64 15.15
CA PRO L 265 50.21 -33.07 14.21
C PRO L 265 49.86 -31.61 14.50
N LEU L 266 50.41 -31.06 15.57
CA LEU L 266 50.14 -29.67 15.93
C LEU L 266 50.70 -28.72 14.87
N PRO M 7 -7.38 -20.23 21.30
CA PRO M 7 -8.26 -20.99 20.38
C PRO M 7 -7.63 -22.31 19.93
N ILE M 8 -8.44 -23.15 19.28
CA ILE M 8 -7.96 -24.45 18.78
C ILE M 8 -7.61 -24.35 17.31
N TYR M 9 -6.37 -24.72 16.98
CA TYR M 9 -5.84 -24.68 15.62
C TYR M 9 -5.74 -23.24 15.11
N TRP M 10 -5.37 -22.33 16.00
CA TRP M 10 -5.25 -20.93 15.62
C TRP M 10 -4.02 -20.77 14.72
N LYS M 11 -2.89 -21.28 15.19
CA LYS M 11 -1.65 -21.19 14.45
C LYS M 11 -1.71 -21.79 13.05
N ALA M 12 -2.69 -22.68 12.81
CA ALA M 12 -2.82 -23.30 11.50
C ALA M 12 -3.46 -22.37 10.47
N THR M 13 -4.07 -21.29 10.95
CA THR M 13 -4.72 -20.29 10.08
C THR M 13 -3.96 -18.96 10.17
N ASN M 14 -3.09 -18.87 11.17
CA ASN M 14 -2.24 -17.70 11.40
C ASN M 14 -0.85 -18.25 11.79
N PRO M 15 -0.10 -18.79 10.83
CA PRO M 15 1.23 -19.33 11.14
C PRO M 15 2.22 -18.32 11.75
N THR M 16 3.12 -18.81 12.60
CA THR M 16 4.11 -17.99 13.27
C THR M 16 4.84 -17.09 12.28
N LEU M 17 5.29 -17.67 11.19
CA LEU M 17 5.96 -16.93 10.11
C LEU M 17 4.90 -16.83 9.02
N SER M 18 4.35 -15.64 8.83
CA SER M 18 3.31 -15.45 7.85
C SER M 18 3.77 -14.78 6.58
N PRO M 19 2.95 -14.87 5.54
CA PRO M 19 3.22 -14.29 4.23
C PRO M 19 3.59 -12.81 4.30
N SER M 20 2.91 -12.06 5.16
CA SER M 20 3.16 -10.63 5.26
C SER M 20 4.54 -10.29 5.84
N HIS M 21 5.11 -11.19 6.62
CA HIS M 21 6.44 -10.95 7.19
C HIS M 21 7.49 -11.06 6.09
N LEU M 22 7.11 -11.66 4.97
CA LEU M 22 8.04 -11.85 3.87
C LEU M 22 7.89 -10.80 2.77
N GLN M 23 7.07 -9.79 2.99
CA GLN M 23 6.86 -8.77 1.98
C GLN M 23 8.13 -8.03 1.53
N ASP M 24 9.20 -8.12 2.30
CA ASP M 24 10.44 -7.45 1.90
C ASP M 24 11.53 -8.43 1.45
N LEU M 25 11.13 -9.65 1.13
CA LEU M 25 12.07 -10.66 0.65
C LEU M 25 11.48 -11.19 -0.63
N PRO M 26 11.67 -10.45 -1.73
CA PRO M 26 11.20 -10.75 -3.07
C PRO M 26 11.60 -12.13 -3.56
N GLY M 27 10.61 -12.89 -4.05
CA GLY M 27 10.84 -14.22 -4.56
C GLY M 27 11.07 -15.32 -3.54
N PHE M 28 11.15 -14.98 -2.26
CA PHE M 28 11.38 -15.95 -1.20
C PHE M 28 10.16 -16.83 -0.88
N THR M 29 10.43 -18.11 -0.65
CA THR M 29 9.38 -19.06 -0.30
C THR M 29 9.98 -20.35 0.22
N ARG M 30 9.32 -20.95 1.21
CA ARG M 30 9.75 -22.19 1.80
C ARG M 30 9.22 -23.38 1.02
N SER M 31 8.27 -23.14 0.11
CA SER M 31 7.70 -24.22 -0.67
C SER M 31 8.70 -24.98 -1.53
N VAL M 32 8.45 -26.28 -1.69
CA VAL M 32 9.30 -27.18 -2.44
C VAL M 32 8.46 -28.25 -3.13
N TYR M 33 8.54 -28.32 -4.46
CA TYR M 33 7.80 -29.33 -5.20
C TYR M 33 8.76 -30.20 -5.99
N LYS M 34 9.20 -31.31 -5.40
CA LYS M 34 10.12 -32.17 -6.10
C LYS M 34 9.43 -33.33 -6.79
N ARG M 35 10.21 -34.28 -7.30
CA ARG M 35 9.68 -35.44 -8.00
C ARG M 35 8.73 -36.32 -7.19
N ASP M 36 9.11 -36.65 -5.96
CA ASP M 36 8.29 -37.53 -5.13
C ASP M 36 7.66 -36.93 -3.88
N HIS M 37 7.62 -35.61 -3.79
CA HIS M 37 6.99 -34.98 -2.64
C HIS M 37 6.89 -33.47 -2.80
N ALA M 38 6.40 -32.82 -1.75
CA ALA M 38 6.23 -31.37 -1.75
C ALA M 38 6.01 -30.83 -0.36
N LEU M 39 6.56 -29.65 -0.08
CA LEU M 39 6.36 -29.00 1.18
C LEU M 39 5.70 -27.69 0.77
N ILE M 40 4.38 -27.61 0.90
CA ILE M 40 3.67 -26.40 0.52
C ILE M 40 3.41 -25.55 1.75
N THR M 41 3.82 -24.30 1.69
CA THR M 41 3.68 -23.38 2.81
C THR M 41 2.73 -22.23 2.47
N PRO M 42 2.23 -21.53 3.50
CA PRO M 42 1.30 -20.41 3.42
C PRO M 42 1.48 -19.31 2.36
N GLU M 43 2.72 -18.90 2.14
CA GLU M 43 2.97 -17.84 1.17
C GLU M 43 2.78 -18.30 -0.28
N SER M 44 2.47 -19.57 -0.48
CA SER M 44 2.31 -20.07 -1.83
C SER M 44 0.90 -20.47 -2.18
N HIS M 45 0.03 -20.55 -1.17
CA HIS M 45 -1.36 -20.90 -1.39
C HIS M 45 -1.88 -19.92 -2.44
N VAL M 46 -2.73 -20.40 -3.34
CA VAL M 46 -3.29 -19.57 -4.39
C VAL M 46 -4.81 -19.65 -4.29
N TYR M 47 -5.42 -18.66 -3.65
CA TYR M 47 -6.86 -18.65 -3.46
C TYR M 47 -7.68 -18.11 -4.61
N SER M 48 -8.64 -18.92 -5.04
CA SER M 48 -9.54 -18.56 -6.13
C SER M 48 -10.97 -19.03 -5.89
N PRO M 49 -11.97 -18.22 -6.29
CA PRO M 49 -13.38 -18.59 -6.10
C PRO M 49 -13.62 -20.04 -6.52
N LEU M 50 -14.04 -20.87 -5.57
CA LEU M 50 -14.31 -22.29 -5.80
C LEU M 50 -15.60 -22.56 -6.62
N PRO M 51 -15.45 -23.00 -7.88
CA PRO M 51 -16.58 -23.29 -8.79
C PRO M 51 -17.76 -24.04 -8.17
N ASP M 52 -18.96 -23.58 -8.52
CA ASP M 52 -20.21 -24.18 -8.02
C ASP M 52 -20.51 -23.75 -6.59
N TRP M 53 -19.46 -23.35 -5.87
CA TRP M 53 -19.66 -22.88 -4.51
C TRP M 53 -20.14 -21.44 -4.60
N THR M 54 -20.34 -20.81 -3.45
CA THR M 54 -20.81 -19.44 -3.39
C THR M 54 -20.05 -18.68 -2.32
N ASN M 55 -19.56 -17.49 -2.69
CA ASN M 55 -18.81 -16.64 -1.77
C ASN M 55 -17.89 -17.56 -0.98
N THR M 56 -16.99 -18.22 -1.70
CA THR M 56 -16.02 -19.13 -1.10
C THR M 56 -14.72 -19.26 -1.93
N LEU M 57 -13.62 -18.83 -1.35
CA LEU M 57 -12.33 -18.91 -2.02
C LEU M 57 -11.67 -20.24 -1.69
N GLY M 58 -11.01 -20.81 -2.68
CA GLY M 58 -10.34 -22.07 -2.44
C GLY M 58 -8.88 -22.02 -2.87
N ALA M 59 -8.14 -23.07 -2.55
CA ALA M 59 -6.74 -23.14 -2.93
C ALA M 59 -6.32 -24.61 -2.91
N TYR M 60 -6.23 -25.20 -4.10
CA TYR M 60 -5.82 -26.59 -4.23
C TYR M 60 -4.36 -26.73 -3.85
N LEU M 61 -4.06 -27.73 -3.04
CA LEU M 61 -2.68 -27.96 -2.60
C LEU M 61 -2.13 -29.21 -3.28
N ILE M 62 -3.03 -30.09 -3.73
CA ILE M 62 -2.66 -31.32 -4.40
C ILE M 62 -3.74 -31.78 -5.39
N THR M 63 -3.33 -32.23 -6.56
CA THR M 63 -4.27 -32.72 -7.55
C THR M 63 -3.60 -33.90 -8.26
N PRO M 64 -4.32 -34.57 -9.16
CA PRO M 64 -3.72 -35.72 -9.86
C PRO M 64 -2.52 -35.32 -10.71
N ALA M 65 -2.41 -34.04 -11.02
CA ALA M 65 -1.30 -33.53 -11.82
C ALA M 65 0.06 -33.90 -11.24
N THR M 66 0.13 -34.11 -9.92
CA THR M 66 1.38 -34.46 -9.27
C THR M 66 1.67 -35.95 -9.40
N GLY M 67 0.61 -36.74 -9.40
CA GLY M 67 0.72 -38.18 -9.48
C GLY M 67 -0.23 -38.83 -8.48
N SER M 68 -0.81 -38.02 -7.60
CA SER M 68 -1.76 -38.53 -6.61
C SER M 68 -3.05 -38.99 -7.28
N HIS M 69 -3.85 -39.76 -6.55
CA HIS M 69 -5.13 -40.24 -7.05
C HIS M 69 -6.23 -39.42 -6.36
N PHE M 70 -5.80 -38.39 -5.63
CA PHE M 70 -6.74 -37.51 -4.91
C PHE M 70 -6.39 -36.03 -5.05
N VAL M 71 -7.29 -35.18 -4.57
CA VAL M 71 -7.06 -33.75 -4.60
C VAL M 71 -7.29 -33.19 -3.19
N MET M 72 -6.31 -32.46 -2.67
CA MET M 72 -6.40 -31.88 -1.34
C MET M 72 -6.53 -30.37 -1.48
N TYR M 73 -7.54 -29.77 -0.86
CA TYR M 73 -7.69 -28.34 -1.02
C TYR M 73 -8.27 -27.57 0.16
N LEU M 74 -7.94 -26.28 0.22
CA LEU M 74 -8.41 -25.42 1.28
C LEU M 74 -9.54 -24.53 0.78
N ALA M 75 -10.51 -24.30 1.66
CA ALA M 75 -11.65 -23.47 1.32
C ALA M 75 -11.93 -22.48 2.45
N LYS M 76 -12.02 -21.21 2.07
CA LYS M 76 -12.30 -20.12 2.98
C LYS M 76 -13.70 -19.67 2.63
N MET M 77 -14.67 -19.96 3.51
CA MET M 77 -16.06 -19.58 3.29
C MET M 77 -16.42 -18.34 4.10
N LYS M 78 -16.94 -17.32 3.39
CA LYS M 78 -17.36 -16.07 4.01
C LYS M 78 -18.91 -16.14 4.24
N GLU M 79 -19.52 -14.98 4.54
CA GLU M 79 -20.96 -14.93 4.81
C GLU M 79 -21.92 -15.50 3.77
N MET M 80 -22.93 -16.21 4.28
CA MET M 80 -23.97 -16.84 3.46
C MET M 80 -23.36 -17.56 2.26
N SER M 81 -22.31 -18.34 2.53
CA SER M 81 -21.64 -19.09 1.48
C SER M 81 -22.17 -20.51 1.50
N SER M 82 -22.14 -21.15 0.33
CA SER M 82 -22.67 -22.50 0.21
C SER M 82 -21.70 -23.36 -0.60
N SER M 83 -21.70 -24.66 -0.30
CA SER M 83 -20.82 -25.57 -1.00
C SER M 83 -21.34 -25.86 -2.40
N GLY M 84 -20.53 -26.56 -3.19
CA GLY M 84 -20.89 -26.93 -4.55
C GLY M 84 -20.76 -28.44 -4.60
N LEU M 85 -21.48 -29.11 -5.48
CA LEU M 85 -21.41 -30.57 -5.53
C LEU M 85 -20.19 -31.11 -6.24
N PRO M 86 -19.53 -32.13 -5.66
CA PRO M 86 -18.36 -32.71 -6.31
C PRO M 86 -18.89 -33.52 -7.47
N PRO M 87 -18.12 -33.63 -8.55
CA PRO M 87 -18.59 -34.41 -9.69
C PRO M 87 -19.08 -35.79 -9.28
N GLN M 88 -19.57 -36.54 -10.26
CA GLN M 88 -20.07 -37.91 -10.08
C GLN M 88 -19.02 -38.95 -9.63
N ASP M 89 -19.40 -39.83 -8.71
CA ASP M 89 -18.53 -40.88 -8.18
C ASP M 89 -17.38 -40.36 -7.34
N ILE M 90 -17.26 -39.04 -7.25
CA ILE M 90 -16.18 -38.41 -6.47
C ILE M 90 -16.64 -38.26 -5.02
N GLU M 91 -15.94 -38.98 -4.14
CA GLU M 91 -16.26 -38.97 -2.71
C GLU M 91 -15.58 -37.80 -2.03
N ARG M 92 -16.35 -37.03 -1.27
CA ARG M 92 -15.78 -35.90 -0.54
C ARG M 92 -15.40 -36.30 0.90
N LEU M 93 -14.93 -35.31 1.65
CA LEU M 93 -14.53 -35.45 3.05
C LEU M 93 -14.13 -34.04 3.44
N ILE M 94 -14.68 -33.54 4.54
CA ILE M 94 -14.35 -32.19 4.96
C ILE M 94 -13.95 -32.15 6.41
N PHE M 95 -13.10 -31.18 6.76
CA PHE M 95 -12.62 -31.04 8.13
C PHE M 95 -12.52 -29.56 8.53
N VAL M 96 -13.56 -29.04 9.17
CA VAL M 96 -13.57 -27.64 9.58
C VAL M 96 -12.43 -27.32 10.55
N VAL M 97 -11.63 -26.30 10.22
CA VAL M 97 -10.51 -25.90 11.06
C VAL M 97 -10.72 -24.51 11.66
N GLU M 98 -11.54 -23.70 11.00
CA GLU M 98 -11.85 -22.35 11.47
C GLU M 98 -13.37 -22.09 11.44
N GLY M 99 -13.88 -21.46 12.50
CA GLY M 99 -15.29 -21.14 12.57
C GLY M 99 -16.25 -22.31 12.61
N ALA M 100 -17.28 -22.25 11.78
CA ALA M 100 -18.30 -23.30 11.75
C ALA M 100 -19.11 -23.27 10.46
N VAL M 101 -19.83 -24.35 10.21
CA VAL M 101 -20.64 -24.45 9.01
C VAL M 101 -21.77 -25.46 9.21
N THR M 102 -22.89 -25.24 8.53
CA THR M 102 -24.07 -26.10 8.62
C THR M 102 -24.13 -27.21 7.55
N LEU M 103 -24.44 -28.44 7.95
CA LEU M 103 -24.53 -29.58 7.01
C LEU M 103 -25.96 -30.14 6.89
N THR M 104 -26.47 -30.23 5.66
CA THR M 104 -27.83 -30.75 5.43
C THR M 104 -27.90 -31.48 4.10
N ASN M 105 -28.56 -32.64 4.09
CA ASN M 105 -28.72 -33.44 2.87
C ASN M 105 -29.74 -32.80 1.93
N SER M 108 -32.79 -36.72 6.32
CA SER M 108 -31.63 -37.22 7.05
C SER M 108 -31.04 -36.17 8.00
N SER M 109 -31.91 -35.54 8.80
CA SER M 109 -31.51 -34.50 9.76
C SER M 109 -30.62 -33.42 9.11
N SER M 110 -29.78 -32.77 9.92
CA SER M 110 -28.86 -31.73 9.44
C SER M 110 -28.12 -31.08 10.62
N LYS M 111 -26.89 -31.54 10.85
CA LYS M 111 -26.04 -31.09 11.96
C LYS M 111 -25.00 -29.99 11.63
N LYS M 112 -24.88 -28.99 12.51
CA LYS M 112 -23.91 -27.91 12.28
C LYS M 112 -22.57 -28.36 12.88
N LEU M 113 -21.49 -28.01 12.20
CA LEU M 113 -20.18 -28.39 12.65
C LEU M 113 -19.34 -27.21 13.12
N THR M 114 -18.57 -27.44 14.17
CA THR M 114 -17.70 -26.41 14.71
C THR M 114 -16.30 -26.95 14.45
N VAL M 115 -15.29 -26.11 14.67
CA VAL M 115 -13.91 -26.52 14.48
C VAL M 115 -13.71 -27.91 15.08
N ASP M 116 -12.91 -28.72 14.39
CA ASP M 116 -12.56 -30.07 14.80
C ASP M 116 -13.55 -31.16 14.39
N SER M 117 -14.64 -30.74 13.76
CA SER M 117 -15.66 -31.68 13.30
C SER M 117 -15.39 -31.97 11.83
N TYR M 118 -15.85 -33.13 11.35
CA TYR M 118 -15.65 -33.54 9.96
C TYR M 118 -16.81 -34.41 9.48
N ALA M 119 -16.82 -34.77 8.18
CA ALA M 119 -17.91 -35.56 7.62
C ALA M 119 -17.71 -36.16 6.21
N TYR M 120 -17.41 -37.45 6.14
CA TYR M 120 -17.22 -38.10 4.85
C TYR M 120 -18.53 -38.08 4.04
N LEU M 121 -18.41 -38.05 2.71
CA LEU M 121 -19.59 -38.01 1.83
C LEU M 121 -19.41 -38.96 0.63
N PRO M 122 -20.05 -40.15 0.69
CA PRO M 122 -19.97 -41.16 -0.36
C PRO M 122 -20.15 -40.62 -1.76
N PRO M 123 -19.73 -41.39 -2.78
CA PRO M 123 -19.89 -40.91 -4.15
C PRO M 123 -21.35 -40.77 -4.55
N ASN M 124 -21.70 -39.56 -5.02
CA ASN M 124 -23.05 -39.26 -5.47
C ASN M 124 -24.01 -38.93 -4.32
N PHE M 125 -23.50 -38.98 -3.10
CA PHE M 125 -24.32 -38.67 -1.94
C PHE M 125 -24.67 -37.17 -1.84
N HIS M 126 -25.84 -36.81 -2.35
CA HIS M 126 -26.32 -35.41 -2.31
C HIS M 126 -26.18 -34.82 -0.90
N HIS M 127 -25.58 -33.64 -0.82
CA HIS M 127 -25.38 -32.97 0.47
C HIS M 127 -25.10 -31.48 0.29
N SER M 128 -25.13 -30.75 1.41
CA SER M 128 -24.91 -29.32 1.38
C SER M 128 -24.19 -28.81 2.63
N LEU M 129 -23.45 -27.71 2.45
CA LEU M 129 -22.69 -27.04 3.50
C LEU M 129 -22.99 -25.55 3.36
N ASP M 130 -23.80 -25.05 4.28
CA ASP M 130 -24.18 -23.65 4.29
C ASP M 130 -23.58 -23.04 5.53
N CYS M 131 -22.77 -22.01 5.30
CA CYS M 131 -22.09 -21.27 6.37
C CYS M 131 -22.65 -19.87 6.32
N VAL M 132 -23.15 -19.39 7.45
CA VAL M 132 -23.69 -18.05 7.50
C VAL M 132 -22.67 -17.06 8.07
N GLU M 133 -21.59 -17.58 8.63
CA GLU M 133 -20.58 -16.69 9.21
C GLU M 133 -19.24 -16.78 8.48
N SER M 134 -18.38 -17.64 9.02
CA SER M 134 -17.05 -17.86 8.48
C SER M 134 -16.49 -19.21 8.90
N ALA M 135 -15.75 -19.84 8.00
CA ALA M 135 -15.14 -21.12 8.29
C ALA M 135 -14.02 -21.44 7.31
N THR M 136 -12.94 -22.01 7.82
CA THR M 136 -11.82 -22.42 6.97
C THR M 136 -11.93 -23.95 6.80
N LEU M 137 -12.22 -24.38 5.59
CA LEU M 137 -12.37 -25.80 5.34
C LEU M 137 -11.29 -26.44 4.50
N VAL M 138 -10.88 -27.62 4.95
CA VAL M 138 -9.89 -28.41 4.27
C VAL M 138 -10.70 -29.59 3.76
N VAL M 139 -10.48 -30.01 2.51
CA VAL M 139 -11.25 -31.13 1.96
C VAL M 139 -10.52 -32.00 0.94
N PHE M 140 -10.84 -33.29 0.97
CA PHE M 140 -10.26 -34.32 0.09
C PHE M 140 -11.31 -34.99 -0.78
N GLU M 141 -11.07 -35.02 -2.08
CA GLU M 141 -11.97 -35.64 -3.03
C GLU M 141 -11.20 -36.68 -3.84
N ARG M 142 -11.90 -37.70 -4.30
CA ARG M 142 -11.26 -38.77 -5.07
C ARG M 142 -12.32 -39.52 -5.83
N ARG M 143 -11.91 -40.18 -6.91
CA ARG M 143 -12.85 -40.95 -7.73
C ARG M 143 -12.97 -42.35 -7.11
N TYR M 144 -13.93 -42.49 -6.21
CA TYR M 144 -14.15 -43.74 -5.48
C TYR M 144 -13.98 -44.99 -6.34
N GLU M 145 -13.09 -45.87 -5.91
CA GLU M 145 -12.85 -47.11 -6.63
C GLU M 145 -13.78 -48.19 -6.07
N TYR M 146 -15.00 -48.27 -6.61
CA TYR M 146 -15.99 -49.26 -6.16
C TYR M 146 -15.38 -50.63 -6.01
N LEU M 147 -15.46 -51.18 -4.81
CA LEU M 147 -14.86 -52.49 -4.58
C LEU M 147 -15.76 -53.60 -5.09
N GLY M 148 -16.88 -53.20 -5.69
CA GLY M 148 -17.82 -54.18 -6.20
C GLY M 148 -19.14 -54.05 -5.45
N SER M 149 -19.36 -54.96 -4.50
CA SER M 149 -20.61 -54.97 -3.72
C SER M 149 -20.47 -54.19 -2.42
N HIS M 150 -19.81 -53.03 -2.52
CA HIS M 150 -19.62 -52.20 -1.33
C HIS M 150 -20.03 -50.75 -1.57
N THR M 151 -20.02 -50.01 -0.48
CA THR M 151 -20.38 -48.60 -0.48
C THR M 151 -20.00 -48.01 0.86
N THR M 152 -19.54 -46.76 0.82
CA THR M 152 -19.17 -46.06 2.04
C THR M 152 -20.48 -45.56 2.67
N GLU M 153 -20.48 -45.40 3.99
CA GLU M 153 -21.67 -44.92 4.67
C GLU M 153 -21.34 -43.60 5.34
N LEU M 154 -22.12 -42.56 5.02
CA LEU M 154 -21.94 -41.22 5.61
C LEU M 154 -21.41 -41.29 7.05
N ILE M 155 -20.31 -40.58 7.32
CA ILE M 155 -19.70 -40.57 8.64
C ILE M 155 -19.64 -39.12 9.12
N VAL M 156 -19.73 -38.91 10.44
CA VAL M 156 -19.70 -37.56 11.01
C VAL M 156 -19.26 -37.66 12.47
N GLY M 157 -18.19 -36.95 12.83
CA GLY M 157 -17.70 -36.99 14.20
C GLY M 157 -16.73 -35.87 14.51
N SER M 158 -15.92 -36.08 15.55
CA SER M 158 -14.91 -35.13 15.99
C SER M 158 -13.68 -35.90 16.45
N THR M 159 -12.52 -35.29 16.28
CA THR M 159 -11.27 -35.94 16.64
C THR M 159 -11.21 -36.38 18.10
N ASP M 160 -11.40 -35.45 19.01
CA ASP M 160 -11.34 -35.72 20.44
C ASP M 160 -12.33 -36.82 20.91
N LYS M 161 -13.14 -37.30 19.97
CA LYS M 161 -14.11 -38.36 20.27
C LYS M 161 -13.57 -39.73 19.83
N GLN M 162 -12.91 -39.77 18.67
CA GLN M 162 -12.32 -41.02 18.19
C GLN M 162 -11.37 -41.54 19.28
N PRO M 163 -11.21 -42.87 19.38
CA PRO M 163 -10.31 -43.45 20.40
C PRO M 163 -8.85 -43.56 19.97
N LEU M 164 -7.94 -43.59 20.95
CA LEU M 164 -6.51 -43.71 20.67
C LEU M 164 -6.15 -45.13 20.27
N LEU M 165 -6.25 -45.45 18.98
CA LEU M 165 -5.92 -46.79 18.52
C LEU M 165 -4.50 -47.28 18.84
N GLU M 166 -4.26 -48.54 18.50
CA GLU M 166 -2.98 -49.20 18.72
C GLU M 166 -1.88 -48.68 17.80
N THR M 167 -0.71 -48.36 18.37
CA THR M 167 0.41 -47.85 17.59
C THR M 167 1.66 -48.67 17.91
N PRO M 168 1.70 -49.93 17.42
CA PRO M 168 2.79 -50.90 17.61
C PRO M 168 4.12 -50.45 17.05
N GLY M 169 5.15 -50.45 17.88
CA GLY M 169 6.46 -50.02 17.43
C GLY M 169 6.57 -48.51 17.29
N GLU M 170 5.54 -47.79 17.73
CA GLU M 170 5.48 -46.34 17.67
C GLU M 170 4.97 -45.74 18.97
N VAL M 171 5.44 -44.53 19.30
CA VAL M 171 5.04 -43.85 20.53
C VAL M 171 4.06 -42.70 20.33
N PHE M 172 3.69 -42.41 19.09
CA PHE M 172 2.75 -41.33 18.85
C PHE M 172 1.32 -41.85 18.96
N GLU M 173 0.37 -40.92 19.11
CA GLU M 173 -1.04 -41.25 19.29
C GLU M 173 -1.90 -41.17 18.03
N LEU M 174 -2.57 -42.26 17.71
CA LEU M 174 -3.36 -42.31 16.50
C LEU M 174 -4.88 -42.16 16.69
N ARG M 175 -5.59 -41.88 15.61
CA ARG M 175 -7.05 -41.72 15.61
C ARG M 175 -7.49 -41.78 14.15
N LYS M 176 -8.50 -42.59 13.86
CA LYS M 176 -8.95 -42.72 12.48
C LYS M 176 -10.39 -42.29 12.26
N LEU M 177 -10.55 -41.03 11.88
CA LEU M 177 -11.85 -40.44 11.62
C LEU M 177 -12.85 -41.34 10.89
N LEU M 178 -12.36 -42.14 9.94
CA LEU M 178 -13.26 -43.01 9.17
C LEU M 178 -13.11 -44.52 9.44
N PRO M 179 -14.18 -45.29 9.19
CA PRO M 179 -14.20 -46.75 9.39
C PRO M 179 -13.04 -47.48 8.73
N MET M 180 -12.40 -48.39 9.47
CA MET M 180 -11.31 -49.20 8.92
C MET M 180 -11.93 -50.32 8.05
N SER M 181 -13.23 -50.19 7.78
CA SER M 181 -13.98 -51.14 6.96
C SER M 181 -13.45 -51.18 5.51
N VAL M 182 -13.58 -52.34 4.87
CA VAL M 182 -13.13 -52.55 3.49
C VAL M 182 -13.70 -51.59 2.44
N ALA M 183 -14.93 -51.12 2.64
CA ALA M 183 -15.58 -50.23 1.67
C ALA M 183 -15.01 -48.80 1.58
N TYR M 184 -14.08 -48.45 2.47
CA TYR M 184 -13.47 -47.14 2.48
C TYR M 184 -12.05 -47.24 1.91
N ASP M 185 -11.83 -46.63 0.75
CA ASP M 185 -10.51 -46.69 0.11
C ASP M 185 -9.48 -45.75 0.75
N PHE M 186 -9.95 -44.79 1.54
CA PHE M 186 -9.02 -43.88 2.19
C PHE M 186 -9.47 -43.55 3.60
N ASN M 187 -8.53 -43.08 4.41
CA ASN M 187 -8.85 -42.75 5.79
C ASN M 187 -8.05 -41.53 6.25
N ILE M 188 -8.63 -40.71 7.12
CA ILE M 188 -7.93 -39.52 7.60
C ILE M 188 -7.44 -39.67 9.05
N HIS M 189 -6.12 -39.78 9.21
CA HIS M 189 -5.51 -39.95 10.53
C HIS M 189 -5.22 -38.64 11.27
N THR M 190 -4.91 -38.78 12.56
CA THR M 190 -4.59 -37.65 13.41
C THR M 190 -3.51 -38.19 14.33
N MET M 191 -2.28 -37.72 14.12
CA MET M 191 -1.14 -38.17 14.92
C MET M 191 -0.59 -37.05 15.76
N ASP M 192 -0.30 -37.38 17.01
CA ASP M 192 0.22 -36.40 17.94
C ASP M 192 1.57 -36.83 18.50
N PHE M 193 2.47 -35.86 18.63
CA PHE M 193 3.80 -36.10 19.18
C PHE M 193 4.07 -35.05 20.26
N GLN M 194 4.76 -35.46 21.31
CA GLN M 194 5.11 -34.56 22.38
C GLN M 194 6.53 -34.13 22.07
N PRO M 195 6.96 -32.98 22.59
CA PRO M 195 8.32 -32.49 22.34
C PRO M 195 9.43 -33.54 22.48
N GLY M 196 10.14 -33.80 21.39
CA GLY M 196 11.25 -34.74 21.42
C GLY M 196 10.99 -36.13 20.88
N GLU M 197 9.75 -36.40 20.49
CA GLU M 197 9.35 -37.72 19.97
C GLU M 197 9.57 -37.78 18.45
N PHE M 198 9.83 -38.98 17.92
CA PHE M 198 10.07 -39.12 16.49
C PHE M 198 9.77 -40.48 15.89
N LEU M 199 8.98 -40.48 14.82
CA LEU M 199 8.59 -41.69 14.10
C LEU M 199 9.79 -42.63 13.97
N ASN M 200 9.83 -43.68 14.79
CA ASN M 200 10.95 -44.61 14.78
C ASN M 200 11.21 -45.30 13.47
N VAL M 201 10.16 -45.77 12.82
CA VAL M 201 10.34 -46.45 11.55
C VAL M 201 10.41 -45.43 10.41
N LYS M 202 11.40 -45.58 9.53
CA LYS M 202 11.53 -44.67 8.40
C LYS M 202 10.69 -45.19 7.25
N GLU M 203 9.38 -44.96 7.35
CA GLU M 203 8.43 -45.42 6.36
C GLU M 203 8.87 -45.31 4.92
N VAL M 204 8.50 -46.33 4.16
CA VAL M 204 8.76 -46.46 2.74
C VAL M 204 7.63 -47.40 2.32
N HIS M 205 6.53 -46.85 1.81
CA HIS M 205 5.36 -47.65 1.43
C HIS M 205 4.61 -47.12 0.20
N TYR M 206 3.85 -47.98 -0.46
CA TYR M 206 3.11 -47.55 -1.64
C TYR M 206 2.08 -46.48 -1.27
N ASN M 207 1.73 -46.43 0.01
CA ASN M 207 0.73 -45.47 0.47
C ASN M 207 1.14 -44.03 0.16
N GLN M 208 0.20 -43.26 -0.39
CA GLN M 208 0.46 -41.87 -0.75
C GLN M 208 -0.24 -40.89 0.19
N HIS M 209 0.51 -39.95 0.75
CA HIS M 209 -0.04 -38.97 1.69
C HIS M 209 -0.20 -37.51 1.24
N GLY M 210 -1.04 -36.85 2.03
CA GLY M 210 -1.36 -35.44 1.91
C GLY M 210 -1.44 -35.09 3.38
N LEU M 211 -0.88 -33.97 3.84
CA LEU M 211 -0.98 -33.67 5.25
C LEU M 211 -0.94 -32.20 5.63
N LEU M 212 -1.53 -31.90 6.78
CA LEU M 212 -1.60 -30.55 7.30
C LEU M 212 -1.16 -30.59 8.76
N LEU M 213 -0.15 -29.79 9.10
CA LEU M 213 0.36 -29.72 10.47
C LEU M 213 -0.53 -28.75 11.23
N LEU M 214 -1.44 -29.30 12.04
CA LEU M 214 -2.40 -28.50 12.79
C LEU M 214 -1.80 -27.79 14.00
N GLU M 215 -0.87 -28.44 14.70
CA GLU M 215 -0.25 -27.83 15.87
C GLU M 215 1.21 -28.22 16.00
N GLY M 216 2.00 -27.27 16.48
CA GLY M 216 3.40 -27.57 16.69
C GLY M 216 4.38 -27.30 15.57
N GLN M 217 5.59 -27.80 15.78
CA GLN M 217 6.68 -27.63 14.87
C GLN M 217 7.58 -28.85 15.02
N GLY M 218 8.42 -29.10 14.01
CA GLY M 218 9.32 -30.24 14.05
C GLY M 218 10.29 -30.23 12.88
N ILE M 219 10.69 -31.42 12.45
CA ILE M 219 11.61 -31.57 11.34
C ILE M 219 11.13 -32.72 10.49
N TYR M 220 10.53 -32.43 9.34
CA TYR M 220 10.05 -33.50 8.48
C TYR M 220 11.11 -33.87 7.44
N ARG M 221 11.35 -35.17 7.28
CA ARG M 221 12.31 -35.63 6.30
C ARG M 221 11.57 -36.35 5.17
N LEU M 222 12.04 -36.11 3.95
CA LEU M 222 11.46 -36.71 2.75
C LEU M 222 12.61 -36.99 1.84
N GLY M 223 12.87 -38.27 1.59
CA GLY M 223 13.97 -38.64 0.75
C GLY M 223 15.22 -38.15 1.47
N ASP M 224 16.01 -37.33 0.78
CA ASP M 224 17.24 -36.79 1.34
C ASP M 224 17.15 -35.33 1.81
N ASN M 225 15.94 -34.78 1.81
CA ASN M 225 15.75 -33.40 2.23
C ASN M 225 15.22 -33.30 3.63
N TRP M 226 15.55 -32.19 4.31
CA TRP M 226 15.09 -31.92 5.67
C TRP M 226 14.41 -30.56 5.71
N TYR M 227 13.22 -30.51 6.29
CA TYR M 227 12.48 -29.26 6.33
C TYR M 227 11.91 -28.84 7.68
N PRO M 228 12.34 -27.68 8.20
CA PRO M 228 11.76 -27.29 9.48
C PRO M 228 10.28 -27.07 9.11
N VAL M 229 9.36 -27.47 9.97
CA VAL M 229 7.95 -27.34 9.64
C VAL M 229 7.19 -26.66 10.75
N GLN M 230 6.16 -25.92 10.36
CA GLN M 230 5.35 -25.20 11.33
C GLN M 230 3.88 -25.35 11.02
N ALA M 231 3.06 -25.27 12.06
CA ALA M 231 1.61 -25.38 11.88
C ALA M 231 1.18 -24.63 10.63
N GLY M 232 0.31 -25.24 9.85
CA GLY M 232 -0.16 -24.60 8.64
C GLY M 232 0.53 -25.17 7.42
N ASP M 233 1.69 -25.79 7.64
CA ASP M 233 2.44 -26.39 6.55
C ASP M 233 1.78 -27.61 5.96
N VAL M 234 1.81 -27.72 4.64
CA VAL M 234 1.21 -28.86 3.97
C VAL M 234 2.28 -29.67 3.25
N ILE M 235 2.12 -30.99 3.28
CA ILE M 235 3.06 -31.89 2.64
C ILE M 235 2.31 -32.81 1.67
N TRP M 236 3.06 -33.31 0.70
CA TRP M 236 2.55 -34.22 -0.30
C TRP M 236 3.60 -35.30 -0.36
N MET M 237 3.19 -36.52 -0.04
CA MET M 237 4.11 -37.65 -0.09
C MET M 237 3.62 -38.56 -1.21
N ALA M 238 4.51 -38.86 -2.14
CA ALA M 238 4.17 -39.71 -3.26
C ALA M 238 4.44 -41.15 -2.87
N PRO M 239 3.80 -42.10 -3.56
CA PRO M 239 4.04 -43.49 -3.22
C PRO M 239 5.53 -43.78 -3.10
N PHE M 240 5.95 -44.26 -1.92
CA PHE M 240 7.33 -44.63 -1.62
C PHE M 240 8.33 -43.57 -1.22
N VAL M 241 7.92 -42.31 -1.11
CA VAL M 241 8.91 -41.32 -0.70
C VAL M 241 9.34 -41.62 0.73
N PRO M 242 10.63 -41.90 0.94
CA PRO M 242 11.07 -42.17 2.31
C PRO M 242 10.62 -41.00 3.18
N GLN M 243 9.88 -41.29 4.24
CA GLN M 243 9.41 -40.22 5.12
C GLN M 243 9.85 -40.41 6.56
N TRP M 244 9.64 -39.38 7.38
CA TRP M 244 10.02 -39.39 8.79
C TRP M 244 9.64 -38.07 9.46
N TYR M 245 9.55 -38.06 10.78
CA TYR M 245 9.20 -36.83 11.50
C TYR M 245 9.56 -36.87 12.98
N ALA M 246 9.86 -35.69 13.51
CA ALA M 246 10.18 -35.54 14.93
C ALA M 246 9.52 -34.25 15.38
N ALA M 247 9.12 -34.19 16.64
CA ALA M 247 8.46 -33.00 17.17
C ALA M 247 9.38 -32.18 18.07
N LEU M 248 9.26 -30.87 17.95
CA LEU M 248 10.08 -29.94 18.72
C LEU M 248 9.26 -28.77 19.23
N GLY M 249 9.86 -27.98 20.10
CA GLY M 249 9.17 -26.82 20.65
C GLY M 249 8.76 -27.12 22.07
N LYS M 250 7.78 -26.38 22.56
CA LYS M 250 7.27 -26.57 23.92
C LYS M 250 5.97 -27.38 23.84
N THR M 251 5.01 -26.87 23.09
CA THR M 251 3.72 -27.54 22.93
C THR M 251 3.94 -28.76 22.07
N ARG M 252 2.88 -29.52 21.79
CA ARG M 252 3.02 -30.74 20.98
C ARG M 252 2.69 -30.56 19.50
N SER M 253 3.01 -31.58 18.71
CA SER M 253 2.74 -31.54 17.27
C SER M 253 1.54 -32.41 16.91
N ARG M 254 0.74 -31.95 15.95
CA ARG M 254 -0.41 -32.70 15.49
C ARG M 254 -0.74 -32.40 14.02
N TYR M 255 -0.94 -33.45 13.23
CA TYR M 255 -1.29 -33.26 11.81
C TYR M 255 -2.40 -34.15 11.23
N LEU M 256 -2.94 -33.70 10.10
CA LEU M 256 -4.01 -34.43 9.40
C LEU M 256 -3.37 -35.27 8.28
N LEU M 257 -3.65 -36.57 8.29
CA LEU M 257 -3.04 -37.46 7.31
C LEU M 257 -4.03 -38.23 6.44
N TYR M 258 -3.96 -38.02 5.13
CA TYR M 258 -4.81 -38.74 4.19
C TYR M 258 -4.01 -39.96 3.81
N LYS M 259 -4.64 -41.12 3.86
CA LYS M 259 -3.98 -42.37 3.54
C LYS M 259 -4.90 -43.37 2.83
N ASP M 260 -4.53 -43.77 1.63
CA ASP M 260 -5.30 -44.72 0.85
C ASP M 260 -5.15 -46.10 1.49
N VAL M 261 -6.18 -46.93 1.39
CA VAL M 261 -6.17 -48.28 1.97
C VAL M 261 -7.22 -49.20 1.32
N ASN M 262 -7.21 -50.46 1.77
CA ASN M 262 -8.13 -51.50 1.31
C ASN M 262 -8.24 -51.74 -0.20
N ARG M 263 -7.22 -51.39 -0.97
CA ARG M 263 -7.26 -51.62 -2.44
C ARG M 263 -5.93 -52.12 -3.01
N ASN M 264 -5.97 -53.32 -3.58
CA ASN M 264 -4.81 -53.97 -4.16
C ASN M 264 -3.84 -52.95 -4.77
N PRO M 265 -2.58 -52.94 -4.32
CA PRO M 265 -1.62 -51.98 -4.86
C PRO M 265 -1.05 -52.40 -6.20
N LEU M 266 -1.86 -53.09 -6.98
CA LEU M 266 -1.42 -53.54 -8.29
C LEU M 266 -1.85 -52.48 -9.30
N PRO N 7 36.50 -50.80 -45.42
CA PRO N 7 35.41 -51.31 -44.54
C PRO N 7 34.49 -50.19 -44.03
N ILE N 8 33.49 -49.83 -44.84
CA ILE N 8 32.52 -48.77 -44.47
C ILE N 8 31.94 -49.08 -43.08
N TYR N 9 31.73 -48.03 -42.27
CA TYR N 9 31.15 -48.17 -40.91
C TYR N 9 31.84 -49.21 -40.05
N TRP N 10 33.16 -49.35 -40.21
CA TRP N 10 33.95 -50.33 -39.47
C TRP N 10 34.05 -50.04 -37.98
N LYS N 11 34.49 -48.83 -37.64
CA LYS N 11 34.65 -48.45 -36.25
C LYS N 11 33.31 -48.55 -35.52
N ALA N 12 32.21 -48.46 -36.25
CA ALA N 12 30.89 -48.53 -35.64
C ALA N 12 30.63 -49.89 -34.99
N THR N 13 31.23 -50.94 -35.54
CA THR N 13 31.07 -52.30 -35.00
C THR N 13 32.29 -52.66 -34.15
N ASN N 14 33.41 -51.99 -34.42
CA ASN N 14 34.66 -52.18 -33.68
C ASN N 14 35.03 -50.86 -33.01
N PRO N 15 34.39 -50.54 -31.87
CA PRO N 15 34.67 -49.29 -31.16
C PRO N 15 36.16 -49.10 -30.85
N THR N 16 36.63 -47.86 -30.94
CA THR N 16 38.03 -47.57 -30.65
C THR N 16 38.31 -47.92 -29.19
N LEU N 17 37.40 -47.53 -28.31
CA LEU N 17 37.51 -47.88 -26.88
C LEU N 17 36.51 -49.05 -26.82
N SER N 18 37.04 -50.26 -26.65
CA SER N 18 36.21 -51.45 -26.60
C SER N 18 35.96 -51.89 -25.18
N PRO N 19 34.90 -52.70 -24.97
CA PRO N 19 34.53 -53.21 -23.66
C PRO N 19 35.69 -53.89 -22.96
N SER N 20 36.39 -54.78 -23.69
CA SER N 20 37.52 -55.51 -23.13
C SER N 20 38.58 -54.66 -22.42
N HIS N 21 38.79 -53.44 -22.92
CA HIS N 21 39.76 -52.51 -22.34
C HIS N 21 39.40 -52.16 -20.91
N LEU N 22 38.12 -52.26 -20.61
CA LEU N 22 37.64 -51.93 -19.28
C LEU N 22 37.75 -53.11 -18.32
N GLN N 23 38.09 -54.28 -18.85
CA GLN N 23 38.16 -55.49 -18.05
C GLN N 23 38.83 -55.33 -16.70
N ASP N 24 39.60 -54.26 -16.52
CA ASP N 24 40.24 -54.05 -15.23
C ASP N 24 39.70 -52.80 -14.53
N LEU N 25 38.54 -52.33 -14.99
CA LEU N 25 37.88 -51.18 -14.40
C LEU N 25 36.50 -51.68 -13.96
N PRO N 26 36.41 -52.22 -12.74
CA PRO N 26 35.22 -52.76 -12.08
C PRO N 26 34.00 -51.85 -12.04
N GLY N 27 33.00 -52.15 -12.86
CA GLY N 27 31.77 -51.38 -12.89
C GLY N 27 31.77 -50.06 -13.64
N PHE N 28 32.92 -49.70 -14.20
CA PHE N 28 33.07 -48.45 -14.93
C PHE N 28 32.27 -48.53 -16.21
N THR N 29 31.54 -47.47 -16.53
CA THR N 29 30.76 -47.42 -17.77
C THR N 29 30.64 -46.01 -18.26
N ARG N 30 30.42 -45.86 -19.56
CA ARG N 30 30.26 -44.54 -20.14
C ARG N 30 28.78 -44.26 -20.38
N SER N 31 27.95 -45.27 -20.09
CA SER N 31 26.51 -45.16 -20.29
C SER N 31 25.74 -44.40 -19.23
N VAL N 32 24.89 -43.49 -19.68
CA VAL N 32 24.09 -42.68 -18.80
C VAL N 32 22.65 -42.75 -19.30
N TYR N 33 21.69 -42.87 -18.40
CA TYR N 33 20.29 -42.90 -18.79
C TYR N 33 19.57 -41.87 -17.90
N LYS N 34 19.16 -40.76 -18.50
CA LYS N 34 18.49 -39.72 -17.74
C LYS N 34 17.08 -39.41 -18.25
N ARG N 35 16.33 -38.66 -17.45
CA ARG N 35 14.97 -38.29 -17.74
C ARG N 35 14.65 -37.92 -19.19
N ASP N 36 15.50 -37.09 -19.81
CA ASP N 36 15.23 -36.68 -21.18
C ASP N 36 16.24 -37.14 -22.24
N HIS N 37 17.20 -37.95 -21.83
CA HIS N 37 18.19 -38.46 -22.77
C HIS N 37 18.97 -39.64 -22.22
N ALA N 38 19.62 -40.35 -23.12
CA ALA N 38 20.43 -41.50 -22.76
C ALA N 38 21.61 -41.65 -23.71
N LEU N 39 22.74 -42.14 -23.17
CA LEU N 39 23.91 -42.39 -23.98
C LEU N 39 24.26 -43.86 -23.76
N ILE N 40 23.78 -44.72 -24.65
CA ILE N 40 24.02 -46.16 -24.54
C ILE N 40 25.33 -46.49 -25.20
N THR N 41 26.28 -47.00 -24.43
CA THR N 41 27.59 -47.35 -24.97
C THR N 41 27.83 -48.87 -25.03
N PRO N 42 28.72 -49.30 -25.93
CA PRO N 42 29.11 -50.69 -26.18
C PRO N 42 29.19 -51.64 -24.99
N GLU N 43 29.97 -51.25 -23.98
CA GLU N 43 30.17 -52.04 -22.76
C GLU N 43 28.88 -52.25 -21.96
N SER N 44 27.77 -51.72 -22.46
CA SER N 44 26.47 -51.84 -21.80
C SER N 44 25.46 -52.66 -22.63
N HIS N 45 25.74 -52.79 -23.93
CA HIS N 45 24.87 -53.53 -24.85
C HIS N 45 24.48 -54.90 -24.31
N VAL N 46 23.19 -55.19 -24.30
CA VAL N 46 22.69 -56.48 -23.82
C VAL N 46 21.95 -57.25 -24.89
N TYR N 47 22.70 -58.16 -25.51
CA TYR N 47 22.21 -59.02 -26.58
C TYR N 47 21.51 -60.26 -26.00
N SER N 48 20.41 -60.64 -26.63
CA SER N 48 19.61 -61.80 -26.24
C SER N 48 18.75 -62.24 -27.40
N PRO N 49 18.65 -63.57 -27.59
CA PRO N 49 17.88 -64.23 -28.66
C PRO N 49 16.56 -63.56 -29.04
N LEU N 50 16.56 -62.93 -30.21
CA LEU N 50 15.40 -62.23 -30.75
C LEU N 50 14.24 -63.16 -31.10
N PRO N 51 13.16 -63.12 -30.29
CA PRO N 51 11.96 -63.96 -30.50
C PRO N 51 11.52 -64.10 -31.96
N ASP N 52 11.29 -65.34 -32.39
CA ASP N 52 10.88 -65.68 -33.76
C ASP N 52 11.99 -65.50 -34.80
N TRP N 53 13.07 -64.84 -34.39
CA TRP N 53 14.19 -64.65 -35.29
C TRP N 53 14.98 -65.96 -35.21
N THR N 54 15.76 -66.21 -36.26
CA THR N 54 16.54 -67.43 -36.34
C THR N 54 18.04 -67.16 -36.31
N ASN N 55 18.74 -67.81 -35.39
CA ASN N 55 20.18 -67.64 -35.28
C ASN N 55 20.60 -66.16 -35.15
N THR N 56 19.67 -65.29 -34.75
CA THR N 56 20.02 -63.88 -34.62
C THR N 56 19.81 -63.32 -33.20
N LEU N 57 20.89 -62.79 -32.62
CA LEU N 57 20.81 -62.20 -31.28
C LEU N 57 20.56 -60.70 -31.42
N GLY N 58 19.70 -60.15 -30.56
CA GLY N 58 19.38 -58.73 -30.64
C GLY N 58 19.51 -57.91 -29.36
N ALA N 59 19.97 -56.67 -29.52
CA ALA N 59 20.16 -55.78 -28.37
C ALA N 59 19.27 -54.54 -28.47
N TYR N 60 18.33 -54.42 -27.53
CA TYR N 60 17.41 -53.27 -27.50
C TYR N 60 18.12 -52.09 -26.86
N LEU N 61 18.18 -50.98 -27.58
CA LEU N 61 18.84 -49.77 -27.08
C LEU N 61 17.84 -48.73 -26.56
N ILE N 62 16.77 -48.49 -27.30
CA ILE N 62 15.72 -47.55 -26.89
C ILE N 62 14.38 -48.27 -27.01
N THR N 63 13.53 -48.13 -25.99
CA THR N 63 12.20 -48.75 -26.05
C THR N 63 11.15 -47.77 -25.53
N PRO N 64 9.88 -48.02 -25.85
CA PRO N 64 8.83 -47.10 -25.37
C PRO N 64 8.82 -46.92 -23.86
N ALA N 65 9.53 -47.79 -23.14
CA ALA N 65 9.61 -47.70 -21.69
C ALA N 65 10.35 -46.41 -21.29
N THR N 66 11.14 -45.87 -22.23
CA THR N 66 11.90 -44.65 -21.98
C THR N 66 11.02 -43.44 -22.16
N GLY N 67 9.89 -43.62 -22.84
CA GLY N 67 8.99 -42.51 -23.07
C GLY N 67 8.81 -42.33 -24.57
N SER N 68 9.65 -43.00 -25.34
CA SER N 68 9.57 -42.92 -26.79
C SER N 68 8.36 -43.70 -27.31
N HIS N 69 8.15 -43.62 -28.60
CA HIS N 69 7.05 -44.32 -29.23
C HIS N 69 7.63 -45.21 -30.33
N PHE N 70 8.86 -45.67 -30.12
CA PHE N 70 9.54 -46.52 -31.10
C PHE N 70 10.65 -47.35 -30.45
N VAL N 71 11.06 -48.42 -31.12
CA VAL N 71 12.18 -49.25 -30.64
C VAL N 71 13.36 -49.14 -31.59
N MET N 72 14.55 -49.22 -31.02
CA MET N 72 15.78 -49.16 -31.77
C MET N 72 16.63 -50.30 -31.21
N TYR N 73 17.10 -51.18 -32.08
CA TYR N 73 17.92 -52.29 -31.59
C TYR N 73 18.89 -52.80 -32.65
N LEU N 74 19.95 -53.42 -32.16
CA LEU N 74 20.98 -53.99 -33.00
C LEU N 74 20.77 -55.49 -33.08
N ALA N 75 20.52 -55.97 -34.29
CA ALA N 75 20.31 -57.40 -34.52
C ALA N 75 21.58 -58.03 -35.07
N LYS N 76 22.15 -58.96 -34.33
CA LYS N 76 23.34 -59.65 -34.78
C LYS N 76 22.95 -60.97 -35.44
N MET N 77 22.86 -60.94 -36.77
CA MET N 77 22.48 -62.14 -37.52
C MET N 77 23.71 -62.98 -37.85
N LYS N 78 23.63 -64.27 -37.57
CA LYS N 78 24.74 -65.17 -37.87
C LYS N 78 24.50 -65.87 -39.22
N GLU N 79 25.22 -66.97 -39.48
CA GLU N 79 25.04 -67.70 -40.74
C GLU N 79 23.76 -68.53 -40.73
N MET N 80 22.98 -68.40 -41.81
CA MET N 80 21.71 -69.10 -41.97
C MET N 80 20.76 -68.53 -40.92
N SER N 81 20.44 -67.25 -41.10
CA SER N 81 19.56 -66.55 -40.18
C SER N 81 18.34 -66.05 -40.90
N SER N 82 17.27 -65.86 -40.14
CA SER N 82 16.02 -65.38 -40.70
C SER N 82 15.54 -64.28 -39.79
N SER N 83 14.72 -63.40 -40.34
CA SER N 83 14.15 -62.29 -39.60
C SER N 83 12.93 -62.83 -38.87
N GLY N 84 12.31 -61.98 -38.07
CA GLY N 84 11.13 -62.38 -37.32
C GLY N 84 10.03 -61.37 -37.58
N LEU N 85 8.85 -61.86 -37.96
CA LEU N 85 7.74 -60.96 -38.24
C LEU N 85 7.37 -60.04 -37.08
N PRO N 86 7.30 -58.72 -37.35
CA PRO N 86 6.94 -57.77 -36.29
C PRO N 86 5.43 -57.88 -36.02
N PRO N 87 4.98 -57.42 -34.83
CA PRO N 87 3.54 -57.51 -34.53
C PRO N 87 2.70 -56.72 -35.54
N GLN N 88 1.38 -56.81 -35.40
CA GLN N 88 0.41 -56.14 -36.27
C GLN N 88 0.36 -54.61 -36.15
N ASP N 89 0.32 -53.95 -37.29
CA ASP N 89 0.26 -52.50 -37.36
C ASP N 89 1.58 -51.82 -36.99
N ILE N 90 2.66 -52.60 -37.02
CA ILE N 90 3.98 -52.10 -36.68
C ILE N 90 4.78 -51.94 -37.97
N GLU N 91 5.42 -50.78 -38.14
CA GLU N 91 6.24 -50.56 -39.33
C GLU N 91 7.67 -50.96 -38.93
N ARG N 92 8.53 -51.14 -39.92
CA ARG N 92 9.89 -51.56 -39.62
C ARG N 92 10.90 -51.06 -40.66
N LEU N 93 11.95 -50.39 -40.18
CA LEU N 93 13.00 -49.88 -41.06
C LEU N 93 14.27 -50.63 -40.70
N ILE N 94 14.92 -51.18 -41.73
CA ILE N 94 16.14 -51.91 -41.51
C ILE N 94 17.27 -51.19 -42.18
N PHE N 95 18.43 -51.29 -41.57
CA PHE N 95 19.64 -50.64 -42.08
C PHE N 95 20.81 -51.59 -41.84
N VAL N 96 21.53 -51.93 -42.91
CA VAL N 96 22.69 -52.81 -42.79
C VAL N 96 23.90 -51.99 -42.38
N VAL N 97 24.43 -52.26 -41.19
CA VAL N 97 25.60 -51.54 -40.75
C VAL N 97 26.85 -52.31 -41.13
N GLU N 98 26.70 -53.62 -41.36
CA GLU N 98 27.83 -54.46 -41.74
C GLU N 98 27.40 -55.82 -42.28
N GLY N 99 28.20 -56.34 -43.23
CA GLY N 99 27.89 -57.63 -43.79
C GLY N 99 27.04 -57.52 -45.04
N ALA N 100 26.03 -58.39 -45.12
CA ALA N 100 25.13 -58.45 -46.25
C ALA N 100 23.95 -59.36 -45.94
N VAL N 101 22.84 -59.15 -46.66
CA VAL N 101 21.63 -59.95 -46.46
C VAL N 101 20.62 -59.70 -47.58
N THR N 102 19.58 -60.53 -47.63
CA THR N 102 18.55 -60.39 -48.66
C THR N 102 17.13 -60.33 -48.12
N LEU N 103 16.45 -59.24 -48.47
CA LEU N 103 15.06 -59.00 -48.07
C LEU N 103 14.18 -59.76 -49.04
N THR N 104 13.40 -60.70 -48.51
CA THR N 104 12.51 -61.51 -49.32
C THR N 104 11.06 -61.07 -49.11
N ASN N 105 10.29 -60.99 -50.20
CA ASN N 105 8.88 -60.63 -50.09
C ASN N 105 8.20 -61.71 -49.28
N SER N 108 8.00 -57.26 -57.62
CA SER N 108 8.23 -57.96 -56.35
C SER N 108 9.65 -58.52 -56.27
N SER N 109 9.78 -59.82 -56.55
CA SER N 109 11.07 -60.53 -56.51
C SER N 109 11.72 -60.28 -55.14
N SER N 110 12.98 -60.68 -54.98
CA SER N 110 13.71 -60.47 -53.72
C SER N 110 15.01 -59.73 -54.06
N LYS N 111 15.47 -58.86 -53.16
CA LYS N 111 16.68 -58.07 -53.41
C LYS N 111 17.84 -58.32 -52.40
N LYS N 112 19.07 -58.15 -52.89
CA LYS N 112 20.26 -58.34 -52.05
C LYS N 112 20.68 -57.03 -51.35
N LEU N 113 20.57 -57.02 -50.03
CA LEU N 113 20.90 -55.85 -49.22
C LEU N 113 22.29 -55.98 -48.62
N THR N 114 23.11 -54.95 -48.81
CA THR N 114 24.47 -54.96 -48.30
C THR N 114 24.77 -53.78 -47.40
N VAL N 115 26.06 -53.58 -47.12
CA VAL N 115 26.51 -52.50 -46.26
C VAL N 115 25.97 -51.16 -46.74
N ASP N 116 25.36 -50.44 -45.81
CA ASP N 116 24.75 -49.13 -46.05
C ASP N 116 23.39 -49.18 -46.75
N SER N 117 22.84 -50.39 -46.93
CA SER N 117 21.53 -50.55 -47.58
C SER N 117 20.41 -50.50 -46.51
N TYR N 118 19.22 -50.10 -46.92
CA TYR N 118 18.09 -50.03 -45.98
C TYR N 118 16.78 -50.45 -46.64
N ALA N 119 15.82 -50.83 -45.80
CA ALA N 119 14.51 -51.24 -46.31
C ALA N 119 13.38 -50.86 -45.36
N TYR N 120 12.40 -50.13 -45.88
CA TYR N 120 11.24 -49.74 -45.09
C TYR N 120 10.16 -50.76 -45.40
N LEU N 121 9.48 -51.21 -44.35
CA LEU N 121 8.41 -52.19 -44.51
C LEU N 121 7.15 -51.66 -43.87
N PRO N 122 6.19 -51.24 -44.70
CA PRO N 122 4.94 -50.72 -44.16
C PRO N 122 4.42 -51.64 -43.05
N PRO N 123 3.44 -51.19 -42.27
CA PRO N 123 2.95 -52.10 -41.23
C PRO N 123 2.10 -53.22 -41.86
N ASN N 124 2.23 -54.43 -41.33
CA ASN N 124 1.48 -55.59 -41.81
C ASN N 124 1.89 -56.06 -43.22
N PHE N 125 3.01 -55.53 -43.71
CA PHE N 125 3.57 -55.88 -45.02
C PHE N 125 4.46 -57.12 -44.83
N HIS N 126 4.15 -58.17 -45.58
CA HIS N 126 4.87 -59.43 -45.47
C HIS N 126 6.27 -59.34 -46.05
N HIS N 127 7.19 -60.07 -45.42
CA HIS N 127 8.60 -60.09 -45.83
C HIS N 127 9.36 -61.04 -44.90
N SER N 128 10.67 -61.11 -45.08
CA SER N 128 11.55 -61.94 -44.25
C SER N 128 13.00 -61.70 -44.67
N LEU N 129 13.88 -61.50 -43.69
CA LEU N 129 15.29 -61.25 -43.96
C LEU N 129 16.12 -62.50 -43.66
N ASP N 130 16.89 -62.93 -44.65
CA ASP N 130 17.73 -64.12 -44.53
C ASP N 130 19.18 -63.83 -44.89
N CYS N 131 20.07 -64.15 -43.96
CA CYS N 131 21.50 -63.92 -44.13
C CYS N 131 22.32 -65.22 -44.17
N VAL N 132 23.28 -65.29 -45.11
CA VAL N 132 24.13 -66.47 -45.28
C VAL N 132 25.35 -66.53 -44.33
N GLU N 133 26.19 -65.48 -44.31
CA GLU N 133 27.37 -65.45 -43.42
C GLU N 133 27.29 -64.55 -42.21
N SER N 134 26.99 -63.28 -42.42
CA SER N 134 26.92 -62.35 -41.29
C SER N 134 26.25 -61.01 -41.55
N ALA N 135 25.47 -60.58 -40.57
CA ALA N 135 24.77 -59.32 -40.69
C ALA N 135 24.61 -58.63 -39.34
N THR N 136 24.81 -57.32 -39.36
CA THR N 136 24.63 -56.50 -38.17
C THR N 136 23.66 -55.42 -38.63
N LEU N 137 22.44 -55.49 -38.11
CA LEU N 137 21.45 -54.52 -38.53
C LEU N 137 20.96 -53.70 -37.36
N VAL N 138 20.73 -52.42 -37.64
CA VAL N 138 20.17 -51.50 -36.68
C VAL N 138 18.77 -51.35 -37.29
N VAL N 139 17.73 -51.65 -36.53
CA VAL N 139 16.38 -51.58 -37.07
C VAL N 139 15.37 -50.77 -36.24
N PHE N 140 14.40 -50.18 -36.93
CA PHE N 140 13.37 -49.37 -36.29
C PHE N 140 11.92 -49.90 -36.44
N GLU N 141 11.21 -49.98 -35.31
CA GLU N 141 9.82 -50.43 -35.27
C GLU N 141 8.96 -49.39 -34.54
N ARG N 142 7.67 -49.33 -34.88
CA ARG N 142 6.75 -48.38 -34.27
C ARG N 142 5.35 -48.63 -34.74
N ARG N 143 4.40 -48.57 -33.80
CA ARG N 143 2.98 -48.77 -34.10
C ARG N 143 2.57 -47.67 -35.10
N TYR N 144 2.46 -48.03 -36.37
CA TYR N 144 2.09 -47.05 -37.38
C TYR N 144 0.90 -46.20 -36.96
N GLU N 145 0.98 -44.91 -37.20
CA GLU N 145 -0.09 -44.00 -36.83
C GLU N 145 -0.93 -43.68 -38.04
N TYR N 146 -2.06 -44.39 -38.17
CA TYR N 146 -2.97 -44.21 -39.30
C TYR N 146 -3.51 -42.81 -39.36
N LEU N 147 -3.40 -42.20 -40.53
CA LEU N 147 -3.91 -40.86 -40.76
C LEU N 147 -4.85 -40.95 -41.97
N GLY N 148 -6.15 -40.73 -41.74
CA GLY N 148 -7.10 -40.82 -42.82
C GLY N 148 -6.97 -42.19 -43.48
N SER N 149 -6.91 -42.20 -44.80
CA SER N 149 -6.75 -43.46 -45.52
C SER N 149 -5.40 -43.46 -46.27
N HIS N 150 -4.38 -42.92 -45.61
CA HIS N 150 -3.03 -42.87 -46.20
C HIS N 150 -2.28 -44.16 -45.84
N THR N 151 -1.41 -44.60 -46.73
CA THR N 151 -0.61 -45.80 -46.49
C THR N 151 0.76 -45.71 -47.11
N THR N 152 1.68 -46.49 -46.57
CA THR N 152 3.05 -46.54 -47.04
C THR N 152 3.32 -47.74 -47.95
N GLU N 153 4.37 -47.64 -48.75
CA GLU N 153 4.73 -48.73 -49.64
C GLU N 153 6.16 -49.17 -49.39
N LEU N 154 6.51 -50.35 -49.87
CA LEU N 154 7.86 -50.85 -49.68
C LEU N 154 8.87 -49.81 -50.18
N ILE N 155 9.93 -49.62 -49.42
CA ILE N 155 10.97 -48.70 -49.84
C ILE N 155 12.31 -49.38 -49.61
N VAL N 156 13.14 -49.42 -50.66
CA VAL N 156 14.46 -50.02 -50.58
C VAL N 156 15.39 -49.07 -51.31
N GLY N 157 16.62 -48.95 -50.81
CA GLY N 157 17.60 -48.07 -51.40
C GLY N 157 18.92 -48.09 -50.65
N SER N 158 19.86 -47.24 -51.10
CA SER N 158 21.17 -47.17 -50.48
C SER N 158 21.49 -45.73 -50.09
N THR N 159 22.01 -45.55 -48.88
CA THR N 159 22.33 -44.22 -48.35
C THR N 159 22.94 -43.28 -49.37
N ASP N 160 23.86 -43.81 -50.17
CA ASP N 160 24.57 -43.05 -51.21
C ASP N 160 23.70 -42.68 -52.43
N LYS N 161 22.80 -43.57 -52.83
CA LYS N 161 21.95 -43.29 -53.97
C LYS N 161 21.11 -42.04 -53.66
N GLN N 162 20.86 -41.82 -52.36
CA GLN N 162 20.06 -40.66 -51.93
C GLN N 162 20.73 -39.33 -52.21
N PRO N 163 19.92 -38.31 -52.52
CA PRO N 163 20.44 -36.98 -52.81
C PRO N 163 20.72 -36.17 -51.55
N LEU N 164 21.46 -35.08 -51.74
CA LEU N 164 21.79 -34.19 -50.66
C LEU N 164 20.65 -33.21 -50.55
N LEU N 165 20.14 -33.04 -49.34
CA LEU N 165 19.05 -32.11 -49.13
C LEU N 165 19.64 -30.92 -48.41
N GLU N 166 19.58 -29.77 -49.09
CA GLU N 166 20.09 -28.51 -48.57
C GLU N 166 19.38 -28.21 -47.26
N THR N 167 20.10 -27.58 -46.35
CA THR N 167 19.57 -27.23 -45.05
C THR N 167 19.89 -25.77 -44.85
N PRO N 168 18.89 -24.95 -44.48
CA PRO N 168 19.07 -23.51 -44.26
C PRO N 168 19.76 -23.21 -42.94
N GLY N 169 20.78 -22.35 -42.99
CA GLY N 169 21.52 -21.97 -41.79
C GLY N 169 22.36 -23.08 -41.19
N GLU N 170 22.51 -24.19 -41.91
CA GLU N 170 23.29 -25.31 -41.41
C GLU N 170 24.29 -25.81 -42.47
N VAL N 171 25.50 -26.18 -42.04
CA VAL N 171 26.54 -26.64 -42.96
C VAL N 171 26.70 -28.17 -43.10
N PHE N 172 26.29 -28.93 -42.10
CA PHE N 172 26.39 -30.39 -42.17
C PHE N 172 25.72 -30.89 -43.44
N GLU N 173 26.02 -32.11 -43.83
CA GLU N 173 25.42 -32.70 -45.03
C GLU N 173 24.24 -33.60 -44.67
N LEU N 174 23.11 -33.36 -45.31
CA LEU N 174 21.90 -34.13 -45.05
C LEU N 174 21.45 -35.00 -46.21
N ARG N 175 20.98 -36.20 -45.87
CA ARG N 175 20.43 -37.14 -46.84
C ARG N 175 19.28 -37.79 -46.08
N LYS N 176 18.15 -37.97 -46.74
CA LYS N 176 16.99 -38.59 -46.09
C LYS N 176 16.68 -39.91 -46.79
N LEU N 177 16.61 -40.99 -46.02
CA LEU N 177 16.35 -42.32 -46.57
C LEU N 177 14.95 -42.48 -47.15
N LEU N 178 13.94 -42.37 -46.30
CA LEU N 178 12.55 -42.53 -46.70
C LEU N 178 11.95 -41.31 -47.41
N PRO N 179 10.73 -41.44 -47.95
CA PRO N 179 10.03 -40.35 -48.65
C PRO N 179 9.58 -39.26 -47.67
N MET N 180 9.14 -38.13 -48.21
CA MET N 180 8.67 -37.03 -47.38
C MET N 180 7.15 -36.89 -47.39
N SER N 181 6.48 -37.72 -48.18
CA SER N 181 5.01 -37.72 -48.28
C SER N 181 4.40 -37.68 -46.87
N VAL N 182 3.16 -37.24 -46.76
CA VAL N 182 2.50 -37.16 -45.45
C VAL N 182 2.24 -38.56 -44.89
N ALA N 183 1.92 -39.51 -45.77
CA ALA N 183 1.65 -40.88 -45.35
C ALA N 183 2.68 -41.33 -44.31
N TYR N 184 3.96 -41.10 -44.58
CA TYR N 184 5.05 -41.47 -43.68
C TYR N 184 5.12 -40.59 -42.42
N ASP N 185 4.97 -41.23 -41.25
CA ASP N 185 4.99 -40.55 -39.96
C ASP N 185 6.38 -40.46 -39.31
N PHE N 186 7.41 -40.82 -40.07
CA PHE N 186 8.80 -40.74 -39.60
C PHE N 186 9.78 -40.92 -40.75
N ASN N 187 11.04 -40.57 -40.52
CA ASN N 187 12.06 -40.72 -41.54
C ASN N 187 13.37 -41.06 -40.84
N ILE N 188 14.42 -41.27 -41.62
CA ILE N 188 15.74 -41.59 -41.07
C ILE N 188 16.73 -40.73 -41.83
N HIS N 189 17.42 -39.87 -41.09
CA HIS N 189 18.39 -38.97 -41.70
C HIS N 189 19.84 -39.42 -41.62
N THR N 190 20.67 -38.83 -42.48
CA THR N 190 22.09 -39.10 -42.51
C THR N 190 22.73 -37.72 -42.49
N MET N 191 23.51 -37.47 -41.44
CA MET N 191 24.15 -36.17 -41.30
C MET N 191 25.67 -36.28 -41.20
N ASP N 192 26.34 -35.64 -42.16
CA ASP N 192 27.79 -35.66 -42.26
C ASP N 192 28.40 -34.32 -41.89
N PHE N 193 29.17 -34.34 -40.81
CA PHE N 193 29.84 -33.15 -40.30
C PHE N 193 31.31 -33.23 -40.60
N GLN N 194 31.86 -32.15 -41.15
CA GLN N 194 33.29 -32.10 -41.42
C GLN N 194 33.94 -31.68 -40.12
N PRO N 195 35.13 -32.21 -39.81
CA PRO N 195 35.82 -31.84 -38.57
C PRO N 195 35.80 -30.32 -38.32
N GLY N 196 35.32 -29.93 -37.15
CA GLY N 196 35.25 -28.51 -36.82
C GLY N 196 33.85 -27.94 -37.01
N GLU N 197 32.98 -28.69 -37.68
CA GLU N 197 31.61 -28.25 -37.92
C GLU N 197 30.69 -28.59 -36.76
N PHE N 198 29.61 -27.81 -36.63
CA PHE N 198 28.66 -28.02 -35.56
C PHE N 198 27.31 -27.37 -35.85
N LEU N 199 26.28 -27.87 -35.18
CA LEU N 199 24.93 -27.35 -35.33
C LEU N 199 24.84 -25.90 -34.93
N ASN N 200 24.38 -25.07 -35.86
CA ASN N 200 24.24 -23.66 -35.55
C ASN N 200 23.13 -23.42 -34.56
N VAL N 201 22.00 -24.09 -34.73
CA VAL N 201 20.91 -23.89 -33.79
C VAL N 201 20.97 -24.91 -32.65
N LYS N 202 20.72 -24.45 -31.42
CA LYS N 202 20.71 -25.31 -30.23
C LYS N 202 19.31 -25.87 -30.07
N GLU N 203 19.01 -26.86 -30.89
CA GLU N 203 17.71 -27.50 -30.94
C GLU N 203 16.90 -27.86 -29.69
N VAL N 204 15.64 -27.44 -29.71
CA VAL N 204 14.68 -27.76 -28.67
C VAL N 204 13.38 -27.88 -29.45
N HIS N 205 12.91 -29.12 -29.63
CA HIS N 205 11.69 -29.36 -30.40
C HIS N 205 10.92 -30.57 -29.87
N TYR N 206 9.63 -30.63 -30.19
CA TYR N 206 8.76 -31.72 -29.77
C TYR N 206 9.21 -33.09 -30.34
N ASN N 207 9.75 -33.08 -31.56
CA ASN N 207 10.22 -34.28 -32.22
C ASN N 207 11.16 -35.06 -31.31
N GLN N 208 11.19 -36.38 -31.47
CA GLN N 208 12.09 -37.19 -30.66
C GLN N 208 13.20 -37.82 -31.50
N HIS N 209 14.19 -38.42 -30.83
CA HIS N 209 15.33 -38.97 -31.52
C HIS N 209 15.95 -40.27 -31.02
N GLY N 210 16.55 -40.97 -31.98
CA GLY N 210 17.27 -42.20 -31.72
C GLY N 210 18.41 -42.17 -32.72
N LEU N 211 19.65 -42.07 -32.24
CA LEU N 211 20.77 -42.05 -33.18
C LEU N 211 21.92 -42.97 -32.87
N LEU N 212 22.71 -43.24 -33.91
CA LEU N 212 23.91 -44.07 -33.85
C LEU N 212 24.96 -43.36 -34.68
N LEU N 213 26.14 -43.20 -34.11
CA LEU N 213 27.21 -42.54 -34.84
C LEU N 213 27.96 -43.61 -35.63
N LEU N 214 27.90 -43.50 -36.97
CA LEU N 214 28.54 -44.44 -37.88
C LEU N 214 30.04 -44.20 -38.14
N GLU N 215 30.50 -42.97 -37.92
CA GLU N 215 31.90 -42.61 -38.12
C GLU N 215 32.23 -41.35 -37.33
N GLY N 216 33.51 -41.06 -37.22
CA GLY N 216 33.97 -39.89 -36.50
C GLY N 216 33.91 -39.97 -34.99
N GLN N 217 33.97 -38.79 -34.39
CA GLN N 217 33.93 -38.63 -32.94
C GLN N 217 33.80 -37.15 -32.74
N GLY N 218 33.10 -36.75 -31.68
CA GLY N 218 32.92 -35.34 -31.42
C GLY N 218 32.40 -35.07 -30.03
N ILE N 219 31.67 -33.97 -29.88
CA ILE N 219 31.10 -33.58 -28.60
C ILE N 219 29.58 -33.48 -28.71
N TYR N 220 28.87 -34.25 -27.89
CA TYR N 220 27.42 -34.17 -27.94
C TYR N 220 26.88 -33.59 -26.66
N ARG N 221 26.10 -32.52 -26.80
CA ARG N 221 25.51 -31.84 -25.66
C ARG N 221 24.03 -32.14 -25.58
N LEU N 222 23.62 -32.63 -24.43
CA LEU N 222 22.23 -32.96 -24.17
C LEU N 222 21.86 -32.31 -22.84
N GLY N 223 21.02 -31.27 -22.91
CA GLY N 223 20.64 -30.54 -21.71
C GLY N 223 21.83 -29.83 -21.11
N ASP N 224 22.09 -30.05 -19.82
CA ASP N 224 23.25 -29.44 -19.17
C ASP N 224 24.39 -30.46 -19.08
N ASN N 225 24.40 -31.42 -20.00
CA ASN N 225 25.43 -32.46 -20.01
C ASN N 225 26.20 -32.53 -21.34
N TRP N 226 27.51 -32.71 -21.23
CA TRP N 226 28.38 -32.81 -22.38
C TRP N 226 28.96 -34.23 -22.43
N TYR N 227 28.98 -34.81 -23.62
CA TYR N 227 29.46 -36.20 -23.80
C TYR N 227 30.40 -36.46 -24.96
N PRO N 228 31.67 -36.85 -24.69
CA PRO N 228 32.61 -37.15 -25.78
C PRO N 228 32.10 -38.42 -26.44
N VAL N 229 31.92 -38.43 -27.75
CA VAL N 229 31.39 -39.61 -28.42
C VAL N 229 32.25 -40.15 -29.56
N GLN N 230 32.22 -41.48 -29.71
CA GLN N 230 32.99 -42.18 -30.75
C GLN N 230 32.03 -43.06 -31.54
N ALA N 231 32.41 -43.43 -32.76
CA ALA N 231 31.55 -44.28 -33.57
C ALA N 231 31.14 -45.48 -32.70
N GLY N 232 29.87 -45.84 -32.77
CA GLY N 232 29.38 -46.95 -31.98
C GLY N 232 28.39 -46.52 -30.90
N ASP N 233 28.60 -45.34 -30.34
CA ASP N 233 27.72 -44.82 -29.29
C ASP N 233 26.30 -44.59 -29.80
N VAL N 234 25.33 -44.63 -28.91
CA VAL N 234 23.93 -44.43 -29.29
C VAL N 234 23.23 -43.46 -28.36
N ILE N 235 22.50 -42.52 -28.96
CA ILE N 235 21.80 -41.50 -28.19
C ILE N 235 20.27 -41.53 -28.30
N TRP N 236 19.62 -41.41 -27.15
CA TRP N 236 18.15 -41.36 -27.07
C TRP N 236 17.84 -39.92 -26.70
N MET N 237 17.16 -39.21 -27.60
CA MET N 237 16.83 -37.83 -27.37
C MET N 237 15.31 -37.69 -27.21
N ALA N 238 14.86 -37.51 -25.97
CA ALA N 238 13.43 -37.33 -25.69
C ALA N 238 12.94 -36.00 -26.28
N PRO N 239 11.62 -35.78 -26.31
CA PRO N 239 11.09 -34.53 -26.85
C PRO N 239 11.50 -33.32 -26.02
N PHE N 240 11.93 -32.26 -26.69
CA PHE N 240 12.35 -31.00 -26.07
C PHE N 240 13.70 -30.96 -25.36
N VAL N 241 14.45 -32.05 -25.31
CA VAL N 241 15.75 -32.03 -24.65
C VAL N 241 16.73 -31.21 -25.48
N PRO N 242 17.37 -30.20 -24.87
CA PRO N 242 18.31 -29.39 -25.63
C PRO N 242 19.42 -30.27 -26.20
N GLN N 243 19.69 -30.11 -27.49
CA GLN N 243 20.71 -30.92 -28.14
C GLN N 243 21.61 -30.15 -29.08
N TRP N 244 22.85 -30.60 -29.17
CA TRP N 244 23.84 -29.97 -30.02
C TRP N 244 24.96 -30.96 -30.30
N TYR N 245 25.67 -30.78 -31.43
CA TYR N 245 26.79 -31.62 -31.80
C TYR N 245 27.89 -30.86 -32.53
N ALA N 246 29.11 -31.30 -32.31
CA ALA N 246 30.29 -30.74 -32.95
C ALA N 246 31.21 -31.90 -33.28
N ALA N 247 31.58 -32.03 -34.56
CA ALA N 247 32.46 -33.12 -35.00
C ALA N 247 33.91 -32.74 -34.75
N LEU N 248 34.71 -33.72 -34.33
CA LEU N 248 36.13 -33.50 -34.05
C LEU N 248 37.00 -34.57 -34.70
N GLY N 249 38.29 -34.26 -34.84
CA GLY N 249 39.20 -35.24 -35.40
C GLY N 249 39.81 -34.99 -36.78
N LYS N 250 40.53 -36.01 -37.24
CA LYS N 250 41.20 -35.99 -38.53
C LYS N 250 40.16 -36.36 -39.57
N THR N 251 39.22 -37.19 -39.16
CA THR N 251 38.16 -37.63 -40.06
C THR N 251 36.78 -37.10 -39.68
N ARG N 252 35.90 -37.02 -40.68
CA ARG N 252 34.54 -36.53 -40.50
C ARG N 252 33.67 -37.43 -39.61
N SER N 253 32.50 -36.91 -39.26
CA SER N 253 31.52 -37.63 -38.46
C SER N 253 30.26 -37.80 -39.32
N ARG N 254 29.51 -38.86 -39.05
CA ARG N 254 28.28 -39.15 -39.77
C ARG N 254 27.41 -39.97 -38.85
N TYR N 255 26.17 -39.56 -38.68
CA TYR N 255 25.27 -40.33 -37.83
C TYR N 255 23.90 -40.56 -38.43
N LEU N 256 23.34 -41.73 -38.12
CA LEU N 256 22.02 -42.15 -38.59
C LEU N 256 21.02 -41.68 -37.56
N LEU N 257 20.01 -40.94 -38.01
CA LEU N 257 19.02 -40.36 -37.12
C LEU N 257 17.57 -40.69 -37.43
N TYR N 258 16.85 -41.09 -36.39
CA TYR N 258 15.43 -41.39 -36.52
C TYR N 258 14.69 -40.13 -36.10
N LYS N 259 13.56 -39.85 -36.73
CA LYS N 259 12.78 -38.67 -36.39
C LYS N 259 11.32 -38.79 -36.82
N ASP N 260 10.41 -38.54 -35.88
CA ASP N 260 8.97 -38.60 -36.14
C ASP N 260 8.55 -37.34 -36.90
N VAL N 261 7.68 -37.50 -37.90
CA VAL N 261 7.23 -36.36 -38.67
C VAL N 261 5.79 -36.49 -39.13
N ASN N 262 5.40 -35.52 -39.95
CA ASN N 262 4.09 -35.40 -40.59
C ASN N 262 2.82 -35.68 -39.78
N ARG N 263 2.95 -35.72 -38.47
CA ARG N 263 1.80 -35.97 -37.60
C ARG N 263 1.69 -34.77 -36.67
N ASN N 264 0.45 -34.34 -36.41
CA ASN N 264 0.22 -33.20 -35.53
C ASN N 264 0.55 -33.58 -34.09
N PRO N 265 1.34 -32.76 -33.39
CA PRO N 265 1.68 -33.08 -32.01
C PRO N 265 0.50 -33.13 -31.03
N LEU N 266 -0.62 -32.50 -31.38
CA LEU N 266 -1.77 -32.52 -30.48
C LEU N 266 -2.41 -33.88 -30.31
N PRO O 7 21.79 -70.79 9.90
CA PRO O 7 20.95 -71.47 8.88
C PRO O 7 20.96 -70.72 7.55
N ILE O 8 20.36 -71.32 6.53
CA ILE O 8 20.32 -70.68 5.23
C ILE O 8 19.45 -69.43 5.20
N TYR O 9 19.99 -68.37 4.60
CA TYR O 9 19.29 -67.10 4.49
C TYR O 9 19.08 -66.44 5.83
N TRP O 10 19.58 -67.06 6.90
CA TRP O 10 19.40 -66.53 8.25
C TRP O 10 19.63 -65.03 8.38
N LYS O 11 20.58 -64.50 7.61
CA LYS O 11 20.85 -63.06 7.66
C LYS O 11 19.88 -62.34 6.75
N ALA O 12 19.29 -63.06 5.80
CA ALA O 12 18.32 -62.45 4.90
C ALA O 12 17.10 -61.97 5.71
N THR O 13 17.05 -62.33 7.00
CA THR O 13 15.96 -61.95 7.91
C THR O 13 16.54 -61.47 9.26
N ASN O 14 17.85 -61.58 9.39
CA ASN O 14 18.55 -61.15 10.59
C ASN O 14 19.84 -60.51 10.10
N PRO O 15 19.75 -59.23 9.69
CA PRO O 15 20.84 -58.41 9.17
C PRO O 15 21.79 -57.91 10.24
N THR O 16 23.08 -58.06 9.97
CA THR O 16 24.12 -57.59 10.89
C THR O 16 23.81 -56.18 11.36
N LEU O 17 23.30 -55.37 10.42
CA LEU O 17 22.90 -54.00 10.69
C LEU O 17 21.38 -54.00 10.55
N SER O 18 20.70 -54.14 11.69
CA SER O 18 19.24 -54.18 11.75
C SER O 18 18.68 -52.90 12.34
N PRO O 19 17.36 -52.69 12.21
CA PRO O 19 16.69 -51.49 12.72
C PRO O 19 16.96 -51.12 14.18
N SER O 20 17.23 -52.12 15.02
CA SER O 20 17.47 -51.83 16.42
C SER O 20 18.73 -50.98 16.64
N HIS O 21 19.78 -51.29 15.89
CA HIS O 21 21.04 -50.57 16.01
C HIS O 21 20.90 -49.08 15.72
N LEU O 22 19.87 -48.74 14.93
CA LEU O 22 19.61 -47.37 14.53
C LEU O 22 18.58 -46.65 15.40
N GLN O 23 18.16 -47.25 16.51
CA GLN O 23 17.16 -46.61 17.35
C GLN O 23 17.64 -45.34 18.02
N ASP O 24 18.93 -45.07 17.93
CA ASP O 24 19.53 -43.87 18.53
C ASP O 24 19.95 -42.81 17.53
N LEU O 25 19.65 -43.04 16.24
CA LEU O 25 19.98 -42.08 15.19
C LEU O 25 18.71 -41.57 14.53
N PRO O 26 17.99 -40.67 15.22
CA PRO O 26 16.73 -40.07 14.76
C PRO O 26 16.61 -39.77 13.27
N GLY O 27 15.79 -40.54 12.58
CA GLY O 27 15.57 -40.32 11.16
C GLY O 27 16.58 -40.90 10.17
N PHE O 28 17.51 -41.71 10.66
CA PHE O 28 18.51 -42.30 9.78
C PHE O 28 18.00 -43.54 9.06
N THR O 29 18.29 -43.62 7.76
CA THR O 29 17.91 -44.78 6.97
C THR O 29 18.88 -44.91 5.81
N ARG O 30 19.01 -46.14 5.32
CA ARG O 30 19.90 -46.46 4.22
C ARG O 30 19.07 -46.68 2.95
N SER O 31 17.80 -46.28 2.98
CA SER O 31 16.96 -46.46 1.83
C SER O 31 17.02 -45.25 0.92
N VAL O 32 16.78 -45.48 -0.38
CA VAL O 32 16.81 -44.39 -1.36
C VAL O 32 15.93 -44.66 -2.58
N TYR O 33 14.79 -43.98 -2.68
CA TYR O 33 13.90 -44.17 -3.84
C TYR O 33 14.17 -43.09 -4.91
N LYS O 34 14.76 -43.50 -6.03
CA LYS O 34 15.06 -42.56 -7.08
C LYS O 34 14.23 -42.77 -8.34
N ARG O 35 14.35 -41.81 -9.26
CA ARG O 35 13.63 -41.84 -10.52
C ARG O 35 13.66 -43.18 -11.23
N ASP O 36 14.81 -43.81 -11.25
CA ASP O 36 14.95 -45.08 -11.97
C ASP O 36 15.47 -46.28 -11.18
N HIS O 37 15.35 -46.23 -9.86
CA HIS O 37 15.77 -47.34 -9.02
C HIS O 37 15.45 -47.04 -7.57
N ALA O 38 15.68 -48.02 -6.70
CA ALA O 38 15.42 -47.84 -5.27
C ALA O 38 16.22 -48.84 -4.49
N LEU O 39 16.54 -48.47 -3.25
CA LEU O 39 17.27 -49.35 -2.35
C LEU O 39 16.43 -49.38 -1.09
N ILE O 40 15.59 -50.42 -0.98
CA ILE O 40 14.74 -50.56 0.19
C ILE O 40 15.44 -51.47 1.19
N THR O 41 15.77 -50.92 2.35
CA THR O 41 16.44 -51.68 3.38
C THR O 41 15.48 -51.95 4.53
N PRO O 42 15.78 -52.93 5.40
CA PRO O 42 14.98 -53.35 6.56
C PRO O 42 14.25 -52.29 7.40
N GLU O 43 14.98 -51.33 7.98
CA GLU O 43 14.34 -50.30 8.83
C GLU O 43 13.28 -49.41 8.18
N SER O 44 12.94 -49.67 6.91
CA SER O 44 11.95 -48.87 6.18
C SER O 44 10.67 -49.62 5.80
N HIS O 45 10.73 -50.95 5.89
CA HIS O 45 9.59 -51.84 5.58
C HIS O 45 8.35 -51.43 6.38
N VAL O 46 7.18 -51.47 5.73
CA VAL O 46 5.93 -51.12 6.41
C VAL O 46 4.92 -52.27 6.29
N TYR O 47 4.96 -53.19 7.27
CA TYR O 47 4.05 -54.35 7.32
C TYR O 47 2.65 -53.99 7.75
N SER O 48 1.67 -54.60 7.09
CA SER O 48 0.30 -54.34 7.43
C SER O 48 -0.54 -55.57 7.05
N PRO O 49 -1.63 -55.83 7.80
CA PRO O 49 -2.52 -56.96 7.56
C PRO O 49 -2.86 -57.01 6.07
N LEU O 50 -2.46 -58.08 5.40
CA LEU O 50 -2.71 -58.26 3.96
C LEU O 50 -4.17 -58.64 3.64
N PRO O 51 -4.92 -57.74 2.99
CA PRO O 51 -6.32 -58.01 2.64
C PRO O 51 -6.60 -59.45 2.19
N ASP O 52 -7.73 -60.00 2.65
CA ASP O 52 -8.14 -61.35 2.31
C ASP O 52 -7.22 -62.45 2.87
N TRP O 53 -6.17 -62.04 3.59
CA TRP O 53 -5.27 -63.01 4.19
C TRP O 53 -5.70 -63.20 5.62
N THR O 54 -5.00 -64.08 6.34
CA THR O 54 -5.36 -64.35 7.72
C THR O 54 -4.13 -64.46 8.59
N ASN O 55 -4.03 -63.52 9.52
CA ASN O 55 -2.91 -63.50 10.46
C ASN O 55 -1.56 -63.42 9.72
N THR O 56 -1.52 -62.62 8.66
CA THR O 56 -0.29 -62.45 7.87
C THR O 56 0.12 -60.99 7.66
N LEU O 57 1.23 -60.62 8.28
CA LEU O 57 1.77 -59.26 8.17
C LEU O 57 2.57 -59.16 6.88
N GLY O 58 2.14 -58.26 5.98
CA GLY O 58 2.83 -58.08 4.71
C GLY O 58 3.25 -56.65 4.41
N ALA O 59 4.39 -56.48 3.75
CA ALA O 59 4.92 -55.16 3.39
C ALA O 59 5.26 -55.10 1.90
N TYR O 60 4.49 -54.33 1.14
CA TYR O 60 4.73 -54.18 -0.29
C TYR O 60 5.97 -53.33 -0.50
N LEU O 61 6.98 -53.90 -1.17
CA LEU O 61 8.26 -53.24 -1.43
C LEU O 61 8.32 -52.43 -2.72
N ILE O 62 7.59 -52.87 -3.73
CA ILE O 62 7.56 -52.23 -5.03
C ILE O 62 6.19 -52.45 -5.65
N THR O 63 5.64 -51.44 -6.31
CA THR O 63 4.37 -51.62 -6.97
C THR O 63 4.33 -50.74 -8.18
N PRO O 64 3.35 -50.97 -9.07
CA PRO O 64 3.18 -50.19 -10.30
C PRO O 64 3.34 -48.67 -10.09
N ALA O 65 3.27 -48.24 -8.84
CA ALA O 65 3.42 -46.82 -8.49
C ALA O 65 4.82 -46.34 -8.90
N THR O 66 5.78 -47.26 -8.97
CA THR O 66 7.16 -46.93 -9.35
C THR O 66 7.36 -47.06 -10.86
N GLY O 67 6.30 -47.40 -11.59
CA GLY O 67 6.43 -47.57 -13.03
C GLY O 67 6.56 -49.02 -13.47
N SER O 68 6.74 -49.92 -12.52
CA SER O 68 6.85 -51.34 -12.83
C SER O 68 5.49 -51.86 -13.28
N HIS O 69 5.44 -53.14 -13.61
CA HIS O 69 4.20 -53.79 -14.01
C HIS O 69 3.94 -54.94 -13.02
N PHE O 70 4.81 -55.04 -12.02
CA PHE O 70 4.73 -56.10 -11.01
C PHE O 70 4.80 -55.59 -9.57
N VAL O 71 4.42 -56.44 -8.63
CA VAL O 71 4.50 -56.06 -7.22
C VAL O 71 5.40 -57.06 -6.54
N MET O 72 6.14 -56.61 -5.53
CA MET O 72 7.07 -57.46 -4.78
C MET O 72 6.84 -57.15 -3.32
N TYR O 73 6.37 -58.13 -2.54
CA TYR O 73 6.14 -57.90 -1.12
C TYR O 73 6.57 -59.07 -0.24
N LEU O 74 6.91 -58.75 1.00
CA LEU O 74 7.32 -59.76 1.97
C LEU O 74 6.18 -60.00 2.95
N ALA O 75 5.66 -61.22 2.91
CA ALA O 75 4.57 -61.64 3.79
C ALA O 75 5.15 -62.45 4.94
N LYS O 76 4.69 -62.16 6.15
CA LYS O 76 5.14 -62.89 7.34
C LYS O 76 3.99 -63.71 7.87
N MET O 77 3.87 -64.96 7.42
CA MET O 77 2.81 -65.83 7.90
C MET O 77 3.24 -66.43 9.25
N LYS O 78 2.45 -66.20 10.29
CA LYS O 78 2.74 -66.73 11.63
C LYS O 78 1.88 -68.02 11.84
N GLU O 79 1.89 -68.58 13.06
CA GLU O 79 1.13 -69.81 13.36
C GLU O 79 -0.32 -69.74 12.87
N MET O 80 -0.78 -70.86 12.31
CA MET O 80 -2.13 -70.98 11.73
C MET O 80 -2.51 -69.72 10.98
N SER O 81 -1.86 -69.52 9.84
CA SER O 81 -2.14 -68.35 8.99
C SER O 81 -2.66 -68.84 7.65
N SER O 82 -3.26 -67.95 6.88
CA SER O 82 -3.83 -68.34 5.60
C SER O 82 -3.64 -67.30 4.49
N SER O 83 -3.28 -67.78 3.31
CA SER O 83 -3.07 -66.91 2.16
C SER O 83 -4.36 -66.21 1.78
N GLY O 84 -4.30 -65.46 0.69
CA GLY O 84 -5.45 -64.72 0.15
C GLY O 84 -5.37 -64.78 -1.37
N LEU O 85 -6.52 -64.88 -2.03
CA LEU O 85 -6.56 -64.95 -3.49
C LEU O 85 -6.27 -63.61 -4.16
N PRO O 86 -5.36 -63.60 -5.13
CA PRO O 86 -5.04 -62.34 -5.79
C PRO O 86 -6.18 -61.96 -6.72
N PRO O 87 -6.21 -60.70 -7.19
CA PRO O 87 -7.28 -60.26 -8.09
C PRO O 87 -7.26 -61.11 -9.35
N GLN O 88 -8.34 -61.05 -10.11
CA GLN O 88 -8.44 -61.80 -11.36
C GLN O 88 -7.27 -61.59 -12.31
N ASP O 89 -6.92 -62.63 -13.05
CA ASP O 89 -5.83 -62.59 -14.02
C ASP O 89 -4.49 -62.06 -13.52
N ILE O 90 -4.24 -62.25 -12.23
CA ILE O 90 -2.98 -61.81 -11.66
C ILE O 90 -2.14 -63.04 -11.41
N GLU O 91 -1.02 -63.15 -12.13
CA GLU O 91 -0.12 -64.27 -11.93
C GLU O 91 0.70 -64.01 -10.66
N ARG O 92 0.97 -65.08 -9.91
CA ARG O 92 1.72 -64.98 -8.68
C ARG O 92 2.83 -66.03 -8.60
N LEU O 93 3.81 -65.76 -7.75
CA LEU O 93 4.94 -66.66 -7.52
C LEU O 93 5.30 -66.45 -6.06
N ILE O 94 5.78 -67.51 -5.41
CA ILE O 94 6.17 -67.42 -4.01
C ILE O 94 7.56 -68.01 -3.82
N PHE O 95 8.16 -67.72 -2.67
CA PHE O 95 9.49 -68.20 -2.38
C PHE O 95 9.67 -68.12 -0.87
N VAL O 96 10.05 -69.23 -0.27
CA VAL O 96 10.23 -69.30 1.17
C VAL O 96 11.62 -68.83 1.58
N VAL O 97 11.66 -67.97 2.61
CA VAL O 97 12.90 -67.40 3.15
C VAL O 97 13.07 -67.83 4.60
N GLU O 98 11.96 -68.17 5.23
CA GLU O 98 12.03 -68.60 6.62
C GLU O 98 10.89 -69.59 6.84
N GLY O 99 11.17 -70.57 7.70
CA GLY O 99 10.19 -71.57 8.06
C GLY O 99 9.69 -72.48 6.96
N ALA O 100 8.40 -72.81 7.05
CA ALA O 100 7.76 -73.69 6.08
C ALA O 100 6.27 -73.40 5.97
N VAL O 101 5.68 -73.86 4.88
CA VAL O 101 4.26 -73.65 4.60
C VAL O 101 3.78 -74.71 3.60
N THR O 102 2.47 -74.92 3.52
CA THR O 102 1.93 -75.94 2.62
C THR O 102 1.05 -75.36 1.53
N LEU O 103 1.27 -75.85 0.31
CA LEU O 103 0.51 -75.42 -0.88
C LEU O 103 -0.53 -76.47 -1.31
N THR O 104 -1.82 -76.12 -1.25
CA THR O 104 -2.87 -77.04 -1.66
C THR O 104 -3.50 -76.50 -2.95
N ASN O 105 -3.95 -77.40 -3.83
CA ASN O 105 -4.57 -76.97 -5.10
C ASN O 105 -6.09 -77.11 -5.05
N SER O 108 -2.98 -81.83 -9.69
CA SER O 108 -3.37 -81.43 -8.34
C SER O 108 -2.43 -82.07 -7.31
N SER O 109 -2.99 -82.36 -6.13
CA SER O 109 -2.25 -82.97 -5.01
C SER O 109 -1.66 -81.80 -4.23
N SER O 110 -1.34 -82.01 -2.94
CA SER O 110 -0.77 -80.96 -2.10
C SER O 110 0.71 -81.21 -1.91
N LYS O 111 1.45 -80.14 -1.62
CA LYS O 111 2.90 -80.23 -1.44
C LYS O 111 3.38 -79.37 -0.26
N LYS O 112 4.47 -79.82 0.37
CA LYS O 112 5.09 -79.14 1.52
C LYS O 112 6.06 -78.07 0.97
N LEU O 113 6.30 -77.02 1.74
CA LEU O 113 7.18 -75.96 1.28
C LEU O 113 8.20 -75.55 2.34
N THR O 114 9.47 -75.67 1.97
CA THR O 114 10.58 -75.34 2.86
C THR O 114 11.61 -74.40 2.25
N VAL O 115 12.14 -73.52 3.10
CA VAL O 115 13.16 -72.54 2.72
C VAL O 115 13.85 -72.88 1.39
N ASP O 116 13.40 -72.22 0.31
CA ASP O 116 13.95 -72.37 -1.05
C ASP O 116 12.97 -73.03 -2.01
N SER O 117 11.77 -73.32 -1.52
CA SER O 117 10.76 -73.94 -2.37
C SER O 117 9.89 -72.83 -2.94
N TYR O 118 9.56 -72.94 -4.22
CA TYR O 118 8.74 -71.93 -4.87
C TYR O 118 7.59 -72.48 -5.71
N ALA O 119 6.64 -71.61 -6.02
CA ALA O 119 5.52 -72.01 -6.83
C ALA O 119 4.97 -70.87 -7.67
N TYR O 120 5.00 -71.05 -8.98
CA TYR O 120 4.43 -70.06 -9.88
C TYR O 120 2.95 -70.47 -9.93
N LEU O 121 2.04 -69.52 -9.83
CA LEU O 121 0.62 -69.85 -9.85
C LEU O 121 -0.11 -69.09 -10.97
N PRO O 122 -0.36 -69.76 -12.09
CA PRO O 122 -1.04 -69.19 -13.25
C PRO O 122 -2.20 -68.25 -12.88
N PRO O 123 -2.50 -67.27 -13.75
CA PRO O 123 -3.58 -66.32 -13.49
C PRO O 123 -4.88 -67.13 -13.45
N ASN O 124 -5.65 -66.96 -12.37
CA ASN O 124 -6.93 -67.66 -12.19
C ASN O 124 -6.75 -69.08 -11.62
N PHE O 125 -5.51 -69.58 -11.63
CA PHE O 125 -5.21 -70.92 -11.11
C PHE O 125 -5.43 -70.96 -9.60
N HIS O 126 -6.60 -71.44 -9.19
CA HIS O 126 -6.92 -71.50 -7.77
C HIS O 126 -5.82 -72.24 -7.03
N HIS O 127 -5.67 -71.90 -5.76
CA HIS O 127 -4.66 -72.49 -4.92
C HIS O 127 -4.78 -71.81 -3.58
N SER O 128 -4.02 -72.28 -2.60
CA SER O 128 -3.99 -71.68 -1.27
C SER O 128 -2.79 -72.16 -0.49
N LEU O 129 -2.30 -71.30 0.40
CA LEU O 129 -1.15 -71.59 1.26
C LEU O 129 -1.68 -71.56 2.68
N ASP O 130 -1.13 -72.42 3.52
CA ASP O 130 -1.56 -72.50 4.89
C ASP O 130 -0.32 -72.78 5.69
N CYS O 131 -0.23 -72.12 6.84
CA CYS O 131 0.93 -72.25 7.69
C CYS O 131 0.55 -72.60 9.13
N VAL O 132 1.28 -73.54 9.71
CA VAL O 132 1.06 -74.00 11.08
C VAL O 132 1.99 -73.27 12.04
N GLU O 133 2.96 -72.55 11.49
CA GLU O 133 3.89 -71.81 12.34
C GLU O 133 4.65 -70.68 11.65
N SER O 134 5.97 -70.68 11.88
CA SER O 134 6.84 -69.65 11.34
C SER O 134 7.01 -69.72 9.81
N ALA O 135 6.71 -68.60 9.17
CA ALA O 135 6.84 -68.47 7.71
C ALA O 135 7.24 -67.05 7.37
N THR O 136 7.88 -66.91 6.21
CA THR O 136 8.34 -65.63 5.70
C THR O 136 8.48 -65.82 4.20
N LEU O 137 7.65 -65.11 3.45
CA LEU O 137 7.71 -65.22 2.00
C LEU O 137 8.03 -63.92 1.28
N VAL O 138 8.53 -64.09 0.07
CA VAL O 138 8.85 -63.00 -0.80
C VAL O 138 8.03 -63.38 -2.02
N VAL O 139 7.07 -62.54 -2.40
CA VAL O 139 6.22 -62.86 -3.53
C VAL O 139 6.10 -61.76 -4.58
N PHE O 140 5.99 -62.20 -5.84
CA PHE O 140 5.84 -61.34 -7.01
C PHE O 140 4.44 -61.59 -7.61
N GLU O 141 3.83 -60.55 -8.18
CA GLU O 141 2.50 -60.67 -8.80
C GLU O 141 2.40 -59.67 -9.95
N ARG O 142 1.63 -60.02 -10.97
CA ARG O 142 1.49 -59.17 -12.15
C ARG O 142 0.24 -59.52 -12.98
N ARG O 143 -0.27 -58.57 -13.74
CA ARG O 143 -1.44 -58.86 -14.57
C ARG O 143 -0.92 -59.59 -15.78
N TYR O 144 -1.22 -60.88 -15.87
CA TYR O 144 -0.73 -61.70 -16.97
C TYR O 144 -1.01 -61.01 -18.29
N GLU O 145 -0.06 -61.13 -19.20
CA GLU O 145 -0.20 -60.53 -20.52
C GLU O 145 -0.44 -61.65 -21.51
N TYR O 146 -1.72 -62.01 -21.64
CA TYR O 146 -2.14 -63.08 -22.55
C TYR O 146 -1.52 -62.99 -23.92
N LEU O 147 -0.93 -64.09 -24.36
CA LEU O 147 -0.30 -64.15 -25.67
C LEU O 147 -0.91 -65.25 -26.54
N GLY O 148 -1.32 -64.87 -27.75
CA GLY O 148 -1.94 -65.82 -28.64
C GLY O 148 -2.89 -66.72 -27.87
N SER O 149 -2.58 -68.00 -27.90
CA SER O 149 -3.37 -69.03 -27.23
C SER O 149 -2.67 -69.57 -26.00
N HIS O 150 -1.38 -69.25 -25.87
CA HIS O 150 -0.54 -69.71 -24.77
C HIS O 150 -1.12 -69.58 -23.37
N THR O 151 -0.53 -70.34 -22.45
CA THR O 151 -0.95 -70.33 -21.06
C THR O 151 0.16 -70.89 -20.18
N THR O 152 0.06 -70.59 -18.89
CA THR O 152 1.03 -71.04 -17.90
C THR O 152 0.45 -72.16 -17.04
N GLU O 153 1.35 -72.94 -16.42
CA GLU O 153 0.93 -74.06 -15.58
C GLU O 153 1.68 -74.15 -14.26
N LEU O 154 0.96 -74.51 -13.19
CA LEU O 154 1.54 -74.65 -11.85
C LEU O 154 2.98 -75.09 -11.88
N ILE O 155 3.81 -74.41 -11.09
CA ILE O 155 5.24 -74.72 -11.01
C ILE O 155 5.63 -74.90 -9.55
N VAL O 156 6.44 -75.92 -9.27
CA VAL O 156 6.86 -76.18 -7.91
C VAL O 156 8.33 -76.66 -7.92
N GLY O 157 9.12 -76.23 -6.93
CA GLY O 157 10.51 -76.64 -6.89
C GLY O 157 11.41 -75.89 -5.94
N SER O 158 12.72 -76.10 -6.09
CA SER O 158 13.68 -75.42 -5.24
C SER O 158 15.00 -75.14 -5.97
N THR O 159 15.48 -73.93 -5.79
CA THR O 159 16.74 -73.46 -6.39
C THR O 159 17.73 -74.60 -6.57
N ASP O 160 18.16 -75.15 -5.43
CA ASP O 160 19.12 -76.25 -5.36
C ASP O 160 18.90 -77.32 -6.41
N LYS O 161 17.63 -77.60 -6.70
CA LYS O 161 17.23 -78.62 -7.67
C LYS O 161 17.36 -78.15 -9.12
N GLN O 162 17.34 -76.82 -9.32
CA GLN O 162 17.45 -76.22 -10.66
C GLN O 162 18.86 -76.18 -11.21
N PRO O 163 19.03 -76.58 -12.48
CA PRO O 163 20.33 -76.61 -13.15
C PRO O 163 21.06 -75.27 -13.34
N LEU O 164 22.38 -75.34 -13.21
CA LEU O 164 23.27 -74.20 -13.39
C LEU O 164 23.33 -73.97 -14.90
N LEU O 165 23.11 -72.75 -15.35
CA LEU O 165 23.13 -72.48 -16.78
C LEU O 165 24.33 -71.65 -17.24
N GLU O 166 24.64 -71.81 -18.53
CA GLU O 166 25.74 -71.11 -19.18
C GLU O 166 25.63 -69.57 -18.93
N THR O 167 26.77 -68.93 -18.77
CA THR O 167 26.81 -67.48 -18.52
C THR O 167 27.80 -66.88 -19.53
N PRO O 168 27.49 -66.95 -20.82
CA PRO O 168 28.42 -66.39 -21.81
C PRO O 168 28.79 -64.95 -21.47
N GLY O 169 30.08 -64.69 -21.31
CA GLY O 169 30.54 -63.36 -20.98
C GLY O 169 30.80 -63.22 -19.49
N GLU O 170 29.79 -63.51 -18.67
CA GLU O 170 29.94 -63.40 -17.22
C GLU O 170 30.67 -64.56 -16.58
N VAL O 171 30.69 -64.59 -15.25
CA VAL O 171 31.38 -65.64 -14.48
C VAL O 171 30.60 -65.98 -13.22
N PHE O 172 29.38 -65.49 -13.12
CA PHE O 172 28.59 -65.80 -11.94
C PHE O 172 27.85 -67.11 -12.20
N GLU O 173 27.16 -67.61 -11.18
CA GLU O 173 26.40 -68.85 -11.31
C GLU O 173 24.91 -68.57 -11.45
N LEU O 174 24.35 -68.96 -12.58
CA LEU O 174 22.94 -68.71 -12.87
C LEU O 174 22.02 -69.92 -12.69
N ARG O 175 20.77 -69.64 -12.38
CA ARG O 175 19.74 -70.66 -12.19
C ARG O 175 18.38 -70.01 -12.42
N LYS O 176 17.55 -70.62 -13.27
CA LYS O 176 16.23 -70.04 -13.60
C LYS O 176 15.06 -70.88 -13.02
N LEU O 177 14.33 -70.31 -12.07
CA LEU O 177 13.23 -71.01 -11.41
C LEU O 177 12.04 -71.39 -12.28
N LEU O 178 11.88 -70.75 -13.42
CA LEU O 178 10.74 -71.07 -14.25
C LEU O 178 11.13 -71.42 -15.68
N PRO O 179 10.23 -72.10 -16.40
CA PRO O 179 10.54 -72.47 -17.77
C PRO O 179 10.80 -71.23 -18.62
N MET O 180 11.66 -71.37 -19.62
CA MET O 180 11.98 -70.28 -20.53
C MET O 180 10.94 -70.33 -21.65
N SER O 181 9.87 -71.08 -21.44
CA SER O 181 8.82 -71.21 -22.43
C SER O 181 8.22 -69.87 -22.78
N VAL O 182 8.07 -69.64 -24.08
CA VAL O 182 7.51 -68.41 -24.62
C VAL O 182 6.28 -67.97 -23.82
N ALA O 183 5.58 -68.94 -23.24
CA ALA O 183 4.37 -68.68 -22.51
C ALA O 183 4.56 -67.85 -21.24
N TYR O 184 5.66 -68.06 -20.55
CA TYR O 184 5.93 -67.34 -19.32
C TYR O 184 6.40 -65.91 -19.62
N ASP O 185 5.80 -64.91 -18.97
CA ASP O 185 6.21 -63.51 -19.24
C ASP O 185 7.25 -62.93 -18.27
N PHE O 186 7.71 -63.76 -17.34
CA PHE O 186 8.75 -63.35 -16.38
C PHE O 186 9.46 -64.61 -15.88
N ASN O 187 10.63 -64.45 -15.30
CA ASN O 187 11.42 -65.57 -14.79
C ASN O 187 11.91 -65.17 -13.42
N ILE O 188 12.73 -66.01 -12.78
CA ILE O 188 13.25 -65.66 -11.47
C ILE O 188 14.63 -66.26 -11.30
N HIS O 189 15.59 -65.70 -12.03
CA HIS O 189 16.98 -66.17 -11.99
C HIS O 189 17.55 -66.06 -10.57
N THR O 190 18.68 -66.73 -10.36
CA THR O 190 19.39 -66.69 -9.10
C THR O 190 20.86 -66.54 -9.49
N MET O 191 21.45 -65.42 -9.06
CA MET O 191 22.83 -65.09 -9.36
C MET O 191 23.77 -65.40 -8.20
N ASP O 192 24.83 -66.15 -8.49
CA ASP O 192 25.80 -66.52 -7.47
C ASP O 192 27.17 -65.91 -7.77
N PHE O 193 27.71 -65.17 -6.79
CA PHE O 193 29.00 -64.51 -6.93
C PHE O 193 29.95 -64.88 -5.81
N GLN O 194 31.18 -65.25 -6.16
CA GLN O 194 32.18 -65.57 -5.15
C GLN O 194 32.91 -64.27 -4.82
N PRO O 195 33.30 -64.08 -3.55
CA PRO O 195 34.00 -62.86 -3.15
C PRO O 195 35.02 -62.45 -4.19
N GLY O 196 34.83 -61.29 -4.80
CA GLY O 196 35.75 -60.79 -5.80
C GLY O 196 35.19 -60.71 -7.21
N GLU O 197 34.11 -61.44 -7.45
CA GLU O 197 33.48 -61.44 -8.76
C GLU O 197 32.53 -60.26 -8.97
N PHE O 198 32.27 -59.95 -10.23
CA PHE O 198 31.38 -58.84 -10.56
C PHE O 198 31.00 -58.99 -12.01
N LEU O 199 29.85 -58.42 -12.37
CA LEU O 199 29.35 -58.46 -13.74
C LEU O 199 30.32 -57.76 -14.70
N ASN O 200 30.34 -58.20 -15.95
CA ASN O 200 31.22 -57.62 -16.96
C ASN O 200 30.48 -56.58 -17.76
N VAL O 201 29.34 -56.97 -18.30
CA VAL O 201 28.53 -56.05 -19.09
C VAL O 201 27.81 -55.12 -18.13
N LYS O 202 28.08 -53.82 -18.25
CA LYS O 202 27.42 -52.85 -17.37
C LYS O 202 26.03 -52.59 -17.96
N GLU O 203 25.19 -53.60 -17.79
CA GLU O 203 23.82 -53.64 -18.28
C GLU O 203 22.98 -52.36 -18.39
N VAL O 204 22.29 -52.28 -19.51
CA VAL O 204 21.37 -51.20 -19.88
C VAL O 204 20.38 -51.88 -20.86
N HIS O 205 19.23 -52.31 -20.35
CA HIS O 205 18.23 -53.00 -21.17
C HIS O 205 16.80 -52.60 -20.79
N TYR O 206 15.83 -52.95 -21.63
CA TYR O 206 14.44 -52.61 -21.35
C TYR O 206 13.87 -53.47 -20.23
N ASN O 207 14.51 -54.57 -19.93
CA ASN O 207 14.02 -55.45 -18.89
C ASN O 207 14.07 -54.68 -17.58
N GLN O 208 13.06 -54.87 -16.74
CA GLN O 208 13.03 -54.21 -15.46
C GLN O 208 13.37 -55.26 -14.40
N HIS O 209 13.80 -54.82 -13.22
CA HIS O 209 14.20 -55.73 -12.16
C HIS O 209 13.65 -55.44 -10.77
N GLY O 210 13.78 -56.46 -9.93
CA GLY O 210 13.35 -56.37 -8.53
C GLY O 210 14.14 -57.50 -7.89
N LEU O 211 14.96 -57.19 -6.88
CA LEU O 211 15.74 -58.25 -6.27
C LEU O 211 15.82 -58.18 -4.75
N LEU O 212 16.37 -59.26 -4.18
CA LEU O 212 16.55 -59.38 -2.75
C LEU O 212 17.89 -60.10 -2.61
N LEU O 213 18.71 -59.67 -1.65
CA LEU O 213 20.00 -60.32 -1.47
C LEU O 213 19.82 -61.40 -0.42
N LEU O 214 19.63 -62.63 -0.89
CA LEU O 214 19.42 -63.81 -0.05
C LEU O 214 20.50 -64.07 0.99
N GLU O 215 21.76 -63.83 0.62
CA GLU O 215 22.88 -64.02 1.54
C GLU O 215 24.07 -63.31 0.95
N GLY O 216 24.96 -62.80 1.81
CA GLY O 216 26.16 -62.14 1.33
C GLY O 216 26.24 -60.63 1.45
N GLN O 217 27.10 -60.04 0.62
CA GLN O 217 27.30 -58.59 0.61
C GLN O 217 28.15 -58.12 -0.56
N GLY O 218 28.03 -56.83 -0.87
CA GLY O 218 28.80 -56.25 -1.95
C GLY O 218 28.46 -54.80 -2.24
N ILE O 219 28.74 -54.39 -3.47
CA ILE O 219 28.44 -53.03 -3.89
C ILE O 219 27.71 -53.02 -5.23
N TYR O 220 26.48 -52.49 -5.21
CA TYR O 220 25.68 -52.42 -6.41
C TYR O 220 25.78 -51.02 -7.01
N ARG O 221 25.74 -50.94 -8.33
CA ARG O 221 25.78 -49.65 -9.00
C ARG O 221 24.49 -49.45 -9.80
N LEU O 222 23.81 -48.36 -9.50
CA LEU O 222 22.57 -47.99 -10.15
C LEU O 222 22.74 -46.55 -10.60
N GLY O 223 22.75 -46.33 -11.91
CA GLY O 223 22.94 -44.99 -12.42
C GLY O 223 24.36 -44.55 -12.11
N ASP O 224 24.49 -43.39 -11.46
CA ASP O 224 25.81 -42.90 -11.09
C ASP O 224 25.94 -43.07 -9.59
N ASN O 225 25.00 -43.83 -9.01
CA ASN O 225 24.99 -44.08 -7.58
C ASN O 225 25.71 -45.40 -7.24
N TRP O 226 26.20 -45.50 -6.01
CA TRP O 226 26.90 -46.70 -5.55
C TRP O 226 26.52 -47.00 -4.10
N TYR O 227 26.01 -48.20 -3.85
CA TYR O 227 25.59 -48.57 -2.51
C TYR O 227 26.21 -49.87 -1.94
N PRO O 228 26.65 -49.83 -0.65
CA PRO O 228 27.26 -50.99 0.03
C PRO O 228 26.10 -51.84 0.58
N VAL O 229 25.64 -52.81 -0.21
CA VAL O 229 24.52 -53.66 0.20
C VAL O 229 24.86 -54.97 0.94
N GLN O 230 23.97 -55.33 1.87
CA GLN O 230 24.10 -56.54 2.69
C GLN O 230 22.89 -57.45 2.49
N ALA O 231 22.99 -58.72 2.91
CA ALA O 231 21.85 -59.65 2.75
C ALA O 231 20.59 -59.03 3.38
N GLY O 232 19.46 -59.17 2.70
CA GLY O 232 18.21 -58.62 3.21
C GLY O 232 17.76 -57.39 2.42
N ASP O 233 18.72 -56.55 2.06
CA ASP O 233 18.43 -55.35 1.28
C ASP O 233 17.72 -55.71 -0.03
N VAL O 234 16.85 -54.81 -0.48
CA VAL O 234 16.08 -55.02 -1.71
C VAL O 234 16.36 -53.93 -2.74
N ILE O 235 16.21 -54.26 -4.02
CA ILE O 235 16.49 -53.27 -5.06
C ILE O 235 15.51 -53.25 -6.22
N TRP O 236 15.01 -52.06 -6.52
CA TRP O 236 14.07 -51.86 -7.62
C TRP O 236 14.90 -51.31 -8.75
N MET O 237 14.91 -52.02 -9.88
CA MET O 237 15.66 -51.59 -11.04
C MET O 237 14.69 -51.28 -12.18
N ALA O 238 14.51 -50.01 -12.47
CA ALA O 238 13.61 -49.61 -13.55
C ALA O 238 14.29 -49.86 -14.89
N PRO O 239 13.50 -50.01 -15.96
CA PRO O 239 13.98 -50.25 -17.33
C PRO O 239 15.07 -49.27 -17.76
N PHE O 240 16.18 -49.79 -18.26
CA PHE O 240 17.29 -48.96 -18.73
C PHE O 240 18.22 -48.33 -17.71
N VAL O 241 18.03 -48.61 -16.43
CA VAL O 241 18.94 -48.04 -15.44
C VAL O 241 20.22 -48.86 -15.49
N PRO O 242 21.36 -48.17 -15.63
CA PRO O 242 22.66 -48.87 -15.69
C PRO O 242 22.82 -49.71 -14.43
N GLN O 243 23.28 -50.95 -14.59
CA GLN O 243 23.45 -51.81 -13.43
C GLN O 243 24.79 -52.55 -13.31
N TRP O 244 25.15 -52.86 -12.07
CA TRP O 244 26.40 -53.55 -11.79
C TRP O 244 26.51 -54.02 -10.34
N TYR O 245 27.22 -55.13 -10.15
CA TYR O 245 27.44 -55.70 -8.83
C TYR O 245 28.82 -56.37 -8.66
N ALA O 246 29.34 -56.30 -7.45
CA ALA O 246 30.61 -56.92 -7.10
C ALA O 246 30.44 -57.49 -5.68
N ALA O 247 30.87 -58.74 -5.48
CA ALA O 247 30.75 -59.43 -4.19
C ALA O 247 31.91 -59.16 -3.22
N LEU O 248 31.63 -59.09 -1.93
CA LEU O 248 32.68 -58.80 -0.96
C LEU O 248 32.68 -59.63 0.32
N GLY O 249 33.86 -59.74 0.92
CA GLY O 249 34.01 -60.48 2.17
C GLY O 249 34.41 -61.95 2.05
N LYS O 250 34.02 -62.72 3.08
CA LYS O 250 34.32 -64.13 3.17
C LYS O 250 33.24 -65.02 2.52
N THR O 251 32.00 -64.88 2.97
CA THR O 251 30.91 -65.66 2.40
C THR O 251 30.72 -65.32 0.92
N ARG O 252 29.72 -65.93 0.29
CA ARG O 252 29.43 -65.65 -1.13
C ARG O 252 28.24 -64.71 -1.19
N SER O 253 27.71 -64.53 -2.39
CA SER O 253 26.56 -63.68 -2.61
C SER O 253 25.50 -64.42 -3.42
N ARG O 254 24.24 -64.24 -3.02
CA ARG O 254 23.10 -64.85 -3.69
C ARG O 254 21.97 -63.83 -3.67
N TYR O 255 21.49 -63.46 -4.86
CA TYR O 255 20.37 -62.54 -4.91
C TYR O 255 19.30 -63.11 -5.84
N LEU O 256 18.04 -62.91 -5.46
CA LEU O 256 16.87 -63.38 -6.20
C LEU O 256 16.43 -62.26 -7.15
N LEU O 257 16.38 -62.55 -8.45
CA LEU O 257 16.04 -61.53 -9.45
C LEU O 257 14.80 -61.70 -10.36
N TYR O 258 13.88 -60.75 -10.28
CA TYR O 258 12.68 -60.79 -11.12
C TYR O 258 13.10 -60.27 -12.49
N LYS O 259 12.52 -60.80 -13.55
CA LYS O 259 12.87 -60.36 -14.89
C LYS O 259 11.82 -60.69 -15.95
N ASP O 260 11.19 -59.65 -16.49
CA ASP O 260 10.17 -59.82 -17.52
C ASP O 260 10.77 -60.29 -18.84
N VAL O 261 10.11 -61.24 -19.50
CA VAL O 261 10.63 -61.77 -20.75
C VAL O 261 9.53 -62.22 -21.72
N ASN O 262 9.97 -62.87 -22.79
CA ASN O 262 9.08 -63.41 -23.79
C ASN O 262 7.94 -62.49 -24.26
N ARG O 263 8.18 -61.18 -24.19
CA ARG O 263 7.20 -60.18 -24.61
C ARG O 263 7.82 -58.98 -25.35
N ASN O 264 7.24 -58.67 -26.51
CA ASN O 264 7.67 -57.57 -27.36
C ASN O 264 7.72 -56.26 -26.57
N PRO O 265 8.88 -55.56 -26.61
CA PRO O 265 9.19 -54.28 -25.94
C PRO O 265 8.36 -53.07 -26.38
N LEU O 266 7.72 -53.16 -27.53
CA LEU O 266 6.87 -52.06 -28.01
C LEU O 266 5.72 -51.94 -27.01
N PRO P 7 25.69 -47.12 33.51
CA PRO P 7 27.14 -46.75 33.61
C PRO P 7 27.37 -45.39 32.91
N ILE P 8 27.67 -44.35 33.69
CA ILE P 8 27.90 -42.99 33.17
C ILE P 8 28.56 -42.96 31.79
N TYR P 9 28.23 -41.96 30.98
CA TYR P 9 28.81 -41.82 29.63
C TYR P 9 29.03 -43.20 29.01
N TRP P 10 28.06 -44.09 29.13
CA TRP P 10 28.24 -45.43 28.56
C TRP P 10 28.13 -45.50 27.05
N LYS P 11 26.96 -45.15 26.51
CA LYS P 11 26.78 -45.19 25.07
C LYS P 11 27.90 -44.39 24.36
N ALA P 12 28.47 -43.44 25.08
CA ALA P 12 29.56 -42.60 24.56
C ALA P 12 30.83 -43.39 24.24
N THR P 13 30.95 -44.59 24.81
CA THR P 13 32.12 -45.45 24.60
C THR P 13 31.67 -46.78 23.99
N ASN P 14 30.36 -46.99 23.94
CA ASN P 14 29.79 -48.21 23.37
C ASN P 14 28.48 -47.75 22.73
N PRO P 15 28.60 -46.97 21.63
CA PRO P 15 27.48 -46.42 20.86
C PRO P 15 26.49 -47.43 20.32
N THR P 16 25.21 -47.05 20.38
CA THR P 16 24.11 -47.88 19.91
C THR P 16 24.39 -48.42 18.51
N LEU P 17 25.27 -47.75 17.78
CA LEU P 17 25.68 -48.20 16.44
C LEU P 17 27.20 -48.36 16.51
N SER P 18 27.63 -49.59 16.84
CA SER P 18 29.04 -49.91 16.95
C SER P 18 29.63 -50.14 15.57
N PRO P 19 30.94 -49.90 15.42
CA PRO P 19 31.56 -50.10 14.11
C PRO P 19 31.21 -51.47 13.54
N SER P 20 31.32 -52.50 14.38
CA SER P 20 31.06 -53.88 13.97
C SER P 20 29.66 -54.18 13.41
N HIS P 21 28.66 -53.38 13.78
CA HIS P 21 27.31 -53.59 13.25
C HIS P 21 27.35 -53.37 11.72
N LEU P 22 28.38 -52.67 11.26
CA LEU P 22 28.54 -52.32 9.85
C LEU P 22 29.52 -53.26 9.14
N GLN P 23 29.91 -54.33 9.82
CA GLN P 23 30.83 -55.29 9.23
C GLN P 23 30.33 -55.97 7.96
N ASP P 24 29.03 -55.87 7.67
CA ASP P 24 28.45 -56.48 6.47
C ASP P 24 28.13 -55.45 5.39
N LEU P 25 28.60 -54.22 5.61
CA LEU P 25 28.40 -53.13 4.67
C LEU P 25 29.75 -52.51 4.33
N PRO P 26 30.41 -53.02 3.28
CA PRO P 26 31.71 -52.55 2.81
C PRO P 26 31.79 -51.05 2.55
N GLY P 27 32.78 -50.39 3.15
CA GLY P 27 32.99 -48.96 2.96
C GLY P 27 31.94 -48.03 3.53
N PHE P 28 30.82 -48.57 3.98
CA PHE P 28 29.78 -47.72 4.53
C PHE P 28 30.30 -46.89 5.71
N THR P 29 29.94 -45.60 5.72
CA THR P 29 30.32 -44.72 6.80
C THR P 29 29.30 -43.60 6.92
N ARG P 30 29.32 -42.93 8.06
CA ARG P 30 28.41 -41.84 8.36
C ARG P 30 29.27 -40.59 8.48
N SER P 31 30.58 -40.80 8.47
CA SER P 31 31.55 -39.74 8.62
C SER P 31 31.72 -38.89 7.36
N VAL P 32 31.70 -37.58 7.56
CA VAL P 32 31.86 -36.62 6.48
C VAL P 32 32.85 -35.54 6.92
N TYR P 33 33.69 -35.10 5.99
CA TYR P 33 34.63 -34.04 6.28
C TYR P 33 34.47 -33.10 5.10
N LYS P 34 33.99 -31.89 5.37
CA LYS P 34 33.76 -30.90 4.32
C LYS P 34 34.52 -29.58 4.53
N ARG P 35 34.40 -28.69 3.54
CA ARG P 35 35.06 -27.40 3.56
C ARG P 35 35.02 -26.65 4.90
N ASP P 36 33.88 -26.71 5.59
CA ASP P 36 33.75 -25.98 6.85
C ASP P 36 33.22 -26.73 8.07
N HIS P 37 33.21 -28.05 8.02
CA HIS P 37 32.71 -28.82 9.16
C HIS P 37 32.96 -30.31 8.91
N ALA P 38 32.80 -31.11 9.96
CA ALA P 38 32.99 -32.55 9.83
C ALA P 38 32.23 -33.35 10.88
N LEU P 39 31.71 -34.50 10.45
CA LEU P 39 31.01 -35.41 11.35
C LEU P 39 31.91 -36.64 11.45
N ILE P 40 32.68 -36.72 12.54
CA ILE P 40 33.58 -37.84 12.75
C ILE P 40 32.88 -38.87 13.63
N THR P 41 32.63 -40.04 13.06
CA THR P 41 31.94 -41.10 13.78
C THR P 41 32.82 -42.33 14.02
N PRO P 42 32.62 -43.02 15.16
CA PRO P 42 33.34 -44.22 15.62
C PRO P 42 33.90 -45.18 14.56
N GLU P 43 33.03 -45.71 13.69
CA GLU P 43 33.47 -46.63 12.65
C GLU P 43 34.67 -46.05 11.85
N SER P 44 34.90 -44.75 11.96
CA SER P 44 36.01 -44.11 11.24
C SER P 44 37.25 -43.82 12.07
N HIS P 45 37.13 -43.93 13.40
CA HIS P 45 38.29 -43.67 14.28
C HIS P 45 39.51 -44.49 13.90
N VAL P 46 40.67 -43.84 13.93
CA VAL P 46 41.93 -44.49 13.60
C VAL P 46 42.92 -44.35 14.74
N TYR P 47 43.15 -45.45 15.45
CA TYR P 47 44.06 -45.48 16.60
C TYR P 47 45.50 -45.91 16.33
N SER P 48 46.41 -45.35 17.13
CA SER P 48 47.84 -45.63 17.04
C SER P 48 48.47 -45.06 18.30
N PRO P 49 49.45 -45.76 18.89
CA PRO P 49 50.15 -45.32 20.11
C PRO P 49 50.48 -43.83 20.13
N LEU P 50 50.55 -43.25 21.33
CA LEU P 50 50.86 -41.83 21.47
C LEU P 50 52.31 -41.60 21.77
N PRO P 51 53.02 -40.88 20.88
CA PRO P 51 54.44 -40.62 21.08
C PRO P 51 54.74 -40.07 22.47
N ASP P 52 55.71 -40.70 23.13
CA ASP P 52 56.15 -40.30 24.47
C ASP P 52 55.19 -40.87 25.53
N TRP P 53 53.96 -41.16 25.12
CA TRP P 53 52.94 -41.72 26.00
C TRP P 53 53.14 -43.23 26.14
N THR P 54 53.51 -43.68 27.32
CA THR P 54 53.71 -45.12 27.51
C THR P 54 52.37 -45.84 27.40
N ASN P 55 52.37 -46.91 26.62
CA ASN P 55 51.18 -47.72 26.40
C ASN P 55 49.88 -46.93 26.61
N THR P 56 49.41 -46.33 25.52
CA THR P 56 48.17 -45.56 25.49
C THR P 56 47.90 -45.15 24.04
N LEU P 57 46.93 -45.82 23.42
CA LEU P 57 46.57 -45.52 22.04
C LEU P 57 45.91 -44.16 21.89
N GLY P 58 46.24 -43.48 20.80
CA GLY P 58 45.66 -42.18 20.53
C GLY P 58 45.13 -42.12 19.11
N ALA P 59 44.01 -41.43 18.94
CA ALA P 59 43.40 -41.29 17.62
C ALA P 59 42.88 -39.86 17.48
N TYR P 60 43.57 -39.06 16.68
CA TYR P 60 43.19 -37.67 16.46
C TYR P 60 41.93 -37.54 15.63
N LEU P 61 41.04 -36.64 16.06
CA LEU P 61 39.78 -36.39 15.36
C LEU P 61 39.88 -35.04 14.61
N ILE P 62 40.61 -34.08 15.19
CA ILE P 62 40.77 -32.78 14.54
C ILE P 62 42.15 -32.18 14.77
N THR P 63 42.84 -31.81 13.69
CA THR P 63 44.17 -31.20 13.75
C THR P 63 44.17 -29.94 12.89
N PRO P 64 45.13 -29.03 13.10
CA PRO P 64 45.17 -27.80 12.31
C PRO P 64 45.23 -27.99 10.79
N ALA P 65 45.22 -29.23 10.32
CA ALA P 65 45.25 -29.50 8.88
C ALA P 65 43.82 -29.33 8.37
N THR P 66 42.92 -29.03 9.31
CA THR P 66 41.51 -28.82 9.01
C THR P 66 41.22 -27.32 8.79
N GLY P 67 42.03 -26.49 9.45
CA GLY P 67 41.86 -25.05 9.38
C GLY P 67 41.73 -24.56 10.81
N SER P 68 41.51 -25.51 11.72
CA SER P 68 41.37 -25.18 13.12
C SER P 68 42.69 -24.62 13.60
N HIS P 69 42.73 -24.31 14.89
CA HIS P 69 43.93 -23.78 15.52
C HIS P 69 44.16 -24.64 16.73
N PHE P 70 43.63 -25.87 16.68
CA PHE P 70 43.77 -26.81 17.78
C PHE P 70 43.69 -28.26 17.33
N VAL P 71 44.03 -29.15 18.25
CA VAL P 71 43.97 -30.59 18.00
C VAL P 71 43.01 -31.20 19.00
N MET P 72 42.31 -32.25 18.59
CA MET P 72 41.37 -32.95 19.44
C MET P 72 41.59 -34.43 19.26
N TYR P 73 42.14 -35.09 20.29
CA TYR P 73 42.38 -36.52 20.24
C TYR P 73 41.86 -37.29 21.43
N LEU P 74 41.63 -38.57 21.21
CA LEU P 74 41.15 -39.47 22.24
C LEU P 74 42.32 -40.33 22.67
N ALA P 75 42.46 -40.54 23.96
CA ALA P 75 43.53 -41.37 24.49
C ALA P 75 42.94 -42.52 25.32
N LYS P 76 43.06 -43.74 24.81
CA LYS P 76 42.56 -44.90 25.53
C LYS P 76 43.70 -45.48 26.38
N MET P 77 44.14 -44.69 27.37
CA MET P 77 45.21 -45.09 28.30
C MET P 77 44.94 -46.43 28.94
N LYS P 78 45.58 -47.48 28.43
CA LYS P 78 45.42 -48.84 28.94
C LYS P 78 46.10 -49.05 30.30
N GLU P 79 45.97 -50.26 30.83
CA GLU P 79 46.54 -50.64 32.14
C GLU P 79 48.01 -50.25 32.31
N MET P 80 48.28 -49.45 33.34
CA MET P 80 49.66 -49.02 33.59
C MET P 80 50.11 -48.15 32.42
N SER P 81 50.13 -46.82 32.63
CA SER P 81 50.52 -45.93 31.55
C SER P 81 50.88 -44.49 31.95
N SER P 82 51.85 -43.94 31.24
CA SER P 82 52.28 -42.56 31.46
C SER P 82 52.04 -41.72 30.21
N SER P 83 51.43 -40.55 30.43
CA SER P 83 51.11 -39.60 29.36
C SER P 83 52.35 -39.14 28.58
N GLY P 84 52.38 -37.85 28.28
CA GLY P 84 53.50 -37.28 27.55
C GLY P 84 53.36 -35.78 27.47
N LEU P 85 54.47 -35.06 27.70
CA LEU P 85 54.44 -33.62 27.65
C LEU P 85 54.22 -33.11 26.22
N PRO P 86 53.53 -31.96 26.08
CA PRO P 86 53.26 -31.37 24.77
C PRO P 86 54.41 -30.42 24.41
N PRO P 87 54.53 -30.06 23.12
CA PRO P 87 55.58 -29.15 22.64
C PRO P 87 55.57 -27.86 23.45
N GLN P 88 56.70 -27.15 23.46
CA GLN P 88 56.76 -25.91 24.21
C GLN P 88 55.68 -24.95 23.74
N ASP P 89 55.06 -24.27 24.70
CA ASP P 89 54.00 -23.30 24.43
C ASP P 89 52.65 -23.95 24.11
N ILE P 90 52.61 -25.28 24.18
CA ILE P 90 51.39 -26.01 23.91
C ILE P 90 50.58 -26.30 25.18
N GLU P 91 49.43 -25.63 25.29
CA GLU P 91 48.54 -25.81 26.44
C GLU P 91 47.67 -27.04 26.20
N ARG P 92 47.25 -27.69 27.28
CA ARG P 92 46.43 -28.90 27.20
C ARG P 92 45.22 -28.94 28.16
N LEU P 93 44.21 -29.69 27.76
CA LEU P 93 43.00 -29.83 28.55
C LEU P 93 42.54 -31.26 28.38
N ILE P 94 42.46 -32.00 29.48
CA ILE P 94 41.99 -33.38 29.43
C ILE P 94 40.63 -33.45 30.12
N PHE P 95 39.84 -34.44 29.73
CA PHE P 95 38.50 -34.64 30.29
C PHE P 95 38.22 -36.14 30.27
N VAL P 96 38.13 -36.74 31.45
CA VAL P 96 37.90 -38.18 31.53
C VAL P 96 36.50 -38.59 31.11
N VAL P 97 36.46 -39.36 30.02
CA VAL P 97 35.20 -39.86 29.52
C VAL P 97 34.80 -40.99 30.49
N GLU P 98 35.61 -42.05 30.49
CA GLU P 98 35.39 -43.21 31.36
C GLU P 98 36.61 -43.53 32.23
N GLY P 99 36.42 -44.48 33.15
CA GLY P 99 37.49 -44.91 34.05
C GLY P 99 38.09 -43.82 34.93
N ALA P 100 39.42 -43.84 35.04
CA ALA P 100 40.13 -42.82 35.83
C ALA P 100 41.64 -42.82 35.63
N VAL P 101 42.27 -41.79 36.19
CA VAL P 101 43.70 -41.62 36.07
C VAL P 101 44.21 -40.70 37.18
N THR P 102 45.53 -40.72 37.39
CA THR P 102 46.16 -39.89 38.42
C THR P 102 46.92 -38.73 37.80
N LEU P 103 46.55 -37.52 38.20
CA LEU P 103 47.22 -36.33 37.70
C LEU P 103 48.30 -35.88 38.70
N THR P 104 49.56 -36.02 38.30
CA THR P 104 50.68 -35.61 39.13
C THR P 104 51.37 -34.38 38.51
N ASN P 105 51.74 -33.40 39.34
CA ASN P 105 52.39 -32.20 38.82
C ASN P 105 53.23 -31.45 39.86
N SER P 108 53.10 -29.38 42.84
CA SER P 108 53.85 -30.64 42.96
C SER P 108 53.06 -31.63 43.81
N SER P 109 51.75 -31.54 43.74
CA SER P 109 50.88 -32.42 44.54
C SER P 109 50.55 -33.74 43.86
N SER P 110 49.23 -33.95 43.74
CA SER P 110 48.61 -35.13 43.14
C SER P 110 47.09 -34.89 43.10
N LYS P 111 46.38 -35.69 42.31
CA LYS P 111 44.92 -35.59 42.19
C LYS P 111 44.32 -36.76 41.40
N LYS P 112 43.68 -37.70 42.12
CA LYS P 112 43.04 -38.84 41.48
C LYS P 112 41.92 -38.29 40.60
N LEU P 113 41.83 -38.75 39.35
CA LEU P 113 40.80 -38.26 38.44
C LEU P 113 39.80 -39.31 37.97
N THR P 114 38.83 -39.62 38.82
CA THR P 114 37.78 -40.58 38.48
C THR P 114 37.09 -40.06 37.21
N VAL P 115 35.92 -40.59 36.86
CA VAL P 115 35.22 -40.14 35.65
C VAL P 115 34.58 -38.73 35.74
N ASP P 116 34.51 -38.07 34.59
CA ASP P 116 33.92 -36.72 34.44
C ASP P 116 34.72 -35.53 34.98
N SER P 117 35.98 -35.76 35.35
CA SER P 117 36.84 -34.70 35.88
C SER P 117 37.79 -34.20 34.76
N TYR P 118 38.27 -32.97 34.91
CA TYR P 118 39.15 -32.39 33.89
C TYR P 118 40.36 -31.66 34.48
N ALA P 119 41.13 -31.03 33.59
CA ALA P 119 42.32 -30.28 34.00
C ALA P 119 42.94 -29.47 32.86
N TYR P 120 43.27 -28.22 33.15
CA TYR P 120 43.90 -27.36 32.15
C TYR P 120 45.34 -27.13 32.56
N LEU P 121 46.26 -27.42 31.64
CA LEU P 121 47.67 -27.23 31.93
C LEU P 121 48.34 -26.18 31.06
N PRO P 122 48.52 -24.96 31.61
CA PRO P 122 49.14 -23.83 30.91
C PRO P 122 50.34 -24.27 30.07
N PRO P 123 50.73 -23.44 29.08
CA PRO P 123 51.86 -23.79 28.23
C PRO P 123 53.12 -24.01 29.08
N ASN P 124 53.81 -25.12 28.80
CA ASN P 124 55.03 -25.49 29.52
C ASN P 124 54.78 -25.64 31.03
N PHE P 125 53.67 -26.29 31.40
CA PHE P 125 53.37 -26.50 32.81
C PHE P 125 53.58 -27.99 33.06
N HIS P 126 54.84 -28.35 33.34
CA HIS P 126 55.23 -29.74 33.57
C HIS P 126 54.24 -30.48 34.45
N HIS P 127 53.90 -31.69 34.04
CA HIS P 127 52.95 -32.51 34.77
C HIS P 127 52.94 -33.92 34.19
N SER P 128 52.16 -34.80 34.82
CA SER P 128 52.06 -36.18 34.37
C SER P 128 50.70 -36.76 34.72
N LEU P 129 50.28 -37.77 33.96
CA LEU P 129 49.01 -38.42 34.20
C LEU P 129 49.25 -39.91 34.00
N ASP P 130 49.19 -40.67 35.09
CA ASP P 130 49.41 -42.11 35.02
C ASP P 130 48.20 -42.78 35.70
N CYS P 131 47.56 -43.73 34.99
CA CYS P 131 46.37 -44.43 35.52
C CYS P 131 46.52 -45.95 35.55
N VAL P 132 46.08 -46.56 36.64
CA VAL P 132 46.20 -48.01 36.79
C VAL P 132 45.55 -48.79 35.64
N GLU P 133 44.33 -48.40 35.24
CA GLU P 133 43.65 -49.12 34.14
C GLU P 133 42.86 -48.26 33.14
N SER P 134 41.82 -48.85 32.56
CA SER P 134 40.95 -48.17 31.59
C SER P 134 40.82 -46.66 31.82
N ALA P 135 41.08 -45.91 30.75
CA ALA P 135 41.00 -44.46 30.77
C ALA P 135 40.83 -43.93 29.32
N THR P 136 39.61 -43.56 28.96
CA THR P 136 39.36 -42.99 27.64
C THR P 136 39.27 -41.48 27.91
N LEU P 137 40.26 -40.74 27.41
CA LEU P 137 40.34 -39.29 27.60
C LEU P 137 40.24 -38.42 26.34
N VAL P 138 39.29 -37.50 26.33
CA VAL P 138 39.19 -36.57 25.21
C VAL P 138 40.21 -35.50 25.62
N VAL P 139 40.87 -34.88 24.65
CA VAL P 139 41.85 -33.85 25.00
C VAL P 139 42.09 -32.79 23.94
N PHE P 140 42.36 -31.57 24.40
CA PHE P 140 42.60 -30.43 23.53
C PHE P 140 43.98 -29.79 23.76
N GLU P 141 44.69 -29.53 22.68
CA GLU P 141 46.01 -28.88 22.72
C GLU P 141 46.01 -27.79 21.66
N ARG P 142 46.67 -26.69 21.98
CA ARG P 142 46.77 -25.54 21.09
C ARG P 142 47.98 -24.69 21.48
N ARG P 143 48.54 -23.95 20.52
CA ARG P 143 49.69 -23.09 20.79
C ARG P 143 49.17 -21.82 21.45
N TYR P 144 49.29 -21.75 22.77
CA TYR P 144 48.82 -20.60 23.54
C TYR P 144 49.13 -19.28 22.87
N GLU P 145 48.20 -18.33 22.97
CA GLU P 145 48.38 -17.01 22.39
C GLU P 145 48.62 -15.98 23.50
N TYR P 146 49.88 -15.71 23.80
CA TYR P 146 50.24 -14.75 24.85
C TYR P 146 49.67 -13.40 24.50
N LEU P 147 49.06 -12.77 25.50
CA LEU P 147 48.45 -11.46 25.35
C LEU P 147 49.05 -10.58 26.44
N GLY P 148 49.87 -9.62 26.04
CA GLY P 148 50.49 -8.73 27.02
C GLY P 148 51.14 -9.51 28.15
N SER P 149 51.18 -8.90 29.34
CA SER P 149 51.77 -9.55 30.51
C SER P 149 50.76 -10.47 31.18
N HIS P 150 50.01 -11.22 30.36
CA HIS P 150 49.00 -12.15 30.85
C HIS P 150 49.51 -13.58 30.72
N THR P 151 49.10 -14.42 31.66
CA THR P 151 49.49 -15.80 31.69
C THR P 151 48.37 -16.56 32.39
N THR P 152 48.12 -17.80 31.97
CA THR P 152 47.05 -18.58 32.59
C THR P 152 47.62 -19.42 33.74
N GLU P 153 46.76 -20.18 34.39
CA GLU P 153 47.21 -21.02 35.49
C GLU P 153 46.45 -22.34 35.61
N LEU P 154 47.12 -23.35 36.16
CA LEU P 154 46.54 -24.68 36.33
C LEU P 154 45.15 -24.65 36.97
N ILE P 155 44.27 -25.49 36.43
CA ILE P 155 42.89 -25.62 36.91
C ILE P 155 42.49 -27.10 36.85
N VAL P 156 41.73 -27.56 37.84
CA VAL P 156 41.27 -28.94 37.88
C VAL P 156 39.82 -28.95 38.39
N GLY P 157 38.98 -29.85 37.86
CA GLY P 157 37.59 -29.89 38.31
C GLY P 157 36.67 -30.98 37.82
N SER P 158 35.36 -30.75 37.97
CA SER P 158 34.34 -31.71 37.56
C SER P 158 33.04 -31.00 37.14
N THR P 159 32.49 -31.43 36.00
CA THR P 159 31.25 -30.88 35.42
C THR P 159 30.27 -30.45 36.50
N ASP P 160 29.56 -31.45 37.02
CA ASP P 160 28.56 -31.32 38.07
C ASP P 160 28.91 -30.23 39.08
N LYS P 161 30.18 -30.19 39.48
CA LYS P 161 30.66 -29.21 40.47
C LYS P 161 30.68 -27.79 39.95
N GLN P 162 30.38 -27.62 38.66
CA GLN P 162 30.34 -26.31 38.04
C GLN P 162 28.93 -25.73 38.04
N PRO P 163 28.78 -24.41 38.20
CA PRO P 163 27.45 -23.78 38.22
C PRO P 163 26.75 -23.57 36.87
N LEU P 164 25.42 -23.43 36.96
CA LEU P 164 24.59 -23.19 35.79
C LEU P 164 24.61 -21.71 35.47
N LEU P 165 25.15 -21.40 34.29
CA LEU P 165 25.20 -20.00 33.87
C LEU P 165 23.91 -19.74 33.11
N GLU P 166 23.52 -18.48 33.01
CA GLU P 166 22.31 -18.14 32.30
C GLU P 166 22.63 -18.01 30.81
N THR P 167 21.64 -18.31 30.00
CA THR P 167 21.75 -18.23 28.55
C THR P 167 20.59 -17.38 28.06
N PRO P 168 20.80 -16.04 28.03
CA PRO P 168 19.72 -15.16 27.58
C PRO P 168 19.19 -15.56 26.21
N GLY P 169 17.88 -15.76 26.12
CA GLY P 169 17.25 -16.12 24.87
C GLY P 169 17.43 -17.58 24.49
N GLU P 170 17.95 -18.38 25.41
CA GLU P 170 18.14 -19.80 25.15
C GLU P 170 17.58 -20.63 26.30
N VAL P 171 17.50 -21.95 26.11
CA VAL P 171 16.94 -22.82 27.14
C VAL P 171 17.82 -23.98 27.60
N PHE P 172 18.99 -24.12 27.00
CA PHE P 172 19.91 -25.18 27.39
C PHE P 172 20.59 -24.79 28.70
N GLU P 173 21.16 -25.77 29.38
CA GLU P 173 21.86 -25.51 30.64
C GLU P 173 23.33 -25.35 30.35
N LEU P 174 23.81 -24.12 30.43
CA LEU P 174 25.21 -23.83 30.16
C LEU P 174 26.12 -23.97 31.37
N ARG P 175 27.21 -24.71 31.20
CA ARG P 175 28.17 -24.90 32.27
C ARG P 175 29.59 -24.84 31.68
N LYS P 176 30.38 -23.87 32.16
CA LYS P 176 31.77 -23.65 31.70
C LYS P 176 32.84 -24.21 32.65
N LEU P 177 33.67 -25.12 32.17
CA LEU P 177 34.71 -25.72 33.03
C LEU P 177 35.77 -24.73 33.52
N LEU P 178 36.62 -24.28 32.61
CA LEU P 178 37.69 -23.33 32.93
C LEU P 178 37.10 -21.96 33.19
N PRO P 179 37.93 -20.99 33.60
CA PRO P 179 37.46 -19.63 33.89
C PRO P 179 36.94 -18.86 32.66
N MET P 180 36.93 -17.54 32.77
CA MET P 180 36.44 -16.65 31.71
C MET P 180 37.33 -15.42 31.64
N SER P 181 38.37 -15.42 32.46
CA SER P 181 39.33 -14.32 32.52
C SER P 181 40.13 -14.23 31.22
N VAL P 182 40.36 -13.00 30.78
CA VAL P 182 41.09 -12.69 29.55
C VAL P 182 42.37 -13.50 29.25
N ALA P 183 42.96 -14.16 30.25
CA ALA P 183 44.19 -14.90 29.99
C ALA P 183 43.96 -16.22 29.25
N TYR P 184 42.72 -16.68 29.22
CA TYR P 184 42.43 -17.92 28.52
C TYR P 184 41.93 -17.63 27.10
N ASP P 185 42.53 -18.28 26.10
CA ASP P 185 42.12 -18.10 24.71
C ASP P 185 41.05 -19.11 24.29
N PHE P 186 40.53 -19.88 25.25
CA PHE P 186 39.48 -20.86 24.99
C PHE P 186 38.77 -21.32 26.26
N ASN P 187 37.87 -22.29 26.12
CA ASN P 187 37.12 -22.79 27.26
C ASN P 187 36.27 -23.96 26.79
N ILE P 188 36.04 -24.94 27.66
CA ILE P 188 35.23 -26.09 27.29
C ILE P 188 33.90 -25.95 28.01
N HIS P 189 32.81 -26.02 27.25
CA HIS P 189 31.48 -25.90 27.80
C HIS P 189 30.79 -27.25 27.85
N THR P 190 29.67 -27.27 28.54
CA THR P 190 28.83 -28.46 28.66
C THR P 190 27.44 -27.87 28.49
N MET P 191 26.74 -28.37 27.48
CA MET P 191 25.40 -27.88 27.17
C MET P 191 24.44 -29.05 27.26
N ASP P 192 23.38 -28.87 28.04
CA ASP P 192 22.39 -29.92 28.24
C ASP P 192 21.04 -29.54 27.61
N PHE P 193 20.51 -30.43 26.77
CA PHE P 193 19.24 -30.21 26.10
C PHE P 193 18.22 -31.26 26.53
N GLN P 194 17.00 -30.82 26.80
CA GLN P 194 15.92 -31.73 27.15
C GLN P 194 15.33 -32.13 25.82
N PRO P 195 14.62 -33.26 25.78
CA PRO P 195 14.00 -33.72 24.53
C PRO P 195 13.04 -32.68 23.95
N GLY P 196 13.36 -32.17 22.77
CA GLY P 196 12.48 -31.20 22.14
C GLY P 196 12.95 -29.77 22.24
N GLU P 197 14.10 -29.55 22.88
CA GLU P 197 14.65 -28.20 23.02
C GLU P 197 15.73 -27.98 21.96
N PHE P 198 15.98 -26.71 21.63
CA PHE P 198 16.98 -26.39 20.64
C PHE P 198 17.44 -24.94 20.71
N LEU P 199 18.47 -24.63 19.92
CA LEU P 199 19.03 -23.29 19.86
C LEU P 199 18.08 -22.36 19.09
N ASN P 200 17.81 -21.20 19.68
CA ASN P 200 16.93 -20.23 19.04
C ASN P 200 17.72 -19.44 18.03
N VAL P 201 18.92 -19.03 18.42
CA VAL P 201 19.79 -18.29 17.52
C VAL P 201 20.54 -19.34 16.70
N LYS P 202 20.48 -19.20 15.36
CA LYS P 202 21.16 -20.13 14.46
C LYS P 202 22.58 -19.63 14.22
N GLU P 203 23.43 -19.86 15.20
CA GLU P 203 24.82 -19.42 15.21
C GLU P 203 25.64 -19.41 13.92
N VAL P 204 26.29 -18.26 13.73
CA VAL P 204 27.21 -17.96 12.63
C VAL P 204 28.20 -16.94 13.27
N HIS P 205 29.41 -17.41 13.54
CA HIS P 205 30.42 -16.58 14.19
C HIS P 205 31.84 -16.99 13.81
N TYR P 206 32.82 -16.16 14.18
CA TYR P 206 34.22 -16.45 13.87
C TYR P 206 34.77 -17.58 14.72
N ASN P 207 34.27 -17.67 15.95
CA ASN P 207 34.70 -18.70 16.89
C ASN P 207 34.63 -20.06 16.20
N GLN P 208 35.45 -21.00 16.63
CA GLN P 208 35.44 -22.34 16.07
C GLN P 208 35.11 -23.39 17.14
N HIS P 209 34.70 -24.57 16.69
CA HIS P 209 34.32 -25.62 17.63
C HIS P 209 34.88 -27.01 17.34
N GLY P 210 34.92 -27.80 18.40
CA GLY P 210 35.34 -29.18 18.38
C GLY P 210 34.41 -29.81 19.42
N LEU P 211 33.54 -30.73 19.03
CA LEU P 211 32.63 -31.33 20.02
C LEU P 211 32.42 -32.83 20.01
N LEU P 212 31.94 -33.34 21.14
CA LEU P 212 31.64 -34.75 21.34
C LEU P 212 30.29 -34.84 22.03
N LEU P 213 29.51 -35.85 21.66
CA LEU P 213 28.18 -36.01 22.26
C LEU P 213 28.20 -37.18 23.26
N LEU P 214 28.50 -36.87 24.52
CA LEU P 214 28.53 -37.87 25.60
C LEU P 214 27.15 -38.50 25.74
N GLU P 215 26.20 -37.72 26.25
CA GLU P 215 24.83 -38.18 26.47
C GLU P 215 23.90 -37.73 25.34
N GLY P 216 22.92 -38.57 25.03
CA GLY P 216 21.90 -38.22 24.04
C GLY P 216 21.97 -38.63 22.58
N GLN P 217 21.15 -37.94 21.80
CA GLN P 217 21.06 -38.17 20.36
C GLN P 217 20.09 -37.12 19.80
N GLY P 218 20.09 -36.97 18.47
CA GLY P 218 19.22 -35.99 17.84
C GLY P 218 19.61 -35.55 16.44
N ILE P 219 19.28 -34.30 16.10
CA ILE P 219 19.58 -33.76 14.79
C ILE P 219 20.46 -32.52 14.84
N TYR P 220 21.59 -32.58 14.13
CA TYR P 220 22.54 -31.46 14.09
C TYR P 220 22.67 -30.90 12.67
N ARG P 221 22.40 -29.60 12.53
CA ARG P 221 22.51 -28.90 11.25
C ARG P 221 23.83 -28.14 11.16
N LEU P 222 24.55 -28.37 10.07
CA LEU P 222 25.82 -27.71 9.81
C LEU P 222 25.74 -27.28 8.34
N GLY P 223 25.50 -26.00 8.11
CA GLY P 223 25.38 -25.53 6.74
C GLY P 223 24.07 -26.03 6.17
N ASP P 224 24.04 -26.40 4.89
CA ASP P 224 22.80 -26.89 4.30
C ASP P 224 22.65 -28.41 4.52
N ASN P 225 23.56 -28.96 5.31
CA ASN P 225 23.59 -30.39 5.62
C ASN P 225 22.91 -30.66 6.96
N TRP P 226 22.19 -31.77 7.04
CA TRP P 226 21.54 -32.16 8.29
C TRP P 226 22.04 -33.58 8.62
N TYR P 227 22.67 -33.72 9.79
CA TYR P 227 23.20 -35.00 10.21
C TYR P 227 22.59 -35.48 11.52
N PRO P 228 22.02 -36.70 11.53
CA PRO P 228 21.42 -37.25 12.73
C PRO P 228 22.64 -37.68 13.58
N VAL P 229 22.61 -37.41 14.88
CA VAL P 229 23.74 -37.78 15.72
C VAL P 229 23.39 -38.60 16.96
N GLN P 230 24.38 -39.34 17.44
CA GLN P 230 24.20 -40.18 18.62
C GLN P 230 25.42 -40.02 19.50
N ALA P 231 25.26 -40.37 20.78
CA ALA P 231 26.33 -40.28 21.75
C ALA P 231 27.57 -40.99 21.22
N GLY P 232 28.74 -40.42 21.50
CA GLY P 232 29.99 -40.97 21.04
C GLY P 232 30.41 -40.45 19.68
N ASP P 233 29.70 -39.42 19.24
CA ASP P 233 29.97 -38.81 17.94
C ASP P 233 30.69 -37.47 18.09
N VAL P 234 31.55 -37.15 17.13
CA VAL P 234 32.30 -35.89 17.15
C VAL P 234 32.04 -34.95 15.97
N ILE P 235 32.11 -33.64 16.23
CA ILE P 235 31.87 -32.66 15.19
C ILE P 235 32.94 -31.60 15.10
N TRP P 236 33.23 -31.16 13.88
CA TRP P 236 34.21 -30.09 13.62
C TRP P 236 33.41 -28.93 13.07
N MET P 237 33.57 -27.76 13.67
CA MET P 237 32.86 -26.59 13.21
C MET P 237 33.86 -25.49 12.96
N ALA P 238 34.04 -25.18 11.68
CA ALA P 238 34.97 -24.13 11.29
C ALA P 238 34.28 -22.79 11.48
N PRO P 239 35.06 -21.71 11.55
CA PRO P 239 34.47 -20.38 11.74
C PRO P 239 33.40 -20.09 10.69
N PHE P 240 32.29 -19.52 11.15
CA PHE P 240 31.15 -19.11 10.33
C PHE P 240 30.21 -20.15 9.72
N VAL P 241 30.52 -21.42 9.90
CA VAL P 241 29.62 -22.42 9.37
C VAL P 241 28.30 -22.29 10.14
N PRO P 242 27.19 -22.14 9.42
CA PRO P 242 25.89 -22.02 10.07
C PRO P 242 25.68 -23.27 10.94
N GLN P 243 25.28 -23.10 12.19
CA GLN P 243 25.12 -24.27 13.05
C GLN P 243 23.89 -24.23 13.97
N TRP P 244 23.32 -25.42 14.20
CA TRP P 244 22.13 -25.56 15.04
C TRP P 244 21.93 -27.02 15.49
N TYR P 245 21.19 -27.19 16.58
CA TYR P 245 20.93 -28.53 17.09
C TYR P 245 19.64 -28.58 17.90
N ALA P 246 19.05 -29.77 17.93
CA ALA P 246 17.84 -30.02 18.68
C ALA P 246 17.97 -31.41 19.31
N ALA P 247 17.59 -31.52 20.58
CA ALA P 247 17.66 -32.80 21.26
C ALA P 247 16.40 -33.60 20.93
N LEU P 248 16.56 -34.91 20.78
CA LEU P 248 15.45 -35.79 20.47
C LEU P 248 15.49 -37.10 21.25
N GLY P 249 14.32 -37.65 21.52
CA GLY P 249 14.27 -38.92 22.23
C GLY P 249 13.77 -38.84 23.66
N LYS P 250 13.70 -40.00 24.32
CA LYS P 250 13.24 -40.07 25.70
C LYS P 250 14.22 -39.43 26.68
N THR P 251 15.50 -39.79 26.57
CA THR P 251 16.52 -39.25 27.48
C THR P 251 17.08 -37.91 27.00
N ARG P 252 17.88 -37.25 27.84
CA ARG P 252 18.45 -35.95 27.49
C ARG P 252 19.72 -36.03 26.61
N SER P 253 20.10 -34.88 26.07
CA SER P 253 21.30 -34.77 25.24
C SER P 253 22.26 -33.75 25.83
N ARG P 254 23.52 -34.16 25.94
CA ARG P 254 24.57 -33.30 26.47
C ARG P 254 25.84 -33.46 25.66
N TYR P 255 26.49 -32.34 25.34
CA TYR P 255 27.72 -32.38 24.57
C TYR P 255 28.83 -31.48 25.11
N LEU P 256 30.07 -31.96 24.99
CA LEU P 256 31.25 -31.22 25.44
C LEU P 256 31.66 -30.34 24.25
N LEU P 257 31.72 -29.03 24.44
CA LEU P 257 32.10 -28.18 23.31
C LEU P 257 33.26 -27.24 23.58
N TYR P 258 34.15 -27.13 22.58
CA TYR P 258 35.33 -26.27 22.65
C TYR P 258 34.97 -24.97 21.95
N LYS P 259 35.49 -23.85 22.46
CA LYS P 259 35.21 -22.54 21.86
C LYS P 259 36.33 -21.57 22.22
N ASP P 260 36.97 -20.98 21.22
CA ASP P 260 38.06 -20.04 21.49
C ASP P 260 37.48 -18.72 21.93
N VAL P 261 38.24 -18.00 22.76
CA VAL P 261 37.79 -16.72 23.28
C VAL P 261 38.91 -15.73 23.57
N ASN P 262 38.52 -14.64 24.22
CA ASN P 262 39.41 -13.57 24.65
C ASN P 262 40.53 -13.09 23.75
N ARG P 263 40.34 -13.15 22.44
CA ARG P 263 41.39 -12.70 21.53
C ARG P 263 40.77 -11.92 20.37
N ASN P 264 41.49 -10.89 19.89
CA ASN P 264 40.97 -10.13 18.78
C ASN P 264 41.11 -10.96 17.50
N PRO P 265 39.96 -11.26 16.85
CA PRO P 265 39.82 -12.05 15.62
C PRO P 265 40.67 -11.63 14.42
N LEU P 266 41.06 -10.36 14.36
CA LEU P 266 41.89 -9.87 13.28
C LEU P 266 43.10 -10.78 13.06
MN MN Q . -40.21 31.17 29.68
MN MN R . -46.55 17.83 -2.23
MN MN S . -17.95 9.75 -8.92
MN MN T . -16.10 12.66 25.84
MN MN U . 32.11 -4.69 -6.45
MN MN V . 48.64 -27.00 -19.43
MN MN W . -11.37 38.98 -15.86
MN MN X . 0.54 -18.50 -12.34
MN MN Y . -40.21 46.87 -8.96
MN MN Z . -23.55 55.15 20.90
MN MN AA . 0.59 36.76 17.09
MN MN BA . 45.30 -44.28 5.48
MN MN CA . 3.07 -42.76 5.88
MN MN DA . 17.02 -32.76 -33.58
MN MN EA . 19.82 -57.09 -15.79
MN MN FA . 28.51 -22.11 18.41
#